data_5N1Q
#
_entry.id   5N1Q
#
_cell.length_a   111.811
_cell.length_b   77.224
_cell.length_c   145.458
_cell.angle_alpha   90.00
_cell.angle_beta   107.01
_cell.angle_gamma   90.00
#
_symmetry.space_group_name_H-M   'P 1 21 1'
#
loop_
_entity.id
_entity.type
_entity.pdbx_description
1 polymer 'METHYL-COENZYME M REDUCTASE III FROM METHANOTHERMOCOCCUS THERMOLITHOTROPHICUS SUBUNIT ALPHA'
2 polymer 'METHYL-COENZYME M REDUCTASE III FROM METHANOTHERMOCOCCUS THERMOLITHOTROPHICUS SUBUNIT BETA'
3 polymer 'METHYL-COENZYME M REDUCTASE III FROM METHANOTHERMOCOCCUS THERMOLITHOTROPHICUS SUBUNIT GAMMA'
4 non-polymer 'Coenzyme B'
5 non-polymer 'FACTOR 430'
6 non-polymer 'POTASSIUM ION'
7 non-polymer '1-THIOETHANESULFONIC ACID'
8 non-polymer GLYCEROL
9 non-polymer 'MAGNESIUM ION'
10 water water
#
loop_
_entity_poly.entity_id
_entity_poly.type
_entity_poly.pdbx_seq_one_letter_code
_entity_poly.pdbx_strand_id
1 'polypeptide(L)'
;MEAEKKLFLKALKEKFEEDPKEKYTKFYTFGGWQQSARKREFVEANEKIVAEKRGGIPMYNPDIGVPLGQRKLMPYKLSG
TDYIVEGDDLHFMNNAAIQQMWDDIRRTVIVGMDTGHAVLEKRLGVEVTPETINEYMATINHSLPGGAVVQEHMVEVHPS
LAWDCYAKIFTGDDELADELDKKYLIDINKLFPEEQAEQLKAAIGKKTYQVSRVPTLVGRVCDGGTIARWSAMQIGMSFI
TAYKLCAGEAAIADFSYAAK(MHS)ADVVGVGTALPAR(AGM)SRGANEPGGIPFGVLCDIVQTTRISDDPVEQSLEVVA
VGAMLYDQVWLGSYMSGGVGFTQYATAAYTDDILDDFAYYGYEYVEKKYGINSTKPTMDVVEDIATEVTLYSLEQYDEFP
TLLEDHFGGS(MGN)RAAVAAAASGISVCMATGNSNAGVNGWYLSQIMHKEYHSRLGFY(GL3)YDLQDQCGASNSLSIR
NDEASPLELRGPNYPNYAMNVGHQGEYAGITQAAHSARKDAFAMNPLIKIAFADPSLVFDFARPRKECARGALREFEAAG
ERDVILPAK
;
A,D
2 'polypeptide(L)'
;MVKYEDKISLYDAKGNLVEDGVPLEAISPLYNPTIKAMVKNIKRTVAVNLAGIENSLKTGAIGGKGCKVPGRTLDLPIVE
NAEAIMDEVEKILRITPDDDTQLRAINDGKQLVVQVPSKRLEVAAEYSVSMLNTAMALKEAIIKTFDVDLFDGSTIHAAI
VGRYPQVMDYMGGNIASLLGAPSNMEGLGYALRNIMVNHYVATTKKNLMNAVAFASIMEQTAMFEMGDAIGSFERMHLLG
LAYQGLNSDNLVIDLVKANSKGTVGTVVASVVERALEDKVIVEDKSLESGFTMYKPADVAKWNAYAAAGLVAAVIVNCGA
ARAAQNVASTILYYNDILEYETGLPGTDFGRAEGTAVGFSFFSHSIYGGGGPGIFTGNHVVTRHSKGFAIPPVCAAMCAD
AGTQMFSPEKTSALVGAVYSAIDEFREPLKYVIEGALEVKDKI
;
B,E
3 'polypeptide(L)'
;MAYKPQFYPGATKIAQNRRDHLNPDFELEKLREIPDEELVKVMGHRQPGEDYKTVHPPLEEMDLPEDYVRDLVEPISGAK
EGHRIRYIQFADSMYFAPAQPYDRARMYMWRFRGVDTGSLSGRQVIEMRESNLEEISKNVLMDTSLFDPARIGMRGATVH
GHSLRLDENGLMFDALQRYVYDEKTGHVVYVKDQVGRPLDEPVDVGEPLPEEKLREITTIYRKDGVPMRDDEELLTVVKR
IHRARTLGGYMPVNEVFDKLL
;
C,F
#
loop_
_chem_comp.id
_chem_comp.type
_chem_comp.name
_chem_comp.formula
COM non-polymer '1-THIOETHANESULFONIC ACID' 'C2 H6 O3 S2'
F43 non-polymer 'FACTOR 430' 'C42 H51 N6 Ni O13 1'
GOL non-polymer GLYCEROL 'C3 H8 O3'
K non-polymer 'POTASSIUM ION' 'K 1'
MG non-polymer 'MAGNESIUM ION' 'Mg 2'
TP7 non-polymer 'Coenzyme B' 'C11 H22 N O7 P S'
#
# COMPACT_ATOMS: atom_id res chain seq x y z
N LYS A 5 -33.83 34.92 -15.60
CA LYS A 5 -32.43 35.11 -15.92
C LYS A 5 -31.50 34.28 -15.01
N LYS A 6 -31.64 34.40 -13.65
CA LYS A 6 -30.80 33.62 -12.72
C LYS A 6 -31.26 32.15 -12.79
N LEU A 7 -30.33 31.23 -13.11
CA LEU A 7 -30.64 29.81 -13.28
C LEU A 7 -31.15 29.10 -12.01
N PHE A 8 -30.78 29.61 -10.82
CA PHE A 8 -31.16 29.07 -9.51
C PHE A 8 -32.54 29.52 -8.98
N LEU A 9 -33.19 30.50 -9.63
CA LEU A 9 -34.48 31.03 -9.17
C LEU A 9 -35.57 29.98 -9.03
N LYS A 10 -35.68 29.07 -10.01
CA LYS A 10 -36.66 27.98 -10.02
C LYS A 10 -36.51 27.10 -8.76
N ALA A 11 -35.27 26.70 -8.43
CA ALA A 11 -35.00 25.88 -7.24
C ALA A 11 -35.35 26.63 -5.94
N LEU A 12 -34.99 27.91 -5.83
CA LEU A 12 -35.31 28.71 -4.65
C LEU A 12 -36.83 28.83 -4.41
N LYS A 13 -37.61 28.97 -5.50
CA LYS A 13 -39.07 29.05 -5.50
C LYS A 13 -39.67 27.73 -4.99
N GLU A 14 -39.09 26.59 -5.39
CA GLU A 14 -39.53 25.25 -5.01
C GLU A 14 -39.16 24.93 -3.56
N LYS A 15 -38.01 25.46 -3.09
CA LYS A 15 -37.44 25.21 -1.77
C LYS A 15 -37.90 26.15 -0.67
N PHE A 16 -38.17 27.43 -1.00
CA PHE A 16 -38.55 28.42 0.00
C PHE A 16 -39.89 29.08 -0.32
N GLU A 17 -40.79 29.15 0.69
CA GLU A 17 -42.14 29.73 0.56
C GLU A 17 -42.12 31.24 0.38
N GLU A 18 -41.26 31.94 1.13
CA GLU A 18 -41.13 33.40 1.09
C GLU A 18 -40.32 33.81 -0.13
N ASP A 19 -40.49 35.09 -0.58
CA ASP A 19 -39.75 35.71 -1.69
C ASP A 19 -38.25 35.45 -1.47
N PRO A 20 -37.49 35.01 -2.51
CA PRO A 20 -36.07 34.68 -2.32
C PRO A 20 -35.15 35.77 -1.78
N LYS A 21 -35.58 37.06 -1.88
CA LYS A 21 -34.81 38.20 -1.40
C LYS A 21 -35.16 38.66 0.02
N GLU A 22 -36.21 38.05 0.64
CA GLU A 22 -36.66 38.37 2.00
C GLU A 22 -35.61 38.15 3.09
N LYS A 23 -35.56 39.09 4.06
CA LYS A 23 -34.61 39.16 5.18
C LYS A 23 -34.95 38.24 6.36
N TYR A 24 -36.25 38.08 6.65
CA TYR A 24 -36.73 37.32 7.79
C TYR A 24 -37.40 35.99 7.48
N THR A 25 -37.50 35.14 8.50
CA THR A 25 -38.20 33.86 8.48
C THR A 25 -38.66 33.49 9.90
N LYS A 26 -39.29 32.32 10.05
CA LYS A 26 -39.78 31.81 11.33
C LYS A 26 -39.12 30.48 11.63
N PHE A 27 -38.73 30.29 12.89
CA PHE A 27 -38.07 29.06 13.32
C PHE A 27 -38.83 28.39 14.47
N TYR A 28 -38.37 27.18 14.81
CA TYR A 28 -38.78 26.31 15.92
C TYR A 28 -40.28 25.93 15.93
N THR A 29 -40.93 25.92 14.75
CA THR A 29 -42.36 25.60 14.64
C THR A 29 -42.70 24.46 13.67
N PHE A 30 -41.67 23.71 13.23
CA PHE A 30 -41.84 22.63 12.26
C PHE A 30 -42.01 21.24 12.89
N GLY A 31 -41.88 21.15 14.21
CA GLY A 31 -41.99 19.89 14.93
C GLY A 31 -40.78 18.99 14.78
N GLY A 32 -39.61 19.60 14.58
CA GLY A 32 -38.34 18.88 14.45
C GLY A 32 -38.27 17.93 13.27
N TRP A 33 -37.79 16.69 13.50
CA TRP A 33 -37.65 15.65 12.47
C TRP A 33 -38.99 15.24 11.81
N GLN A 34 -40.12 15.39 12.54
CA GLN A 34 -41.46 15.01 12.07
C GLN A 34 -41.92 15.75 10.79
N GLN A 35 -41.25 16.87 10.44
CA GLN A 35 -41.55 17.64 9.24
C GLN A 35 -41.16 16.89 7.95
N SER A 36 -40.18 15.94 8.05
CA SER A 36 -39.63 15.21 6.91
C SER A 36 -40.15 13.79 6.75
N ALA A 37 -40.66 13.47 5.55
CA ALA A 37 -41.17 12.14 5.18
C ALA A 37 -40.05 11.09 5.27
N ARG A 38 -38.81 11.47 4.91
CA ARG A 38 -37.66 10.55 4.99
C ARG A 38 -37.30 10.22 6.44
N LYS A 39 -37.24 11.23 7.33
CA LYS A 39 -36.93 11.02 8.76
C LYS A 39 -38.02 10.14 9.42
N ARG A 40 -39.31 10.35 9.05
CA ARG A 40 -40.44 9.54 9.54
C ARG A 40 -40.28 8.08 9.10
N GLU A 41 -39.82 7.86 7.83
CA GLU A 41 -39.57 6.52 7.28
C GLU A 41 -38.44 5.84 8.09
N PHE A 42 -37.37 6.58 8.43
CA PHE A 42 -36.24 6.06 9.21
C PHE A 42 -36.66 5.61 10.62
N VAL A 43 -37.47 6.44 11.32
CA VAL A 43 -38.00 6.14 12.64
C VAL A 43 -38.86 4.85 12.57
N GLU A 44 -39.77 4.76 11.57
CA GLU A 44 -40.63 3.59 11.33
C GLU A 44 -39.81 2.34 11.00
N ALA A 45 -38.75 2.48 10.17
CA ALA A 45 -37.87 1.36 9.80
C ALA A 45 -37.10 0.83 11.01
N ASN A 46 -36.69 1.74 11.93
CA ASN A 46 -35.99 1.38 13.16
C ASN A 46 -36.87 0.50 14.07
N GLU A 47 -38.17 0.83 14.18
CA GLU A 47 -39.14 0.11 14.99
C GLU A 47 -39.46 -1.29 14.47
N LYS A 48 -39.67 -1.43 13.15
CA LYS A 48 -40.07 -2.69 12.51
C LYS A 48 -38.92 -3.66 12.24
N ILE A 49 -38.47 -3.74 10.96
CA ILE A 49 -37.43 -4.63 10.41
C ILE A 49 -36.12 -4.59 11.21
N VAL A 50 -35.69 -3.40 11.67
CA VAL A 50 -34.44 -3.22 12.41
C VAL A 50 -34.48 -3.88 13.80
N ALA A 51 -35.49 -3.54 14.64
CA ALA A 51 -35.64 -4.03 16.01
C ALA A 51 -35.64 -5.55 16.16
N GLU A 52 -36.38 -6.27 15.27
CA GLU A 52 -36.49 -7.74 15.30
C GLU A 52 -35.15 -8.46 15.04
N LYS A 53 -34.20 -7.78 14.35
CA LYS A 53 -32.88 -8.31 14.01
C LYS A 53 -31.80 -7.99 15.05
N ARG A 54 -32.10 -7.07 16.01
CA ARG A 54 -31.12 -6.61 17.00
C ARG A 54 -31.25 -7.18 18.41
N GLY A 55 -32.30 -7.97 18.66
CA GLY A 55 -32.56 -8.57 19.97
C GLY A 55 -32.62 -7.57 21.11
N GLY A 56 -33.32 -6.46 20.88
CA GLY A 56 -33.51 -5.42 21.89
C GLY A 56 -32.41 -4.39 22.04
N ILE A 57 -31.32 -4.48 21.25
CA ILE A 57 -30.23 -3.49 21.34
C ILE A 57 -30.67 -2.26 20.54
N PRO A 58 -30.82 -1.08 21.18
CA PRO A 58 -31.28 0.10 20.43
C PRO A 58 -30.33 0.56 19.34
N MET A 59 -30.84 1.36 18.40
CA MET A 59 -30.03 1.88 17.32
C MET A 59 -30.37 3.35 17.06
N TYR A 60 -31.12 3.63 15.98
CA TYR A 60 -31.51 4.97 15.58
C TYR A 60 -32.41 5.62 16.64
N ASN A 61 -31.99 6.78 17.15
CA ASN A 61 -32.69 7.53 18.19
C ASN A 61 -32.57 9.04 17.93
N PRO A 62 -33.61 9.68 17.34
CA PRO A 62 -33.55 11.13 17.08
C PRO A 62 -33.50 12.03 18.33
N ASP A 63 -33.73 11.46 19.52
CA ASP A 63 -33.78 12.18 20.80
C ASP A 63 -32.47 12.21 21.60
N ILE A 64 -31.43 11.49 21.14
CA ILE A 64 -30.18 11.44 21.88
C ILE A 64 -29.35 12.74 21.77
N GLY A 65 -29.13 13.26 20.57
CA GLY A 65 -28.34 14.45 20.35
C GLY A 65 -29.14 15.65 19.88
N VAL A 66 -28.61 16.33 18.86
CA VAL A 66 -29.19 17.51 18.22
C VAL A 66 -30.65 17.27 17.77
N PRO A 67 -31.61 18.13 18.18
CA PRO A 67 -32.97 17.96 17.68
C PRO A 67 -33.04 18.54 16.25
N LEU A 68 -32.79 17.69 15.23
CA LEU A 68 -32.79 18.10 13.82
C LEU A 68 -34.11 18.77 13.42
N GLY A 69 -34.05 19.74 12.53
CA GLY A 69 -35.24 20.42 12.03
C GLY A 69 -35.81 21.56 12.86
N GLN A 70 -34.92 22.35 13.51
CA GLN A 70 -35.31 23.57 14.23
C GLN A 70 -35.59 24.63 13.17
N ARG A 71 -34.86 24.53 12.02
CA ARG A 71 -35.05 25.31 10.79
C ARG A 71 -35.81 24.39 9.83
N LYS A 72 -36.30 24.91 8.69
CA LYS A 72 -36.97 24.10 7.68
C LYS A 72 -35.89 23.23 6.97
N LEU A 73 -36.11 21.90 6.90
CA LEU A 73 -35.16 20.98 6.25
C LEU A 73 -35.45 21.04 4.77
N MET A 74 -34.44 21.35 3.94
CA MET A 74 -34.73 21.58 2.53
C MET A 74 -34.47 20.39 1.59
N PRO A 75 -35.29 20.27 0.51
CA PRO A 75 -35.01 19.23 -0.49
C PRO A 75 -33.98 19.80 -1.49
N TYR A 76 -33.60 19.02 -2.51
CA TYR A 76 -32.62 19.46 -3.49
C TYR A 76 -33.05 19.13 -4.90
N LYS A 77 -32.76 20.05 -5.82
CA LYS A 77 -33.08 19.87 -7.23
C LYS A 77 -31.81 19.46 -7.95
N LEU A 78 -31.81 18.32 -8.67
CA LEU A 78 -30.60 17.93 -9.42
C LEU A 78 -30.47 18.89 -10.60
N SER A 79 -29.32 19.60 -10.69
CA SER A 79 -29.08 20.62 -11.72
C SER A 79 -29.29 20.11 -13.13
N GLY A 80 -30.01 20.91 -13.91
CA GLY A 80 -30.37 20.61 -15.30
C GLY A 80 -31.52 19.63 -15.44
N THR A 81 -32.13 19.21 -14.31
CA THR A 81 -33.26 18.26 -14.29
C THR A 81 -34.44 18.87 -13.52
N ASP A 82 -35.61 18.22 -13.59
CA ASP A 82 -36.80 18.65 -12.84
C ASP A 82 -37.08 17.77 -11.62
N TYR A 83 -36.10 16.92 -11.26
CA TYR A 83 -36.20 16.04 -10.10
C TYR A 83 -35.87 16.77 -8.81
N ILE A 84 -36.80 16.75 -7.84
CA ILE A 84 -36.65 17.35 -6.52
C ILE A 84 -36.68 16.19 -5.53
N VAL A 85 -35.58 16.02 -4.78
CA VAL A 85 -35.39 14.89 -3.86
C VAL A 85 -35.03 15.35 -2.45
N GLU A 86 -35.25 14.49 -1.44
CA GLU A 86 -34.83 14.81 -0.07
C GLU A 86 -33.32 14.59 0.04
N GLY A 87 -32.67 15.40 0.87
CA GLY A 87 -31.22 15.35 1.10
C GLY A 87 -30.66 13.98 1.42
N ASP A 88 -31.35 13.23 2.29
CA ASP A 88 -30.95 11.87 2.70
C ASP A 88 -30.86 10.89 1.53
N ASP A 89 -31.65 11.12 0.46
CA ASP A 89 -31.66 10.26 -0.74
C ASP A 89 -30.38 10.45 -1.59
N LEU A 90 -29.57 11.47 -1.26
CA LEU A 90 -28.31 11.78 -1.95
C LEU A 90 -27.08 11.22 -1.22
N HIS A 91 -27.26 10.64 -0.01
CA HIS A 91 -26.13 10.00 0.70
C HIS A 91 -25.72 8.76 -0.12
N PHE A 92 -24.40 8.52 -0.33
CA PHE A 92 -23.95 7.34 -1.12
C PHE A 92 -24.50 6.02 -0.60
N MET A 93 -24.64 5.86 0.75
CA MET A 93 -25.17 4.64 1.36
C MET A 93 -26.62 4.36 0.96
N ASN A 94 -27.44 5.43 0.82
CA ASN A 94 -28.87 5.36 0.49
C ASN A 94 -29.16 5.49 -1.01
N ASN A 95 -28.13 5.63 -1.85
CA ASN A 95 -28.29 5.86 -3.27
C ASN A 95 -27.55 4.80 -4.11
N ALA A 96 -28.31 3.85 -4.69
CA ALA A 96 -27.74 2.77 -5.50
C ALA A 96 -27.09 3.23 -6.81
N ALA A 97 -27.51 4.39 -7.38
CA ALA A 97 -26.90 4.92 -8.60
C ALA A 97 -25.46 5.38 -8.33
N ILE A 98 -25.24 6.12 -7.20
CA ILE A 98 -23.89 6.55 -6.79
C ILE A 98 -23.02 5.31 -6.55
N GLN A 99 -23.57 4.27 -5.88
CA GLN A 99 -22.82 3.05 -5.61
C GLN A 99 -22.44 2.32 -6.91
N GLN A 100 -23.38 2.26 -7.88
CA GLN A 100 -23.12 1.61 -9.17
C GLN A 100 -22.12 2.39 -10.02
N MET A 101 -22.15 3.73 -9.93
CA MET A 101 -21.21 4.61 -10.63
C MET A 101 -19.79 4.20 -10.19
N TRP A 102 -19.56 4.09 -8.86
CA TRP A 102 -18.28 3.65 -8.33
C TRP A 102 -17.99 2.18 -8.68
N ASP A 103 -18.98 1.28 -8.56
CA ASP A 103 -18.76 -0.12 -8.94
C ASP A 103 -18.28 -0.28 -10.39
N ASP A 104 -18.93 0.43 -11.34
CA ASP A 104 -18.56 0.39 -12.78
C ASP A 104 -17.15 0.91 -13.06
N ILE A 105 -16.72 1.98 -12.35
CA ILE A 105 -15.37 2.53 -12.46
C ILE A 105 -14.37 1.51 -11.89
N ARG A 106 -14.60 1.06 -10.63
CA ARG A 106 -13.73 0.11 -9.94
C ARG A 106 -13.48 -1.20 -10.75
N ARG A 107 -14.54 -1.79 -11.34
CA ARG A 107 -14.44 -3.09 -12.04
C ARG A 107 -13.91 -3.05 -13.49
N THR A 108 -13.41 -1.88 -13.95
CA THR A 108 -12.89 -1.71 -15.32
C THR A 108 -11.35 -1.80 -15.39
N VAL A 109 -10.86 -2.56 -16.37
CA VAL A 109 -9.44 -2.64 -16.70
C VAL A 109 -9.31 -2.80 -18.24
N ILE A 110 -8.32 -2.15 -18.86
CA ILE A 110 -8.08 -2.20 -20.31
C ILE A 110 -6.76 -2.92 -20.57
N VAL A 111 -6.73 -3.89 -21.50
CA VAL A 111 -5.54 -4.68 -21.84
C VAL A 111 -5.25 -4.66 -23.36
N GLY A 112 -4.04 -4.24 -23.73
CA GLY A 112 -3.57 -4.26 -25.12
C GLY A 112 -3.45 -5.69 -25.59
N MET A 113 -3.95 -5.97 -26.81
CA MET A 113 -3.96 -7.34 -27.37
C MET A 113 -2.84 -7.65 -28.37
N ASP A 114 -2.18 -6.61 -28.90
CA ASP A 114 -1.13 -6.77 -29.92
C ASP A 114 0.08 -7.59 -29.43
N THR A 115 0.48 -7.44 -28.16
CA THR A 115 1.61 -8.20 -27.60
C THR A 115 1.32 -9.70 -27.54
N GLY A 116 0.15 -10.05 -27.01
CA GLY A 116 -0.33 -11.43 -26.92
C GLY A 116 -0.43 -12.08 -28.29
N HIS A 117 -0.93 -11.33 -29.29
CA HIS A 117 -1.05 -11.82 -30.66
C HIS A 117 0.33 -12.06 -31.29
N ALA A 118 1.35 -11.28 -30.89
CA ALA A 118 2.73 -11.43 -31.35
C ALA A 118 3.38 -12.68 -30.73
N VAL A 119 3.11 -12.97 -29.44
CA VAL A 119 3.62 -14.17 -28.75
C VAL A 119 3.09 -15.42 -29.50
N LEU A 120 1.78 -15.43 -29.85
CA LEU A 120 1.12 -16.50 -30.59
C LEU A 120 1.75 -16.76 -31.95
N GLU A 121 1.94 -15.70 -32.75
CA GLU A 121 2.50 -15.80 -34.10
C GLU A 121 4.01 -16.05 -34.15
N LYS A 122 4.81 -15.27 -33.40
CA LYS A 122 6.27 -15.35 -33.44
C LYS A 122 6.88 -16.43 -32.51
N ARG A 123 6.36 -16.62 -31.29
CA ARG A 123 6.95 -17.60 -30.37
C ARG A 123 6.33 -18.99 -30.54
N LEU A 124 4.99 -19.06 -30.66
CA LEU A 124 4.25 -20.31 -30.78
C LEU A 124 3.95 -20.79 -32.22
N GLY A 125 4.03 -19.88 -33.19
CA GLY A 125 3.75 -20.20 -34.60
C GLY A 125 2.30 -20.52 -34.87
N VAL A 126 1.39 -19.80 -34.20
CA VAL A 126 -0.07 -19.94 -34.30
C VAL A 126 -0.60 -18.65 -34.95
N GLU A 127 -1.37 -18.79 -36.04
CA GLU A 127 -1.93 -17.68 -36.81
C GLU A 127 -3.10 -16.99 -36.07
N VAL A 128 -3.19 -15.66 -36.19
CA VAL A 128 -4.24 -14.81 -35.58
C VAL A 128 -5.00 -14.11 -36.71
N THR A 129 -6.33 -14.32 -36.75
CA THR A 129 -7.23 -13.76 -37.76
C THR A 129 -8.48 -13.18 -37.08
N PRO A 130 -9.32 -12.36 -37.78
CA PRO A 130 -10.57 -11.88 -37.15
C PRO A 130 -11.48 -13.02 -36.65
N GLU A 131 -11.47 -14.19 -37.34
CA GLU A 131 -12.26 -15.37 -36.96
C GLU A 131 -11.78 -15.94 -35.61
N THR A 132 -10.45 -16.03 -35.41
CA THR A 132 -9.87 -16.51 -34.16
C THR A 132 -10.17 -15.53 -33.02
N ILE A 133 -10.13 -14.21 -33.31
CA ILE A 133 -10.42 -13.16 -32.34
C ILE A 133 -11.89 -13.24 -31.90
N ASN A 134 -12.81 -13.44 -32.86
CA ASN A 134 -14.25 -13.58 -32.59
C ASN A 134 -14.54 -14.80 -31.71
N GLU A 135 -13.80 -15.91 -31.95
CA GLU A 135 -13.87 -17.15 -31.18
C GLU A 135 -13.34 -16.89 -29.76
N TYR A 136 -12.24 -16.11 -29.66
CA TYR A 136 -11.64 -15.71 -28.38
C TYR A 136 -12.65 -14.87 -27.57
N MET A 137 -13.32 -13.90 -28.23
CA MET A 137 -14.31 -13.01 -27.59
C MET A 137 -15.49 -13.77 -26.97
N ALA A 138 -15.98 -14.83 -27.65
CA ALA A 138 -17.05 -15.68 -27.14
C ALA A 138 -16.55 -16.46 -25.90
N THR A 139 -15.28 -16.91 -25.92
CA THR A 139 -14.65 -17.66 -24.84
C THR A 139 -14.51 -16.83 -23.55
N ILE A 140 -13.92 -15.62 -23.66
CA ILE A 140 -13.71 -14.73 -22.52
C ILE A 140 -15.07 -14.28 -21.93
N ASN A 141 -16.15 -14.19 -22.73
CA ASN A 141 -17.45 -13.84 -22.17
C ASN A 141 -18.10 -15.01 -21.38
N HIS A 142 -17.53 -16.23 -21.51
CA HIS A 142 -17.96 -17.38 -20.71
C HIS A 142 -17.04 -17.48 -19.47
N SER A 143 -15.72 -17.28 -19.69
CA SER A 143 -14.67 -17.39 -18.67
C SER A 143 -14.63 -16.24 -17.65
N LEU A 144 -14.66 -14.96 -18.11
CA LEU A 144 -14.59 -13.77 -17.22
C LEU A 144 -15.68 -13.77 -16.11
N PRO A 145 -16.98 -14.11 -16.39
CA PRO A 145 -17.96 -14.15 -15.29
C PRO A 145 -17.84 -15.37 -14.35
N GLY A 146 -16.90 -16.26 -14.62
CA GLY A 146 -16.66 -17.44 -13.77
C GLY A 146 -17.09 -18.80 -14.29
N GLY A 147 -17.08 -18.98 -15.62
CA GLY A 147 -17.36 -20.26 -16.27
C GLY A 147 -16.05 -20.99 -16.54
N ALA A 148 -16.05 -22.33 -16.51
CA ALA A 148 -14.83 -23.13 -16.72
C ALA A 148 -14.62 -23.54 -18.19
N VAL A 149 -13.34 -23.59 -18.65
CA VAL A 149 -12.98 -23.89 -20.04
C VAL A 149 -11.94 -25.03 -20.25
N VAL A 150 -11.14 -25.43 -19.23
CA VAL A 150 -10.09 -26.45 -19.44
C VAL A 150 -10.21 -27.71 -18.55
N GLN A 151 -10.29 -27.53 -17.23
CA GLN A 151 -10.24 -28.64 -16.29
C GLN A 151 -11.56 -29.36 -16.05
N GLU A 152 -11.48 -30.67 -15.80
CA GLU A 152 -12.63 -31.48 -15.45
C GLU A 152 -12.89 -31.28 -13.95
N HIS A 153 -14.17 -31.40 -13.54
CA HIS A 153 -14.65 -31.28 -12.15
C HIS A 153 -14.49 -29.86 -11.57
N MET A 154 -14.69 -28.83 -12.41
CA MET A 154 -14.62 -27.43 -11.98
C MET A 154 -15.99 -26.96 -11.51
N VAL A 155 -16.01 -26.17 -10.43
CA VAL A 155 -17.24 -25.52 -9.93
C VAL A 155 -17.32 -24.17 -10.67
N GLU A 156 -18.50 -23.55 -10.73
CA GLU A 156 -18.64 -22.27 -11.45
C GLU A 156 -19.49 -21.24 -10.70
N VAL A 157 -19.34 -19.97 -11.07
CA VAL A 157 -20.09 -18.85 -10.51
C VAL A 157 -21.49 -18.86 -11.12
N HIS A 158 -22.52 -18.68 -10.30
CA HIS A 158 -23.92 -18.63 -10.73
C HIS A 158 -24.08 -17.45 -11.72
N PRO A 159 -24.54 -17.73 -12.97
CA PRO A 159 -24.72 -16.66 -13.97
C PRO A 159 -25.59 -15.48 -13.53
N SER A 160 -26.63 -15.74 -12.69
CA SER A 160 -27.53 -14.68 -12.18
C SER A 160 -26.79 -13.66 -11.29
N LEU A 161 -25.65 -14.05 -10.74
CA LEU A 161 -24.82 -13.18 -9.89
C LEU A 161 -23.83 -12.35 -10.69
N ALA A 162 -23.59 -12.70 -11.97
CA ALA A 162 -22.57 -12.03 -12.80
C ALA A 162 -23.05 -11.54 -14.18
N TRP A 163 -24.37 -11.30 -14.37
CA TRP A 163 -24.97 -10.84 -15.65
C TRP A 163 -24.37 -9.51 -16.19
N ASP A 164 -23.78 -8.69 -15.29
CA ASP A 164 -23.19 -7.39 -15.59
C ASP A 164 -21.73 -7.48 -16.06
N CYS A 165 -21.17 -8.70 -16.09
CA CYS A 165 -19.79 -8.96 -16.48
C CYS A 165 -19.67 -9.12 -17.99
N TYR A 166 -18.83 -8.30 -18.63
CA TYR A 166 -18.61 -8.39 -20.08
C TYR A 166 -17.14 -8.21 -20.42
N ALA A 167 -16.74 -8.80 -21.55
CA ALA A 167 -15.42 -8.58 -22.13
C ALA A 167 -15.72 -8.01 -23.52
N LYS A 168 -15.20 -6.81 -23.77
CA LYS A 168 -15.45 -6.09 -25.02
C LYS A 168 -14.12 -5.80 -25.72
N ILE A 169 -14.18 -5.46 -27.00
CA ILE A 169 -13.00 -5.18 -27.82
C ILE A 169 -13.16 -3.86 -28.59
N PHE A 170 -12.07 -3.11 -28.75
CA PHE A 170 -12.05 -1.90 -29.56
C PHE A 170 -10.72 -1.79 -30.31
N THR A 171 -10.73 -1.15 -31.47
CA THR A 171 -9.53 -1.02 -32.29
C THR A 171 -9.49 0.29 -33.07
N GLY A 172 -8.26 0.79 -33.25
CA GLY A 172 -8.00 1.96 -34.06
C GLY A 172 -7.83 1.60 -35.53
N ASP A 173 -7.79 0.27 -35.81
CA ASP A 173 -7.68 -0.30 -37.15
C ASP A 173 -9.10 -0.53 -37.68
N ASP A 174 -9.58 0.39 -38.57
CA ASP A 174 -10.91 0.32 -39.17
C ASP A 174 -11.17 -0.94 -40.00
N GLU A 175 -10.11 -1.48 -40.63
CA GLU A 175 -10.16 -2.70 -41.44
C GLU A 175 -10.47 -3.90 -40.55
N LEU A 176 -9.88 -3.95 -39.35
CA LEU A 176 -10.13 -5.02 -38.39
C LEU A 176 -11.52 -4.86 -37.77
N ALA A 177 -11.88 -3.61 -37.40
CA ALA A 177 -13.18 -3.25 -36.81
C ALA A 177 -14.36 -3.77 -37.64
N ASP A 178 -14.27 -3.63 -38.98
CA ASP A 178 -15.26 -4.11 -39.95
C ASP A 178 -15.45 -5.63 -39.92
N GLU A 179 -14.39 -6.37 -39.58
CA GLU A 179 -14.34 -7.83 -39.53
C GLU A 179 -14.68 -8.44 -38.18
N LEU A 180 -14.73 -7.62 -37.11
CA LEU A 180 -15.05 -8.11 -35.77
C LEU A 180 -16.54 -8.19 -35.53
N ASP A 181 -16.97 -9.21 -34.75
CA ASP A 181 -18.37 -9.42 -34.39
C ASP A 181 -18.84 -8.21 -33.56
N LYS A 182 -19.89 -7.52 -34.04
CA LYS A 182 -20.45 -6.30 -33.42
C LYS A 182 -21.00 -6.50 -32.00
N LYS A 183 -21.36 -7.74 -31.63
CA LYS A 183 -21.86 -8.06 -30.28
C LYS A 183 -20.80 -7.71 -29.20
N TYR A 184 -19.51 -7.87 -29.53
CA TYR A 184 -18.39 -7.63 -28.62
C TYR A 184 -17.66 -6.32 -28.84
N LEU A 185 -17.96 -5.62 -29.93
CA LEU A 185 -17.26 -4.40 -30.27
C LEU A 185 -17.78 -3.14 -29.59
N ILE A 186 -16.84 -2.28 -29.13
CA ILE A 186 -17.14 -0.94 -28.65
C ILE A 186 -16.82 -0.17 -29.94
N ASP A 187 -17.88 0.19 -30.69
CA ASP A 187 -17.78 0.83 -32.00
C ASP A 187 -17.51 2.32 -31.87
N ILE A 188 -16.23 2.72 -32.03
CA ILE A 188 -15.78 4.12 -31.93
C ILE A 188 -16.54 5.01 -32.94
N ASN A 189 -16.67 4.54 -34.21
CA ASN A 189 -17.33 5.26 -35.31
C ASN A 189 -18.83 5.50 -35.09
N LYS A 190 -19.52 4.59 -34.37
CA LYS A 190 -20.95 4.70 -34.10
C LYS A 190 -21.27 5.48 -32.81
N LEU A 191 -20.44 5.29 -31.75
CA LEU A 191 -20.65 5.91 -30.43
C LEU A 191 -20.23 7.37 -30.31
N PHE A 192 -19.20 7.77 -31.06
CA PHE A 192 -18.69 9.14 -31.01
C PHE A 192 -19.02 9.95 -32.26
N PRO A 193 -19.25 11.29 -32.15
CA PRO A 193 -19.42 12.09 -33.38
C PRO A 193 -18.11 12.02 -34.20
N GLU A 194 -18.23 12.05 -35.54
CA GLU A 194 -17.16 11.92 -36.52
C GLU A 194 -15.81 12.55 -36.14
N GLU A 195 -15.83 13.85 -35.81
CA GLU A 195 -14.62 14.60 -35.43
C GLU A 195 -13.93 14.03 -34.18
N GLN A 196 -14.74 13.57 -33.20
CA GLN A 196 -14.24 12.97 -31.97
C GLN A 196 -13.66 11.59 -32.24
N ALA A 197 -14.33 10.80 -33.13
CA ALA A 197 -13.89 9.47 -33.53
C ALA A 197 -12.49 9.53 -34.19
N GLU A 198 -12.26 10.54 -35.05
CA GLU A 198 -10.98 10.76 -35.73
C GLU A 198 -9.86 11.14 -34.76
N GLN A 199 -10.15 12.01 -33.76
CA GLN A 199 -9.14 12.39 -32.76
CA GLN A 199 -9.19 12.41 -32.73
C GLN A 199 -8.72 11.17 -31.94
N LEU A 200 -9.70 10.31 -31.52
CA LEU A 200 -9.41 9.10 -30.74
C LEU A 200 -8.60 8.07 -31.52
N LYS A 201 -9.00 7.78 -32.78
CA LYS A 201 -8.30 6.83 -33.65
C LYS A 201 -6.86 7.26 -33.95
N ALA A 202 -6.65 8.57 -34.22
CA ALA A 202 -5.31 9.13 -34.46
C ALA A 202 -4.44 8.99 -33.19
N ALA A 203 -5.03 9.18 -32.00
CA ALA A 203 -4.31 9.07 -30.73
C ALA A 203 -3.90 7.63 -30.41
N ILE A 204 -4.78 6.65 -30.66
CA ILE A 204 -4.51 5.24 -30.30
C ILE A 204 -3.79 4.44 -31.42
N GLY A 205 -3.76 4.98 -32.63
CA GLY A 205 -3.11 4.31 -33.76
C GLY A 205 -3.86 3.08 -34.23
N LYS A 206 -3.17 2.09 -34.82
CA LYS A 206 -3.78 0.85 -35.34
C LYS A 206 -3.79 -0.28 -34.29
N LYS A 207 -3.82 0.07 -32.99
CA LYS A 207 -3.77 -0.89 -31.90
C LYS A 207 -5.15 -1.40 -31.48
N THR A 208 -5.18 -2.65 -30.98
CA THR A 208 -6.38 -3.38 -30.53
C THR A 208 -6.34 -3.62 -29.03
N TYR A 209 -7.47 -3.35 -28.34
CA TYR A 209 -7.58 -3.46 -26.89
C TYR A 209 -8.81 -4.22 -26.44
N GLN A 210 -8.68 -4.90 -25.29
CA GLN A 210 -9.83 -5.55 -24.70
CA GLN A 210 -9.78 -5.60 -24.66
C GLN A 210 -10.18 -4.85 -23.39
N VAL A 211 -11.48 -4.71 -23.14
CA VAL A 211 -12.00 -4.06 -21.93
C VAL A 211 -12.63 -5.18 -21.10
N SER A 212 -12.13 -5.38 -19.88
CA SER A 212 -12.69 -6.37 -18.97
C SER A 212 -13.57 -5.63 -17.98
N ARG A 213 -14.85 -6.01 -17.90
CA ARG A 213 -15.75 -5.44 -16.91
C ARG A 213 -16.03 -6.59 -15.96
N VAL A 214 -15.20 -6.70 -14.91
CA VAL A 214 -15.24 -7.76 -13.89
C VAL A 214 -16.61 -7.70 -13.15
N PRO A 215 -17.24 -8.82 -12.67
CA PRO A 215 -18.55 -8.68 -12.03
C PRO A 215 -18.56 -7.69 -10.86
N THR A 216 -19.63 -6.87 -10.72
CA THR A 216 -19.81 -5.91 -9.62
C THR A 216 -19.61 -6.61 -8.26
N LEU A 217 -20.17 -7.84 -8.11
CA LEU A 217 -20.08 -8.65 -6.87
C LEU A 217 -18.63 -8.89 -6.42
N VAL A 218 -17.67 -9.03 -7.36
CA VAL A 218 -16.25 -9.24 -7.07
C VAL A 218 -15.64 -8.07 -6.25
N GLY A 219 -15.80 -6.85 -6.75
CA GLY A 219 -15.31 -5.63 -6.11
C GLY A 219 -15.95 -5.36 -4.75
N ARG A 220 -17.20 -5.81 -4.57
CA ARG A 220 -17.95 -5.67 -3.32
C ARG A 220 -17.42 -6.62 -2.24
N VAL A 221 -17.25 -7.91 -2.58
CA VAL A 221 -16.67 -8.90 -1.65
C VAL A 221 -15.19 -8.54 -1.37
N CYS A 222 -14.46 -8.17 -2.43
CA CYS A 222 -13.03 -7.92 -2.30
C CYS A 222 -12.65 -6.44 -2.39
N ASP A 223 -11.80 -6.04 -3.36
CA ASP A 223 -11.35 -4.63 -3.48
C ASP A 223 -10.96 -4.27 -4.92
N GLY A 224 -10.44 -3.06 -5.11
CA GLY A 224 -9.98 -2.57 -6.41
C GLY A 224 -8.77 -3.33 -6.94
N GLY A 225 -7.87 -3.74 -6.04
CA GLY A 225 -6.65 -4.48 -6.39
C GLY A 225 -6.91 -5.85 -7.00
N THR A 226 -8.11 -6.39 -6.79
CA THR A 226 -8.54 -7.69 -7.32
C THR A 226 -8.78 -7.65 -8.83
N ILE A 227 -9.31 -6.52 -9.33
CA ILE A 227 -9.81 -6.31 -10.69
C ILE A 227 -8.79 -6.67 -11.82
N ALA A 228 -7.61 -6.05 -11.86
CA ALA A 228 -6.59 -6.37 -12.90
C ALA A 228 -6.17 -7.84 -12.85
N ARG A 229 -6.12 -8.44 -11.64
CA ARG A 229 -5.74 -9.84 -11.46
C ARG A 229 -6.83 -10.78 -12.01
N TRP A 230 -8.11 -10.53 -11.67
CA TRP A 230 -9.26 -11.33 -12.14
C TRP A 230 -9.28 -11.35 -13.69
N SER A 231 -9.13 -10.17 -14.29
CA SER A 231 -9.08 -9.98 -15.74
C SER A 231 -7.91 -10.79 -16.36
N ALA A 232 -6.70 -10.68 -15.79
CA ALA A 232 -5.51 -11.39 -16.28
C ALA A 232 -5.66 -12.91 -16.27
N MET A 233 -6.20 -13.48 -15.16
CA MET A 233 -6.40 -14.94 -15.03
C MET A 233 -7.27 -15.47 -16.16
N GLN A 234 -8.41 -14.81 -16.41
CA GLN A 234 -9.37 -15.28 -17.39
C GLN A 234 -8.95 -14.99 -18.84
N ILE A 235 -8.13 -13.95 -19.07
CA ILE A 235 -7.54 -13.68 -20.39
C ILE A 235 -6.62 -14.89 -20.75
N GLY A 236 -5.78 -15.30 -19.80
CA GLY A 236 -4.88 -16.44 -19.93
C GLY A 236 -5.64 -17.72 -20.25
N MET A 237 -6.69 -18.01 -19.48
CA MET A 237 -7.54 -19.18 -19.68
C MET A 237 -8.20 -19.20 -21.07
N SER A 238 -8.71 -18.03 -21.51
CA SER A 238 -9.36 -17.87 -22.80
C SER A 238 -8.40 -18.05 -23.99
N PHE A 239 -7.13 -17.61 -23.88
CA PHE A 239 -6.10 -17.81 -24.92
C PHE A 239 -5.75 -19.30 -25.05
N ILE A 240 -5.53 -20.01 -23.91
CA ILE A 240 -5.22 -21.45 -23.87
C ILE A 240 -6.31 -22.24 -24.62
N THR A 241 -7.59 -21.96 -24.31
CA THR A 241 -8.73 -22.64 -24.89
C THR A 241 -8.94 -22.30 -26.37
N ALA A 242 -9.03 -20.99 -26.71
CA ALA A 242 -9.29 -20.55 -28.09
C ALA A 242 -8.20 -20.90 -29.11
N TYR A 243 -6.94 -21.02 -28.67
CA TYR A 243 -5.82 -21.30 -29.56
C TYR A 243 -5.19 -22.70 -29.36
N LYS A 244 -5.83 -23.55 -28.53
CA LYS A 244 -5.43 -24.95 -28.27
C LYS A 244 -3.94 -25.09 -27.89
N LEU A 245 -3.49 -24.30 -26.91
CA LEU A 245 -2.09 -24.33 -26.45
C LEU A 245 -1.94 -25.37 -25.34
N CYS A 246 -0.67 -25.67 -24.93
CA CYS A 246 -0.46 -26.55 -23.78
C CYS A 246 -1.01 -25.75 -22.59
N ALA A 247 -1.87 -26.38 -21.77
CA ALA A 247 -2.50 -25.71 -20.64
C ALA A 247 -1.48 -25.49 -19.50
N GLY A 248 -0.58 -24.55 -19.74
CA GLY A 248 0.51 -24.19 -18.85
C GLY A 248 1.87 -24.53 -19.45
N GLU A 249 2.40 -23.62 -20.27
CA GLU A 249 3.72 -23.72 -20.92
C GLU A 249 4.46 -22.38 -20.82
N ALA A 250 5.75 -22.32 -21.21
CA ALA A 250 6.61 -21.11 -21.11
C ALA A 250 5.97 -19.82 -21.66
N ALA A 251 5.38 -19.90 -22.87
CA ALA A 251 4.75 -18.76 -23.56
C ALA A 251 3.54 -18.14 -22.81
N ILE A 252 2.86 -18.93 -21.95
CA ILE A 252 1.71 -18.48 -21.14
C ILE A 252 2.11 -17.33 -20.17
N ALA A 253 3.33 -17.42 -19.60
CA ALA A 253 3.91 -16.42 -18.68
C ALA A 253 3.99 -15.04 -19.32
N ASP A 254 4.25 -14.96 -20.67
CA ASP A 254 4.29 -13.70 -21.43
C ASP A 254 2.92 -13.02 -21.42
N PHE A 255 1.82 -13.79 -21.56
CA PHE A 255 0.45 -13.27 -21.53
C PHE A 255 0.14 -12.66 -20.17
N SER A 256 0.59 -13.32 -19.07
CA SER A 256 0.41 -12.83 -17.70
C SER A 256 1.18 -11.52 -17.48
N TYR A 257 2.47 -11.47 -17.91
CA TYR A 257 3.29 -10.26 -17.77
C TYR A 257 2.67 -9.08 -18.53
N ALA A 258 2.14 -9.34 -19.74
CA ALA A 258 1.49 -8.32 -20.55
C ALA A 258 0.17 -7.83 -19.91
N ALA A 259 -0.70 -8.76 -19.48
CA ALA A 259 -1.99 -8.43 -18.86
C ALA A 259 -1.90 -7.84 -17.44
N LYS A 260 -0.77 -8.04 -16.73
CA LYS A 260 -0.60 -7.53 -15.37
C LYS A 260 0.37 -6.36 -15.24
N MHS A 261 1.27 -6.15 -16.23
CA MHS A 261 2.27 -5.09 -16.11
C MHS A 261 2.56 -4.29 -17.38
O MHS A 261 2.45 -3.06 -17.34
CB MHS A 261 3.61 -5.70 -15.65
CG MHS A 261 3.49 -6.35 -14.27
ND1 MHS A 261 3.56 -5.77 -13.06
CD2 MHS A 261 3.26 -7.70 -14.07
CE1 MHS A 261 3.40 -6.71 -12.13
NE2 MHS A 261 3.20 -7.90 -12.74
CM MHS A 261 3.81 -4.32 -12.74
N ALA A 262 2.98 -4.97 -18.47
CA ALA A 262 3.44 -4.33 -19.71
C ALA A 262 2.37 -3.70 -20.63
N ASP A 263 1.14 -4.22 -20.67
CA ASP A 263 0.09 -3.68 -21.55
C ASP A 263 -1.25 -3.42 -20.86
N VAL A 264 -1.22 -3.21 -19.54
CA VAL A 264 -2.42 -2.98 -18.73
C VAL A 264 -2.65 -1.49 -18.43
N VAL A 265 -3.92 -1.06 -18.50
CA VAL A 265 -4.36 0.30 -18.19
C VAL A 265 -5.58 0.18 -17.24
N GLY A 266 -5.37 0.52 -15.98
CA GLY A 266 -6.45 0.53 -14.98
C GLY A 266 -7.01 1.92 -14.88
N VAL A 267 -7.94 2.14 -13.93
CA VAL A 267 -8.49 3.48 -13.70
C VAL A 267 -7.60 4.26 -12.71
N GLY A 268 -7.03 3.55 -11.74
CA GLY A 268 -6.21 4.17 -10.72
C GLY A 268 -4.98 3.37 -10.35
N THR A 269 -3.93 4.06 -9.90
CA THR A 269 -2.67 3.45 -9.45
C THR A 269 -2.72 3.18 -7.95
N ALA A 270 -1.90 2.23 -7.46
CA ALA A 270 -1.80 1.90 -6.04
C ALA A 270 -1.35 3.13 -5.23
N LEU A 271 -1.76 3.19 -3.97
CA LEU A 271 -1.42 4.30 -3.06
C LEU A 271 -0.43 3.87 -2.00
N PRO A 272 0.49 4.76 -1.58
CA PRO A 272 1.49 4.37 -0.57
C PRO A 272 1.18 4.85 0.86
N ALA A 273 2.06 4.47 1.81
CA ALA A 273 2.13 4.90 3.22
C ALA A 273 0.79 4.91 3.97
N ARG A 274 0.35 6.06 4.54
CA ARG A 274 -0.91 6.13 5.28
C ARG A 274 -2.15 5.80 4.44
N AGM A 275 -2.09 6.08 3.14
CA AGM A 275 -3.20 5.83 2.23
CB AGM A 275 -3.28 6.97 1.20
CG AGM A 275 -3.83 8.25 1.83
CD AGM A 275 -3.53 9.56 1.08
CE2 AGM A 275 -4.55 9.80 -0.04
NE1 AGM A 275 -2.17 9.65 0.54
CZ AGM A 275 -1.04 9.80 1.24
NH1 AGM A 275 -1.05 9.98 2.57
NH2 AGM A 275 0.13 9.74 0.60
C AGM A 275 -3.11 4.45 1.56
O AGM A 275 -3.88 4.20 0.64
N SER A 276 -2.19 3.56 2.02
CA SER A 276 -1.94 2.20 1.53
C SER A 276 -3.20 1.55 1.01
N ARG A 277 -3.25 1.33 -0.30
CA ARG A 277 -4.39 0.77 -1.03
C ARG A 277 -3.91 0.19 -2.35
N GLY A 278 -4.69 -0.75 -2.88
CA GLY A 278 -4.40 -1.34 -4.18
C GLY A 278 -4.80 -0.43 -5.31
N ALA A 279 -4.55 -0.88 -6.55
CA ALA A 279 -4.93 -0.17 -7.77
C ALA A 279 -6.46 -0.14 -7.87
N ASN A 280 -7.02 0.71 -8.75
CA ASN A 280 -8.47 0.85 -8.95
C ASN A 280 -9.25 1.21 -7.66
N GLU A 281 -8.67 2.13 -6.86
CA GLU A 281 -9.31 2.72 -5.69
C GLU A 281 -9.49 4.22 -6.02
N PRO A 282 -10.46 4.96 -5.44
CA PRO A 282 -10.71 6.34 -5.89
C PRO A 282 -9.52 7.30 -5.79
N GLY A 283 -8.70 7.15 -4.75
CA GLY A 283 -7.53 7.99 -4.53
C GLY A 283 -6.47 7.90 -5.59
N GLY A 284 -6.43 6.77 -6.32
CA GLY A 284 -5.46 6.54 -7.39
C GLY A 284 -5.86 7.10 -8.74
N ILE A 285 -7.08 7.65 -8.87
CA ILE A 285 -7.60 8.17 -10.15
C ILE A 285 -7.18 9.63 -10.39
N PRO A 286 -6.30 9.90 -11.38
CA PRO A 286 -5.92 11.32 -11.64
C PRO A 286 -7.08 12.09 -12.26
N PHE A 287 -7.08 13.43 -12.12
CA PHE A 287 -8.18 14.27 -12.57
C PHE A 287 -8.52 14.15 -14.07
N GLY A 288 -7.49 14.00 -14.91
CA GLY A 288 -7.64 13.80 -16.35
C GLY A 288 -8.36 12.52 -16.70
N VAL A 289 -8.10 11.44 -15.94
CA VAL A 289 -8.76 10.14 -16.12
C VAL A 289 -10.25 10.24 -15.70
N LEU A 290 -10.52 10.93 -14.57
CA LEU A 290 -11.91 11.15 -14.14
C LEU A 290 -12.72 11.88 -15.23
N CYS A 291 -12.12 12.90 -15.91
CA CYS A 291 -12.76 13.60 -17.04
C CYS A 291 -13.16 12.60 -18.12
N ASP A 292 -12.24 11.71 -18.48
CA ASP A 292 -12.41 10.74 -19.56
C ASP A 292 -13.43 9.64 -19.23
N ILE A 293 -13.68 9.39 -17.93
CA ILE A 293 -14.72 8.43 -17.52
C ILE A 293 -16.12 9.00 -17.89
N VAL A 294 -16.31 10.32 -17.65
CA VAL A 294 -17.57 11.06 -17.92
C VAL A 294 -17.76 11.15 -19.45
N GLN A 295 -18.99 10.95 -19.95
CA GLN A 295 -19.30 10.86 -21.39
C GLN A 295 -20.20 11.97 -21.97
N THR A 296 -20.43 13.07 -21.25
CA THR A 296 -21.29 14.17 -21.72
C THR A 296 -20.74 14.80 -23.03
N THR A 297 -19.40 14.77 -23.21
CA THR A 297 -18.69 15.27 -24.41
C THR A 297 -19.21 14.61 -25.71
N ARG A 298 -19.69 13.33 -25.66
CA ARG A 298 -20.23 12.67 -26.87
C ARG A 298 -21.67 13.04 -27.21
N ILE A 299 -22.48 13.47 -26.22
CA ILE A 299 -23.91 13.78 -26.45
C ILE A 299 -24.26 15.29 -26.42
N SER A 300 -23.34 16.15 -25.94
CA SER A 300 -23.59 17.60 -25.87
C SER A 300 -22.41 18.40 -26.41
N ASP A 301 -22.72 19.53 -27.07
CA ASP A 301 -21.73 20.45 -27.63
C ASP A 301 -21.49 21.66 -26.70
N ASP A 302 -22.24 21.74 -25.60
CA ASP A 302 -22.13 22.83 -24.62
C ASP A 302 -20.86 22.61 -23.74
N PRO A 303 -19.81 23.45 -23.88
CA PRO A 303 -18.60 23.24 -23.06
C PRO A 303 -18.81 23.38 -21.54
N VAL A 304 -19.75 24.28 -21.12
CA VAL A 304 -20.09 24.49 -19.70
C VAL A 304 -20.77 23.22 -19.16
N GLU A 305 -21.79 22.70 -19.87
CA GLU A 305 -22.49 21.49 -19.47
C GLU A 305 -21.52 20.30 -19.34
N GLN A 306 -20.57 20.15 -20.29
CA GLN A 306 -19.55 19.09 -20.29
C GLN A 306 -18.72 19.13 -18.99
N SER A 307 -18.26 20.35 -18.58
CA SER A 307 -17.46 20.58 -17.38
C SER A 307 -18.23 20.33 -16.09
N LEU A 308 -19.51 20.75 -16.04
CA LEU A 308 -20.32 20.60 -14.83
C LEU A 308 -20.77 19.17 -14.57
N GLU A 309 -20.91 18.33 -15.63
CA GLU A 309 -21.25 16.91 -15.42
C GLU A 309 -20.02 16.20 -14.82
N VAL A 310 -18.79 16.68 -15.16
CA VAL A 310 -17.53 16.17 -14.61
C VAL A 310 -17.46 16.57 -13.11
N VAL A 311 -17.82 17.84 -12.78
CA VAL A 311 -17.86 18.32 -11.40
C VAL A 311 -18.79 17.40 -10.56
N ALA A 312 -19.98 17.07 -11.09
CA ALA A 312 -20.96 16.20 -10.43
C ALA A 312 -20.36 14.84 -10.08
N VAL A 313 -19.76 14.14 -11.08
CA VAL A 313 -19.10 12.82 -10.88
C VAL A 313 -17.95 12.94 -9.89
N GLY A 314 -17.13 13.99 -10.07
CA GLY A 314 -15.99 14.27 -9.20
C GLY A 314 -16.39 14.47 -7.74
N ALA A 315 -17.44 15.29 -7.48
CA ALA A 315 -17.93 15.56 -6.13
C ALA A 315 -18.51 14.28 -5.51
N MET A 316 -19.34 13.54 -6.27
CA MET A 316 -19.93 12.28 -5.82
C MET A 316 -18.83 11.27 -5.47
N LEU A 317 -17.84 11.07 -6.35
CA LEU A 317 -16.79 10.09 -6.09
C LEU A 317 -15.76 10.53 -5.07
N TYR A 318 -15.09 11.66 -5.32
CA TYR A 318 -14.02 12.14 -4.45
C TYR A 318 -14.46 12.62 -3.07
N ASP A 319 -15.58 13.39 -2.97
CA ASP A 319 -16.01 13.88 -1.65
C ASP A 319 -16.92 12.90 -0.90
N GLN A 320 -17.97 12.37 -1.54
CA GLN A 320 -18.89 11.46 -0.85
C GLN A 320 -18.33 10.07 -0.55
N VAL A 321 -17.77 9.39 -1.57
CA VAL A 321 -17.27 8.02 -1.43
C VAL A 321 -15.83 7.97 -0.89
N TRP A 322 -14.89 8.66 -1.53
CA TRP A 322 -13.48 8.65 -1.15
C TRP A 322 -13.22 9.37 0.19
N LEU A 323 -13.36 10.72 0.24
CA LEU A 323 -13.05 11.43 1.50
C LEU A 323 -14.04 11.14 2.63
N GLY A 324 -15.32 11.03 2.27
CA GLY A 324 -16.42 10.79 3.19
C GLY A 324 -16.56 9.41 3.76
N SER A 325 -15.87 8.41 3.17
CA SER A 325 -15.96 7.03 3.66
C SER A 325 -14.59 6.36 3.72
N TYR A 326 -13.94 6.10 2.57
CA TYR A 326 -12.60 5.49 2.52
C TYR A 326 -11.61 6.19 3.47
N MET A 327 -11.65 7.54 3.52
CA MET A 327 -10.72 8.35 4.32
C MET A 327 -11.31 8.87 5.63
N SER A 328 -12.60 8.61 5.91
CA SER A 328 -13.23 9.06 7.15
C SER A 328 -14.37 8.15 7.56
N GLY A 329 -15.61 8.44 7.16
CA GLY A 329 -16.75 7.60 7.51
C GLY A 329 -17.76 8.27 8.41
N GLY A 330 -18.89 7.59 8.58
CA GLY A 330 -20.01 8.04 9.40
C GLY A 330 -21.07 8.73 8.56
N VAL A 331 -21.72 9.75 9.15
CA VAL A 331 -22.73 10.58 8.47
C VAL A 331 -22.11 11.12 7.14
N GLY A 332 -20.83 11.47 7.17
CA GLY A 332 -20.11 11.83 5.95
C GLY A 332 -20.33 13.21 5.35
N PHE A 333 -20.07 13.31 4.05
CA PHE A 333 -20.00 14.59 3.33
C PHE A 333 -20.96 14.76 2.14
N THR A 334 -22.22 14.35 2.28
CA THR A 334 -23.22 14.49 1.21
C THR A 334 -23.38 15.95 0.72
N GLN A 335 -23.67 16.89 1.62
CA GLN A 335 -23.96 18.28 1.27
C GLN A 335 -22.72 19.08 0.85
N TYR A 336 -21.50 18.64 1.24
CA TYR A 336 -20.26 19.28 0.78
C TYR A 336 -20.18 19.07 -0.75
N ALA A 337 -20.69 17.91 -1.21
CA ALA A 337 -20.71 17.53 -2.61
C ALA A 337 -21.94 18.03 -3.36
N THR A 338 -23.16 17.94 -2.77
CA THR A 338 -24.40 18.36 -3.44
C THR A 338 -24.38 19.83 -3.87
N ALA A 339 -23.67 20.70 -3.13
CA ALA A 339 -23.57 22.13 -3.45
C ALA A 339 -23.03 22.36 -4.87
N ALA A 340 -22.21 21.42 -5.38
CA ALA A 340 -21.60 21.46 -6.70
C ALA A 340 -22.48 20.83 -7.82
N TYR A 341 -23.60 20.17 -7.47
CA TYR A 341 -24.42 19.52 -8.50
C TYR A 341 -25.94 19.68 -8.28
N THR A 342 -26.36 20.61 -7.40
CA THR A 342 -27.79 20.86 -7.14
C THR A 342 -28.19 22.32 -7.22
N ASP A 343 -29.50 22.55 -7.45
CA ASP A 343 -30.21 23.84 -7.47
C ASP A 343 -29.72 24.84 -8.54
N ASP A 344 -28.95 24.37 -9.55
CA ASP A 344 -28.40 25.15 -10.67
C ASP A 344 -27.60 26.39 -10.23
N ILE A 345 -26.98 26.34 -9.02
CA ILE A 345 -26.21 27.45 -8.47
C ILE A 345 -24.89 27.59 -9.18
N LEU A 346 -24.05 26.52 -9.15
CA LEU A 346 -22.77 26.52 -9.87
C LEU A 346 -23.00 26.76 -11.38
N ASP A 347 -24.08 26.21 -11.95
CA ASP A 347 -24.47 26.42 -13.36
C ASP A 347 -24.64 27.91 -13.67
N ASP A 348 -25.36 28.66 -12.82
CA ASP A 348 -25.56 30.09 -13.02
C ASP A 348 -24.23 30.85 -13.05
N PHE A 349 -23.34 30.57 -12.08
CA PHE A 349 -22.04 31.24 -11.95
C PHE A 349 -21.09 30.89 -13.12
N ALA A 350 -21.07 29.59 -13.53
CA ALA A 350 -20.22 29.14 -14.65
C ALA A 350 -20.73 29.72 -15.99
N TYR A 351 -22.06 29.75 -16.21
CA TYR A 351 -22.60 30.35 -17.44
C TYR A 351 -22.34 31.88 -17.49
N TYR A 352 -22.34 32.56 -16.32
CA TYR A 352 -22.03 34.00 -16.27
C TYR A 352 -20.57 34.23 -16.71
N GLY A 353 -19.67 33.41 -16.16
CA GLY A 353 -18.24 33.45 -16.46
C GLY A 353 -17.94 33.17 -17.91
N TYR A 354 -18.62 32.16 -18.50
CA TYR A 354 -18.48 31.80 -19.91
C TYR A 354 -18.85 32.98 -20.80
N GLU A 355 -19.98 33.64 -20.53
CA GLU A 355 -20.46 34.80 -21.33
C GLU A 355 -19.51 36.00 -21.22
N TYR A 356 -18.98 36.25 -20.01
CA TYR A 356 -18.02 37.34 -19.76
C TYR A 356 -16.75 37.11 -20.61
N VAL A 357 -16.21 35.87 -20.58
CA VAL A 357 -15.01 35.45 -21.31
C VAL A 357 -15.25 35.47 -22.84
N GLU A 358 -16.39 34.90 -23.30
CA GLU A 358 -16.74 34.85 -24.73
C GLU A 358 -16.74 36.25 -25.36
N LYS A 359 -17.32 37.25 -24.66
CA LYS A 359 -17.40 38.63 -25.15
C LYS A 359 -16.07 39.38 -25.08
N LYS A 360 -15.32 39.25 -23.97
CA LYS A 360 -14.07 39.99 -23.75
C LYS A 360 -12.83 39.40 -24.46
N TYR A 361 -12.65 38.07 -24.40
CA TYR A 361 -11.46 37.42 -24.95
C TYR A 361 -11.75 36.47 -26.12
N GLY A 362 -12.91 35.84 -26.09
CA GLY A 362 -13.28 34.77 -27.00
C GLY A 362 -12.90 33.45 -26.33
N ILE A 363 -13.36 32.33 -26.90
CA ILE A 363 -13.07 31.01 -26.32
C ILE A 363 -11.78 30.45 -26.92
N ASN A 364 -10.85 29.96 -26.05
CA ASN A 364 -9.57 29.37 -26.44
C ASN A 364 -8.79 30.25 -27.46
N SER A 365 -8.71 31.55 -27.19
CA SER A 365 -8.07 32.50 -28.09
C SER A 365 -6.98 33.33 -27.39
N THR A 366 -6.68 33.00 -26.13
CA THR A 366 -5.71 33.79 -25.35
C THR A 366 -4.65 32.91 -24.68
N LYS A 367 -3.38 33.27 -24.87
CA LYS A 367 -2.26 32.60 -24.20
C LYS A 367 -2.32 33.00 -22.71
N PRO A 368 -2.19 32.07 -21.74
CA PRO A 368 -2.31 32.47 -20.33
C PRO A 368 -1.22 33.44 -19.87
N THR A 369 -1.64 34.48 -19.14
CA THR A 369 -0.77 35.49 -18.49
C THR A 369 -1.39 35.71 -17.11
N MET A 370 -0.63 36.30 -16.16
CA MET A 370 -1.14 36.62 -14.83
C MET A 370 -2.27 37.67 -14.90
N ASP A 371 -2.17 38.66 -15.82
CA ASP A 371 -3.22 39.68 -16.02
C ASP A 371 -4.57 39.06 -16.41
N VAL A 372 -4.54 38.10 -17.36
CA VAL A 372 -5.73 37.40 -17.85
C VAL A 372 -6.37 36.56 -16.72
N VAL A 373 -5.54 35.79 -15.99
CA VAL A 373 -6.02 34.95 -14.88
C VAL A 373 -6.68 35.82 -13.80
N GLU A 374 -5.99 36.89 -13.38
CA GLU A 374 -6.48 37.82 -12.35
C GLU A 374 -7.76 38.54 -12.75
N ASP A 375 -7.89 38.97 -14.01
CA ASP A 375 -9.10 39.64 -14.51
C ASP A 375 -10.33 38.73 -14.39
N ILE A 376 -10.24 37.52 -14.99
CA ILE A 376 -11.34 36.54 -15.05
C ILE A 376 -11.76 36.04 -13.65
N ALA A 377 -10.80 35.54 -12.84
CA ALA A 377 -11.09 35.02 -11.50
C ALA A 377 -11.73 36.05 -10.57
N THR A 378 -11.24 37.32 -10.60
CA THR A 378 -11.80 38.41 -9.80
C THR A 378 -13.28 38.68 -10.16
N GLU A 379 -13.57 38.84 -11.47
CA GLU A 379 -14.91 39.11 -11.97
C GLU A 379 -15.92 38.04 -11.59
N VAL A 380 -15.56 36.76 -11.80
CA VAL A 380 -16.43 35.62 -11.51
C VAL A 380 -16.64 35.47 -9.99
N THR A 381 -15.58 35.71 -9.17
CA THR A 381 -15.67 35.64 -7.70
C THR A 381 -16.62 36.72 -7.18
N LEU A 382 -16.43 37.98 -7.62
CA LEU A 382 -17.29 39.10 -7.22
C LEU A 382 -18.76 38.83 -7.60
N TYR A 383 -19.03 38.38 -8.85
CA TYR A 383 -20.40 38.05 -9.27
C TYR A 383 -21.02 36.98 -8.35
N SER A 384 -20.28 35.89 -8.09
CA SER A 384 -20.74 34.75 -7.28
C SER A 384 -21.13 35.16 -5.87
N LEU A 385 -20.24 35.89 -5.18
CA LEU A 385 -20.50 36.33 -3.80
C LEU A 385 -21.61 37.38 -3.72
N GLU A 386 -21.76 38.22 -4.78
CA GLU A 386 -22.84 39.20 -4.88
C GLU A 386 -24.20 38.49 -4.95
N GLN A 387 -24.23 37.26 -5.51
CA GLN A 387 -25.46 36.46 -5.59
C GLN A 387 -25.91 35.99 -4.20
N TYR A 388 -24.94 35.49 -3.39
CA TYR A 388 -25.19 35.07 -2.01
C TYR A 388 -25.67 36.27 -1.16
N ASP A 389 -25.12 37.49 -1.42
CA ASP A 389 -25.50 38.74 -0.74
C ASP A 389 -26.92 39.20 -1.08
N GLU A 390 -27.29 39.16 -2.38
CA GLU A 390 -28.58 39.60 -2.93
C GLU A 390 -29.73 38.65 -2.54
N PHE A 391 -29.44 37.34 -2.46
CA PHE A 391 -30.43 36.31 -2.16
C PHE A 391 -30.21 35.61 -0.81
N PRO A 392 -30.91 36.03 0.27
CA PRO A 392 -30.73 35.37 1.59
C PRO A 392 -31.07 33.87 1.57
N THR A 393 -32.01 33.44 0.71
CA THR A 393 -32.38 32.02 0.58
C THR A 393 -31.24 31.21 -0.03
N LEU A 394 -30.43 31.82 -0.93
CA LEU A 394 -29.27 31.19 -1.56
C LEU A 394 -28.17 30.94 -0.51
N LEU A 395 -27.96 31.92 0.40
CA LEU A 395 -26.99 31.82 1.49
C LEU A 395 -27.42 30.74 2.51
N GLU A 396 -28.73 30.66 2.80
CA GLU A 396 -29.34 29.67 3.69
C GLU A 396 -29.26 28.25 3.07
N ASP A 397 -29.22 28.18 1.71
CA ASP A 397 -29.10 26.94 0.94
C ASP A 397 -27.64 26.43 1.05
N HIS A 398 -26.66 27.26 0.67
CA HIS A 398 -25.24 26.91 0.81
C HIS A 398 -24.78 27.50 2.16
N PHE A 399 -25.34 26.95 3.25
CA PHE A 399 -25.11 27.42 4.63
C PHE A 399 -23.68 27.31 5.14
N GLY A 400 -22.92 26.38 4.58
CA GLY A 400 -21.52 26.17 4.98
C GLY A 400 -20.58 26.94 4.07
N GLY A 401 -19.62 27.62 4.67
CA GLY A 401 -18.65 28.42 3.92
C GLY A 401 -17.84 27.62 2.91
N SER A 402 -17.50 26.35 3.25
CA SER A 402 -16.73 25.48 2.36
C SER A 402 -17.49 25.28 1.04
N MGN A 403 -18.82 25.03 1.10
CA MGN A 403 -19.71 24.84 -0.06
CB1 MGN A 403 -21.17 24.72 0.41
CB2 MGN A 403 -19.30 23.57 -0.84
CG MGN A 403 -21.52 23.55 1.33
CD MGN A 403 -22.98 23.60 1.73
OE1 MGN A 403 -23.42 24.55 2.36
NE2 MGN A 403 -23.74 22.55 1.38
C MGN A 403 -19.65 26.09 -0.98
O MGN A 403 -19.45 25.97 -2.19
N ARG A 404 -19.76 27.31 -0.38
CA ARG A 404 -19.71 28.59 -1.07
C ARG A 404 -18.35 28.83 -1.74
N ALA A 405 -17.25 28.54 -1.03
CA ALA A 405 -15.88 28.70 -1.53
C ALA A 405 -15.60 27.80 -2.72
N ALA A 406 -16.04 26.53 -2.67
CA ALA A 406 -15.85 25.56 -3.76
C ALA A 406 -16.64 25.95 -5.02
N VAL A 407 -17.89 26.44 -4.84
CA VAL A 407 -18.77 26.84 -5.94
C VAL A 407 -18.22 28.11 -6.64
N ALA A 408 -17.90 29.17 -5.88
CA ALA A 408 -17.36 30.41 -6.48
C ALA A 408 -16.00 30.19 -7.18
N ALA A 409 -15.11 29.41 -6.56
CA ALA A 409 -13.78 29.11 -7.11
C ALA A 409 -13.86 28.19 -8.34
N ALA A 410 -14.80 27.20 -8.35
CA ALA A 410 -14.98 26.30 -9.50
C ALA A 410 -15.42 27.12 -10.72
N ALA A 411 -16.39 28.04 -10.54
CA ALA A 411 -16.84 28.89 -11.65
C ALA A 411 -15.69 29.77 -12.13
N SER A 412 -14.84 30.28 -11.20
CA SER A 412 -13.69 31.12 -11.56
C SER A 412 -12.62 30.32 -12.35
N GLY A 413 -12.27 29.14 -11.84
CA GLY A 413 -11.30 28.22 -12.46
C GLY A 413 -11.73 27.78 -13.85
N ILE A 414 -13.00 27.33 -13.98
CA ILE A 414 -13.60 26.90 -15.26
C ILE A 414 -13.54 28.05 -16.30
N SER A 415 -13.92 29.29 -15.89
CA SER A 415 -13.91 30.46 -16.76
C SER A 415 -12.52 30.81 -17.29
N VAL A 416 -11.48 30.69 -16.44
CA VAL A 416 -10.09 30.93 -16.85
C VAL A 416 -9.70 29.90 -17.95
N CYS A 417 -10.11 28.63 -17.77
CA CYS A 417 -9.86 27.55 -18.75
C CYS A 417 -10.56 27.78 -20.08
N MET A 418 -11.78 28.37 -20.07
CA MET A 418 -12.55 28.71 -21.29
C MET A 418 -11.79 29.71 -22.16
N ALA A 419 -11.00 30.61 -21.53
CA ALA A 419 -10.20 31.62 -22.24
C ALA A 419 -8.85 31.10 -22.71
N THR A 420 -8.18 30.25 -21.90
CA THR A 420 -6.80 29.84 -22.15
C THR A 420 -6.55 28.42 -22.65
N GLY A 421 -7.42 27.48 -22.28
CA GLY A 421 -7.22 26.07 -22.63
C GLY A 421 -6.07 25.43 -21.87
N ASN A 422 -5.64 26.06 -20.75
CA ASN A 422 -4.55 25.57 -19.90
C ASN A 422 -5.08 25.32 -18.48
N SER A 423 -5.09 24.03 -18.07
CA SER A 423 -5.57 23.58 -16.76
C SER A 423 -4.84 24.20 -15.54
N ASN A 424 -3.53 24.48 -15.66
CA ASN A 424 -2.77 25.12 -14.56
C ASN A 424 -3.12 26.60 -14.41
N ALA A 425 -3.44 27.28 -15.51
CA ALA A 425 -3.90 28.67 -15.48
C ALA A 425 -5.26 28.68 -14.75
N GLY A 426 -6.10 27.69 -15.04
CA GLY A 426 -7.40 27.51 -14.41
C GLY A 426 -7.29 27.30 -12.91
N VAL A 427 -6.37 26.42 -12.47
CA VAL A 427 -6.18 26.13 -11.05
C VAL A 427 -5.61 27.37 -10.34
N ASN A 428 -4.77 28.16 -11.03
CA ASN A 428 -4.20 29.38 -10.46
C ASN A 428 -5.36 30.38 -10.16
N GLY A 429 -6.35 30.45 -11.07
CA GLY A 429 -7.56 31.26 -10.93
C GLY A 429 -8.40 30.83 -9.75
N TRP A 430 -8.51 29.49 -9.51
CA TRP A 430 -9.21 28.90 -8.36
C TRP A 430 -8.57 29.45 -7.06
N TYR A 431 -7.23 29.46 -6.97
CA TYR A 431 -6.52 29.92 -5.78
C TYR A 431 -6.71 31.42 -5.50
N LEU A 432 -6.75 32.26 -6.56
CA LEU A 432 -7.02 33.69 -6.38
C LEU A 432 -8.45 33.89 -5.86
N SER A 433 -9.42 33.15 -6.42
CA SER A 433 -10.82 33.19 -5.99
C SER A 433 -10.94 32.93 -4.46
N GLN A 434 -10.20 31.94 -3.96
CA GLN A 434 -10.17 31.53 -2.55
C GLN A 434 -9.67 32.64 -1.60
N ILE A 435 -8.51 33.24 -1.88
CA ILE A 435 -7.96 34.29 -1.01
C ILE A 435 -8.78 35.60 -1.10
N MET A 436 -9.44 35.86 -2.25
CA MET A 436 -10.30 37.02 -2.44
C MET A 436 -11.60 36.85 -1.63
N HIS A 437 -12.22 35.65 -1.71
CA HIS A 437 -13.42 35.26 -0.97
C HIS A 437 -13.20 35.48 0.54
N LYS A 438 -12.03 35.04 1.05
CA LYS A 438 -11.63 35.19 2.45
C LYS A 438 -11.69 36.69 2.88
N GLU A 439 -11.19 37.60 2.04
CA GLU A 439 -11.22 39.03 2.36
C GLU A 439 -12.60 39.65 2.15
N TYR A 440 -13.44 39.07 1.29
CA TYR A 440 -14.78 39.59 1.03
C TYR A 440 -15.68 39.42 2.28
N HIS A 441 -15.89 38.17 2.71
CA HIS A 441 -16.80 37.89 3.83
C HIS A 441 -16.11 37.69 5.19
N SER A 442 -14.77 37.85 5.26
CA SER A 442 -13.97 37.64 6.49
C SER A 442 -14.14 36.22 7.07
N ARG A 443 -14.26 35.24 6.17
CA ARG A 443 -14.39 33.80 6.42
C ARG A 443 -14.21 33.06 5.09
N LEU A 444 -13.95 31.76 5.17
CA LEU A 444 -13.82 30.94 3.97
C LEU A 444 -14.56 29.62 4.23
N GLY A 445 -13.86 28.56 4.56
CA GLY A 445 -14.48 27.25 4.80
C GLY A 445 -14.35 26.77 6.23
N PHE A 446 -14.27 25.44 6.40
CA PHE A 446 -14.08 24.82 7.72
C PHE A 446 -12.63 25.08 8.21
N TYR A 447 -12.32 24.70 9.47
CA TYR A 447 -11.03 24.88 10.16
C TYR A 447 -9.83 24.64 9.26
CA GL3 A 448 -8.67 23.14 7.69
N GL3 A 448 -9.80 23.50 8.53
C GL3 A 448 -8.94 23.15 6.20
S GL3 A 448 -7.77 22.35 5.28
N TYR A 449 -9.88 23.98 5.75
CA TYR A 449 -10.30 23.98 4.34
C TYR A 449 -9.21 24.51 3.40
N ASP A 450 -8.56 25.61 3.77
CA ASP A 450 -7.64 26.29 2.88
C ASP A 450 -6.15 25.93 3.03
N LEU A 451 -5.82 24.71 3.49
CA LEU A 451 -4.39 24.29 3.51
C LEU A 451 -3.85 24.36 2.04
N GLN A 452 -4.54 23.68 1.11
CA GLN A 452 -4.09 23.63 -0.28
C GLN A 452 -4.24 24.95 -1.02
N ASP A 453 -5.19 25.79 -0.59
CA ASP A 453 -5.43 27.09 -1.22
C ASP A 453 -4.40 28.13 -0.83
N GLN A 454 -3.86 28.06 0.40
CA GLN A 454 -2.79 28.99 0.82
C GLN A 454 -1.47 28.54 0.16
N CYS A 455 -1.27 27.20 -0.02
CA CYS A 455 -0.11 26.59 -0.71
C CYS A 455 -0.29 26.78 -2.23
N GLY A 456 -1.54 27.00 -2.63
CA GLY A 456 -2.03 27.00 -4.00
C GLY A 456 -1.31 27.77 -5.07
N ALA A 457 -1.26 29.10 -4.93
CA ALA A 457 -0.62 29.98 -5.91
C ALA A 457 0.83 29.57 -6.18
N SER A 458 1.63 29.34 -5.11
CA SER A 458 3.04 28.94 -5.25
C SER A 458 3.24 27.58 -5.94
N ASN A 459 2.36 26.60 -5.70
CA ASN A 459 2.54 25.28 -6.31
C ASN A 459 1.85 25.11 -7.67
N SER A 460 0.95 26.05 -8.04
CA SER A 460 0.18 25.97 -9.31
C SER A 460 1.08 25.90 -10.55
N LEU A 461 2.10 26.77 -10.62
CA LEU A 461 3.02 26.82 -11.76
C LEU A 461 4.43 26.30 -11.41
N SER A 462 4.58 25.70 -10.21
CA SER A 462 5.90 25.20 -9.77
C SER A 462 6.46 24.13 -10.67
N ILE A 463 7.81 24.03 -10.71
CA ILE A 463 8.54 23.02 -11.48
C ILE A 463 9.28 22.05 -10.53
N ARG A 464 9.08 22.18 -9.21
CA ARG A 464 9.77 21.32 -8.24
C ARG A 464 9.14 19.91 -8.17
N ASN A 465 9.95 18.89 -7.88
CA ASN A 465 9.56 17.46 -7.94
C ASN A 465 8.20 17.12 -7.31
N ASP A 466 7.92 17.47 -6.05
CA ASP A 466 6.62 17.08 -5.47
C ASP A 466 5.57 18.22 -5.47
N GLU A 467 5.85 19.32 -6.19
CA GLU A 467 4.92 20.46 -6.33
C GLU A 467 4.39 20.53 -7.78
N ALA A 468 5.23 20.22 -8.76
CA ALA A 468 4.88 20.30 -10.16
C ALA A 468 3.96 19.20 -10.63
N SER A 469 3.14 19.51 -11.65
CA SER A 469 2.27 18.64 -12.44
C SER A 469 1.20 19.40 -13.16
N PRO A 470 0.95 19.08 -14.46
CA PRO A 470 -0.25 19.58 -15.13
C PRO A 470 -1.45 19.11 -14.29
N LEU A 471 -2.55 19.90 -14.21
CA LEU A 471 -3.70 19.51 -13.38
C LEU A 471 -4.24 18.10 -13.71
N GLU A 472 -4.21 17.72 -15.02
CA GLU A 472 -4.63 16.40 -15.52
C GLU A 472 -3.93 15.25 -14.75
N LEU A 473 -2.63 15.41 -14.49
CA LEU A 473 -1.76 14.41 -13.83
C LEU A 473 -1.78 14.49 -12.30
N ARG A 474 -2.46 15.51 -11.73
CA ARG A 474 -2.64 15.63 -10.29
C ARG A 474 -3.85 14.77 -9.95
N GLY A 475 -4.08 14.54 -8.67
CA GLY A 475 -5.20 13.75 -8.20
C GLY A 475 -5.29 13.73 -6.69
N PRO A 476 -6.07 12.79 -6.09
CA PRO A 476 -6.18 12.74 -4.63
C PRO A 476 -4.90 12.36 -3.87
N ASN A 477 -3.83 11.92 -4.55
CA ASN A 477 -2.56 11.60 -3.90
C ASN A 477 -1.55 12.75 -4.06
N TYR A 478 -1.92 13.81 -4.81
CA TYR A 478 -1.06 15.01 -4.93
C TYR A 478 -0.96 15.55 -3.48
N PRO A 479 0.27 15.75 -2.92
CA PRO A 479 0.42 16.05 -1.47
C PRO A 479 -0.54 17.08 -0.85
N ASN A 480 -0.64 18.31 -1.41
CA ASN A 480 -1.55 19.35 -0.87
C ASN A 480 -3.04 18.94 -0.90
N TYR A 481 -3.42 18.04 -1.83
CA TYR A 481 -4.81 17.66 -2.05
C TYR A 481 -5.28 16.40 -1.31
N ALA A 482 -4.37 15.71 -0.61
CA ALA A 482 -4.62 14.40 -0.01
C ALA A 482 -5.69 14.34 1.11
N MET A 483 -6.08 15.48 1.72
CA MET A 483 -6.96 15.42 2.88
C MET A 483 -8.35 16.05 2.83
N ASN A 484 -8.56 17.12 2.08
CA ASN A 484 -9.77 17.90 2.31
C ASN A 484 -10.87 17.98 1.24
N VAL A 485 -12.13 18.09 1.74
CA VAL A 485 -13.35 18.22 0.93
C VAL A 485 -13.40 19.55 0.18
N GLY A 486 -14.33 19.64 -0.77
CA GLY A 486 -14.62 20.84 -1.54
C GLY A 486 -13.52 21.30 -2.47
N HIS A 487 -12.72 20.35 -3.02
CA HIS A 487 -11.65 20.68 -3.96
C HIS A 487 -11.52 19.72 -5.16
N GLN A 488 -11.32 18.41 -4.87
CA GLN A 488 -11.00 17.36 -5.86
C GLN A 488 -11.97 17.27 -7.06
N GLY A 489 -13.27 17.22 -6.78
CA GLY A 489 -14.29 17.17 -7.82
C GLY A 489 -14.32 18.42 -8.69
N GLU A 490 -14.09 19.57 -8.06
CA GLU A 490 -14.05 20.87 -8.73
C GLU A 490 -12.80 20.97 -9.62
N TYR A 491 -11.65 20.44 -9.15
CA TYR A 491 -10.41 20.38 -9.94
C TYR A 491 -10.64 19.55 -11.21
N ALA A 492 -11.38 18.43 -11.12
CA ALA A 492 -11.70 17.59 -12.28
C ALA A 492 -12.51 18.42 -13.31
N GLY A 493 -13.46 19.23 -12.83
CA GLY A 493 -14.24 20.13 -13.68
C GLY A 493 -13.39 21.18 -14.36
N ILE A 494 -12.40 21.73 -13.63
CA ILE A 494 -11.45 22.72 -14.17
C ILE A 494 -10.63 22.07 -15.29
N THR A 495 -10.18 20.81 -15.07
CA THR A 495 -9.43 20.03 -16.06
C THR A 495 -10.30 19.86 -17.33
N GLN A 496 -11.57 19.44 -17.16
CA GLN A 496 -12.48 19.27 -18.29
C GLN A 496 -12.66 20.56 -19.09
N ALA A 497 -12.84 21.71 -18.41
CA ALA A 497 -13.04 23.02 -19.03
C ALA A 497 -11.93 23.40 -20.01
N ALA A 498 -10.67 23.04 -19.70
CA ALA A 498 -9.53 23.29 -20.58
C ALA A 498 -9.70 22.53 -21.92
N HIS A 499 -10.20 21.29 -21.86
CA HIS A 499 -10.39 20.45 -23.03
C HIS A 499 -11.69 20.76 -23.77
N SER A 500 -12.76 21.13 -23.04
CA SER A 500 -14.04 21.56 -23.62
C SER A 500 -13.89 22.85 -24.44
N ALA A 501 -13.05 23.79 -23.97
CA ALA A 501 -12.77 25.06 -24.67
C ALA A 501 -12.10 24.78 -26.03
N ARG A 502 -11.25 23.73 -26.07
CA ARG A 502 -10.49 23.30 -27.26
C ARG A 502 -11.27 22.34 -28.15
N LYS A 503 -12.45 21.88 -27.69
CA LYS A 503 -13.32 20.89 -28.35
C LYS A 503 -12.61 19.52 -28.47
N ASP A 504 -11.79 19.18 -27.45
CA ASP A 504 -11.08 17.90 -27.40
C ASP A 504 -12.03 16.73 -27.11
N ALA A 505 -11.78 15.59 -27.76
CA ALA A 505 -12.56 14.37 -27.57
C ALA A 505 -12.23 13.71 -26.23
N PHE A 506 -11.04 13.98 -25.68
CA PHE A 506 -10.54 13.42 -24.42
C PHE A 506 -9.57 14.39 -23.72
N ALA A 507 -9.31 14.18 -22.42
CA ALA A 507 -8.43 15.03 -21.63
C ALA A 507 -7.04 14.44 -21.37
N MET A 508 -6.95 13.11 -21.18
CA MET A 508 -5.70 12.47 -20.77
C MET A 508 -5.50 11.05 -21.26
N ASN A 509 -6.56 10.23 -21.29
CA ASN A 509 -6.39 8.85 -21.70
C ASN A 509 -7.51 8.45 -22.66
N PRO A 510 -7.19 8.37 -24.00
CA PRO A 510 -8.24 8.00 -24.98
C PRO A 510 -8.78 6.58 -24.80
N LEU A 511 -7.96 5.66 -24.22
CA LEU A 511 -8.40 4.28 -23.96
C LEU A 511 -9.53 4.26 -22.93
N ILE A 512 -9.43 5.09 -21.87
CA ILE A 512 -10.44 5.26 -20.83
C ILE A 512 -11.72 5.88 -21.43
N LYS A 513 -11.55 6.93 -22.26
CA LYS A 513 -12.68 7.60 -22.94
C LYS A 513 -13.49 6.60 -23.76
N ILE A 514 -12.81 5.73 -24.54
CA ILE A 514 -13.46 4.70 -25.35
C ILE A 514 -14.13 3.64 -24.46
N ALA A 515 -13.42 3.13 -23.44
CA ALA A 515 -13.93 2.10 -22.54
C ALA A 515 -15.24 2.50 -21.84
N PHE A 516 -15.37 3.78 -21.44
CA PHE A 516 -16.56 4.23 -20.71
C PHE A 516 -17.72 4.67 -21.63
N ALA A 517 -17.57 4.52 -22.97
CA ALA A 517 -18.62 4.79 -23.96
C ALA A 517 -19.46 3.52 -24.20
N ASP A 518 -19.01 2.36 -23.66
CA ASP A 518 -19.66 1.05 -23.80
C ASP A 518 -21.15 1.08 -23.39
N PRO A 519 -22.08 0.75 -24.33
CA PRO A 519 -23.53 0.74 -23.97
C PRO A 519 -23.93 -0.33 -22.94
N SER A 520 -23.07 -1.35 -22.72
CA SER A 520 -23.30 -2.44 -21.78
C SER A 520 -23.06 -2.06 -20.30
N LEU A 521 -22.54 -0.84 -20.02
CA LEU A 521 -22.32 -0.36 -18.64
C LEU A 521 -23.68 -0.19 -17.94
N VAL A 522 -23.71 -0.36 -16.61
CA VAL A 522 -24.97 -0.26 -15.84
C VAL A 522 -25.35 1.20 -15.60
N PHE A 523 -24.37 2.01 -15.15
CA PHE A 523 -24.55 3.44 -14.92
C PHE A 523 -24.36 4.20 -16.24
N ASP A 524 -25.20 5.24 -16.48
CA ASP A 524 -25.11 6.08 -17.69
C ASP A 524 -24.15 7.26 -17.42
N PHE A 525 -22.87 7.07 -17.82
CA PHE A 525 -21.79 8.04 -17.64
C PHE A 525 -21.96 9.34 -18.47
N ALA A 526 -22.92 9.37 -19.43
CA ALA A 526 -23.19 10.56 -20.23
C ALA A 526 -24.18 11.51 -19.53
N ARG A 527 -24.99 10.96 -18.59
CA ARG A 527 -26.02 11.74 -17.87
C ARG A 527 -25.93 11.50 -16.33
N PRO A 528 -24.79 11.85 -15.66
CA PRO A 528 -24.66 11.51 -14.23
C PRO A 528 -25.62 12.18 -13.25
N ARG A 529 -25.97 13.47 -13.46
CA ARG A 529 -26.90 14.16 -12.55
C ARG A 529 -28.30 13.54 -12.62
N LYS A 530 -28.74 13.16 -13.84
CA LYS A 530 -30.02 12.47 -14.05
C LYS A 530 -30.00 11.08 -13.38
N GLU A 531 -28.89 10.32 -13.52
CA GLU A 531 -28.75 8.99 -12.91
C GLU A 531 -28.80 9.08 -11.39
N CYS A 532 -28.15 10.10 -10.80
CA CYS A 532 -28.16 10.35 -9.36
C CYS A 532 -29.60 10.56 -8.86
N ALA A 533 -30.42 11.34 -9.61
CA ALA A 533 -31.83 11.58 -9.29
C ALA A 533 -32.62 10.27 -9.27
N ARG A 534 -32.37 9.41 -10.27
CA ARG A 534 -33.02 8.10 -10.42
C ARG A 534 -32.73 7.17 -9.24
N GLY A 535 -31.49 7.21 -8.73
CA GLY A 535 -31.05 6.47 -7.56
C GLY A 535 -31.70 7.02 -6.30
N ALA A 536 -31.78 8.36 -6.21
CA ALA A 536 -32.41 9.06 -5.10
C ALA A 536 -33.88 8.65 -4.96
N LEU A 537 -34.59 8.51 -6.11
CA LEU A 537 -36.00 8.11 -6.16
C LEU A 537 -36.23 6.61 -6.15
N ARG A 538 -35.15 5.80 -5.99
CA ARG A 538 -35.21 4.33 -5.95
C ARG A 538 -35.76 3.71 -7.25
N GLU A 539 -35.37 4.30 -8.39
CA GLU A 539 -35.78 3.85 -9.73
C GLU A 539 -34.60 3.19 -10.49
N PHE A 540 -33.39 3.26 -9.92
CA PHE A 540 -32.18 2.74 -10.54
C PHE A 540 -31.95 1.24 -10.27
N GLU A 541 -31.82 0.45 -11.33
CA GLU A 541 -31.56 -0.98 -11.22
C GLU A 541 -30.05 -1.25 -11.16
N ALA A 542 -29.56 -1.60 -9.96
CA ALA A 542 -28.13 -1.86 -9.74
C ALA A 542 -27.79 -3.35 -9.91
N ALA A 543 -26.49 -3.63 -10.11
CA ALA A 543 -25.96 -4.99 -10.19
C ALA A 543 -25.36 -5.33 -8.81
N GLY A 544 -24.96 -6.59 -8.60
CA GLY A 544 -24.31 -6.99 -7.34
C GLY A 544 -25.16 -7.60 -6.24
N GLU A 545 -26.52 -7.57 -6.38
CA GLU A 545 -27.40 -8.17 -5.36
C GLU A 545 -27.30 -9.71 -5.37
N ARG A 546 -27.64 -10.36 -4.24
CA ARG A 546 -27.48 -11.80 -4.06
C ARG A 546 -28.78 -12.59 -3.85
N ASP A 547 -29.92 -12.07 -4.36
CA ASP A 547 -31.25 -12.68 -4.22
C ASP A 547 -31.30 -14.19 -4.44
N VAL A 548 -30.75 -14.68 -5.57
CA VAL A 548 -30.77 -16.10 -5.97
C VAL A 548 -30.07 -17.03 -4.94
N ILE A 549 -29.08 -16.54 -4.17
CA ILE A 549 -28.37 -17.39 -3.19
C ILE A 549 -28.82 -17.11 -1.73
N LEU A 550 -29.90 -16.35 -1.54
CA LEU A 550 -30.40 -16.03 -0.20
C LEU A 550 -31.78 -16.63 0.04
N PRO A 551 -32.25 -16.82 1.31
CA PRO A 551 -33.60 -17.35 1.52
C PRO A 551 -34.66 -16.45 0.87
N ALA A 552 -35.72 -17.05 0.27
CA ALA A 552 -36.82 -16.34 -0.41
C ALA A 552 -37.42 -15.28 0.53
N LYS A 553 -37.56 -14.01 0.04
CA LYS A 553 -38.01 -12.84 0.82
C LYS A 553 -39.16 -13.13 1.80
N VAL B 2 33.50 30.37 -3.47
CA VAL B 2 32.14 30.81 -3.12
C VAL B 2 31.26 31.00 -4.35
N LYS B 3 30.05 30.42 -4.32
CA LYS B 3 29.06 30.56 -5.40
C LYS B 3 28.24 31.84 -5.18
N TYR B 4 28.08 32.24 -3.91
CA TYR B 4 27.32 33.41 -3.50
C TYR B 4 28.21 34.35 -2.70
N GLU B 5 27.95 35.67 -2.78
CA GLU B 5 28.73 36.69 -2.08
C GLU B 5 28.22 36.93 -0.66
N ASP B 6 27.05 36.35 -0.30
CA ASP B 6 26.40 36.54 1.02
C ASP B 6 27.30 36.21 2.19
N LYS B 7 27.26 37.06 3.21
CA LYS B 7 28.00 36.89 4.47
C LYS B 7 27.00 36.87 5.61
N ILE B 8 27.33 36.11 6.66
CA ILE B 8 26.50 36.00 7.87
C ILE B 8 27.33 36.18 9.14
N SER B 9 26.70 36.73 10.20
CA SER B 9 27.32 36.85 11.51
C SER B 9 26.80 35.67 12.34
N LEU B 10 27.72 34.86 12.88
CA LEU B 10 27.35 33.70 13.71
C LEU B 10 27.18 34.11 15.17
N TYR B 11 25.99 33.85 15.73
CA TYR B 11 25.62 34.13 17.12
C TYR B 11 25.20 32.83 17.83
N ASP B 12 25.63 32.65 19.10
CA ASP B 12 25.28 31.46 19.89
C ASP B 12 23.85 31.51 20.46
N ALA B 13 23.44 30.44 21.16
CA ALA B 13 22.12 30.29 21.77
C ALA B 13 21.80 31.32 22.87
N LYS B 14 22.83 31.99 23.41
CA LYS B 14 22.73 33.03 24.45
C LYS B 14 22.71 34.45 23.87
N GLY B 15 22.77 34.57 22.54
CA GLY B 15 22.77 35.85 21.84
C GLY B 15 24.10 36.57 21.80
N ASN B 16 25.20 35.83 22.02
CA ASN B 16 26.55 36.38 21.99
C ASN B 16 27.19 36.18 20.63
N LEU B 17 27.90 37.20 20.14
CA LEU B 17 28.59 37.17 18.84
C LEU B 17 29.76 36.20 18.87
N VAL B 18 29.84 35.32 17.87
CA VAL B 18 30.94 34.37 17.72
C VAL B 18 31.90 34.95 16.66
N GLU B 19 31.38 35.26 15.45
CA GLU B 19 32.19 35.82 14.35
C GLU B 19 31.34 36.49 13.27
N ASP B 20 31.82 37.66 12.78
CA ASP B 20 31.21 38.42 11.68
C ASP B 20 31.86 38.00 10.34
N GLY B 21 31.16 38.28 9.23
CA GLY B 21 31.63 38.04 7.87
C GLY B 21 31.94 36.60 7.45
N VAL B 22 31.17 35.64 7.98
CA VAL B 22 31.33 34.22 7.62
C VAL B 22 30.59 33.95 6.29
N PRO B 23 31.21 33.28 5.28
CA PRO B 23 30.49 33.01 4.04
C PRO B 23 29.25 32.15 4.27
N LEU B 24 28.14 32.47 3.60
CA LEU B 24 26.87 31.73 3.74
C LEU B 24 27.02 30.22 3.53
N GLU B 25 27.84 29.79 2.55
CA GLU B 25 28.02 28.37 2.23
C GLU B 25 28.77 27.58 3.31
N ALA B 26 29.30 28.26 4.36
CA ALA B 26 29.97 27.59 5.48
C ALA B 26 28.96 26.80 6.34
N ILE B 27 27.66 27.14 6.27
CA ILE B 27 26.60 26.43 6.99
C ILE B 27 25.85 25.45 6.05
N SER B 28 26.28 25.34 4.78
CA SER B 28 25.64 24.43 3.82
C SER B 28 25.81 22.95 4.18
N PRO B 29 24.76 22.12 4.02
CA PRO B 29 24.93 20.66 4.22
C PRO B 29 26.01 20.07 3.29
N LEU B 30 26.29 20.74 2.14
CA LEU B 30 27.30 20.29 1.17
C LEU B 30 28.74 20.64 1.57
N TYR B 31 28.93 21.55 2.56
CA TYR B 31 30.27 21.96 2.99
C TYR B 31 30.57 21.77 4.49
N ASN B 32 29.56 22.01 5.36
CA ASN B 32 29.74 21.97 6.82
C ASN B 32 30.10 20.56 7.34
N PRO B 33 31.27 20.40 8.02
CA PRO B 33 31.68 19.07 8.49
C PRO B 33 30.81 18.51 9.60
N THR B 34 30.19 19.39 10.43
CA THR B 34 29.26 18.98 11.49
C THR B 34 27.99 18.38 10.89
N ILE B 35 27.42 19.02 9.83
CA ILE B 35 26.21 18.51 9.17
C ILE B 35 26.51 17.14 8.54
N LYS B 36 27.69 16.98 7.91
CA LYS B 36 28.12 15.69 7.35
C LYS B 36 28.15 14.60 8.45
N ALA B 37 28.72 14.93 9.64
CA ALA B 37 28.79 14.00 10.78
C ALA B 37 27.41 13.67 11.36
N MET B 38 26.48 14.65 11.38
CA MET B 38 25.12 14.46 11.87
C MET B 38 24.35 13.45 11.02
N VAL B 39 24.49 13.51 9.68
CA VAL B 39 23.85 12.57 8.74
C VAL B 39 24.46 11.17 8.92
N LYS B 40 25.81 11.08 8.96
CA LYS B 40 26.52 9.81 9.17
C LYS B 40 26.07 9.13 10.49
N ASN B 41 25.99 9.90 11.58
CA ASN B 41 25.59 9.38 12.88
C ASN B 41 24.10 9.05 12.99
N ILE B 42 23.21 9.84 12.35
CA ILE B 42 21.77 9.56 12.40
C ILE B 42 21.46 8.24 11.66
N LYS B 43 22.21 7.94 10.59
CA LYS B 43 22.04 6.74 9.79
C LYS B 43 22.54 5.46 10.46
N ARG B 44 23.61 5.55 11.29
CA ARG B 44 24.24 4.37 11.91
C ARG B 44 23.94 4.12 13.40
N THR B 45 23.26 5.06 14.09
CA THR B 45 22.97 4.94 15.53
C THR B 45 21.61 4.32 15.76
N VAL B 46 21.58 3.28 16.62
CA VAL B 46 20.40 2.51 16.99
C VAL B 46 20.24 2.54 18.53
N ALA B 47 18.98 2.71 19.00
CA ALA B 47 18.60 2.68 20.42
C ALA B 47 18.07 1.27 20.72
N VAL B 48 18.71 0.57 21.68
CA VAL B 48 18.33 -0.79 22.07
C VAL B 48 17.70 -0.77 23.47
N ASN B 49 16.50 -1.33 23.61
CA ASN B 49 15.87 -1.43 24.92
C ASN B 49 16.02 -2.85 25.48
N LEU B 50 17.12 -3.11 26.23
CA LEU B 50 17.41 -4.41 26.84
C LEU B 50 16.36 -4.80 27.87
N ALA B 51 15.87 -3.83 28.68
CA ALA B 51 14.80 -4.05 29.67
C ALA B 51 13.51 -4.46 28.95
N GLY B 52 13.24 -3.83 27.80
CA GLY B 52 12.10 -4.12 26.94
C GLY B 52 12.12 -5.54 26.41
N ILE B 53 13.28 -5.97 25.87
CA ILE B 53 13.50 -7.35 25.36
C ILE B 53 13.25 -8.37 26.49
N GLU B 54 13.82 -8.10 27.69
CA GLU B 54 13.65 -8.97 28.85
C GLU B 54 12.18 -9.11 29.23
N ASN B 55 11.44 -7.98 29.32
CA ASN B 55 10.00 -7.96 29.65
C ASN B 55 9.15 -8.72 28.61
N SER B 56 9.39 -8.48 27.30
CA SER B 56 8.68 -9.15 26.19
C SER B 56 8.85 -10.65 26.25
N LEU B 57 10.10 -11.13 26.48
CA LEU B 57 10.40 -12.55 26.57
C LEU B 57 9.72 -13.22 27.77
N LYS B 58 9.82 -12.60 28.95
CA LYS B 58 9.29 -13.09 30.23
C LYS B 58 7.76 -13.23 30.20
N THR B 59 7.06 -12.26 29.62
CA THR B 59 5.59 -12.22 29.56
C THR B 59 4.98 -12.84 28.29
N GLY B 60 5.81 -13.00 27.26
CA GLY B 60 5.37 -13.49 25.96
C GLY B 60 4.56 -12.45 25.21
N ALA B 61 4.74 -11.15 25.56
CA ALA B 61 4.07 -10.02 24.93
C ALA B 61 4.86 -9.63 23.67
N ILE B 62 4.70 -10.44 22.62
CA ILE B 62 5.37 -10.33 21.34
C ILE B 62 4.38 -10.17 20.17
N GLY B 63 4.76 -9.35 19.18
CA GLY B 63 3.97 -9.14 17.97
C GLY B 63 3.14 -7.86 17.86
N GLY B 64 3.18 -7.00 18.86
CA GLY B 64 2.46 -5.73 18.82
C GLY B 64 1.46 -5.51 19.95
N LYS B 65 0.75 -4.36 19.90
CA LYS B 65 -0.21 -3.94 20.93
C LYS B 65 -1.31 -4.97 21.20
N GLY B 66 -1.42 -5.36 22.47
CA GLY B 66 -2.42 -6.32 22.92
C GLY B 66 -2.09 -7.77 22.70
N CYS B 67 -0.99 -8.08 21.99
CA CYS B 67 -0.59 -9.45 21.70
C CYS B 67 0.13 -10.11 22.87
N LYS B 68 -0.17 -11.40 23.10
CA LYS B 68 0.46 -12.26 24.10
C LYS B 68 0.36 -13.69 23.57
N VAL B 69 1.50 -14.36 23.45
CA VAL B 69 1.55 -15.74 22.94
C VAL B 69 1.83 -16.71 24.10
N PRO B 70 0.80 -17.42 24.64
CA PRO B 70 1.05 -18.37 25.75
C PRO B 70 1.98 -19.53 25.35
N GLY B 71 2.81 -19.96 26.29
CA GLY B 71 3.73 -21.07 26.09
C GLY B 71 5.01 -20.74 25.34
N ARG B 72 5.21 -19.47 25.00
CA ARG B 72 6.39 -19.02 24.26
C ARG B 72 7.17 -17.97 25.06
N THR B 73 7.25 -18.16 26.38
CA THR B 73 7.98 -17.25 27.26
C THR B 73 9.38 -17.80 27.53
N LEU B 74 10.33 -16.90 27.81
CA LEU B 74 11.70 -17.24 28.18
C LEU B 74 12.13 -16.31 29.31
N ASP B 75 12.70 -16.88 30.37
CA ASP B 75 13.14 -16.11 31.54
C ASP B 75 14.66 -15.97 31.49
N LEU B 76 15.16 -14.88 30.87
CA LEU B 76 16.59 -14.65 30.71
C LEU B 76 17.06 -13.35 31.37
N PRO B 77 18.12 -13.39 32.22
CA PRO B 77 18.59 -12.16 32.86
C PRO B 77 19.47 -11.32 31.93
N ILE B 78 18.83 -10.72 30.91
CA ILE B 78 19.49 -9.94 29.85
C ILE B 78 20.17 -8.68 30.42
N VAL B 79 19.44 -7.84 31.21
CA VAL B 79 19.95 -6.59 31.80
C VAL B 79 21.15 -6.86 32.73
N GLU B 80 21.07 -7.91 33.57
CA GLU B 80 22.14 -8.33 34.48
C GLU B 80 23.42 -8.69 33.71
N ASN B 81 23.26 -9.22 32.49
CA ASN B 81 24.36 -9.63 31.62
C ASN B 81 24.61 -8.65 30.46
N ALA B 82 24.24 -7.36 30.64
CA ALA B 82 24.38 -6.32 29.60
C ALA B 82 25.79 -6.16 29.05
N GLU B 83 26.81 -6.20 29.93
CA GLU B 83 28.22 -6.08 29.54
C GLU B 83 28.67 -7.21 28.63
N ALA B 84 28.32 -8.48 28.96
CA ALA B 84 28.67 -9.65 28.16
C ALA B 84 27.97 -9.58 26.80
N ILE B 85 26.68 -9.17 26.76
CA ILE B 85 25.91 -9.03 25.51
C ILE B 85 26.52 -7.93 24.63
N MET B 86 26.83 -6.77 25.23
CA MET B 86 27.43 -5.60 24.57
C MET B 86 28.75 -5.98 23.87
N ASP B 87 29.64 -6.70 24.59
CA ASP B 87 30.94 -7.15 24.07
C ASP B 87 30.81 -8.13 22.88
N GLU B 88 29.81 -9.02 22.91
CA GLU B 88 29.56 -9.94 21.79
C GLU B 88 29.00 -9.18 20.57
N VAL B 89 28.08 -8.21 20.79
CA VAL B 89 27.50 -7.37 19.72
C VAL B 89 28.62 -6.57 19.03
N GLU B 90 29.52 -5.95 19.83
CA GLU B 90 30.65 -5.18 19.32
C GLU B 90 31.57 -6.05 18.45
N LYS B 91 31.91 -7.29 18.92
CA LYS B 91 32.76 -8.24 18.19
C LYS B 91 32.14 -8.59 16.81
N ILE B 92 30.81 -8.78 16.76
CA ILE B 92 30.10 -9.12 15.54
C ILE B 92 30.08 -7.95 14.54
N LEU B 93 29.78 -6.72 15.02
CA LEU B 93 29.67 -5.53 14.17
C LEU B 93 31.01 -4.95 13.69
N ARG B 94 32.05 -4.94 14.56
CA ARG B 94 33.37 -4.38 14.26
C ARG B 94 34.02 -5.02 13.03
N ILE B 95 34.60 -4.18 12.14
CA ILE B 95 35.30 -4.64 10.93
C ILE B 95 36.81 -4.60 11.19
N THR B 96 37.36 -3.43 11.57
CA THR B 96 38.79 -3.27 11.90
C THR B 96 38.93 -2.87 13.39
N PRO B 97 40.02 -3.28 14.10
CA PRO B 97 40.13 -2.96 15.54
C PRO B 97 39.99 -1.51 15.98
N ASP B 98 40.29 -0.56 15.10
CA ASP B 98 40.25 0.87 15.40
C ASP B 98 39.10 1.63 14.70
N ASP B 99 38.13 0.93 14.07
CA ASP B 99 37.03 1.60 13.35
C ASP B 99 36.06 2.31 14.31
N ASP B 100 35.07 3.04 13.76
CA ASP B 100 34.13 3.81 14.57
C ASP B 100 32.96 3.02 15.18
N THR B 101 33.04 1.66 15.26
CA THR B 101 32.02 0.85 15.97
C THR B 101 32.08 1.33 17.45
N GLN B 102 30.91 1.63 18.04
CA GLN B 102 30.88 2.11 19.43
C GLN B 102 29.61 1.70 20.13
N LEU B 103 29.75 1.10 21.31
CA LEU B 103 28.62 0.68 22.12
C LEU B 103 28.71 1.25 23.52
N ARG B 104 27.58 1.78 24.04
CA ARG B 104 27.52 2.35 25.38
C ARG B 104 26.28 1.85 26.11
N ALA B 105 26.44 1.44 27.37
CA ALA B 105 25.33 1.04 28.24
C ALA B 105 24.91 2.26 29.05
N ILE B 106 23.61 2.54 29.09
CA ILE B 106 23.04 3.67 29.84
C ILE B 106 21.96 3.15 30.80
N ASN B 107 21.60 3.96 31.81
CA ASN B 107 20.54 3.65 32.80
C ASN B 107 20.74 2.26 33.44
N ASP B 108 21.98 1.97 33.91
CA ASP B 108 22.41 0.71 34.56
C ASP B 108 22.17 -0.54 33.68
N GLY B 109 22.52 -0.43 32.39
CA GLY B 109 22.40 -1.51 31.43
C GLY B 109 21.01 -1.80 30.91
N LYS B 110 20.02 -0.95 31.24
CA LYS B 110 18.63 -1.14 30.79
C LYS B 110 18.48 -0.80 29.31
N GLN B 111 19.30 0.16 28.83
CA GLN B 111 19.30 0.59 27.43
C GLN B 111 20.72 0.63 26.90
N LEU B 112 20.87 0.52 25.58
CA LEU B 112 22.15 0.49 24.86
C LEU B 112 22.16 1.49 23.70
N VAL B 113 23.29 2.19 23.53
CA VAL B 113 23.55 3.10 22.42
C VAL B 113 24.46 2.28 21.49
N VAL B 114 23.96 1.91 20.30
CA VAL B 114 24.73 1.11 19.33
C VAL B 114 25.05 1.97 18.12
N GLN B 115 26.34 2.19 17.87
CA GLN B 115 26.80 2.92 16.69
C GLN B 115 27.54 1.94 15.79
N VAL B 116 26.80 1.48 14.75
CA VAL B 116 27.26 0.54 13.73
C VAL B 116 28.44 1.21 12.96
N PRO B 117 29.53 0.49 12.59
CA PRO B 117 30.62 1.15 11.85
C PRO B 117 30.11 1.79 10.55
N SER B 118 30.52 3.04 10.28
CA SER B 118 30.07 3.79 9.10
C SER B 118 30.38 3.08 7.76
N LYS B 119 31.40 2.18 7.72
CA LYS B 119 31.73 1.40 6.52
C LYS B 119 30.53 0.57 6.03
N ARG B 120 29.74 0.01 6.96
CA ARG B 120 28.55 -0.79 6.63
C ARG B 120 27.48 0.04 5.92
N LEU B 121 27.41 1.35 6.19
CA LEU B 121 26.46 2.27 5.55
C LEU B 121 26.99 2.70 4.19
N GLU B 122 28.33 2.77 4.05
CA GLU B 122 29.02 3.16 2.82
C GLU B 122 28.77 2.17 1.69
N VAL B 123 28.67 0.88 2.02
CA VAL B 123 28.44 -0.17 1.01
C VAL B 123 26.97 -0.64 1.01
N ALA B 124 26.07 0.20 1.56
CA ALA B 124 24.63 -0.05 1.59
C ALA B 124 23.89 0.99 0.73
N ALA B 125 22.72 0.65 0.20
CA ALA B 125 21.93 1.60 -0.60
C ALA B 125 21.24 2.65 0.30
N GLU B 126 20.75 2.21 1.48
CA GLU B 126 20.06 3.14 2.37
C GLU B 126 20.52 3.00 3.84
N TYR B 127 19.61 3.17 4.83
CA TYR B 127 19.95 3.23 6.25
C TYR B 127 19.39 2.11 7.14
N SER B 128 18.45 1.27 6.63
CA SER B 128 17.84 0.17 7.41
C SER B 128 18.86 -0.84 7.93
N VAL B 129 20.01 -0.95 7.23
CA VAL B 129 21.15 -1.80 7.57
C VAL B 129 21.53 -1.69 9.07
N SER B 130 21.54 -0.45 9.65
CA SER B 130 21.89 -0.25 11.05
CA SER B 130 21.91 -0.26 11.05
C SER B 130 20.97 -1.03 11.99
N MET B 131 19.64 -0.91 11.77
CA MET B 131 18.61 -1.61 12.55
C MET B 131 18.72 -3.13 12.32
N LEU B 132 18.84 -3.56 11.05
CA LEU B 132 18.90 -4.99 10.66
C LEU B 132 20.16 -5.70 11.18
N ASN B 133 21.32 -5.04 11.08
CA ASN B 133 22.60 -5.60 11.55
C ASN B 133 22.62 -5.64 13.09
N THR B 134 22.11 -4.58 13.76
CA THR B 134 22.05 -4.54 15.24
C THR B 134 21.14 -5.68 15.75
N ALA B 135 19.96 -5.87 15.12
CA ALA B 135 19.02 -6.94 15.48
C ALA B 135 19.68 -8.33 15.39
N MET B 136 20.40 -8.60 14.30
CA MET B 136 21.08 -9.88 14.07
C MET B 136 22.20 -10.13 15.09
N ALA B 137 23.03 -9.08 15.39
CA ALA B 137 24.10 -9.18 16.38
C ALA B 137 23.51 -9.44 17.77
N LEU B 138 22.39 -8.77 18.12
CA LEU B 138 21.70 -8.99 19.41
C LEU B 138 21.15 -10.40 19.54
N LYS B 139 20.50 -10.93 18.47
CA LYS B 139 19.93 -12.28 18.49
C LYS B 139 21.03 -13.31 18.76
N GLU B 140 22.15 -13.23 18.03
CA GLU B 140 23.27 -14.15 18.19
C GLU B 140 23.93 -14.03 19.56
N ALA B 141 24.13 -12.78 20.07
CA ALA B 141 24.73 -12.51 21.37
C ALA B 141 23.90 -13.10 22.50
N ILE B 142 22.56 -12.94 22.46
CA ILE B 142 21.66 -13.48 23.49
C ILE B 142 21.65 -15.01 23.45
N ILE B 143 21.50 -15.60 22.24
CA ILE B 143 21.46 -17.07 22.05
C ILE B 143 22.75 -17.73 22.59
N LYS B 144 23.93 -17.15 22.27
CA LYS B 144 25.23 -17.64 22.73
C LYS B 144 25.43 -17.48 24.26
N THR B 145 25.07 -16.31 24.83
CA THR B 145 25.23 -16.01 26.26
C THR B 145 24.44 -16.99 27.15
N PHE B 146 23.22 -17.35 26.75
CA PHE B 146 22.35 -18.21 27.55
C PHE B 146 22.15 -19.64 27.02
N ASP B 147 22.84 -20.03 25.92
CA ASP B 147 22.69 -21.34 25.28
C ASP B 147 21.21 -21.68 25.01
N VAL B 148 20.50 -20.73 24.36
CA VAL B 148 19.07 -20.86 24.04
C VAL B 148 18.86 -22.04 23.08
N ASP B 149 17.84 -22.89 23.37
CA ASP B 149 17.48 -24.05 22.55
C ASP B 149 17.08 -23.60 21.13
N LEU B 150 17.46 -24.39 20.10
CA LEU B 150 17.18 -24.04 18.69
C LEU B 150 15.69 -23.85 18.39
N PHE B 151 14.78 -24.53 19.11
CA PHE B 151 13.34 -24.38 18.93
C PHE B 151 12.80 -23.05 19.51
N ASP B 152 13.62 -22.32 20.30
CA ASP B 152 13.24 -21.05 20.92
C ASP B 152 13.85 -19.78 20.26
N GLY B 153 14.72 -19.94 19.26
CA GLY B 153 15.35 -18.81 18.56
C GLY B 153 14.40 -17.80 17.92
N SER B 154 13.29 -18.28 17.34
CA SER B 154 12.29 -17.40 16.71
C SER B 154 11.63 -16.45 17.73
N THR B 155 11.53 -16.89 19.00
CA THR B 155 10.98 -16.10 20.10
C THR B 155 11.88 -14.89 20.40
N ILE B 156 13.22 -15.10 20.36
CA ILE B 156 14.24 -14.05 20.57
C ILE B 156 14.09 -12.98 19.48
N HIS B 157 13.90 -13.43 18.22
CA HIS B 157 13.70 -12.55 17.07
C HIS B 157 12.49 -11.66 17.30
N ALA B 158 11.34 -12.27 17.72
CA ALA B 158 10.09 -11.53 17.93
C ALA B 158 10.19 -10.48 19.03
N ALA B 159 10.93 -10.76 20.10
CA ALA B 159 11.12 -9.81 21.20
C ALA B 159 11.99 -8.61 20.78
N ILE B 160 12.89 -8.80 19.80
CA ILE B 160 13.77 -7.72 19.31
C ILE B 160 13.15 -6.89 18.19
N VAL B 161 12.74 -7.53 17.07
CA VAL B 161 12.23 -6.78 15.90
C VAL B 161 10.69 -6.67 15.83
N GLY B 162 9.98 -7.55 16.53
CA GLY B 162 8.51 -7.54 16.49
C GLY B 162 7.93 -8.46 15.42
N ARG B 163 6.78 -8.08 14.87
CA ARG B 163 6.04 -8.85 13.84
C ARG B 163 6.60 -8.70 12.40
N TYR B 164 7.92 -8.64 12.27
CA TYR B 164 8.61 -8.57 10.99
C TYR B 164 8.97 -10.04 10.62
N PRO B 165 8.84 -10.51 9.35
CA PRO B 165 8.50 -9.79 8.11
C PRO B 165 7.00 -9.71 7.74
N GLN B 166 6.08 -10.28 8.56
CA GLN B 166 4.63 -10.19 8.25
C GLN B 166 4.21 -8.72 8.05
N VAL B 167 4.77 -7.82 8.87
CA VAL B 167 4.59 -6.37 8.78
C VAL B 167 5.95 -5.83 8.30
N MET B 168 5.97 -4.92 7.30
CA MET B 168 7.25 -4.38 6.83
C MET B 168 7.73 -3.20 7.70
N ASP B 169 7.76 -3.42 9.01
CA ASP B 169 8.14 -2.44 10.03
C ASP B 169 8.45 -3.19 11.34
N TYR B 170 9.09 -2.51 12.30
CA TYR B 170 9.48 -3.08 13.59
C TYR B 170 8.30 -3.06 14.61
N MET B 171 7.13 -3.58 14.20
CA MET B 171 5.89 -3.58 14.99
C MET B 171 5.99 -4.42 16.28
N GLY B 172 5.98 -3.73 17.42
CA GLY B 172 6.11 -4.34 18.74
C GLY B 172 7.53 -4.72 19.10
N GLY B 173 8.50 -4.17 18.38
CA GLY B 173 9.93 -4.43 18.59
C GLY B 173 10.51 -3.66 19.77
N ASN B 174 11.80 -3.86 20.05
CA ASN B 174 12.49 -3.21 21.16
C ASN B 174 13.77 -2.49 20.74
N ILE B 175 13.88 -2.23 19.42
CA ILE B 175 14.95 -1.46 18.79
C ILE B 175 14.32 -0.25 18.13
N ALA B 176 15.01 0.91 18.15
CA ALA B 176 14.44 2.13 17.59
C ALA B 176 15.51 3.04 16.99
N SER B 177 15.08 3.84 16.01
CA SER B 177 15.93 4.81 15.34
C SER B 177 15.20 6.15 15.33
N LEU B 178 15.93 7.27 15.12
CA LEU B 178 15.29 8.57 14.96
C LEU B 178 14.57 8.58 13.61
N LEU B 179 15.08 7.80 12.62
CA LEU B 179 14.50 7.69 11.28
C LEU B 179 13.45 6.58 11.19
N GLY B 180 12.32 6.92 10.61
CA GLY B 180 11.26 5.94 10.36
C GLY B 180 11.69 4.98 9.26
N ALA B 181 11.06 3.81 9.20
CA ALA B 181 11.36 2.81 8.16
C ALA B 181 11.03 3.38 6.75
N PRO B 182 11.80 3.05 5.67
CA PRO B 182 11.50 3.61 4.34
C PRO B 182 10.09 3.30 3.83
N SER B 183 9.47 2.22 4.35
CA SER B 183 8.10 1.81 4.04
C SER B 183 7.07 2.88 4.45
N ASN B 184 7.45 3.80 5.37
CA ASN B 184 6.60 4.88 5.87
C ASN B 184 6.84 6.26 5.21
N MET B 185 7.77 6.37 4.25
CA MET B 185 8.02 7.64 3.52
C MET B 185 6.77 8.04 2.72
N GLU B 186 6.38 9.31 2.81
CA GLU B 186 5.21 9.83 2.08
C GLU B 186 5.58 10.38 0.70
N GLY B 187 6.88 10.47 0.44
CA GLY B 187 7.43 10.93 -0.84
C GLY B 187 8.84 10.44 -1.07
N LEU B 188 9.35 10.56 -2.30
CA LEU B 188 10.72 10.17 -2.62
C LEU B 188 11.70 11.18 -2.00
N GLY B 189 12.79 10.70 -1.39
CA GLY B 189 13.79 11.54 -0.74
C GLY B 189 13.40 12.15 0.58
N TYR B 190 12.36 11.60 1.24
CA TYR B 190 11.77 12.09 2.50
C TYR B 190 12.29 11.50 3.83
N ALA B 191 13.22 10.53 3.80
CA ALA B 191 13.69 9.84 5.01
C ALA B 191 14.15 10.75 6.17
N LEU B 192 14.92 11.83 5.88
CA LEU B 192 15.38 12.75 6.91
C LEU B 192 14.27 13.67 7.46
N ARG B 193 13.08 13.64 6.82
CA ARG B 193 11.91 14.41 7.27
C ARG B 193 11.07 13.57 8.25
N ASN B 194 11.24 12.23 8.23
CA ASN B 194 10.43 11.38 9.10
C ASN B 194 11.05 11.21 10.49
N ILE B 195 11.06 12.33 11.23
CA ILE B 195 11.56 12.46 12.59
C ILE B 195 10.49 13.20 13.39
N MET B 196 9.97 12.57 14.45
CA MET B 196 8.93 13.16 15.29
C MET B 196 9.41 14.43 16.00
N VAL B 197 8.54 15.47 16.07
CA VAL B 197 8.81 16.73 16.77
C VAL B 197 9.32 16.45 18.22
N ASN B 198 8.62 15.54 18.95
CA ASN B 198 8.98 15.15 20.32
C ASN B 198 10.38 14.53 20.42
N HIS B 199 10.85 13.82 19.36
CA HIS B 199 12.19 13.24 19.31
C HIS B 199 13.25 14.36 19.30
N TYR B 200 13.05 15.44 18.50
CA TYR B 200 13.96 16.59 18.44
C TYR B 200 14.06 17.27 19.80
N VAL B 201 12.90 17.46 20.45
CA VAL B 201 12.76 18.11 21.76
C VAL B 201 13.46 17.28 22.87
N ALA B 202 13.17 15.97 22.95
CA ALA B 202 13.79 15.09 23.96
C ALA B 202 15.30 14.94 23.77
N THR B 203 15.78 14.86 22.51
CA THR B 203 17.22 14.73 22.18
C THR B 203 18.01 15.99 22.62
N THR B 204 17.41 17.19 22.52
CA THR B 204 18.07 18.44 22.90
C THR B 204 17.82 18.86 24.36
N LYS B 205 17.19 17.97 25.15
CA LYS B 205 16.85 18.20 26.57
C LYS B 205 15.96 19.44 26.75
N LYS B 206 15.05 19.67 25.78
CA LYS B 206 14.08 20.77 25.74
C LYS B 206 14.72 22.19 25.69
N ASN B 207 15.98 22.29 25.22
CA ASN B 207 16.62 23.61 25.06
C ASN B 207 16.07 24.17 23.73
N LEU B 208 15.30 25.27 23.82
CA LEU B 208 14.60 25.91 22.71
C LEU B 208 15.44 26.13 21.43
N MET B 209 16.51 26.95 21.49
CA MET B 209 17.33 27.27 20.32
C MET B 209 18.00 26.05 19.69
N ASN B 210 18.38 25.05 20.51
CA ASN B 210 18.98 23.82 20.01
C ASN B 210 17.97 22.91 19.34
N ALA B 211 16.73 22.87 19.85
CA ALA B 211 15.67 22.06 19.24
C ALA B 211 15.31 22.66 17.87
N VAL B 212 15.29 24.00 17.77
CA VAL B 212 15.03 24.75 16.52
C VAL B 212 16.14 24.42 15.51
N ALA B 213 17.43 24.51 15.95
CA ALA B 213 18.59 24.24 15.12
C ALA B 213 18.61 22.79 14.61
N PHE B 214 18.37 21.80 15.49
CA PHE B 214 18.35 20.40 15.09
C PHE B 214 17.31 20.15 13.99
N ALA B 215 16.07 20.67 14.18
CA ALA B 215 14.97 20.51 13.23
C ALA B 215 15.25 21.22 11.90
N SER B 216 15.81 22.45 11.95
CA SER B 216 16.13 23.19 10.73
C SER B 216 17.25 22.51 9.94
N ILE B 217 18.30 22.03 10.63
CA ILE B 217 19.41 21.31 9.98
C ILE B 217 18.89 20.10 9.21
N MET B 218 18.11 19.23 9.87
CA MET B 218 17.61 17.99 9.25
C MET B 218 16.62 18.26 8.11
N GLU B 219 15.70 19.20 8.31
CA GLU B 219 14.71 19.58 7.30
C GLU B 219 15.38 20.18 6.05
N GLN B 220 16.30 21.15 6.25
CA GLN B 220 16.98 21.79 5.12
C GLN B 220 17.94 20.83 4.41
N THR B 221 18.57 19.87 5.13
CA THR B 221 19.40 18.83 4.52
C THR B 221 18.50 17.91 3.66
N ALA B 222 17.28 17.61 4.15
CA ALA B 222 16.31 16.81 3.40
C ALA B 222 15.94 17.53 2.08
N MET B 223 15.89 18.88 2.09
CA MET B 223 15.56 19.67 0.88
C MET B 223 16.58 19.46 -0.24
N PHE B 224 17.86 19.21 0.11
CA PHE B 224 18.92 18.88 -0.85
C PHE B 224 18.67 17.47 -1.42
N GLU B 225 18.34 16.51 -0.54
CA GLU B 225 18.06 15.11 -0.93
C GLU B 225 16.84 15.05 -1.88
N MET B 226 15.82 15.86 -1.61
CA MET B 226 14.57 15.91 -2.39
C MET B 226 14.72 16.59 -3.75
N GLY B 227 15.77 17.38 -3.92
CA GLY B 227 16.00 18.16 -5.13
C GLY B 227 15.34 19.53 -5.08
N ASP B 228 14.83 19.93 -3.90
CA ASP B 228 14.23 21.24 -3.71
C ASP B 228 15.28 22.35 -3.59
N ALA B 229 16.43 22.06 -2.96
CA ALA B 229 17.51 23.03 -2.77
C ALA B 229 18.58 22.89 -3.89
N ILE B 230 18.12 22.94 -5.15
CA ILE B 230 18.94 22.76 -6.36
C ILE B 230 18.82 24.00 -7.26
N GLY B 231 19.92 24.36 -7.93
CA GLY B 231 20.00 25.47 -8.88
C GLY B 231 19.54 26.79 -8.31
N SER B 232 18.55 27.42 -8.97
CA SER B 232 17.99 28.72 -8.57
C SER B 232 17.30 28.73 -7.19
N PHE B 233 16.93 27.55 -6.66
CA PHE B 233 16.25 27.42 -5.37
C PHE B 233 17.22 27.22 -4.19
N GLU B 234 18.49 26.85 -4.46
CA GLU B 234 19.49 26.57 -3.43
C GLU B 234 19.66 27.70 -2.40
N ARG B 235 19.89 28.95 -2.87
CA ARG B 235 20.11 30.12 -2.02
C ARG B 235 18.96 30.34 -1.01
N MET B 236 17.69 30.16 -1.46
CA MET B 236 16.51 30.27 -0.59
C MET B 236 16.63 29.33 0.61
N HIS B 237 17.02 28.05 0.36
CA HIS B 237 17.14 27.06 1.43
C HIS B 237 18.35 27.32 2.34
N LEU B 238 19.46 27.83 1.78
CA LEU B 238 20.66 28.18 2.58
C LEU B 238 20.37 29.35 3.52
N LEU B 239 19.71 30.40 3.01
CA LEU B 239 19.35 31.57 3.83
C LEU B 239 18.32 31.19 4.88
N GLY B 240 17.42 30.27 4.54
CA GLY B 240 16.41 29.71 5.44
C GLY B 240 17.08 29.05 6.62
N LEU B 241 18.05 28.15 6.35
CA LEU B 241 18.81 27.46 7.39
C LEU B 241 19.55 28.47 8.28
N ALA B 242 20.33 29.38 7.67
CA ALA B 242 21.11 30.38 8.38
C ALA B 242 20.30 31.27 9.33
N TYR B 243 19.21 31.88 8.82
CA TYR B 243 18.39 32.84 9.57
C TYR B 243 17.31 32.23 10.45
N GLN B 244 16.56 31.23 9.95
CA GLN B 244 15.53 30.62 10.78
C GLN B 244 16.11 29.61 11.79
N GLY B 245 17.04 28.77 11.33
CA GLY B 245 17.56 27.70 12.17
C GLY B 245 18.81 27.94 12.96
N LEU B 246 19.70 28.85 12.52
CA LEU B 246 20.98 29.02 13.19
C LEU B 246 21.22 30.42 13.76
N ASN B 247 20.14 31.19 14.01
CA ASN B 247 20.20 32.53 14.62
C ASN B 247 21.23 33.48 13.97
N SER B 248 21.39 33.43 12.62
CA SER B 248 22.35 34.31 11.93
C SER B 248 21.99 35.78 12.12
N ASP B 249 23.03 36.63 12.34
CA ASP B 249 22.92 38.07 12.60
C ASP B 249 22.11 38.35 13.89
N ASN B 250 21.89 37.29 14.73
CA ASN B 250 21.10 37.32 15.97
C ASN B 250 19.66 37.77 15.71
N LEU B 251 19.17 37.60 14.45
CA LEU B 251 17.85 38.03 14.03
C LEU B 251 16.73 37.43 14.88
N VAL B 252 16.73 36.10 15.11
CA VAL B 252 15.70 35.45 15.94
C VAL B 252 15.67 36.05 17.36
N ILE B 253 16.83 36.05 18.07
CA ILE B 253 16.92 36.57 19.44
C ILE B 253 16.58 38.08 19.52
N ASP B 254 17.04 38.90 18.55
CA ASP B 254 16.75 40.34 18.49
C ASP B 254 15.24 40.61 18.43
N LEU B 255 14.50 39.85 17.60
CA LEU B 255 13.05 40.03 17.48
C LEU B 255 12.31 39.60 18.76
N VAL B 256 12.80 38.55 19.45
CA VAL B 256 12.23 38.06 20.71
C VAL B 256 12.41 39.12 21.82
N LYS B 257 13.64 39.65 21.97
CA LYS B 257 14.02 40.68 22.95
C LYS B 257 13.15 41.94 22.87
N ALA B 258 12.90 42.41 21.64
CA ALA B 258 12.10 43.59 21.35
C ALA B 258 10.61 43.37 21.61
N ASN B 259 10.19 42.10 21.78
CA ASN B 259 8.79 41.73 21.97
C ASN B 259 8.57 40.82 23.19
N SER B 260 9.40 40.98 24.25
CA SER B 260 9.34 40.19 25.50
C SER B 260 7.97 40.25 26.18
N LYS B 261 7.26 41.38 26.03
CA LYS B 261 5.91 41.61 26.55
C LYS B 261 4.97 41.98 25.36
N GLY B 262 5.31 41.46 24.19
CA GLY B 262 4.57 41.73 22.96
C GLY B 262 3.58 40.69 22.51
N THR B 263 3.08 40.85 21.29
CA THR B 263 2.09 40.00 20.63
C THR B 263 2.63 39.56 19.26
N VAL B 264 1.89 38.68 18.56
CA VAL B 264 2.26 38.23 17.20
C VAL B 264 2.29 39.46 16.26
N GLY B 265 1.34 40.38 16.45
CA GLY B 265 1.25 41.62 15.68
C GLY B 265 2.46 42.51 15.84
N THR B 266 2.95 42.70 17.10
CA THR B 266 4.12 43.54 17.36
C THR B 266 5.39 42.87 16.80
N VAL B 267 5.43 41.52 16.74
CA VAL B 267 6.56 40.78 16.14
C VAL B 267 6.59 41.10 14.62
N VAL B 268 5.40 41.08 13.95
CA VAL B 268 5.26 41.42 12.53
C VAL B 268 5.84 42.81 12.26
N ALA B 269 5.44 43.81 13.08
CA ALA B 269 5.95 45.19 12.97
C ALA B 269 7.47 45.26 13.08
N SER B 270 8.06 44.49 14.02
CA SER B 270 9.53 44.42 14.23
C SER B 270 10.24 43.81 13.01
N VAL B 271 9.63 42.79 12.37
CA VAL B 271 10.19 42.10 11.19
C VAL B 271 10.27 43.08 10.01
N VAL B 272 9.16 43.80 9.72
CA VAL B 272 9.08 44.78 8.63
C VAL B 272 10.12 45.90 8.86
N GLU B 273 10.21 46.41 10.11
CA GLU B 273 11.16 47.46 10.52
C GLU B 273 12.60 47.01 10.26
N ARG B 274 12.96 45.79 10.68
CA ARG B 274 14.29 45.20 10.50
C ARG B 274 14.62 44.92 9.03
N ALA B 275 13.65 44.41 8.22
CA ALA B 275 13.86 44.14 6.80
C ALA B 275 14.14 45.45 6.02
N LEU B 276 13.43 46.54 6.39
CA LEU B 276 13.62 47.87 5.79
C LEU B 276 15.00 48.42 6.16
N GLU B 277 15.38 48.29 7.45
CA GLU B 277 16.68 48.74 8.00
C GLU B 277 17.84 48.03 7.27
N ASP B 278 17.70 46.69 7.00
CA ASP B 278 18.72 45.88 6.33
C ASP B 278 18.63 45.91 4.78
N LYS B 279 17.69 46.72 4.24
CA LYS B 279 17.44 46.95 2.79
C LYS B 279 17.05 45.66 2.03
N VAL B 280 16.35 44.78 2.73
CA VAL B 280 15.87 43.48 2.19
C VAL B 280 14.55 43.71 1.42
N ILE B 281 13.77 44.72 1.84
CA ILE B 281 12.52 45.13 1.21
C ILE B 281 12.57 46.64 0.95
N VAL B 282 11.79 47.12 -0.05
CA VAL B 282 11.71 48.53 -0.44
C VAL B 282 10.24 48.90 -0.65
N GLU B 283 9.89 50.18 -0.54
CA GLU B 283 8.49 50.52 -0.82
C GLU B 283 8.22 50.53 -2.33
N ASP B 284 7.04 50.07 -2.72
CA ASP B 284 6.63 50.01 -4.13
C ASP B 284 5.83 51.28 -4.47
N LYS B 285 4.65 51.45 -3.84
CA LYS B 285 3.78 52.60 -4.04
C LYS B 285 2.73 52.72 -2.92
N SER B 286 2.15 53.91 -2.77
CA SER B 286 1.09 54.18 -1.80
C SER B 286 -0.23 54.26 -2.56
N LEU B 287 -1.27 53.65 -2.00
CA LEU B 287 -2.60 53.60 -2.60
C LEU B 287 -3.50 54.73 -2.05
N GLU B 288 -4.78 54.78 -2.46
CA GLU B 288 -5.75 55.83 -2.09
C GLU B 288 -5.77 56.19 -0.58
N SER B 289 -5.88 55.19 0.32
CA SER B 289 -5.93 55.41 1.77
C SER B 289 -4.60 55.85 2.39
N GLY B 290 -3.51 55.68 1.64
CA GLY B 290 -2.15 55.95 2.10
C GLY B 290 -1.38 54.67 2.36
N PHE B 291 -2.06 53.50 2.30
CA PHE B 291 -1.42 52.19 2.51
C PHE B 291 -0.30 52.01 1.49
N THR B 292 0.89 51.64 1.95
CA THR B 292 2.06 51.47 1.10
C THR B 292 2.38 49.99 0.88
N MET B 293 2.38 49.57 -0.39
CA MET B 293 2.75 48.21 -0.76
C MET B 293 4.28 48.14 -0.78
N TYR B 294 4.85 47.01 -0.35
CA TYR B 294 6.29 46.81 -0.34
C TYR B 294 6.64 45.69 -1.30
N LYS B 295 7.89 45.71 -1.79
CA LYS B 295 8.37 44.65 -2.66
C LYS B 295 9.78 44.20 -2.22
N PRO B 296 10.16 42.93 -2.41
CA PRO B 296 11.51 42.49 -1.99
C PRO B 296 12.60 43.12 -2.87
N ALA B 297 13.75 43.43 -2.27
CA ALA B 297 14.92 43.92 -3.00
C ALA B 297 15.76 42.66 -3.29
N ASP B 298 15.47 41.57 -2.52
CA ASP B 298 16.09 40.25 -2.61
C ASP B 298 15.00 39.26 -2.18
N VAL B 299 14.43 38.55 -3.16
CA VAL B 299 13.34 37.58 -2.99
C VAL B 299 13.66 36.50 -1.93
N ALA B 300 14.81 35.79 -2.07
CA ALA B 300 15.20 34.71 -1.15
C ALA B 300 15.55 35.22 0.23
N LYS B 301 16.17 36.42 0.32
CA LYS B 301 16.54 36.99 1.62
C LYS B 301 15.30 37.48 2.37
N TRP B 302 14.30 38.06 1.66
CA TRP B 302 13.05 38.46 2.33
C TRP B 302 12.35 37.21 2.92
N ASN B 303 12.33 36.12 2.14
CA ASN B 303 11.75 34.85 2.60
C ASN B 303 12.41 34.36 3.91
N ALA B 304 13.76 34.46 4.01
CA ALA B 304 14.53 34.06 5.20
C ALA B 304 14.20 34.94 6.43
N TYR B 305 14.04 36.27 6.21
CA TYR B 305 13.69 37.23 7.27
C TYR B 305 12.28 36.94 7.79
N ALA B 306 11.33 36.65 6.89
CA ALA B 306 9.96 36.28 7.26
C ALA B 306 10.00 34.97 8.08
N ALA B 307 10.86 34.00 7.67
CA ALA B 307 11.02 32.71 8.35
C ALA B 307 11.60 32.87 9.77
N ALA B 308 12.55 33.80 9.96
CA ALA B 308 13.14 34.06 11.29
C ALA B 308 12.10 34.70 12.20
N GLY B 309 11.31 35.64 11.65
CA GLY B 309 10.22 36.30 12.36
C GLY B 309 9.15 35.33 12.82
N LEU B 310 8.92 34.28 12.03
CA LEU B 310 7.95 33.21 12.33
C LEU B 310 8.37 32.45 13.61
N VAL B 311 9.67 32.08 13.72
CA VAL B 311 10.20 31.42 14.92
C VAL B 311 10.05 32.36 16.14
N ALA B 312 10.41 33.65 15.97
CA ALA B 312 10.27 34.67 17.03
C ALA B 312 8.80 34.84 17.47
N ALA B 313 7.84 34.78 16.52
CA ALA B 313 6.40 34.90 16.83
C ALA B 313 5.92 33.72 17.70
N VAL B 314 6.40 32.51 17.41
CA VAL B 314 6.08 31.29 18.16
C VAL B 314 6.64 31.39 19.59
N ILE B 315 7.91 31.83 19.73
CA ILE B 315 8.58 32.02 21.05
C ILE B 315 7.78 33.03 21.90
N VAL B 316 7.40 34.18 21.31
CA VAL B 316 6.65 35.24 22.00
C VAL B 316 5.24 34.79 22.40
N ASN B 317 4.44 34.21 21.48
CA ASN B 317 3.07 33.81 21.76
C ASN B 317 2.95 32.52 22.58
N CYS B 318 3.67 31.43 22.20
CA CYS B 318 3.66 30.18 22.95
C CYS B 318 4.36 30.35 24.30
N GLY B 319 5.33 31.26 24.38
CA GLY B 319 6.06 31.59 25.61
C GLY B 319 5.20 32.36 26.59
N ALA B 320 4.32 33.26 26.09
CA ALA B 320 3.40 34.03 26.93
C ALA B 320 2.36 33.09 27.55
N ALA B 321 1.92 32.06 26.80
CA ALA B 321 0.94 31.09 27.27
C ALA B 321 1.54 29.87 28.00
N ARG B 322 2.85 29.58 27.74
CA ARG B 322 3.58 28.40 28.21
C ARG B 322 2.80 27.14 27.83
N ALA B 323 2.18 27.18 26.63
CA ALA B 323 1.35 26.12 26.08
C ALA B 323 1.64 25.96 24.59
N ALA B 324 1.97 24.72 24.18
CA ALA B 324 2.31 24.38 22.80
C ALA B 324 1.14 24.41 21.82
N GLN B 325 -0.13 24.14 22.25
CA GLN B 325 -1.29 24.13 21.34
C GLN B 325 -1.44 25.39 20.47
N ASN B 326 -1.00 26.56 20.98
CA ASN B 326 -1.05 27.87 20.31
C ASN B 326 -0.22 27.96 19.04
N VAL B 327 0.77 27.06 18.86
CA VAL B 327 1.71 27.10 17.73
C VAL B 327 1.02 27.11 16.35
N ALA B 328 0.02 26.24 16.12
CA ALA B 328 -0.63 26.17 14.80
C ALA B 328 -1.29 27.51 14.42
N SER B 329 -2.02 28.10 15.38
CA SER B 329 -2.68 29.40 15.24
C SER B 329 -1.63 30.51 15.03
N THR B 330 -0.50 30.46 15.77
CA THR B 330 0.59 31.45 15.64
C THR B 330 1.21 31.42 14.24
N ILE B 331 1.55 30.23 13.70
CA ILE B 331 2.14 30.10 12.36
C ILE B 331 1.18 30.66 11.30
N LEU B 332 -0.12 30.34 11.41
CA LEU B 332 -1.14 30.80 10.48
C LEU B 332 -1.24 32.34 10.47
N TYR B 333 -1.53 32.95 11.64
CA TYR B 333 -1.81 34.37 11.72
C TYR B 333 -0.57 35.27 11.70
N TYR B 334 0.64 34.76 12.00
CA TYR B 334 1.83 35.58 11.82
C TYR B 334 1.97 35.90 10.33
N ASN B 335 1.80 34.87 9.47
CA ASN B 335 1.93 34.99 8.01
C ASN B 335 0.78 35.77 7.40
N ASP B 336 -0.45 35.54 7.90
CA ASP B 336 -1.65 36.24 7.42
C ASP B 336 -1.55 37.76 7.71
N ILE B 337 -1.16 38.14 8.94
CA ILE B 337 -0.98 39.54 9.36
C ILE B 337 0.16 40.18 8.56
N LEU B 338 1.29 39.48 8.41
CA LEU B 338 2.47 39.97 7.67
C LEU B 338 2.12 40.38 6.23
N GLU B 339 1.34 39.53 5.53
CA GLU B 339 0.93 39.80 4.15
C GLU B 339 0.02 41.01 4.03
N TYR B 340 -0.96 41.16 4.94
CA TYR B 340 -1.90 42.27 4.84
C TYR B 340 -1.37 43.57 5.48
N GLU B 341 -0.19 43.50 6.13
CA GLU B 341 0.49 44.67 6.68
C GLU B 341 1.35 45.31 5.57
N THR B 342 1.75 44.52 4.55
CA THR B 342 2.74 44.96 3.55
C THR B 342 2.46 44.72 2.06
N GLY B 343 1.68 43.69 1.73
CA GLY B 343 1.47 43.28 0.35
C GLY B 343 2.60 42.39 -0.14
N LEU B 344 3.48 41.96 0.79
CA LEU B 344 4.60 41.05 0.52
C LEU B 344 4.15 39.59 0.67
N PRO B 345 4.79 38.61 -0.02
CA PRO B 345 4.41 37.20 0.20
C PRO B 345 4.96 36.73 1.57
N GLY B 346 4.19 35.90 2.26
CA GLY B 346 4.57 35.37 3.57
C GLY B 346 5.63 34.28 3.48
N THR B 347 5.99 33.66 4.63
CA THR B 347 7.01 32.60 4.72
C THR B 347 6.72 31.46 3.76
N ASP B 348 7.71 31.09 2.94
CA ASP B 348 7.63 29.99 1.97
C ASP B 348 6.48 30.20 0.96
N PHE B 349 6.23 31.48 0.60
CA PHE B 349 5.25 31.91 -0.39
C PHE B 349 3.82 31.38 -0.15
N GLY B 350 3.39 31.35 1.12
CA GLY B 350 2.06 30.88 1.53
C GLY B 350 2.01 29.45 2.05
N ARG B 351 3.09 28.66 1.82
CA ARG B 351 3.10 27.25 2.22
C ARG B 351 3.20 27.05 3.73
N ALA B 352 3.80 28.01 4.48
CA ALA B 352 3.88 27.91 5.94
C ALA B 352 2.48 28.17 6.50
N GLU B 353 1.77 29.17 5.94
CA GLU B 353 0.41 29.50 6.35
C GLU B 353 -0.53 28.32 6.05
N GLY B 354 -0.40 27.73 4.86
CA GLY B 354 -1.15 26.56 4.42
C GLY B 354 -0.96 25.37 5.33
N THR B 355 0.31 25.07 5.68
CA THR B 355 0.65 23.97 6.60
C THR B 355 -0.07 24.21 7.94
N ALA B 356 -0.03 25.45 8.45
CA ALA B 356 -0.66 25.85 9.71
C ALA B 356 -2.18 25.69 9.71
N VAL B 357 -2.85 25.86 8.53
CA VAL B 357 -4.30 25.70 8.38
C VAL B 357 -4.67 24.23 8.66
N GLY B 358 -4.06 23.31 7.92
CA GLY B 358 -4.27 21.86 8.07
C GLY B 358 -3.84 21.38 9.44
N PHE B 359 -2.71 21.91 9.94
CA PHE B 359 -2.16 21.61 11.27
C PHE B 359 -3.13 22.05 12.38
N SER B 360 -3.74 23.26 12.28
CA SER B 360 -4.74 23.73 13.24
C SER B 360 -5.92 22.76 13.29
N PHE B 361 -6.47 22.45 12.11
CA PHE B 361 -7.59 21.53 11.93
C PHE B 361 -7.29 20.14 12.48
N PHE B 362 -6.14 19.56 12.09
CA PHE B 362 -5.74 18.22 12.53
C PHE B 362 -5.13 18.19 13.95
N SER B 363 -5.22 19.31 14.70
CA SER B 363 -4.81 19.38 16.12
C SER B 363 -5.98 19.91 16.99
N HIS B 364 -7.22 19.95 16.42
CA HIS B 364 -8.46 20.42 17.08
C HIS B 364 -9.74 19.71 16.51
N SER B 365 -9.61 18.58 15.76
CA SER B 365 -10.80 17.91 15.17
C SER B 365 -10.82 16.37 15.35
N ILE B 366 -11.89 15.72 14.84
CA ILE B 366 -12.11 14.27 14.93
C ILE B 366 -11.38 13.41 13.87
N TYR B 367 -10.96 14.02 12.73
CA TYR B 367 -10.49 13.36 11.52
C TYR B 367 -9.08 12.75 11.52
N GLY B 368 -8.17 13.28 12.32
CA GLY B 368 -6.81 12.76 12.38
C GLY B 368 -5.88 13.63 13.18
N GLY B 369 -4.58 13.46 12.93
CA GLY B 369 -3.52 14.21 13.60
C GLY B 369 -3.33 13.80 15.05
N GLY B 370 -3.25 14.80 15.92
CA GLY B 370 -3.01 14.69 17.37
C GLY B 370 -2.42 15.98 17.91
N GLY B 371 -1.70 15.89 19.04
CA GLY B 371 -1.01 17.03 19.66
C GLY B 371 0.20 17.49 18.84
N PRO B 372 0.74 18.73 19.05
CA PRO B 372 1.85 19.20 18.20
C PRO B 372 3.10 18.32 18.12
N GLY B 373 3.44 17.65 19.22
CA GLY B 373 4.64 16.82 19.29
C GLY B 373 4.70 15.54 18.48
N ILE B 374 3.54 15.06 17.96
CA ILE B 374 3.54 13.80 17.19
C ILE B 374 3.74 14.05 15.67
N PHE B 375 3.78 15.31 15.22
CA PHE B 375 3.94 15.64 13.80
C PHE B 375 5.39 15.52 13.35
N THR B 376 5.59 15.37 12.03
CA THR B 376 6.93 15.24 11.41
C THR B 376 6.89 15.99 10.08
N GLY B 377 8.06 16.19 9.48
CA GLY B 377 8.16 16.80 8.16
C GLY B 377 7.67 15.88 7.06
N ASN B 378 7.51 14.57 7.38
CA ASN B 378 7.04 13.53 6.46
C ASN B 378 5.52 13.33 6.52
N HIS B 379 4.89 13.72 7.65
CA HIS B 379 3.45 13.60 7.91
C HIS B 379 2.59 14.23 6.80
N VAL B 380 1.49 13.55 6.42
CA VAL B 380 0.54 14.00 5.40
C VAL B 380 0.05 15.45 5.67
N VAL B 381 -0.09 15.83 6.95
CA VAL B 381 -0.59 17.15 7.35
C VAL B 381 0.48 18.25 7.33
N THR B 382 1.73 17.94 7.72
CA THR B 382 2.76 18.97 7.91
C THR B 382 3.99 18.90 6.97
N ARG B 383 3.87 18.23 5.82
CA ARG B 383 4.96 18.13 4.83
C ARG B 383 5.06 19.31 3.84
N HIS B 384 3.97 20.11 3.71
CA HIS B 384 3.74 21.10 2.68
C HIS B 384 4.76 22.25 2.67
N SER B 385 5.18 22.74 3.86
CA SER B 385 6.19 23.80 3.89
C SER B 385 7.56 23.12 3.73
N LYS B 386 8.44 23.71 2.93
CA LYS B 386 9.73 23.07 2.61
C LYS B 386 10.84 23.42 3.62
N GLY B 387 10.62 22.96 4.85
CA GLY B 387 11.55 23.11 5.97
C GLY B 387 11.33 24.28 6.91
N PHE B 388 10.28 25.10 6.65
CA PHE B 388 10.03 26.34 7.41
C PHE B 388 8.95 26.23 8.53
N ALA B 389 8.21 25.10 8.61
CA ALA B 389 7.16 24.95 9.64
C ALA B 389 7.54 24.07 10.85
N ILE B 390 8.28 22.97 10.64
CA ILE B 390 8.69 22.05 11.70
C ILE B 390 9.62 22.74 12.77
N PRO B 391 10.69 23.52 12.42
CA PRO B 391 11.48 24.17 13.48
C PRO B 391 10.64 25.01 14.46
N PRO B 392 9.69 25.92 14.03
CA PRO B 392 8.84 26.61 15.02
C PRO B 392 8.04 25.68 15.96
N VAL B 393 7.56 24.51 15.48
CA VAL B 393 6.80 23.56 16.30
C VAL B 393 7.67 23.03 17.45
N CYS B 394 8.96 22.76 17.16
CA CYS B 394 9.93 22.31 18.16
C CYS B 394 10.11 23.37 19.27
N ALA B 395 10.14 24.68 18.90
CA ALA B 395 10.26 25.80 19.84
C ALA B 395 9.07 25.85 20.81
N ALA B 396 7.85 25.62 20.28
CA ALA B 396 6.61 25.63 21.07
C ALA B 396 6.61 24.52 22.12
N MET B 397 7.06 23.31 21.75
CA MET B 397 7.15 22.16 22.65
C MET B 397 8.15 22.38 23.79
N CYS B 398 9.18 23.23 23.58
CA CYS B 398 10.16 23.58 24.60
C CYS B 398 9.60 24.60 25.58
N ALA B 399 8.63 25.42 25.14
CA ALA B 399 7.97 26.43 25.97
C ALA B 399 6.81 25.85 26.79
N ASP B 400 6.29 24.66 26.41
CA ASP B 400 5.18 23.99 27.08
C ASP B 400 5.56 23.57 28.51
N ALA B 401 4.78 24.06 29.51
CA ALA B 401 5.00 23.83 30.93
C ALA B 401 4.32 22.57 31.50
N GLY B 402 3.65 21.79 30.64
CA GLY B 402 3.01 20.54 31.02
C GLY B 402 1.51 20.51 30.77
N THR B 403 1.08 20.91 29.55
CA THR B 403 -0.33 20.95 29.19
C THR B 403 -0.70 19.81 28.21
N GLN B 404 0.31 19.07 27.72
CA GLN B 404 0.13 18.03 26.71
C GLN B 404 0.13 16.61 27.24
N MET B 405 -0.80 15.76 26.72
CA MET B 405 -0.86 14.34 27.09
C MET B 405 0.26 13.62 26.33
N PHE B 406 0.30 13.76 24.99
CA PHE B 406 1.32 13.15 24.14
C PHE B 406 2.56 14.04 24.07
N SER B 407 3.19 14.19 25.25
CA SER B 407 4.39 14.97 25.51
C SER B 407 5.66 14.17 25.12
N PRO B 408 6.88 14.77 25.10
CA PRO B 408 8.09 13.99 24.75
C PRO B 408 8.46 12.94 25.80
N GLU B 409 7.98 13.12 27.05
CA GLU B 409 8.20 12.17 28.14
C GLU B 409 7.38 10.90 27.90
N LYS B 410 6.20 11.01 27.25
CA LYS B 410 5.35 9.88 26.91
C LYS B 410 5.78 9.14 25.63
N THR B 411 6.12 9.89 24.57
CA THR B 411 6.44 9.33 23.25
C THR B 411 7.92 9.05 22.97
N SER B 412 8.86 9.82 23.57
CA SER B 412 10.28 9.75 23.18
C SER B 412 11.32 9.53 24.30
N ALA B 413 10.98 8.76 25.35
CA ALA B 413 11.92 8.49 26.44
C ALA B 413 13.14 7.68 25.98
N LEU B 414 12.94 6.61 25.19
CA LEU B 414 14.03 5.75 24.69
C LEU B 414 14.98 6.48 23.71
N VAL B 415 14.45 7.04 22.60
CA VAL B 415 15.28 7.76 21.61
C VAL B 415 15.93 8.99 22.23
N GLY B 416 15.20 9.68 23.12
CA GLY B 416 15.68 10.88 23.81
C GLY B 416 16.95 10.62 24.61
N ALA B 417 16.93 9.58 25.47
CA ALA B 417 18.06 9.18 26.32
C ALA B 417 19.30 8.73 25.51
N VAL B 418 19.07 7.98 24.42
CA VAL B 418 20.14 7.45 23.56
C VAL B 418 20.80 8.54 22.71
N TYR B 419 20.01 9.29 21.93
CA TYR B 419 20.57 10.29 21.01
C TYR B 419 21.11 11.53 21.69
N SER B 420 20.69 11.84 22.94
CA SER B 420 21.22 12.98 23.70
C SER B 420 22.68 12.75 24.15
N ALA B 421 23.17 11.50 24.07
CA ALA B 421 24.56 11.14 24.41
C ALA B 421 25.55 11.60 23.31
N ILE B 422 25.04 11.93 22.10
CA ILE B 422 25.86 12.42 20.98
C ILE B 422 25.81 13.95 20.99
N ASP B 423 26.98 14.58 21.17
CA ASP B 423 27.17 16.03 21.29
C ASP B 423 26.53 16.88 20.19
N GLU B 424 26.73 16.51 18.89
CA GLU B 424 26.15 17.25 17.75
C GLU B 424 24.63 17.18 17.70
N PHE B 425 24.01 16.16 18.36
CA PHE B 425 22.56 16.01 18.40
C PHE B 425 21.95 16.80 19.59
N ARG B 426 22.64 16.78 20.74
CA ARG B 426 22.21 17.48 21.96
C ARG B 426 22.37 18.99 21.84
N GLU B 427 23.51 19.47 21.31
CA GLU B 427 23.79 20.91 21.14
C GLU B 427 24.20 21.23 19.68
N PRO B 428 23.28 21.08 18.68
CA PRO B 428 23.69 21.30 17.27
C PRO B 428 24.19 22.68 16.92
N LEU B 429 23.58 23.75 17.48
CA LEU B 429 23.98 25.12 17.17
C LEU B 429 25.46 25.38 17.44
N LYS B 430 25.95 25.02 18.64
CA LYS B 430 27.36 25.15 19.03
C LYS B 430 28.30 24.45 18.03
N TYR B 431 28.02 23.18 17.69
CA TYR B 431 28.89 22.38 16.83
C TYR B 431 28.80 22.74 15.33
N VAL B 432 27.62 23.21 14.85
CA VAL B 432 27.52 23.68 13.44
C VAL B 432 28.34 24.99 13.28
N ILE B 433 28.31 25.87 14.30
CA ILE B 433 29.08 27.12 14.33
C ILE B 433 30.58 26.77 14.28
N GLU B 434 31.01 25.77 15.08
CA GLU B 434 32.40 25.29 15.11
C GLU B 434 32.80 24.78 13.72
N GLY B 435 31.91 24.03 13.08
CA GLY B 435 32.11 23.48 11.73
C GLY B 435 32.26 24.57 10.67
N ALA B 436 31.41 25.63 10.74
CA ALA B 436 31.46 26.76 9.81
C ALA B 436 32.79 27.49 9.90
N LEU B 437 33.32 27.72 11.13
CA LEU B 437 34.61 28.39 11.34
C LEU B 437 35.77 27.55 10.82
N GLU B 438 35.64 26.21 10.90
CA GLU B 438 36.65 25.26 10.41
C GLU B 438 36.77 25.30 8.87
N VAL B 439 35.63 25.38 8.13
CA VAL B 439 35.65 25.34 6.65
C VAL B 439 35.55 26.71 5.93
N LYS B 440 35.24 27.81 6.65
CA LYS B 440 35.01 29.17 6.09
C LYS B 440 36.04 29.61 5.02
N ASP B 441 37.33 29.30 5.20
CA ASP B 441 38.39 29.71 4.26
C ASP B 441 38.74 28.64 3.21
N LYS B 442 38.08 27.47 3.26
CA LYS B 442 38.33 26.35 2.34
C LYS B 442 37.39 26.37 1.12
N ILE B 443 36.30 27.16 1.18
CA ILE B 443 35.36 27.29 0.05
C ILE B 443 35.86 28.39 -0.87
N ALA C 2 12.22 52.75 14.56
CA ALA C 2 10.78 52.97 14.63
C ALA C 2 10.07 52.62 13.33
N TYR C 3 8.85 52.11 13.44
CA TYR C 3 8.02 51.73 12.31
C TYR C 3 6.58 52.05 12.66
N LYS C 4 5.84 52.70 11.75
CA LYS C 4 4.44 53.02 11.99
C LYS C 4 3.55 51.96 11.29
N PRO C 5 2.93 51.03 12.05
CA PRO C 5 2.10 49.99 11.38
C PRO C 5 0.89 50.55 10.63
N GLN C 6 0.55 49.89 9.50
CA GLN C 6 -0.59 50.32 8.67
C GLN C 6 -1.81 49.39 8.78
N PHE C 7 -1.59 48.19 9.35
CA PHE C 7 -2.55 47.15 9.72
C PHE C 7 -3.29 46.44 8.57
N TYR C 8 -3.97 47.19 7.69
CA TYR C 8 -4.81 46.56 6.66
C TYR C 8 -5.08 47.50 5.46
N PRO C 9 -5.10 47.00 4.19
CA PRO C 9 -5.36 47.90 3.05
C PRO C 9 -6.84 48.09 2.73
N GLY C 10 -7.16 49.16 2.01
CA GLY C 10 -8.54 49.42 1.59
C GLY C 10 -8.95 50.85 1.77
N ALA C 11 -9.79 51.35 0.86
CA ALA C 11 -10.23 52.75 0.87
C ALA C 11 -11.70 52.96 1.29
N THR C 12 -12.42 51.89 1.67
CA THR C 12 -13.82 51.98 2.11
C THR C 12 -13.91 52.01 3.63
N LYS C 13 -15.13 52.25 4.18
CA LYS C 13 -15.34 52.26 5.63
C LYS C 13 -15.15 50.86 6.25
N ILE C 14 -15.39 49.77 5.46
CA ILE C 14 -15.21 48.39 5.93
C ILE C 14 -13.73 48.14 6.24
N ALA C 15 -12.85 48.57 5.32
CA ALA C 15 -11.39 48.45 5.49
C ALA C 15 -10.90 49.29 6.69
N GLN C 16 -11.53 50.48 6.95
CA GLN C 16 -11.19 51.32 8.10
C GLN C 16 -11.63 50.64 9.40
N ASN C 17 -12.84 50.02 9.41
CA ASN C 17 -13.33 49.26 10.58
C ASN C 17 -12.40 48.07 10.89
N ARG C 18 -11.83 47.43 9.84
CA ARG C 18 -10.87 46.33 10.00
C ARG C 18 -9.56 46.85 10.61
N ARG C 19 -9.09 48.04 10.14
CA ARG C 19 -7.88 48.69 10.66
C ARG C 19 -8.06 49.06 12.14
N ASP C 20 -9.23 49.64 12.51
CA ASP C 20 -9.55 50.05 13.89
C ASP C 20 -9.48 48.85 14.85
N HIS C 21 -10.03 47.68 14.43
CA HIS C 21 -10.00 46.45 15.24
C HIS C 21 -8.56 45.95 15.48
N LEU C 22 -7.70 46.00 14.46
CA LEU C 22 -6.31 45.54 14.59
C LEU C 22 -5.46 46.49 15.43
N ASN C 23 -5.72 47.81 15.32
CA ASN C 23 -4.98 48.87 15.99
C ASN C 23 -5.09 48.79 17.53
N PRO C 24 -4.00 48.44 18.26
CA PRO C 24 -4.07 48.39 19.73
C PRO C 24 -4.32 49.75 20.39
N ASP C 25 -4.01 50.85 19.67
CA ASP C 25 -4.21 52.21 20.14
C ASP C 25 -5.65 52.73 19.93
N PHE C 26 -6.45 52.02 19.12
CA PHE C 26 -7.85 52.40 18.88
C PHE C 26 -8.69 51.85 20.03
N GLU C 27 -9.32 52.76 20.82
CA GLU C 27 -10.14 52.34 21.95
C GLU C 27 -11.53 51.95 21.46
N LEU C 28 -11.94 50.70 21.73
CA LEU C 28 -13.25 50.20 21.33
C LEU C 28 -14.32 50.78 22.26
N GLU C 29 -15.47 51.17 21.69
CA GLU C 29 -16.56 51.81 22.45
C GLU C 29 -17.23 50.86 23.44
N LYS C 30 -17.27 51.23 24.73
CA LYS C 30 -17.95 50.45 25.76
C LYS C 30 -19.45 50.73 25.64
N LEU C 31 -20.26 49.68 25.53
CA LEU C 31 -21.71 49.83 25.35
C LEU C 31 -22.55 49.29 26.50
N ARG C 32 -22.03 48.30 27.21
CA ARG C 32 -22.76 47.64 28.31
C ARG C 32 -21.84 47.22 29.46
N GLU C 33 -22.44 46.77 30.57
CA GLU C 33 -21.76 46.30 31.76
C GLU C 33 -22.33 44.94 32.16
N ILE C 34 -21.66 43.86 31.72
CA ILE C 34 -22.07 42.50 32.06
C ILE C 34 -21.21 42.05 33.26
N PRO C 35 -21.81 41.83 34.46
CA PRO C 35 -21.00 41.42 35.62
C PRO C 35 -20.23 40.14 35.38
N ASP C 36 -18.98 40.10 35.90
CA ASP C 36 -18.00 39.00 35.79
C ASP C 36 -18.66 37.65 36.07
N GLU C 37 -19.39 37.57 37.20
CA GLU C 37 -20.10 36.39 37.73
C GLU C 37 -21.14 35.85 36.74
N GLU C 38 -21.89 36.76 36.09
CA GLU C 38 -22.90 36.42 35.09
C GLU C 38 -22.24 35.85 33.83
N LEU C 39 -21.12 36.46 33.39
CA LEU C 39 -20.38 35.99 32.23
C LEU C 39 -19.81 34.59 32.48
N VAL C 40 -19.21 34.36 33.66
CA VAL C 40 -18.62 33.06 34.08
C VAL C 40 -19.71 31.96 34.01
N LYS C 41 -20.96 32.29 34.39
CA LYS C 41 -22.10 31.37 34.33
C LYS C 41 -22.42 30.95 32.88
N VAL C 42 -22.46 31.93 31.94
CA VAL C 42 -22.77 31.70 30.51
C VAL C 42 -21.65 30.86 29.84
N MET C 43 -20.39 31.08 30.25
CA MET C 43 -19.24 30.33 29.74
C MET C 43 -19.31 28.83 30.08
N GLY C 44 -19.89 28.52 31.23
CA GLY C 44 -20.15 27.17 31.71
C GLY C 44 -18.97 26.27 32.01
N HIS C 45 -17.84 26.84 32.46
CA HIS C 45 -16.64 26.05 32.80
C HIS C 45 -16.49 25.84 34.31
N ARG C 46 -16.90 26.84 35.12
CA ARG C 46 -16.78 26.85 36.58
C ARG C 46 -17.83 27.78 37.22
N GLN C 47 -17.90 27.79 38.56
CA GLN C 47 -18.81 28.65 39.33
C GLN C 47 -18.05 29.89 39.84
N PRO C 48 -18.63 31.11 39.77
CA PRO C 48 -17.92 32.28 40.32
C PRO C 48 -17.84 32.22 41.85
N GLY C 49 -16.79 32.79 42.43
CA GLY C 49 -16.57 32.78 43.88
C GLY C 49 -15.67 31.65 44.34
N GLU C 50 -15.30 30.73 43.43
CA GLU C 50 -14.39 29.62 43.70
C GLU C 50 -13.08 29.92 42.97
N ASP C 51 -11.95 29.38 43.45
CA ASP C 51 -10.70 29.69 42.77
C ASP C 51 -10.40 28.73 41.62
N TYR C 52 -9.59 29.23 40.68
CA TYR C 52 -9.17 28.59 39.45
C TYR C 52 -8.45 27.26 39.62
N LYS C 53 -8.84 26.28 38.80
CA LYS C 53 -8.22 24.95 38.78
C LYS C 53 -6.97 25.02 37.88
N THR C 54 -5.90 24.33 38.32
CA THR C 54 -4.62 24.34 37.60
C THR C 54 -4.37 23.07 36.80
N VAL C 55 -3.65 23.22 35.68
CA VAL C 55 -3.25 22.15 34.76
C VAL C 55 -1.82 21.65 35.12
N HIS C 56 -1.01 22.54 35.72
CA HIS C 56 0.36 22.29 36.16
C HIS C 56 0.71 23.21 37.34
N PRO C 57 1.74 22.90 38.17
CA PRO C 57 2.07 23.80 39.30
C PRO C 57 2.54 25.20 38.86
N PRO C 58 2.53 26.23 39.75
CA PRO C 58 3.03 27.56 39.33
C PRO C 58 4.49 27.52 38.87
N LEU C 59 4.86 28.38 37.90
CA LEU C 59 6.20 28.43 37.31
C LEU C 59 7.34 28.67 38.33
N GLU C 60 7.06 29.40 39.42
CA GLU C 60 7.99 29.68 40.52
C GLU C 60 8.45 28.37 41.19
N GLU C 61 7.49 27.45 41.44
CA GLU C 61 7.64 26.14 42.10
C GLU C 61 8.50 25.17 41.29
N MET C 62 8.29 25.13 39.96
CA MET C 62 8.99 24.25 39.02
C MET C 62 10.48 24.51 38.97
N ASP C 63 11.26 23.45 38.75
CA ASP C 63 12.70 23.52 38.63
C ASP C 63 13.08 23.03 37.24
N LEU C 64 13.29 23.99 36.33
CA LEU C 64 13.62 23.70 34.93
C LEU C 64 15.04 24.09 34.64
N PRO C 65 15.71 23.44 33.66
CA PRO C 65 17.08 23.88 33.30
C PRO C 65 17.09 25.30 32.73
N GLU C 66 18.26 25.97 32.86
CA GLU C 66 18.49 27.34 32.37
C GLU C 66 18.31 27.38 30.84
N ASP C 67 17.43 28.27 30.37
CA ASP C 67 17.17 28.48 28.94
C ASP C 67 16.92 29.97 28.75
N TYR C 68 17.97 30.69 28.32
CA TYR C 68 18.00 32.13 28.10
C TYR C 68 16.84 32.64 27.25
N VAL C 69 16.70 32.13 26.00
CA VAL C 69 15.67 32.54 25.04
C VAL C 69 14.26 32.26 25.56
N ARG C 70 14.01 31.06 26.12
CA ARG C 70 12.70 30.69 26.67
C ARG C 70 12.24 31.66 27.78
N ASP C 71 13.15 32.01 28.70
CA ASP C 71 12.83 32.89 29.82
C ASP C 71 12.89 34.40 29.48
N LEU C 72 13.19 34.77 28.22
CA LEU C 72 13.18 36.17 27.79
C LEU C 72 11.74 36.68 27.75
N VAL C 73 10.78 35.78 27.46
CA VAL C 73 9.36 36.09 27.30
C VAL C 73 8.63 36.05 28.63
N GLU C 74 7.92 37.16 28.96
CA GLU C 74 7.13 37.25 30.17
C GLU C 74 5.85 36.45 30.01
N PRO C 75 5.55 35.49 30.91
CA PRO C 75 4.30 34.75 30.78
C PRO C 75 3.11 35.57 31.28
N ILE C 76 1.90 35.28 30.77
CA ILE C 76 0.67 35.95 31.23
C ILE C 76 0.35 35.46 32.66
N SER C 77 -0.34 36.30 33.47
CA SER C 77 -0.69 35.99 34.87
C SER C 77 -1.19 34.55 35.10
N GLY C 78 -2.12 34.08 34.25
CA GLY C 78 -2.69 32.73 34.32
C GLY C 78 -1.72 31.60 34.04
N ALA C 79 -0.65 31.86 33.26
CA ALA C 79 0.38 30.86 32.95
C ALA C 79 1.34 30.74 34.14
N LYS C 80 1.65 31.88 34.80
CA LYS C 80 2.49 31.97 35.99
C LYS C 80 1.88 31.16 37.13
N GLU C 81 0.54 31.22 37.26
CA GLU C 81 -0.25 30.55 38.29
C GLU C 81 -0.68 29.13 37.90
N GLY C 82 -0.32 28.71 36.69
CA GLY C 82 -0.60 27.38 36.15
C GLY C 82 -2.05 27.06 35.86
N HIS C 83 -2.91 28.09 35.69
CA HIS C 83 -4.34 27.93 35.39
C HIS C 83 -4.63 27.13 34.12
N ARG C 84 -5.72 26.35 34.12
CA ARG C 84 -6.10 25.51 32.99
C ARG C 84 -6.54 26.35 31.78
N ILE C 85 -6.54 25.72 30.59
CA ILE C 85 -6.94 26.38 29.35
C ILE C 85 -8.40 26.08 29.06
N ARG C 86 -9.20 27.15 28.87
CA ARG C 86 -10.62 27.04 28.54
C ARG C 86 -10.93 27.82 27.26
N TYR C 87 -12.19 27.77 26.77
CA TYR C 87 -12.58 28.43 25.54
C TYR C 87 -13.80 29.35 25.63
N ILE C 88 -13.97 30.17 24.57
CA ILE C 88 -15.14 31.00 24.32
C ILE C 88 -15.33 30.98 22.80
N GLN C 89 -16.54 30.64 22.35
CA GLN C 89 -16.82 30.52 20.93
C GLN C 89 -18.04 31.34 20.53
N PHE C 90 -17.94 32.06 19.40
CA PHE C 90 -19.02 32.90 18.87
C PHE C 90 -19.34 32.57 17.41
N ALA C 91 -20.62 32.67 17.07
CA ALA C 91 -21.12 32.59 15.69
C ALA C 91 -21.50 34.05 15.39
N ASP C 92 -21.06 34.56 14.24
CA ASP C 92 -21.27 35.96 13.82
C ASP C 92 -22.18 36.03 12.59
N SER C 93 -23.36 36.65 12.71
CA SER C 93 -24.28 36.76 11.58
C SER C 93 -23.66 37.51 10.40
N MET C 94 -23.83 36.97 9.18
CA MET C 94 -23.34 37.64 7.97
C MET C 94 -24.14 38.91 7.69
N TYR C 95 -25.27 39.10 8.42
CA TYR C 95 -26.09 40.30 8.31
C TYR C 95 -25.60 41.40 9.25
N PHE C 96 -24.44 41.99 8.89
CA PHE C 96 -23.79 43.15 9.51
C PHE C 96 -23.36 42.98 10.98
N ALA C 97 -22.98 41.75 11.43
CA ALA C 97 -22.48 41.61 12.81
C ALA C 97 -21.20 42.48 12.99
N PRO C 98 -21.00 43.11 14.17
CA PRO C 98 -19.85 44.05 14.32
C PRO C 98 -18.47 43.38 14.39
N ALA C 99 -18.42 42.06 14.40
CA ALA C 99 -17.20 41.25 14.39
C ALA C 99 -17.41 40.07 13.45
N GLN C 100 -16.33 39.63 12.76
CA GLN C 100 -16.39 38.52 11.81
C GLN C 100 -15.20 37.56 12.05
N PRO C 101 -15.22 36.29 11.57
CA PRO C 101 -14.16 35.32 11.94
C PRO C 101 -12.69 35.73 11.75
N TYR C 102 -12.18 35.97 10.52
CA TYR C 102 -10.75 36.33 10.36
C TYR C 102 -10.42 37.69 10.96
N ASP C 103 -11.40 38.59 10.98
CA ASP C 103 -11.29 39.92 11.60
C ASP C 103 -10.94 39.72 13.09
N ARG C 104 -11.71 38.86 13.81
CA ARG C 104 -11.47 38.53 15.22
C ARG C 104 -10.07 37.98 15.42
N ALA C 105 -9.71 36.93 14.66
CA ALA C 105 -8.41 36.27 14.80
C ALA C 105 -7.22 37.23 14.68
N ARG C 106 -7.23 38.08 13.64
CA ARG C 106 -6.18 39.08 13.40
C ARG C 106 -6.13 40.11 14.54
N MET C 107 -7.31 40.56 15.01
CA MET C 107 -7.43 41.51 16.11
C MET C 107 -6.86 40.92 17.41
N TYR C 108 -7.21 39.65 17.72
CA TYR C 108 -6.73 38.92 18.91
C TYR C 108 -5.20 38.81 18.90
N MET C 109 -4.62 38.47 17.73
CA MET C 109 -3.18 38.29 17.55
C MET C 109 -2.40 39.61 17.63
N TRP C 110 -3.05 40.74 17.34
CA TRP C 110 -2.41 42.06 17.44
C TRP C 110 -2.54 42.62 18.88
N ARG C 111 -3.72 42.45 19.51
CA ARG C 111 -4.03 43.02 20.83
C ARG C 111 -3.73 42.15 22.05
N PHE C 112 -3.88 40.81 21.97
CA PHE C 112 -3.72 39.93 23.13
C PHE C 112 -2.47 39.05 23.12
N ARG C 113 -2.03 38.63 24.32
CA ARG C 113 -0.84 37.80 24.52
C ARG C 113 -1.22 36.33 24.87
N GLY C 114 -0.43 35.38 24.37
CA GLY C 114 -0.64 33.95 24.59
C GLY C 114 -1.98 33.43 24.11
N VAL C 115 -2.32 33.71 22.84
CA VAL C 115 -3.61 33.36 22.23
C VAL C 115 -3.55 32.14 21.31
N ASP C 116 -4.54 31.25 21.46
CA ASP C 116 -4.80 30.15 20.53
C ASP C 116 -6.18 30.52 19.93
N THR C 117 -6.25 30.79 18.62
CA THR C 117 -7.53 31.19 18.01
C THR C 117 -7.79 30.39 16.71
N GLY C 118 -9.06 30.04 16.52
CA GLY C 118 -9.48 29.29 15.33
C GLY C 118 -10.61 29.98 14.60
N SER C 119 -10.46 30.18 13.28
CA SER C 119 -11.47 30.83 12.43
C SER C 119 -12.09 29.84 11.46
N LEU C 120 -13.42 29.86 11.41
CA LEU C 120 -14.22 28.98 10.57
C LEU C 120 -15.40 29.81 10.07
N SER C 121 -16.10 29.35 9.01
CA SER C 121 -17.23 30.12 8.50
C SER C 121 -18.35 30.28 9.55
N GLY C 122 -18.67 29.22 10.28
CA GLY C 122 -19.77 29.20 11.25
C GLY C 122 -19.46 29.47 12.71
N ARG C 123 -18.17 29.55 13.06
CA ARG C 123 -17.74 29.81 14.44
C ARG C 123 -16.34 30.39 14.53
N GLN C 124 -16.06 31.10 15.61
CA GLN C 124 -14.73 31.66 15.89
C GLN C 124 -14.43 31.38 17.35
N VAL C 125 -13.36 30.62 17.60
CA VAL C 125 -12.97 30.17 18.93
C VAL C 125 -11.65 30.80 19.42
N ILE C 126 -11.55 31.01 20.74
CA ILE C 126 -10.32 31.47 21.38
C ILE C 126 -10.08 30.60 22.63
N GLU C 127 -8.97 29.82 22.64
CA GLU C 127 -8.54 28.94 23.75
C GLU C 127 -7.41 29.66 24.48
N MET C 128 -7.57 29.92 25.79
CA MET C 128 -6.60 30.68 26.59
C MET C 128 -6.67 30.27 28.09
N ARG C 129 -5.62 30.64 28.89
CA ARG C 129 -5.54 30.43 30.35
C ARG C 129 -6.81 31.06 30.91
N GLU C 130 -7.63 30.21 31.57
CA GLU C 130 -8.96 30.54 32.06
C GLU C 130 -9.13 31.93 32.69
N SER C 131 -8.22 32.33 33.61
CA SER C 131 -8.30 33.63 34.28
C SER C 131 -8.18 34.80 33.31
N ASN C 132 -7.17 34.75 32.41
CA ASN C 132 -6.95 35.77 31.37
C ASN C 132 -8.12 35.80 30.39
N LEU C 133 -8.62 34.61 30.00
CA LEU C 133 -9.76 34.46 29.09
C LEU C 133 -11.00 35.21 29.60
N GLU C 134 -11.32 35.07 30.91
CA GLU C 134 -12.45 35.75 31.55
C GLU C 134 -12.36 37.28 31.52
N GLU C 135 -11.16 37.85 31.82
CA GLU C 135 -10.89 39.30 31.83
C GLU C 135 -11.07 39.92 30.44
N ILE C 136 -10.50 39.27 29.40
CA ILE C 136 -10.57 39.66 27.99
C ILE C 136 -12.01 39.53 27.51
N SER C 137 -12.68 38.38 27.79
CA SER C 137 -14.07 38.14 27.38
C SER C 137 -15.01 39.21 27.92
N LYS C 138 -14.82 39.65 29.17
CA LYS C 138 -15.66 40.70 29.75
C LYS C 138 -15.42 42.07 29.13
N ASN C 139 -14.18 42.58 29.32
CA ASN C 139 -13.76 43.93 28.96
C ASN C 139 -13.68 44.22 27.47
N VAL C 140 -13.37 43.21 26.65
CA VAL C 140 -13.19 43.41 25.20
C VAL C 140 -14.30 42.75 24.37
N LEU C 141 -14.52 41.45 24.57
CA LEU C 141 -15.44 40.67 23.74
C LEU C 141 -16.92 40.84 24.02
N MET C 142 -17.33 41.20 25.27
CA MET C 142 -18.75 41.33 25.63
C MET C 142 -19.25 42.75 25.95
N ASP C 143 -18.44 43.58 26.60
CA ASP C 143 -18.87 44.94 27.00
C ASP C 143 -18.77 46.01 25.91
N THR C 144 -17.99 45.75 24.85
CA THR C 144 -17.77 46.74 23.76
C THR C 144 -18.71 46.61 22.55
N SER C 145 -18.44 47.45 21.53
CA SER C 145 -19.15 47.46 20.24
C SER C 145 -18.83 46.21 19.40
N LEU C 146 -17.89 45.36 19.86
CA LEU C 146 -17.53 44.09 19.22
C LEU C 146 -18.64 43.06 19.41
N PHE C 147 -19.57 43.33 20.35
CA PHE C 147 -20.67 42.42 20.66
C PHE C 147 -22.04 43.03 20.42
N ASP C 148 -22.90 42.29 19.72
CA ASP C 148 -24.32 42.61 19.51
C ASP C 148 -25.10 41.39 20.04
N PRO C 149 -25.93 41.54 21.10
CA PRO C 149 -26.66 40.36 21.63
C PRO C 149 -27.61 39.65 20.65
N ALA C 150 -28.07 40.33 19.59
CA ALA C 150 -28.98 39.70 18.62
C ALA C 150 -28.28 39.01 17.45
N ARG C 151 -27.12 39.54 17.00
CA ARG C 151 -26.44 39.03 15.80
C ARG C 151 -25.11 38.29 16.05
N ILE C 152 -24.71 38.16 17.33
CA ILE C 152 -23.53 37.41 17.74
C ILE C 152 -23.98 36.48 18.88
N GLY C 153 -23.79 35.18 18.69
CA GLY C 153 -24.21 34.18 19.67
C GLY C 153 -23.08 33.35 20.22
N MET C 154 -23.04 33.19 21.56
CA MET C 154 -22.05 32.36 22.23
C MET C 154 -22.53 30.91 22.18
N ARG C 155 -21.76 30.03 21.51
CA ARG C 155 -22.14 28.63 21.30
C ARG C 155 -20.92 27.71 21.12
N GLY C 156 -20.82 26.68 21.94
CA GLY C 156 -19.73 25.70 21.90
C GLY C 156 -19.95 24.51 20.97
N ALA C 157 -21.23 24.18 20.69
CA ALA C 157 -21.64 23.05 19.81
C ALA C 157 -22.98 23.38 19.15
N THR C 158 -23.31 22.76 17.98
CA THR C 158 -24.54 23.03 17.20
C THR C 158 -24.53 24.54 16.87
N VAL C 159 -23.55 24.95 16.04
CA VAL C 159 -23.23 26.37 15.75
C VAL C 159 -24.05 27.03 14.61
N HIS C 160 -24.75 26.22 13.80
CA HIS C 160 -25.58 26.64 12.66
C HIS C 160 -26.32 27.97 12.90
N GLY C 161 -26.17 28.92 11.99
CA GLY C 161 -26.86 30.22 12.13
C GLY C 161 -26.25 31.42 11.46
N HIS C 162 -24.91 31.46 11.28
CA HIS C 162 -24.22 32.63 10.67
C HIS C 162 -24.77 33.02 9.29
N SER C 163 -25.14 32.01 8.48
CA SER C 163 -25.60 32.17 7.09
C SER C 163 -27.13 32.13 6.93
N LEU C 164 -27.86 32.07 8.05
CA LEU C 164 -29.32 31.99 8.01
C LEU C 164 -30.02 33.34 8.12
N ARG C 165 -31.26 33.40 7.61
CA ARG C 165 -32.10 34.60 7.71
C ARG C 165 -32.39 34.86 9.19
N LEU C 166 -32.62 36.11 9.57
CA LEU C 166 -32.89 36.43 10.98
C LEU C 166 -34.34 36.09 11.34
N ASP C 167 -34.66 35.93 12.65
CA ASP C 167 -36.02 35.63 13.07
C ASP C 167 -36.89 36.90 13.14
N GLU C 168 -38.17 36.73 13.51
CA GLU C 168 -39.20 37.77 13.71
C GLU C 168 -38.71 39.01 14.48
N ASN C 169 -37.87 38.81 15.51
CA ASN C 169 -37.35 39.88 16.37
C ASN C 169 -35.93 40.36 16.00
N GLY C 170 -35.40 39.91 14.86
CA GLY C 170 -34.06 40.27 14.40
C GLY C 170 -32.93 39.54 15.10
N LEU C 171 -33.23 38.36 15.65
CA LEU C 171 -32.24 37.53 16.35
C LEU C 171 -31.71 36.43 15.43
N MET C 172 -30.43 36.10 15.56
CA MET C 172 -29.83 35.02 14.78
C MET C 172 -30.37 33.67 15.26
N PHE C 173 -30.54 32.72 14.34
CA PHE C 173 -30.98 31.35 14.62
C PHE C 173 -30.04 30.68 15.61
N ASP C 174 -30.61 29.86 16.50
CA ASP C 174 -29.91 28.99 17.44
C ASP C 174 -30.76 27.74 17.63
N ALA C 175 -30.27 26.58 17.13
CA ALA C 175 -30.97 25.30 17.23
C ALA C 175 -31.23 24.88 18.68
N LEU C 176 -30.39 25.35 19.63
CA LEU C 176 -30.54 25.04 21.06
C LEU C 176 -31.22 26.15 21.84
N GLN C 177 -31.47 27.32 21.19
CA GLN C 177 -32.10 28.49 21.79
C GLN C 177 -31.48 28.88 23.15
N ARG C 178 -30.13 29.03 23.16
CA ARG C 178 -29.36 29.42 24.36
C ARG C 178 -29.71 30.82 24.85
N TYR C 179 -30.21 31.67 23.94
CA TYR C 179 -30.68 33.03 24.24
C TYR C 179 -32.08 33.22 23.67
N VAL C 180 -32.88 34.10 24.30
CA VAL C 180 -34.26 34.42 23.89
C VAL C 180 -34.51 35.93 23.92
N TYR C 181 -35.49 36.39 23.13
CA TYR C 181 -35.89 37.79 23.12
C TYR C 181 -36.98 37.99 24.19
N ASP C 182 -36.74 38.92 25.14
CA ASP C 182 -37.70 39.23 26.20
C ASP C 182 -38.54 40.43 25.74
N GLU C 183 -39.77 40.16 25.29
CA GLU C 183 -40.72 41.14 24.75
C GLU C 183 -40.98 42.37 25.66
N LYS C 184 -41.10 42.12 26.98
CA LYS C 184 -41.38 43.15 28.00
C LYS C 184 -40.28 44.23 28.05
N THR C 185 -39.00 43.82 28.17
CA THR C 185 -37.86 44.73 28.28
C THR C 185 -37.24 45.11 26.93
N GLY C 186 -37.40 44.24 25.93
CA GLY C 186 -36.81 44.40 24.61
C GLY C 186 -35.34 44.00 24.64
N HIS C 187 -34.96 43.17 25.63
CA HIS C 187 -33.59 42.70 25.86
C HIS C 187 -33.39 41.24 25.47
N VAL C 188 -32.13 40.88 25.16
CA VAL C 188 -31.74 39.51 24.85
C VAL C 188 -31.28 38.88 26.17
N VAL C 189 -31.83 37.70 26.50
CA VAL C 189 -31.52 37.00 27.75
C VAL C 189 -31.02 35.58 27.48
N TYR C 190 -29.88 35.22 28.08
CA TYR C 190 -29.32 33.88 27.99
C TYR C 190 -30.00 33.00 29.04
N VAL C 191 -30.68 31.95 28.59
CA VAL C 191 -31.40 30.98 29.44
C VAL C 191 -30.58 29.69 29.62
N LYS C 192 -29.50 29.53 28.82
CA LYS C 192 -28.60 28.37 28.83
C LYS C 192 -27.14 28.82 28.71
N ASP C 193 -26.18 27.92 29.05
CA ASP C 193 -24.76 28.23 28.87
C ASP C 193 -24.39 27.98 27.40
N GLN C 194 -23.15 28.33 27.00
CA GLN C 194 -22.70 28.16 25.61
C GLN C 194 -22.73 26.69 25.08
N VAL C 195 -22.76 25.69 25.99
CA VAL C 195 -22.81 24.28 25.56
C VAL C 195 -24.28 23.72 25.64
N GLY C 196 -25.21 24.55 26.08
CA GLY C 196 -26.63 24.21 26.14
C GLY C 196 -27.22 23.75 27.46
N ARG C 197 -26.47 23.86 28.58
CA ARG C 197 -26.97 23.48 29.91
C ARG C 197 -27.88 24.58 30.46
N PRO C 198 -29.10 24.25 30.98
CA PRO C 198 -29.99 25.29 31.53
C PRO C 198 -29.37 26.05 32.70
N LEU C 199 -29.51 27.39 32.71
CA LEU C 199 -28.98 28.22 33.78
C LEU C 199 -29.98 28.28 34.92
N ASP C 200 -29.50 28.31 36.17
CA ASP C 200 -30.36 28.44 37.35
C ASP C 200 -30.97 29.84 37.35
N GLU C 201 -30.17 30.85 36.94
CA GLU C 201 -30.58 32.24 36.82
C GLU C 201 -30.32 32.76 35.39
N PRO C 202 -31.35 33.30 34.69
CA PRO C 202 -31.13 33.82 33.32
C PRO C 202 -30.29 35.10 33.32
N VAL C 203 -29.41 35.25 32.30
CA VAL C 203 -28.48 36.38 32.20
C VAL C 203 -28.88 37.38 31.11
N ASP C 204 -29.17 38.63 31.50
CA ASP C 204 -29.55 39.72 30.59
C ASP C 204 -28.28 40.28 29.96
N VAL C 205 -28.22 40.32 28.61
CA VAL C 205 -27.05 40.84 27.88
C VAL C 205 -27.39 42.16 27.14
N GLY C 206 -28.48 42.81 27.53
CA GLY C 206 -28.92 44.08 26.99
C GLY C 206 -29.78 44.04 25.75
N GLU C 207 -30.07 45.23 25.18
CA GLU C 207 -30.89 45.34 23.99
C GLU C 207 -30.05 45.12 22.71
N PRO C 208 -30.67 44.62 21.61
CA PRO C 208 -29.94 44.49 20.35
C PRO C 208 -29.47 45.85 19.84
N LEU C 209 -28.32 45.89 19.15
CA LEU C 209 -27.79 47.12 18.57
C LEU C 209 -28.64 47.57 17.38
N PRO C 210 -28.88 48.88 17.18
CA PRO C 210 -29.66 49.29 15.99
C PRO C 210 -28.87 48.99 14.71
N GLU C 211 -29.59 48.70 13.60
CA GLU C 211 -28.93 48.40 12.32
C GLU C 211 -28.11 49.58 11.77
N GLU C 212 -28.52 50.85 12.03
CA GLU C 212 -27.78 52.03 11.59
CA GLU C 212 -27.79 52.05 11.60
C GLU C 212 -26.36 52.00 12.14
N LYS C 213 -26.20 51.57 13.41
CA LYS C 213 -24.90 51.42 14.08
C LYS C 213 -24.13 50.23 13.46
N LEU C 214 -24.80 49.07 13.27
CA LEU C 214 -24.19 47.86 12.67
C LEU C 214 -23.63 48.15 11.28
N ARG C 215 -24.39 48.84 10.42
CA ARG C 215 -23.96 49.17 9.05
C ARG C 215 -22.71 50.06 9.03
N GLU C 216 -22.61 50.98 10.00
CA GLU C 216 -21.48 51.90 10.17
C GLU C 216 -20.18 51.20 10.65
N ILE C 217 -20.28 50.23 11.59
CA ILE C 217 -19.12 49.61 12.24
C ILE C 217 -18.79 48.16 11.80
N THR C 218 -19.63 47.51 10.95
CA THR C 218 -19.37 46.12 10.51
C THR C 218 -18.05 45.97 9.74
N THR C 219 -17.46 44.77 9.83
CA THR C 219 -16.23 44.39 9.14
C THR C 219 -16.50 43.45 7.94
N ILE C 220 -17.78 43.30 7.54
CA ILE C 220 -18.12 42.45 6.40
C ILE C 220 -18.49 43.29 5.16
N TYR C 221 -18.06 42.84 3.97
CA TYR C 221 -18.46 43.46 2.71
C TYR C 221 -19.72 42.72 2.28
N ARG C 222 -20.73 43.45 1.80
CA ARG C 222 -22.01 42.89 1.34
C ARG C 222 -22.50 43.81 0.21
N LYS C 223 -23.08 43.25 -0.86
CA LYS C 223 -23.63 44.04 -1.98
C LYS C 223 -24.69 45.06 -1.48
N ASP C 224 -25.50 44.66 -0.47
CA ASP C 224 -26.57 45.43 0.18
C ASP C 224 -26.05 46.39 1.28
N GLY C 225 -24.74 46.37 1.48
CA GLY C 225 -24.01 47.24 2.40
C GLY C 225 -22.94 47.92 1.58
N VAL C 226 -21.66 47.57 1.83
CA VAL C 226 -20.54 48.09 1.03
C VAL C 226 -20.02 46.90 0.21
N PRO C 227 -20.24 46.87 -1.14
CA PRO C 227 -19.73 45.74 -1.93
C PRO C 227 -18.20 45.75 -1.98
N MET C 228 -17.57 44.55 -1.99
CA MET C 228 -16.10 44.46 -2.08
C MET C 228 -15.63 45.00 -3.45
N ARG C 229 -16.50 44.87 -4.48
CA ARG C 229 -16.28 45.40 -5.83
C ARG C 229 -15.91 46.90 -5.78
N ASP C 230 -16.47 47.63 -4.79
CA ASP C 230 -16.20 49.06 -4.58
C ASP C 230 -14.83 49.37 -3.95
N ASP C 231 -14.16 48.35 -3.36
CA ASP C 231 -12.84 48.57 -2.75
C ASP C 231 -11.71 48.14 -3.68
N GLU C 232 -11.43 48.97 -4.69
CA GLU C 232 -10.37 48.75 -5.69
C GLU C 232 -8.99 48.61 -5.05
N GLU C 233 -8.71 49.42 -3.99
CA GLU C 233 -7.45 49.36 -3.24
C GLU C 233 -7.24 47.97 -2.61
N LEU C 234 -8.26 47.44 -1.91
CA LEU C 234 -8.15 46.12 -1.31
C LEU C 234 -7.93 45.04 -2.38
N LEU C 235 -8.69 45.10 -3.50
CA LEU C 235 -8.53 44.16 -4.61
C LEU C 235 -7.12 44.17 -5.21
N THR C 236 -6.50 45.37 -5.28
CA THR C 236 -5.12 45.53 -5.76
C THR C 236 -4.14 44.73 -4.89
N VAL C 237 -4.28 44.84 -3.55
CA VAL C 237 -3.38 44.17 -2.61
C VAL C 237 -3.59 42.65 -2.64
N VAL C 238 -4.86 42.18 -2.70
CA VAL C 238 -5.17 40.73 -2.78
C VAL C 238 -4.48 40.12 -4.03
N LYS C 239 -4.68 40.74 -5.22
CA LYS C 239 -4.07 40.32 -6.48
C LYS C 239 -2.54 40.35 -6.42
N ARG C 240 -1.97 41.37 -5.74
CA ARG C 240 -0.51 41.46 -5.56
C ARG C 240 0.03 40.28 -4.75
N ILE C 241 -0.61 39.96 -3.60
CA ILE C 241 -0.20 38.83 -2.74
C ILE C 241 -0.25 37.54 -3.59
N HIS C 242 -1.34 37.36 -4.35
CA HIS C 242 -1.53 36.19 -5.24
C HIS C 242 -0.39 36.06 -6.24
N ARG C 243 -0.06 37.16 -6.95
CA ARG C 243 1.00 37.15 -7.95
C ARG C 243 2.38 36.88 -7.34
N ALA C 244 2.71 37.54 -6.21
CA ALA C 244 3.98 37.37 -5.50
C ALA C 244 4.17 35.90 -5.06
N ARG C 245 3.09 35.28 -4.55
CA ARG C 245 3.11 33.87 -4.16
C ARG C 245 3.36 32.98 -5.39
N THR C 246 2.64 33.24 -6.51
CA THR C 246 2.76 32.49 -7.77
C THR C 246 4.19 32.51 -8.32
N LEU C 247 4.79 33.73 -8.43
CA LEU C 247 6.14 33.90 -8.97
C LEU C 247 7.24 33.30 -8.08
N GLY C 248 7.10 33.46 -6.76
CA GLY C 248 8.02 32.89 -5.78
C GLY C 248 8.03 31.37 -5.82
N GLY C 249 6.84 30.79 -6.02
CA GLY C 249 6.68 29.34 -6.18
C GLY C 249 7.30 28.83 -7.47
N TYR C 250 7.18 29.63 -8.57
CA TYR C 250 7.78 29.28 -9.86
C TYR C 250 9.31 29.36 -9.82
N MET C 251 9.87 30.53 -9.46
CA MET C 251 11.31 30.76 -9.34
C MET C 251 11.56 31.96 -8.42
N PRO C 252 12.06 31.73 -7.18
CA PRO C 252 12.23 32.84 -6.23
C PRO C 252 13.48 33.67 -6.47
N VAL C 253 13.57 34.28 -7.67
CA VAL C 253 14.70 35.11 -8.08
C VAL C 253 14.24 36.54 -8.50
N ASN C 254 15.11 37.54 -8.24
CA ASN C 254 14.84 38.95 -8.54
C ASN C 254 14.38 39.23 -9.98
N GLU C 255 15.06 38.62 -10.96
CA GLU C 255 14.78 38.79 -12.40
C GLU C 255 13.33 38.43 -12.77
N VAL C 256 12.79 37.34 -12.18
CA VAL C 256 11.41 36.88 -12.42
C VAL C 256 10.40 37.92 -11.88
N PHE C 257 10.62 38.41 -10.65
CA PHE C 257 9.78 39.43 -10.01
C PHE C 257 9.86 40.77 -10.76
N ASP C 258 11.07 41.16 -11.22
CA ASP C 258 11.29 42.39 -11.99
C ASP C 258 10.53 42.41 -13.31
N LYS C 259 10.47 41.26 -13.97
CA LYS C 259 9.83 41.13 -15.28
C LYS C 259 8.32 40.89 -15.23
N LEU C 260 7.82 40.09 -14.25
CA LEU C 260 6.41 39.70 -14.23
C LEU C 260 5.52 40.26 -13.10
N LEU C 261 6.08 40.82 -12.01
CA LEU C 261 5.25 41.34 -10.92
C LEU C 261 4.50 42.63 -11.30
N LYS D 5 -13.87 -48.32 10.70
CA LYS D 5 -14.05 -47.29 11.73
C LYS D 5 -13.51 -45.93 11.27
N LYS D 6 -12.94 -45.88 10.05
CA LYS D 6 -12.41 -44.67 9.41
C LYS D 6 -13.52 -43.61 9.36
N LEU D 7 -13.19 -42.39 9.78
CA LEU D 7 -14.16 -41.29 9.85
C LEU D 7 -14.75 -40.88 8.50
N PHE D 8 -14.01 -41.11 7.39
CA PHE D 8 -14.41 -40.77 6.02
C PHE D 8 -15.33 -41.81 5.31
N LEU D 9 -15.51 -43.00 5.91
CA LEU D 9 -16.32 -44.07 5.31
C LEU D 9 -17.75 -43.66 4.97
N LYS D 10 -18.42 -42.94 5.89
CA LYS D 10 -19.79 -42.45 5.71
C LYS D 10 -19.90 -41.55 4.47
N ALA D 11 -18.96 -40.59 4.31
CA ALA D 11 -18.90 -39.68 3.17
C ALA D 11 -18.70 -40.45 1.85
N LEU D 12 -17.77 -41.43 1.82
CA LEU D 12 -17.50 -42.27 0.64
C LEU D 12 -18.71 -43.07 0.19
N LYS D 13 -19.50 -43.60 1.13
CA LYS D 13 -20.68 -44.37 0.80
C LYS D 13 -21.81 -43.49 0.25
N GLU D 14 -21.89 -42.23 0.73
CA GLU D 14 -22.87 -41.25 0.25
C GLU D 14 -22.48 -40.73 -1.14
N LYS D 15 -21.17 -40.64 -1.42
CA LYS D 15 -20.62 -40.10 -2.67
C LYS D 15 -20.41 -41.13 -3.77
N PHE D 16 -20.06 -42.39 -3.42
CA PHE D 16 -19.76 -43.46 -4.38
C PHE D 16 -20.66 -44.69 -4.15
N GLU D 17 -21.30 -45.17 -5.23
CA GLU D 17 -22.22 -46.31 -5.18
C GLU D 17 -21.49 -47.64 -4.98
N GLU D 18 -20.31 -47.79 -5.61
CA GLU D 18 -19.52 -49.02 -5.56
C GLU D 18 -18.71 -49.14 -4.26
N ASP D 19 -18.12 -50.33 -4.03
CA ASP D 19 -17.27 -50.65 -2.87
C ASP D 19 -16.16 -49.56 -2.78
N PRO D 20 -15.96 -48.89 -1.62
CA PRO D 20 -14.91 -47.84 -1.55
C PRO D 20 -13.48 -48.31 -1.85
N LYS D 21 -13.22 -49.63 -1.73
CA LYS D 21 -11.91 -50.25 -1.99
C LYS D 21 -11.72 -50.77 -3.43
N GLU D 22 -12.78 -50.75 -4.26
CA GLU D 22 -12.70 -51.22 -5.64
C GLU D 22 -11.94 -50.23 -6.54
N LYS D 23 -10.96 -50.77 -7.29
CA LYS D 23 -10.03 -50.08 -8.20
C LYS D 23 -10.63 -49.78 -9.59
N TYR D 24 -11.66 -50.54 -10.03
CA TYR D 24 -12.27 -50.36 -11.35
C TYR D 24 -13.67 -49.76 -11.31
N THR D 25 -13.99 -48.90 -12.30
CA THR D 25 -15.28 -48.20 -12.46
C THR D 25 -15.65 -48.04 -13.95
N LYS D 26 -16.77 -47.33 -14.24
CA LYS D 26 -17.24 -47.04 -15.59
C LYS D 26 -17.33 -45.53 -15.79
N PHE D 27 -16.94 -45.03 -16.97
CA PHE D 27 -16.96 -43.59 -17.28
C PHE D 27 -17.81 -43.26 -18.51
N TYR D 28 -17.94 -41.93 -18.81
CA TYR D 28 -18.59 -41.34 -20.00
C TYR D 28 -20.08 -41.76 -20.18
N THR D 29 -20.76 -42.12 -19.08
CA THR D 29 -22.15 -42.62 -18.99
C THR D 29 -23.12 -41.59 -18.30
N PHE D 30 -22.61 -40.43 -17.84
CA PHE D 30 -23.40 -39.52 -17.02
C PHE D 30 -24.11 -38.35 -17.75
N GLY D 31 -23.99 -38.24 -19.08
CA GLY D 31 -24.64 -37.17 -19.84
C GLY D 31 -24.04 -35.78 -19.67
N GLY D 32 -22.76 -35.74 -19.30
CA GLY D 32 -22.02 -34.49 -19.10
C GLY D 32 -22.56 -33.63 -17.98
N TRP D 33 -22.69 -32.30 -18.22
CA TRP D 33 -23.21 -31.34 -17.24
C TRP D 33 -24.66 -31.60 -16.81
N GLN D 34 -25.47 -32.26 -17.69
CA GLN D 34 -26.89 -32.54 -17.44
C GLN D 34 -27.16 -33.43 -16.21
N GLN D 35 -26.12 -34.13 -15.69
CA GLN D 35 -26.19 -34.98 -14.48
C GLN D 35 -26.39 -34.14 -13.21
N SER D 36 -26.00 -32.85 -13.23
CA SER D 36 -26.04 -31.97 -12.07
C SER D 36 -27.18 -30.97 -12.08
N ALA D 37 -27.96 -30.96 -10.99
CA ALA D 37 -29.09 -30.04 -10.78
C ALA D 37 -28.59 -28.59 -10.74
N ARG D 38 -27.39 -28.34 -10.19
CA ARG D 38 -26.81 -27.00 -10.14
C ARG D 38 -26.42 -26.49 -11.52
N LYS D 39 -25.76 -27.33 -12.36
CA LYS D 39 -25.37 -26.96 -13.73
C LYS D 39 -26.62 -26.68 -14.59
N ARG D 40 -27.70 -27.49 -14.41
CA ARG D 40 -28.97 -27.28 -15.12
C ARG D 40 -29.58 -25.92 -14.72
N GLU D 41 -29.51 -25.56 -13.41
CA GLU D 41 -30.00 -24.27 -12.90
C GLU D 41 -29.22 -23.12 -13.55
N PHE D 42 -27.89 -23.26 -13.70
CA PHE D 42 -27.01 -22.25 -14.31
C PHE D 42 -27.36 -21.99 -15.79
N VAL D 43 -27.63 -23.06 -16.57
CA VAL D 43 -27.98 -22.98 -17.99
C VAL D 43 -29.31 -22.24 -18.17
N GLU D 44 -30.32 -22.61 -17.35
CA GLU D 44 -31.65 -22.00 -17.34
C GLU D 44 -31.60 -20.53 -16.96
N ALA D 45 -30.79 -20.19 -15.92
CA ALA D 45 -30.57 -18.82 -15.44
C ALA D 45 -29.89 -17.99 -16.53
N ASN D 46 -28.90 -18.59 -17.26
CA ASN D 46 -28.18 -17.90 -18.33
C ASN D 46 -29.11 -17.47 -19.46
N GLU D 47 -29.99 -18.38 -19.90
CA GLU D 47 -30.95 -18.11 -20.96
C GLU D 47 -31.81 -16.87 -20.62
N LYS D 48 -32.24 -16.77 -19.36
CA LYS D 48 -33.07 -15.69 -18.83
C LYS D 48 -32.33 -14.34 -18.81
N ILE D 49 -31.10 -14.31 -18.29
CA ILE D 49 -30.35 -13.06 -18.16
C ILE D 49 -29.82 -12.55 -19.53
N VAL D 50 -29.51 -13.44 -20.48
CA VAL D 50 -29.03 -13.05 -21.81
C VAL D 50 -30.13 -12.28 -22.58
N ALA D 51 -31.39 -12.74 -22.47
CA ALA D 51 -32.53 -12.08 -23.12
C ALA D 51 -32.96 -10.79 -22.38
N GLU D 52 -33.11 -10.87 -21.05
CA GLU D 52 -33.61 -9.79 -20.22
C GLU D 52 -32.63 -8.68 -19.84
N LYS D 53 -31.36 -9.03 -19.52
CA LYS D 53 -30.39 -8.04 -19.01
C LYS D 53 -29.23 -7.70 -19.95
N ARG D 54 -28.78 -8.65 -20.78
CA ARG D 54 -27.60 -8.50 -21.66
C ARG D 54 -27.88 -8.08 -23.10
N GLY D 55 -29.15 -7.90 -23.44
CA GLY D 55 -29.59 -7.52 -24.78
C GLY D 55 -29.09 -8.43 -25.88
N GLY D 56 -29.15 -9.75 -25.63
CA GLY D 56 -28.74 -10.77 -26.58
C GLY D 56 -27.26 -11.11 -26.65
N ILE D 57 -26.42 -10.47 -25.82
CA ILE D 57 -24.98 -10.78 -25.82
C ILE D 57 -24.81 -12.08 -25.00
N PRO D 58 -24.28 -13.17 -25.63
CA PRO D 58 -24.14 -14.43 -24.89
C PRO D 58 -23.16 -14.37 -23.72
N MET D 59 -23.30 -15.29 -22.77
CA MET D 59 -22.44 -15.36 -21.60
C MET D 59 -21.98 -16.81 -21.34
N TYR D 60 -22.67 -17.53 -20.43
CA TYR D 60 -22.39 -18.90 -20.00
C TYR D 60 -22.70 -19.88 -21.14
N ASN D 61 -21.71 -20.70 -21.50
CA ASN D 61 -21.82 -21.67 -22.59
C ASN D 61 -21.03 -22.95 -22.24
N PRO D 62 -21.73 -24.03 -21.78
CA PRO D 62 -21.02 -25.28 -21.43
C PRO D 62 -20.35 -26.01 -22.59
N ASP D 63 -20.62 -25.59 -23.84
CA ASP D 63 -20.12 -26.22 -25.07
C ASP D 63 -18.83 -25.60 -25.66
N ILE D 64 -18.34 -24.49 -25.08
CA ILE D 64 -17.14 -23.81 -25.62
C ILE D 64 -15.85 -24.64 -25.34
N GLY D 65 -15.60 -25.01 -24.09
CA GLY D 65 -14.39 -25.74 -23.71
C GLY D 65 -14.62 -27.18 -23.31
N VAL D 66 -14.01 -27.56 -22.19
CA VAL D 66 -14.08 -28.89 -21.59
C VAL D 66 -15.53 -29.37 -21.37
N PRO D 67 -15.89 -30.58 -21.88
CA PRO D 67 -17.24 -31.09 -21.60
C PRO D 67 -17.26 -31.65 -20.17
N LEU D 68 -17.61 -30.78 -19.17
CA LEU D 68 -17.64 -31.17 -17.76
C LEU D 68 -18.54 -32.40 -17.52
N GLY D 69 -18.15 -33.24 -16.57
CA GLY D 69 -18.94 -34.40 -16.20
C GLY D 69 -18.77 -35.66 -17.02
N GLN D 70 -17.55 -35.94 -17.49
CA GLN D 70 -17.19 -37.19 -18.17
C GLN D 70 -17.07 -38.25 -17.08
N ARG D 71 -16.65 -37.81 -15.88
CA ARG D 71 -16.60 -38.59 -14.66
C ARG D 71 -17.85 -38.16 -13.87
N LYS D 72 -18.19 -38.91 -12.81
CA LYS D 72 -19.30 -38.55 -11.94
C LYS D 72 -18.89 -37.29 -11.13
N LEU D 73 -19.70 -36.22 -11.21
CA LEU D 73 -19.45 -34.97 -10.48
C LEU D 73 -19.90 -35.24 -9.06
N MET D 74 -18.99 -35.08 -8.08
CA MET D 74 -19.34 -35.48 -6.72
C MET D 74 -19.83 -34.34 -5.80
N PRO D 75 -20.75 -34.66 -4.86
CA PRO D 75 -21.15 -33.65 -3.88
C PRO D 75 -20.14 -33.68 -2.72
N TYR D 76 -20.33 -32.85 -1.70
CA TYR D 76 -19.41 -32.81 -0.57
C TYR D 76 -20.16 -32.78 0.75
N LYS D 77 -19.64 -33.51 1.74
CA LYS D 77 -20.21 -33.56 3.08
C LYS D 77 -19.37 -32.63 3.97
N LEU D 78 -20.01 -31.64 4.63
CA LEU D 78 -19.26 -30.75 5.53
C LEU D 78 -18.86 -31.56 6.76
N SER D 79 -17.54 -31.64 7.04
CA SER D 79 -16.99 -32.45 8.13
C SER D 79 -17.62 -32.16 9.48
N GLY D 80 -17.98 -33.23 10.18
CA GLY D 80 -18.63 -33.18 11.49
C GLY D 80 -20.12 -32.87 11.42
N THR D 81 -20.69 -32.74 10.20
CA THR D 81 -22.13 -32.47 9.97
C THR D 81 -22.74 -33.55 9.06
N ASP D 82 -24.07 -33.54 8.92
CA ASP D 82 -24.77 -34.47 8.04
C ASP D 82 -25.24 -33.80 6.74
N TYR D 83 -24.77 -32.56 6.49
CA TYR D 83 -25.11 -31.79 5.31
C TYR D 83 -24.28 -32.23 4.10
N ILE D 84 -24.97 -32.61 3.01
CA ILE D 84 -24.36 -33.00 1.73
C ILE D 84 -24.79 -31.96 0.71
N VAL D 85 -23.81 -31.26 0.13
CA VAL D 85 -24.07 -30.14 -0.81
C VAL D 85 -23.33 -30.33 -2.13
N GLU D 86 -23.79 -29.64 -3.20
CA GLU D 86 -23.08 -29.66 -4.49
C GLU D 86 -21.85 -28.76 -4.38
N GLY D 87 -20.77 -29.12 -5.07
CA GLY D 87 -19.51 -28.39 -5.09
C GLY D 87 -19.64 -26.90 -5.38
N ASP D 88 -20.48 -26.54 -6.38
CA ASP D 88 -20.71 -25.14 -6.78
C ASP D 88 -21.27 -24.27 -5.65
N ASP D 89 -22.00 -24.89 -4.70
CA ASP D 89 -22.58 -24.19 -3.55
C ASP D 89 -21.52 -23.79 -2.51
N LEU D 90 -20.27 -24.28 -2.67
CA LEU D 90 -19.14 -23.99 -1.79
C LEU D 90 -18.23 -22.88 -2.35
N HIS D 91 -18.47 -22.42 -3.61
CA HIS D 91 -17.70 -21.27 -4.15
C HIS D 91 -18.08 -20.02 -3.33
N PHE D 92 -17.08 -19.18 -2.93
CA PHE D 92 -17.37 -17.97 -2.13
C PHE D 92 -18.41 -17.04 -2.79
N MET D 93 -18.40 -16.93 -4.14
CA MET D 93 -19.34 -16.08 -4.89
C MET D 93 -20.79 -16.55 -4.73
N ASN D 94 -21.01 -17.88 -4.66
CA ASN D 94 -22.33 -18.52 -4.55
C ASN D 94 -22.75 -18.83 -3.10
N ASN D 95 -21.91 -18.48 -2.12
CA ASN D 95 -22.16 -18.81 -0.72
C ASN D 95 -22.15 -17.58 0.17
N ALA D 96 -23.35 -17.13 0.60
CA ALA D 96 -23.51 -15.94 1.43
C ALA D 96 -22.91 -16.09 2.85
N ALA D 97 -22.81 -17.32 3.39
CA ALA D 97 -22.20 -17.55 4.71
C ALA D 97 -20.70 -17.26 4.67
N ILE D 98 -19.99 -17.75 3.63
CA ILE D 98 -18.54 -17.49 3.43
C ILE D 98 -18.34 -15.97 3.28
N GLN D 99 -19.20 -15.30 2.49
CA GLN D 99 -19.11 -13.85 2.30
C GLN D 99 -19.33 -13.08 3.60
N GLN D 100 -20.31 -13.51 4.41
CA GLN D 100 -20.60 -12.87 5.71
C GLN D 100 -19.50 -13.12 6.73
N MET D 101 -18.85 -14.31 6.68
CA MET D 101 -17.72 -14.66 7.55
C MET D 101 -16.64 -13.60 7.31
N TRP D 102 -16.29 -13.33 6.04
CA TRP D 102 -15.32 -12.31 5.67
C TRP D 102 -15.83 -10.90 6.02
N ASP D 103 -17.10 -10.58 5.72
CA ASP D 103 -17.63 -9.27 6.06
C ASP D 103 -17.52 -8.97 7.57
N ASP D 104 -17.87 -9.93 8.44
CA ASP D 104 -17.81 -9.78 9.90
C ASP D 104 -16.37 -9.56 10.42
N ILE D 105 -15.39 -10.28 9.83
CA ILE D 105 -13.96 -10.11 10.17
C ILE D 105 -13.50 -8.72 9.71
N ARG D 106 -13.73 -8.38 8.42
CA ARG D 106 -13.34 -7.10 7.83
C ARG D 106 -13.86 -5.88 8.60
N ARG D 107 -15.15 -5.89 9.01
CA ARG D 107 -15.79 -4.72 9.66
C ARG D 107 -15.52 -4.57 11.18
N THR D 108 -14.60 -5.37 11.75
CA THR D 108 -14.28 -5.34 13.19
C THR D 108 -13.02 -4.53 13.50
N VAL D 109 -13.11 -3.66 14.51
CA VAL D 109 -11.98 -2.94 15.07
C VAL D 109 -12.19 -2.81 16.60
N ILE D 110 -11.11 -2.92 17.39
CA ILE D 110 -11.17 -2.84 18.86
C ILE D 110 -10.42 -1.58 19.30
N VAL D 111 -11.03 -0.77 20.19
CA VAL D 111 -10.44 0.48 20.68
C VAL D 111 -10.41 0.52 22.22
N GLY D 112 -9.22 0.74 22.79
CA GLY D 112 -9.04 0.91 24.23
C GLY D 112 -9.72 2.19 24.66
N MET D 113 -10.49 2.13 25.76
CA MET D 113 -11.25 3.28 26.26
C MET D 113 -10.60 4.04 27.42
N ASP D 114 -9.59 3.44 28.08
CA ASP D 114 -8.93 4.05 29.24
C ASP D 114 -8.19 5.36 28.92
N THR D 115 -7.57 5.48 27.72
CA THR D 115 -6.88 6.72 27.30
C THR D 115 -7.88 7.88 27.16
N GLY D 116 -8.97 7.64 26.44
CA GLY D 116 -10.03 8.62 26.22
C GLY D 116 -10.65 9.08 27.52
N HIS D 117 -10.87 8.13 28.47
CA HIS D 117 -11.43 8.44 29.79
C HIS D 117 -10.46 9.29 30.62
N ALA D 118 -9.13 9.11 30.41
CA ALA D 118 -8.08 9.91 31.07
C ALA D 118 -8.03 11.34 30.51
N VAL D 119 -8.22 11.53 29.18
CA VAL D 119 -8.26 12.86 28.53
C VAL D 119 -9.42 13.65 29.15
N LEU D 120 -10.59 13.00 29.30
CA LEU D 120 -11.80 13.58 29.88
C LEU D 120 -11.59 14.06 31.32
N GLU D 121 -11.05 13.19 32.17
CA GLU D 121 -10.83 13.50 33.59
C GLU D 121 -9.64 14.43 33.86
N LYS D 122 -8.49 14.18 33.21
CA LYS D 122 -7.24 14.90 33.48
C LYS D 122 -6.97 16.13 32.61
N ARG D 123 -7.45 16.17 31.38
CA ARG D 123 -7.24 17.36 30.55
C ARG D 123 -8.48 18.28 30.55
N LEU D 124 -9.68 17.68 30.47
CA LEU D 124 -10.94 18.42 30.41
C LEU D 124 -11.67 18.63 31.76
N GLY D 125 -11.31 17.83 32.77
CA GLY D 125 -11.93 17.92 34.09
C GLY D 125 -13.38 17.51 34.13
N VAL D 126 -13.71 16.45 33.36
CA VAL D 126 -15.05 15.86 33.23
C VAL D 126 -15.00 14.45 33.83
N GLU D 127 -15.90 14.16 34.79
CA GLU D 127 -15.98 12.88 35.49
C GLU D 127 -16.55 11.75 34.61
N VAL D 128 -15.97 10.53 34.73
CA VAL D 128 -16.39 9.32 34.01
C VAL D 128 -16.89 8.28 35.04
N THR D 129 -18.14 7.84 34.87
CA THR D 129 -18.81 6.88 35.77
C THR D 129 -19.51 5.79 34.92
N PRO D 130 -19.94 4.63 35.51
CA PRO D 130 -20.68 3.64 34.71
C PRO D 130 -21.93 4.21 34.04
N GLU D 131 -22.61 5.19 34.68
CA GLU D 131 -23.81 5.85 34.14
C GLU D 131 -23.48 6.67 32.88
N THR D 132 -22.33 7.39 32.87
CA THR D 132 -21.87 8.16 31.70
C THR D 132 -21.46 7.22 30.57
N ILE D 133 -20.83 6.07 30.90
CA ILE D 133 -20.41 5.05 29.93
C ILE D 133 -21.66 4.44 29.26
N ASN D 134 -22.70 4.12 30.06
CA ASN D 134 -23.96 3.56 29.56
C ASN D 134 -24.66 4.54 28.59
N GLU D 135 -24.60 5.86 28.90
CA GLU D 135 -25.13 6.95 28.08
C GLU D 135 -24.32 7.04 26.78
N TYR D 136 -22.98 6.89 26.89
CA TYR D 136 -22.07 6.90 25.73
C TYR D 136 -22.41 5.71 24.81
N MET D 137 -22.64 4.50 25.38
CA MET D 137 -22.94 3.28 24.63
C MET D 137 -24.24 3.40 23.80
N ALA D 138 -25.26 4.08 24.34
CA ALA D 138 -26.50 4.33 23.62
C ALA D 138 -26.24 5.33 22.45
N THR D 139 -25.36 6.32 22.67
CA THR D 139 -24.99 7.34 21.69
C THR D 139 -24.26 6.74 20.47
N ILE D 140 -23.21 5.95 20.72
CA ILE D 140 -22.42 5.32 19.66
C ILE D 140 -23.27 4.31 18.86
N ASN D 141 -24.28 3.68 19.48
CA ASN D 141 -25.15 2.77 18.74
C ASN D 141 -26.14 3.54 17.81
N HIS D 142 -26.25 4.87 17.97
CA HIS D 142 -27.04 5.73 17.09
C HIS D 142 -26.09 6.32 16.02
N SER D 143 -24.89 6.76 16.45
CA SER D 143 -23.87 7.40 15.62
C SER D 143 -23.12 6.45 14.66
N LEU D 144 -22.62 5.31 15.14
CA LEU D 144 -21.85 4.34 14.32
C LEU D 144 -22.61 3.87 13.06
N PRO D 145 -23.93 3.54 13.10
CA PRO D 145 -24.64 3.15 11.87
C PRO D 145 -24.98 4.33 10.92
N GLY D 146 -24.62 5.56 11.29
CA GLY D 146 -24.86 6.73 10.45
C GLY D 146 -25.96 7.70 10.86
N GLY D 147 -26.25 7.80 12.16
CA GLY D 147 -27.20 8.76 12.71
C GLY D 147 -26.45 10.01 13.16
N ALA D 148 -27.07 11.19 13.09
CA ALA D 148 -26.43 12.47 13.46
C ALA D 148 -26.67 12.86 14.93
N VAL D 149 -25.66 13.51 15.55
CA VAL D 149 -25.72 13.88 16.98
C VAL D 149 -25.38 15.36 17.31
N VAL D 150 -24.69 16.13 16.42
CA VAL D 150 -24.30 17.52 16.78
C VAL D 150 -24.85 18.62 15.84
N GLN D 151 -24.64 18.49 14.54
CA GLN D 151 -24.96 19.53 13.58
C GLN D 151 -26.41 19.57 13.13
N GLU D 152 -26.90 20.78 12.85
CA GLU D 152 -28.24 20.97 12.30
C GLU D 152 -28.15 20.72 10.80
N HIS D 153 -29.26 20.23 10.19
CA HIS D 153 -29.43 19.96 8.77
C HIS D 153 -28.50 18.83 8.26
N MET D 154 -28.33 17.78 9.07
CA MET D 154 -27.55 16.61 8.68
C MET D 154 -28.44 15.56 8.04
N VAL D 155 -27.94 14.90 6.99
CA VAL D 155 -28.64 13.78 6.35
C VAL D 155 -28.18 12.51 7.09
N GLU D 156 -28.91 11.40 6.98
CA GLU D 156 -28.53 10.18 7.71
C GLU D 156 -28.67 8.90 6.87
N VAL D 157 -27.96 7.85 7.28
CA VAL D 157 -28.00 6.52 6.63
C VAL D 157 -29.31 5.84 7.03
N HIS D 158 -30.00 5.22 6.05
CA HIS D 158 -31.25 4.48 6.27
C HIS D 158 -30.97 3.33 7.28
N PRO D 159 -31.68 3.31 8.43
CA PRO D 159 -31.47 2.25 9.44
C PRO D 159 -31.59 0.83 8.92
N SER D 160 -32.50 0.58 7.94
CA SER D 160 -32.70 -0.76 7.34
C SER D 160 -31.44 -1.27 6.60
N LEU D 161 -30.55 -0.36 6.21
CA LEU D 161 -29.30 -0.70 5.53
C LEU D 161 -28.16 -1.00 6.51
N ALA D 162 -28.31 -0.63 7.80
CA ALA D 162 -27.23 -0.77 8.80
C ALA D 162 -27.63 -1.50 10.11
N TRP D 163 -28.68 -2.34 10.09
CA TRP D 163 -29.17 -3.08 11.28
C TRP D 163 -28.10 -3.99 11.98
N ASP D 164 -27.06 -4.40 11.21
CA ASP D 164 -25.97 -5.28 11.65
C ASP D 164 -24.82 -4.53 12.34
N CYS D 165 -24.92 -3.18 12.41
CA CYS D 165 -23.91 -2.31 13.00
C CYS D 165 -24.12 -2.18 14.51
N TYR D 166 -23.10 -2.54 15.30
CA TYR D 166 -23.16 -2.44 16.76
C TYR D 166 -21.87 -1.90 17.33
N ALA D 167 -21.98 -1.27 18.50
CA ALA D 167 -20.84 -0.85 19.29
C ALA D 167 -21.06 -1.58 20.63
N LYS D 168 -20.08 -2.41 21.01
CA LYS D 168 -20.13 -3.20 22.24
C LYS D 168 -18.97 -2.85 23.14
N ILE D 169 -19.07 -3.24 24.41
CA ILE D 169 -18.03 -2.97 25.41
C ILE D 169 -17.65 -4.23 26.20
N PHE D 170 -16.36 -4.36 26.53
CA PHE D 170 -15.88 -5.45 27.39
C PHE D 170 -14.80 -4.94 28.33
N THR D 171 -14.69 -5.55 29.51
CA THR D 171 -13.73 -5.12 30.51
C THR D 171 -13.18 -6.28 31.33
N GLY D 172 -11.90 -6.13 31.72
CA GLY D 172 -11.22 -7.07 32.60
C GLY D 172 -11.49 -6.72 34.05
N ASP D 173 -12.13 -5.56 34.30
CA ASP D 173 -12.54 -5.06 35.61
C ASP D 173 -13.95 -5.57 35.91
N ASP D 174 -14.05 -6.64 36.75
CA ASP D 174 -15.31 -7.27 37.13
C ASP D 174 -16.27 -6.34 37.86
N GLU D 175 -15.73 -5.37 38.62
CA GLU D 175 -16.50 -4.37 39.38
C GLU D 175 -17.21 -3.43 38.42
N LEU D 176 -16.54 -3.04 37.32
CA LEU D 176 -17.13 -2.18 36.30
C LEU D 176 -18.16 -2.97 35.48
N ALA D 177 -17.81 -4.22 35.10
CA ALA D 177 -18.65 -5.15 34.33
C ALA D 177 -20.03 -5.31 34.96
N ASP D 178 -20.10 -5.44 36.30
CA ASP D 178 -21.34 -5.56 37.08
C ASP D 178 -22.24 -4.33 36.99
N GLU D 179 -21.64 -3.14 36.82
CA GLU D 179 -22.34 -1.86 36.74
C GLU D 179 -22.81 -1.49 35.32
N LEU D 180 -22.18 -2.06 34.28
CA LEU D 180 -22.49 -1.75 32.89
C LEU D 180 -23.78 -2.40 32.41
N ASP D 181 -24.52 -1.69 31.53
CA ASP D 181 -25.76 -2.16 30.92
C ASP D 181 -25.43 -3.40 30.07
N LYS D 182 -26.07 -4.54 30.41
CA LYS D 182 -25.85 -5.84 29.76
C LYS D 182 -26.20 -5.86 28.27
N LYS D 183 -27.05 -4.94 27.80
CA LYS D 183 -27.42 -4.84 26.37
C LYS D 183 -26.17 -4.59 25.50
N TYR D 184 -25.19 -3.82 26.01
CA TYR D 184 -23.97 -3.46 25.28
C TYR D 184 -22.74 -4.26 25.68
N LEU D 185 -22.82 -5.07 26.73
CA LEU D 185 -21.68 -5.82 27.23
C LEU D 185 -21.42 -7.15 26.52
N ILE D 186 -20.13 -7.42 26.24
CA ILE D 186 -19.65 -8.73 25.79
C ILE D 186 -19.18 -9.31 27.15
N ASP D 187 -20.02 -10.16 27.74
CA ASP D 187 -19.80 -10.73 29.07
C ASP D 187 -18.81 -11.90 29.06
N ILE D 188 -17.54 -11.64 29.42
CA ILE D 188 -16.47 -12.65 29.44
C ILE D 188 -16.82 -13.85 30.36
N ASN D 189 -17.35 -13.55 31.56
CA ASN D 189 -17.74 -14.55 32.56
C ASN D 189 -18.90 -15.47 32.14
N LYS D 190 -19.81 -14.99 31.28
CA LYS D 190 -20.93 -15.79 30.79
C LYS D 190 -20.60 -16.56 29.50
N LEU D 191 -19.81 -15.95 28.59
CA LEU D 191 -19.50 -16.52 27.29
C LEU D 191 -18.41 -17.58 27.29
N PHE D 192 -17.45 -17.50 28.23
CA PHE D 192 -16.34 -18.43 28.30
C PHE D 192 -16.41 -19.33 29.54
N PRO D 193 -15.92 -20.61 29.46
CA PRO D 193 -15.86 -21.46 30.67
C PRO D 193 -14.91 -20.79 31.67
N GLU D 194 -15.17 -20.94 32.98
CA GLU D 194 -14.46 -20.33 34.11
C GLU D 194 -12.94 -20.22 33.95
N GLU D 195 -12.26 -21.33 33.67
CA GLU D 195 -10.80 -21.36 33.50
C GLU D 195 -10.33 -20.47 32.33
N GLN D 196 -11.09 -20.46 31.23
CA GLN D 196 -10.77 -19.63 30.06
C GLN D 196 -11.01 -18.15 30.37
N ALA D 197 -12.10 -17.84 31.11
CA ALA D 197 -12.44 -16.46 31.52
C ALA D 197 -11.30 -15.87 32.36
N GLU D 198 -10.74 -16.66 33.29
CA GLU D 198 -9.63 -16.25 34.15
C GLU D 198 -8.34 -15.99 33.38
N GLN D 199 -8.01 -16.85 32.38
CA GLN D 199 -6.81 -16.65 31.56
C GLN D 199 -6.93 -15.35 30.75
N LEU D 200 -8.13 -15.06 30.17
CA LEU D 200 -8.36 -13.85 29.39
C LEU D 200 -8.30 -12.59 30.25
N LYS D 201 -8.98 -12.59 31.43
CA LYS D 201 -8.98 -11.43 32.34
C LYS D 201 -7.58 -11.12 32.88
N ALA D 202 -6.78 -12.17 33.21
CA ALA D 202 -5.39 -12.00 33.66
C ALA D 202 -4.54 -11.38 32.55
N ALA D 203 -4.78 -11.79 31.28
CA ALA D 203 -4.03 -11.28 30.12
C ALA D 203 -4.34 -9.80 29.82
N ILE D 204 -5.63 -9.41 29.90
CA ILE D 204 -6.05 -8.04 29.55
C ILE D 204 -6.00 -7.06 30.72
N GLY D 205 -5.90 -7.55 31.95
CA GLY D 205 -5.84 -6.71 33.16
C GLY D 205 -7.17 -6.04 33.47
N LYS D 206 -7.13 -4.85 34.09
CA LYS D 206 -8.34 -4.10 34.47
C LYS D 206 -8.74 -3.08 33.39
N LYS D 207 -8.39 -3.33 32.14
CA LYS D 207 -8.64 -2.42 31.01
C LYS D 207 -10.02 -2.63 30.36
N THR D 208 -10.57 -1.53 29.82
CA THR D 208 -11.88 -1.46 29.17
C THR D 208 -11.73 -1.16 27.68
N TYR D 209 -12.47 -1.91 26.84
CA TYR D 209 -12.40 -1.81 25.39
C TYR D 209 -13.74 -1.72 24.72
N GLN D 210 -13.79 -1.00 23.59
CA GLN D 210 -14.98 -0.89 22.77
C GLN D 210 -14.74 -1.70 21.49
N VAL D 211 -15.75 -2.46 21.04
CA VAL D 211 -15.70 -3.18 19.79
C VAL D 211 -16.65 -2.47 18.83
N SER D 212 -16.12 -1.97 17.70
CA SER D 212 -16.92 -1.33 16.68
C SER D 212 -17.17 -2.36 15.58
N ARG D 213 -18.44 -2.63 15.28
CA ARG D 213 -18.80 -3.51 14.19
C ARG D 213 -19.44 -2.59 13.15
N VAL D 214 -18.61 -2.05 12.25
CA VAL D 214 -18.99 -1.10 11.19
C VAL D 214 -20.04 -1.78 10.25
N PRO D 215 -21.04 -1.07 9.64
CA PRO D 215 -22.02 -1.78 8.80
C PRO D 215 -21.38 -2.60 7.67
N THR D 216 -21.89 -3.84 7.41
CA THR D 216 -21.40 -4.71 6.33
C THR D 216 -21.37 -3.95 4.99
N LEU D 217 -22.41 -3.11 4.71
CA LEU D 217 -22.53 -2.32 3.49
C LEU D 217 -21.33 -1.41 3.25
N VAL D 218 -20.71 -0.87 4.32
CA VAL D 218 -19.52 0.01 4.24
C VAL D 218 -18.32 -0.70 3.57
N GLY D 219 -17.94 -1.86 4.10
CA GLY D 219 -16.83 -2.67 3.58
C GLY D 219 -17.06 -3.16 2.15
N ARG D 220 -18.33 -3.36 1.76
CA ARG D 220 -18.72 -3.79 0.42
C ARG D 220 -18.55 -2.65 -0.60
N VAL D 221 -19.09 -1.46 -0.29
CA VAL D 221 -18.92 -0.27 -1.15
C VAL D 221 -17.43 0.12 -1.20
N CYS D 222 -16.78 0.12 -0.02
CA CYS D 222 -15.41 0.60 0.09
C CYS D 222 -14.38 -0.53 0.29
N ASP D 223 -13.58 -0.50 1.38
CA ASP D 223 -12.55 -1.52 1.63
C ASP D 223 -12.25 -1.72 3.14
N GLY D 224 -11.26 -2.54 3.45
CA GLY D 224 -10.83 -2.81 4.82
C GLY D 224 -10.22 -1.59 5.51
N GLY D 225 -9.50 -0.76 4.74
CA GLY D 225 -8.86 0.45 5.26
C GLY D 225 -9.84 1.52 5.77
N THR D 226 -11.10 1.43 5.35
CA THR D 226 -12.18 2.34 5.75
C THR D 226 -12.59 2.12 7.23
N ILE D 227 -12.56 0.85 7.67
CA ILE D 227 -13.13 0.37 8.95
C ILE D 227 -12.60 1.11 10.20
N ALA D 228 -11.27 1.15 10.44
CA ALA D 228 -10.72 1.85 11.62
C ALA D 228 -11.05 3.36 11.60
N ARG D 229 -11.11 3.95 10.39
CA ARG D 229 -11.41 5.38 10.23
C ARG D 229 -12.87 5.65 10.57
N TRP D 230 -13.81 4.85 10.02
CA TRP D 230 -15.26 4.96 10.26
C TRP D 230 -15.54 4.91 11.79
N SER D 231 -14.95 3.91 12.46
CA SER D 231 -15.05 3.70 13.91
C SER D 231 -14.53 4.94 14.67
N ALA D 232 -13.33 5.46 14.30
CA ALA D 232 -12.73 6.62 14.96
C ALA D 232 -13.57 7.89 14.86
N MET D 233 -14.13 8.18 13.66
CA MET D 233 -14.97 9.37 13.44
C MET D 233 -16.17 9.37 14.38
N GLN D 234 -16.88 8.23 14.46
CA GLN D 234 -18.09 8.14 15.26
C GLN D 234 -17.83 8.02 16.76
N ILE D 235 -16.67 7.50 17.17
CA ILE D 235 -16.25 7.47 18.58
C ILE D 235 -16.08 8.94 19.04
N GLY D 236 -15.40 9.75 18.22
CA GLY D 236 -15.17 11.16 18.46
C GLY D 236 -16.48 11.92 18.61
N MET D 237 -17.40 11.71 17.66
CA MET D 237 -18.72 12.35 17.66
C MET D 237 -19.53 11.98 18.93
N SER D 238 -19.48 10.70 19.32
CA SER D 238 -20.19 10.18 20.51
C SER D 238 -19.65 10.74 21.82
N PHE D 239 -18.31 10.95 21.93
CA PHE D 239 -17.69 11.57 23.12
C PHE D 239 -18.10 13.05 23.25
N ILE D 240 -18.06 13.82 22.13
CA ILE D 240 -18.46 15.24 22.08
C ILE D 240 -19.90 15.40 22.60
N THR D 241 -20.83 14.56 22.10
CA THR D 241 -22.24 14.59 22.48
C THR D 241 -22.50 14.14 23.91
N ALA D 242 -22.04 12.92 24.27
CA ALA D 242 -22.28 12.34 25.61
C ALA D 242 -21.67 13.12 26.77
N TYR D 243 -20.55 13.84 26.53
CA TYR D 243 -19.86 14.57 27.58
C TYR D 243 -19.93 16.11 27.43
N LYS D 244 -20.75 16.62 26.49
CA LYS D 244 -20.99 18.04 26.23
C LYS D 244 -19.70 18.89 26.09
N LEU D 245 -18.79 18.44 25.23
CA LEU D 245 -17.52 19.13 25.00
C LEU D 245 -17.69 20.18 23.90
N CYS D 246 -16.67 21.05 23.70
CA CYS D 246 -16.71 22.00 22.57
C CYS D 246 -16.60 21.10 21.34
N ALA D 247 -17.52 21.27 20.37
CA ALA D 247 -17.54 20.43 19.17
C ALA D 247 -16.39 20.80 18.22
N GLY D 248 -15.19 20.40 18.63
CA GLY D 248 -13.94 20.67 17.96
C GLY D 248 -13.03 21.59 18.76
N GLU D 249 -12.26 21.02 19.70
CA GLU D 249 -11.29 21.72 20.56
C GLU D 249 -9.98 20.90 20.62
N ALA D 250 -8.91 21.46 21.23
CA ALA D 250 -7.58 20.82 21.32
C ALA D 250 -7.59 19.35 21.81
N ALA D 251 -8.33 19.06 22.91
CA ALA D 251 -8.44 17.74 23.50
C ALA D 251 -9.06 16.65 22.59
N ILE D 252 -9.89 17.07 21.60
CA ILE D 252 -10.53 16.16 20.63
C ILE D 252 -9.49 15.40 19.78
N ALA D 253 -8.38 16.09 19.41
CA ALA D 253 -7.27 15.53 18.62
C ALA D 253 -6.64 14.31 19.32
N ASP D 254 -6.59 14.32 20.68
CA ASP D 254 -6.07 13.20 21.49
C ASP D 254 -6.93 11.95 21.31
N PHE D 255 -8.28 12.13 21.26
CA PHE D 255 -9.20 11.02 21.06
C PHE D 255 -8.98 10.38 19.69
N SER D 256 -8.76 11.21 18.64
CA SER D 256 -8.50 10.73 17.28
C SER D 256 -7.18 9.95 17.22
N TYR D 257 -6.10 10.50 17.83
CA TYR D 257 -4.80 9.83 17.87
C TYR D 257 -4.89 8.46 18.58
N ALA D 258 -5.67 8.39 19.67
CA ALA D 258 -5.87 7.14 20.42
C ALA D 258 -6.69 6.13 19.60
N ALA D 259 -7.82 6.55 19.00
CA ALA D 259 -8.69 5.67 18.20
C ALA D 259 -8.10 5.25 16.84
N LYS D 260 -7.11 6.01 16.31
CA LYS D 260 -6.51 5.69 15.01
C LYS D 260 -5.09 5.13 15.06
N MHS D 261 -4.37 5.33 16.19
CA MHS D 261 -2.97 4.88 16.27
C MHS D 261 -2.54 4.25 17.60
O MHS D 261 -2.04 3.12 17.58
CB MHS D 261 -2.03 6.07 15.99
CG MHS D 261 -2.23 6.65 14.60
ND1 MHS D 261 -1.71 6.22 13.43
CD2 MHS D 261 -3.04 7.74 14.32
CE1 MHS D 261 -2.17 7.02 12.46
NE2 MHS D 261 -2.99 7.94 12.99
CM MHS D 261 -0.77 5.08 13.20
N ALA D 262 -2.67 4.99 18.71
CA ALA D 262 -2.16 4.59 20.03
C ALA D 262 -2.94 3.49 20.79
N ASP D 263 -4.27 3.37 20.60
CA ASP D 263 -5.06 2.36 21.33
C ASP D 263 -5.99 1.51 20.43
N VAL D 264 -5.65 1.42 19.15
CA VAL D 264 -6.44 0.69 18.16
C VAL D 264 -5.87 -0.72 17.86
N VAL D 265 -6.77 -1.73 17.77
CA VAL D 265 -6.43 -3.11 17.42
C VAL D 265 -7.38 -3.56 16.30
N GLY D 266 -6.85 -3.68 15.08
CA GLY D 266 -7.59 -4.16 13.93
C GLY D 266 -7.39 -5.66 13.79
N VAL D 267 -7.93 -6.27 12.73
CA VAL D 267 -7.73 -7.70 12.48
C VAL D 267 -6.45 -7.92 11.66
N GLY D 268 -6.15 -6.99 10.76
CA GLY D 268 -4.98 -7.10 9.91
C GLY D 268 -4.26 -5.79 9.68
N THR D 269 -2.96 -5.88 9.42
CA THR D 269 -2.09 -4.72 9.15
C THR D 269 -2.03 -4.45 7.65
N ALA D 270 -1.71 -3.21 7.25
CA ALA D 270 -1.56 -2.82 5.84
C ALA D 270 -0.46 -3.65 5.17
N LEU D 271 -0.60 -3.86 3.85
CA LEU D 271 0.37 -4.63 3.07
C LEU D 271 1.18 -3.73 2.14
N PRO D 272 2.47 -4.07 1.90
CA PRO D 272 3.29 -3.22 1.03
C PRO D 272 3.47 -3.74 -0.40
N ALA D 273 4.20 -2.94 -1.21
CA ALA D 273 4.68 -3.23 -2.57
C ALA D 273 3.63 -3.83 -3.51
N ARG D 274 3.87 -5.03 -4.12
CA ARG D 274 2.91 -5.66 -5.05
C ARG D 274 1.57 -5.99 -4.40
N AGM D 275 1.58 -6.27 -3.09
CA AGM D 275 0.37 -6.62 -2.37
CB AGM D 275 0.70 -7.70 -1.33
CG AGM D 275 0.90 -9.07 -2.00
CD AGM D 275 1.70 -10.10 -1.19
CE2 AGM D 275 0.77 -10.84 -0.22
NE1 AGM D 275 2.84 -9.56 -0.45
CZ AGM D 275 3.99 -9.11 -0.95
NH1 AGM D 275 4.28 -9.22 -2.26
NH2 AGM D 275 4.88 -8.53 -0.13
C AGM D 275 -0.32 -5.40 -1.75
O AGM D 275 -1.25 -5.58 -0.96
N SER D 276 0.12 -4.17 -2.11
CA SER D 276 -0.39 -2.86 -1.64
C SER D 276 -1.88 -2.92 -1.34
N ARG D 277 -2.22 -2.81 -0.05
CA ARG D 277 -3.58 -2.86 0.47
C ARG D 277 -3.65 -2.19 1.82
N GLY D 278 -4.85 -1.75 2.18
CA GLY D 278 -5.07 -1.14 3.48
C GLY D 278 -5.16 -2.17 4.58
N ALA D 279 -5.35 -1.71 5.83
CA ALA D 279 -5.51 -2.57 7.00
C ALA D 279 -6.84 -3.33 6.87
N ASN D 280 -7.05 -4.39 7.69
CA ASN D 280 -8.27 -5.20 7.69
C ASN D 280 -8.58 -5.85 6.31
N GLU D 281 -7.51 -6.34 5.64
CA GLU D 281 -7.60 -7.12 4.40
C GLU D 281 -7.06 -8.53 4.76
N PRO D 282 -7.46 -9.62 4.05
CA PRO D 282 -7.09 -10.97 4.53
C PRO D 282 -5.59 -11.24 4.64
N GLY D 283 -4.81 -10.68 3.74
CA GLY D 283 -3.36 -10.85 3.72
C GLY D 283 -2.63 -10.30 4.93
N GLY D 284 -3.26 -9.33 5.61
CA GLY D 284 -2.68 -8.70 6.81
C GLY D 284 -2.96 -9.43 8.11
N ILE D 285 -3.79 -10.49 8.07
CA ILE D 285 -4.18 -11.26 9.27
C ILE D 285 -3.13 -12.34 9.63
N PRO D 286 -2.39 -12.20 10.76
CA PRO D 286 -1.41 -13.26 11.11
C PRO D 286 -2.13 -14.52 11.59
N PHE D 287 -1.46 -15.68 11.49
CA PHE D 287 -2.08 -16.97 11.80
C PHE D 287 -2.64 -17.09 13.24
N GLY D 288 -1.95 -16.48 14.21
CA GLY D 288 -2.39 -16.44 15.61
C GLY D 288 -3.69 -15.69 15.80
N VAL D 289 -3.87 -14.59 15.06
CA VAL D 289 -5.11 -13.78 15.09
C VAL D 289 -6.26 -14.56 14.44
N LEU D 290 -6.00 -15.26 13.32
CA LEU D 290 -7.02 -16.10 12.68
C LEU D 290 -7.54 -17.16 13.67
N CYS D 291 -6.63 -17.79 14.46
CA CYS D 291 -7.01 -18.76 15.52
C CYS D 291 -8.01 -18.12 16.48
N ASP D 292 -7.69 -16.91 16.95
CA ASP D 292 -8.48 -16.20 17.94
C ASP D 292 -9.82 -15.71 17.42
N ILE D 293 -9.97 -15.55 16.09
CA ILE D 293 -11.27 -15.19 15.47
C ILE D 293 -12.26 -16.38 15.66
N VAL D 294 -11.76 -17.61 15.46
CA VAL D 294 -12.53 -18.86 15.57
C VAL D 294 -12.87 -19.10 17.05
N GLN D 295 -14.10 -19.55 17.34
CA GLN D 295 -14.62 -19.67 18.71
C GLN D 295 -14.95 -21.10 19.20
N THR D 296 -14.52 -22.14 18.48
CA THR D 296 -14.79 -23.54 18.88
C THR D 296 -14.21 -23.87 20.27
N THR D 297 -13.08 -23.21 20.65
CA THR D 297 -12.41 -23.37 21.97
C THR D 297 -13.36 -23.09 23.15
N ARG D 298 -14.36 -22.20 22.93
CA ARG D 298 -15.35 -21.78 23.92
C ARG D 298 -16.45 -22.84 24.15
N ILE D 299 -16.82 -23.63 23.11
CA ILE D 299 -17.93 -24.60 23.17
C ILE D 299 -17.51 -26.08 23.15
N SER D 300 -16.24 -26.39 22.82
CA SER D 300 -15.76 -27.79 22.78
C SER D 300 -14.44 -27.94 23.52
N ASP D 301 -14.26 -29.10 24.19
CA ASP D 301 -13.05 -29.46 24.93
C ASP D 301 -12.12 -30.36 24.11
N ASP D 302 -12.56 -30.75 22.89
CA ASP D 302 -11.81 -31.62 21.98
C ASP D 302 -10.68 -30.79 21.30
N PRO D 303 -9.37 -31.02 21.63
CA PRO D 303 -8.30 -30.23 20.98
C PRO D 303 -8.20 -30.39 19.46
N VAL D 304 -8.50 -31.61 18.95
CA VAL D 304 -8.50 -31.90 17.50
C VAL D 304 -9.62 -31.10 16.81
N GLU D 305 -10.84 -31.15 17.35
CA GLU D 305 -11.98 -30.41 16.80
C GLU D 305 -11.71 -28.90 16.76
N GLN D 306 -11.09 -28.36 17.84
CA GLN D 306 -10.71 -26.94 17.94
C GLN D 306 -9.78 -26.52 16.79
N SER D 307 -8.75 -27.35 16.51
CA SER D 307 -7.76 -27.11 15.44
C SER D 307 -8.37 -27.21 14.04
N LEU D 308 -9.27 -28.19 13.82
CA LEU D 308 -9.86 -28.39 12.50
C LEU D 308 -10.90 -27.35 12.13
N GLU D 309 -11.58 -26.73 13.11
CA GLU D 309 -12.52 -25.64 12.79
C GLU D 309 -11.72 -24.40 12.36
N VAL D 310 -10.48 -24.26 12.90
CA VAL D 310 -9.54 -23.18 12.51
C VAL D 310 -9.08 -23.43 11.06
N VAL D 311 -8.73 -24.70 10.74
CA VAL D 311 -8.33 -25.09 9.37
C VAL D 311 -9.45 -24.70 8.37
N ALA D 312 -10.71 -25.00 8.71
CA ALA D 312 -11.89 -24.70 7.88
C ALA D 312 -11.98 -23.19 7.57
N VAL D 313 -11.95 -22.33 8.61
CA VAL D 313 -11.99 -20.87 8.47
C VAL D 313 -10.78 -20.38 7.67
N GLY D 314 -9.60 -20.91 7.99
CA GLY D 314 -8.35 -20.57 7.32
C GLY D 314 -8.38 -20.88 5.83
N ALA D 315 -8.85 -22.08 5.45
CA ALA D 315 -8.95 -22.50 4.05
C ALA D 315 -9.98 -21.65 3.30
N MET D 316 -11.16 -21.43 3.90
CA MET D 316 -12.21 -20.58 3.32
C MET D 316 -11.70 -19.15 3.09
N LEU D 317 -11.07 -18.54 4.11
CA LEU D 317 -10.58 -17.16 3.98
C LEU D 317 -9.31 -17.02 3.13
N TYR D 318 -8.24 -17.71 3.51
CA TYR D 318 -6.96 -17.59 2.84
C TYR D 318 -6.91 -18.17 1.42
N ASP D 319 -7.49 -19.36 1.19
CA ASP D 319 -7.44 -19.96 -0.15
C ASP D 319 -8.58 -19.51 -1.07
N GLN D 320 -9.83 -19.56 -0.61
CA GLN D 320 -10.97 -19.19 -1.48
C GLN D 320 -11.11 -17.68 -1.74
N VAL D 321 -11.11 -16.86 -0.67
CA VAL D 321 -11.31 -15.41 -0.78
C VAL D 321 -10.00 -14.66 -1.11
N TRP D 322 -8.94 -14.86 -0.30
CA TRP D 322 -7.68 -14.16 -0.48
C TRP D 322 -6.90 -14.61 -1.73
N LEU D 323 -6.38 -15.86 -1.76
CA LEU D 323 -5.59 -16.27 -2.93
C LEU D 323 -6.41 -16.47 -4.20
N GLY D 324 -7.63 -17.00 -4.04
CA GLY D 324 -8.56 -17.28 -5.12
C GLY D 324 -9.26 -16.10 -5.75
N SER D 325 -9.24 -14.92 -5.10
CA SER D 325 -9.88 -13.73 -5.65
C SER D 325 -9.02 -12.48 -5.54
N TYR D 326 -8.74 -12.00 -4.30
CA TYR D 326 -7.88 -10.82 -4.08
C TYR D 326 -6.55 -10.93 -4.85
N MET D 327 -5.94 -12.13 -4.85
CA MET D 327 -4.64 -12.36 -5.48
C MET D 327 -4.69 -13.06 -6.84
N SER D 328 -5.89 -13.43 -7.32
CA SER D 328 -6.04 -14.09 -8.62
C SER D 328 -7.42 -13.80 -9.23
N GLY D 329 -8.40 -14.66 -9.01
CA GLY D 329 -9.75 -14.49 -9.54
C GLY D 329 -10.16 -15.51 -10.58
N GLY D 330 -11.44 -15.45 -10.95
CA GLY D 330 -12.05 -16.36 -11.92
C GLY D 330 -12.77 -17.50 -11.22
N VAL D 331 -12.75 -18.70 -11.84
CA VAL D 331 -13.32 -19.93 -11.26
C VAL D 331 -12.71 -20.15 -9.86
N GLY D 332 -11.44 -19.85 -9.68
CA GLY D 332 -10.82 -19.86 -8.35
C GLY D 332 -10.43 -21.19 -7.74
N PHE D 333 -10.36 -21.21 -6.41
CA PHE D 333 -9.79 -22.31 -5.63
C PHE D 333 -10.72 -22.97 -4.60
N THR D 334 -12.00 -23.19 -4.95
CA THR D 334 -12.95 -23.85 -4.05
C THR D 334 -12.46 -25.20 -3.51
N GLN D 335 -12.14 -26.14 -4.41
CA GLN D 335 -11.77 -27.51 -4.05
C GLN D 335 -10.37 -27.63 -3.42
N TYR D 336 -9.47 -26.65 -3.65
CA TYR D 336 -8.17 -26.64 -2.97
C TYR D 336 -8.41 -26.46 -1.47
N ALA D 337 -9.48 -25.70 -1.13
CA ALA D 337 -9.89 -25.42 0.24
C ALA D 337 -10.82 -26.48 0.82
N THR D 338 -11.84 -26.96 0.04
CA THR D 338 -12.80 -27.95 0.54
C THR D 338 -12.15 -29.25 1.03
N ALA D 339 -11.00 -29.65 0.43
CA ALA D 339 -10.29 -30.86 0.83
C ALA D 339 -9.91 -30.86 2.31
N ALA D 340 -9.74 -29.65 2.90
CA ALA D 340 -9.38 -29.45 4.30
C ALA D 340 -10.59 -29.36 5.25
N TYR D 341 -11.84 -29.28 4.72
CA TYR D 341 -13.01 -29.15 5.58
C TYR D 341 -14.22 -30.01 5.15
N THR D 342 -14.01 -30.98 4.25
CA THR D 342 -15.09 -31.88 3.80
C THR D 342 -14.74 -33.37 3.89
N ASP D 343 -15.81 -34.19 3.93
CA ASP D 343 -15.81 -35.66 3.90
C ASP D 343 -15.06 -36.34 5.07
N ASP D 344 -14.76 -35.59 6.16
CA ASP D 344 -14.07 -36.07 7.38
C ASP D 344 -12.72 -36.75 7.11
N ILE D 345 -12.04 -36.37 6.01
CA ILE D 345 -10.75 -36.97 5.62
C ILE D 345 -9.63 -36.47 6.53
N LEU D 346 -9.42 -35.14 6.58
CA LEU D 346 -8.41 -34.55 7.47
C LEU D 346 -8.71 -34.93 8.94
N ASP D 347 -10.00 -34.98 9.32
CA ASP D 347 -10.44 -35.40 10.66
C ASP D 347 -9.91 -36.79 11.01
N ASP D 348 -10.06 -37.76 10.09
CA ASP D 348 -9.57 -39.12 10.33
C ASP D 348 -8.06 -39.15 10.57
N PHE D 349 -7.28 -38.45 9.73
CA PHE D 349 -5.82 -38.40 9.82
C PHE D 349 -5.32 -37.68 11.09
N ALA D 350 -5.99 -36.56 11.47
CA ALA D 350 -5.63 -35.81 12.67
C ALA D 350 -5.97 -36.60 13.94
N TYR D 351 -7.14 -37.27 13.97
CA TYR D 351 -7.51 -38.10 15.12
C TYR D 351 -6.57 -39.31 15.28
N TYR D 352 -6.07 -39.88 14.15
CA TYR D 352 -5.10 -40.98 14.19
C TYR D 352 -3.79 -40.50 14.83
N GLY D 353 -3.32 -39.33 14.40
CA GLY D 353 -2.10 -38.70 14.90
C GLY D 353 -2.17 -38.37 16.37
N TYR D 354 -3.33 -37.84 16.81
CA TYR D 354 -3.59 -37.50 18.22
C TYR D 354 -3.47 -38.76 19.09
N GLU D 355 -4.10 -39.87 18.69
CA GLU D 355 -4.08 -41.13 19.45
C GLU D 355 -2.66 -41.74 19.51
N TYR D 356 -1.90 -41.65 18.40
CA TYR D 356 -0.52 -42.14 18.34
C TYR D 356 0.35 -41.37 19.34
N VAL D 357 0.23 -40.02 19.35
CA VAL D 357 0.97 -39.12 20.24
C VAL D 357 0.55 -39.32 21.72
N GLU D 358 -0.77 -39.37 21.98
CA GLU D 358 -1.31 -39.56 23.34
C GLU D 358 -0.74 -40.81 24.01
N LYS D 359 -0.67 -41.92 23.29
CA LYS D 359 -0.15 -43.19 23.79
C LYS D 359 1.37 -43.22 23.94
N LYS D 360 2.13 -42.71 22.95
CA LYS D 360 3.59 -42.74 22.95
C LYS D 360 4.29 -41.67 23.81
N TYR D 361 3.82 -40.42 23.73
CA TYR D 361 4.46 -39.31 24.43
C TYR D 361 3.59 -38.65 25.49
N GLY D 362 2.28 -38.64 25.27
CA GLY D 362 1.33 -37.91 26.09
C GLY D 362 1.11 -36.56 25.44
N ILE D 363 0.10 -35.81 25.89
CA ILE D 363 -0.19 -34.49 25.31
C ILE D 363 0.56 -33.39 26.07
N ASN D 364 1.27 -32.50 25.33
CA ASN D 364 2.04 -31.38 25.87
C ASN D 364 2.98 -31.82 27.03
N SER D 365 3.71 -32.92 26.82
CA SER D 365 4.60 -33.48 27.84
C SER D 365 6.03 -33.66 27.33
N THR D 366 6.33 -33.18 26.11
CA THR D 366 7.66 -33.37 25.51
C THR D 366 8.26 -32.08 24.97
N LYS D 367 9.52 -31.81 25.34
CA LYS D 367 10.28 -30.66 24.84
C LYS D 367 10.61 -30.99 23.37
N PRO D 368 10.40 -30.06 22.39
CA PRO D 368 10.70 -30.41 20.99
C PRO D 368 12.18 -30.72 20.73
N THR D 369 12.42 -31.80 19.98
CA THR D 369 13.74 -32.26 19.50
C THR D 369 13.52 -32.70 18.05
N MET D 370 14.60 -32.82 17.25
CA MET D 370 14.49 -33.30 15.86
C MET D 370 13.99 -34.76 15.81
N ASP D 371 14.42 -35.62 16.77
CA ASP D 371 13.98 -37.02 16.86
C ASP D 371 12.46 -37.13 17.03
N VAL D 372 11.89 -36.31 17.94
CA VAL D 372 10.45 -36.28 18.23
C VAL D 372 9.66 -35.80 17.01
N VAL D 373 10.11 -34.70 16.37
CA VAL D 373 9.46 -34.15 15.17
C VAL D 373 9.44 -35.18 14.03
N GLU D 374 10.61 -35.79 13.75
CA GLU D 374 10.78 -36.80 12.70
C GLU D 374 9.95 -38.05 12.94
N ASP D 375 9.86 -38.53 14.20
CA ASP D 375 9.06 -39.72 14.53
C ASP D 375 7.57 -39.51 14.22
N ILE D 376 6.98 -38.43 14.78
CA ILE D 376 5.56 -38.10 14.64
C ILE D 376 5.17 -37.81 13.17
N ALA D 377 5.87 -36.87 12.49
CA ALA D 377 5.57 -36.50 11.11
C ALA D 377 5.63 -37.69 10.14
N THR D 378 6.65 -38.59 10.29
CA THR D 378 6.81 -39.79 9.46
C THR D 378 5.60 -40.73 9.60
N GLU D 379 5.24 -41.06 10.86
CA GLU D 379 4.12 -41.96 11.17
C GLU D 379 2.78 -41.47 10.62
N VAL D 380 2.47 -40.18 10.83
CA VAL D 380 1.22 -39.58 10.37
C VAL D 380 1.18 -39.49 8.82
N THR D 381 2.33 -39.17 8.18
CA THR D 381 2.44 -39.09 6.71
C THR D 381 2.20 -40.49 6.10
N LEU D 382 2.90 -41.52 6.61
CA LEU D 382 2.73 -42.90 6.15
C LEU D 382 1.28 -43.37 6.30
N TYR D 383 0.64 -43.15 7.47
CA TYR D 383 -0.77 -43.51 7.68
C TYR D 383 -1.68 -42.84 6.65
N SER D 384 -1.51 -41.50 6.45
CA SER D 384 -2.34 -40.71 5.53
C SER D 384 -2.28 -41.21 4.09
N LEU D 385 -1.06 -41.41 3.57
CA LEU D 385 -0.88 -41.87 2.19
C LEU D 385 -1.34 -43.32 2.01
N GLU D 386 -1.21 -44.15 3.06
CA GLU D 386 -1.70 -45.54 3.04
C GLU D 386 -3.22 -45.56 2.90
N GLN D 387 -3.92 -44.52 3.39
CA GLN D 387 -5.39 -44.42 3.27
C GLN D 387 -5.80 -44.16 1.83
N TYR D 388 -5.08 -43.25 1.13
CA TYR D 388 -5.30 -42.96 -0.29
C TYR D 388 -5.01 -44.22 -1.15
N ASP D 389 -3.99 -45.03 -0.76
CA ASP D 389 -3.62 -46.28 -1.44
C ASP D 389 -4.68 -47.38 -1.25
N GLU D 390 -5.24 -47.50 -0.04
CA GLU D 390 -6.23 -48.53 0.32
C GLU D 390 -7.63 -48.24 -0.24
N PHE D 391 -8.01 -46.95 -0.35
CA PHE D 391 -9.33 -46.54 -0.83
C PHE D 391 -9.28 -45.76 -2.16
N PRO D 392 -9.43 -46.46 -3.31
CA PRO D 392 -9.44 -45.76 -4.61
C PRO D 392 -10.44 -44.62 -4.71
N THR D 393 -11.59 -44.71 -4.01
CA THR D 393 -12.61 -43.63 -3.99
C THR D 393 -12.10 -42.39 -3.27
N LEU D 394 -11.24 -42.57 -2.24
CA LEU D 394 -10.62 -41.48 -1.47
C LEU D 394 -9.64 -40.71 -2.37
N LEU D 395 -8.87 -41.43 -3.19
CA LEU D 395 -7.90 -40.84 -4.13
C LEU D 395 -8.64 -40.07 -5.25
N GLU D 396 -9.78 -40.62 -5.72
CA GLU D 396 -10.65 -40.00 -6.73
C GLU D 396 -11.34 -38.75 -6.18
N ASP D 397 -11.53 -38.71 -4.83
CA ASP D 397 -12.13 -37.59 -4.10
C ASP D 397 -11.10 -36.44 -4.03
N HIS D 398 -9.92 -36.71 -3.47
CA HIS D 398 -8.83 -35.72 -3.41
C HIS D 398 -7.95 -35.97 -4.65
N PHE D 399 -8.54 -35.72 -5.84
CA PHE D 399 -7.92 -35.98 -7.14
C PHE D 399 -6.65 -35.18 -7.44
N GLY D 400 -6.50 -34.01 -6.82
CA GLY D 400 -5.33 -33.16 -7.02
C GLY D 400 -4.29 -33.42 -5.96
N GLY D 401 -3.04 -33.56 -6.37
CA GLY D 401 -1.93 -33.80 -5.46
C GLY D 401 -1.76 -32.75 -4.38
N SER D 402 -2.03 -31.45 -4.71
CA SER D 402 -1.91 -30.35 -3.76
C SER D 402 -2.84 -30.57 -2.57
N MGN D 403 -4.12 -31.00 -2.84
CA MGN D 403 -5.15 -31.30 -1.83
CB1 MGN D 403 -6.40 -31.88 -2.51
CB2 MGN D 403 -5.52 -30.01 -1.05
CG MGN D 403 -7.13 -30.97 -3.53
CD MGN D 403 -8.31 -31.70 -4.12
OE1 MGN D 403 -8.14 -32.73 -4.77
NE2 MGN D 403 -9.51 -31.17 -3.93
C MGN D 403 -4.62 -32.40 -0.86
O MGN D 403 -4.67 -32.23 0.36
N ARG D 404 -4.05 -33.49 -1.42
CA ARG D 404 -3.49 -34.63 -0.68
C ARG D 404 -2.30 -34.20 0.18
N ALA D 405 -1.37 -33.40 -0.38
CA ALA D 405 -0.18 -32.90 0.32
C ALA D 405 -0.54 -32.02 1.51
N ALA D 406 -1.52 -31.10 1.35
CA ALA D 406 -1.98 -30.20 2.41
C ALA D 406 -2.66 -30.97 3.55
N VAL D 407 -3.49 -31.97 3.21
CA VAL D 407 -4.22 -32.79 4.19
C VAL D 407 -3.24 -33.67 5.01
N ALA D 408 -2.34 -34.42 4.36
CA ALA D 408 -1.36 -35.27 5.07
C ALA D 408 -0.40 -34.47 5.95
N ALA D 409 0.10 -33.33 5.43
CA ALA D 409 1.02 -32.45 6.16
C ALA D 409 0.34 -31.72 7.32
N ALA D 410 -0.94 -31.32 7.17
CA ALA D 410 -1.70 -30.65 8.25
C ALA D 410 -1.87 -31.61 9.42
N ALA D 411 -2.24 -32.86 9.14
CA ALA D 411 -2.38 -33.86 10.20
C ALA D 411 -1.03 -34.12 10.88
N SER D 412 0.09 -34.13 10.10
CA SER D 412 1.44 -34.32 10.63
C SER D 412 1.87 -33.14 11.54
N GLY D 413 1.68 -31.91 11.05
CA GLY D 413 1.99 -30.68 11.77
C GLY D 413 1.20 -30.55 13.07
N ILE D 414 -0.13 -30.77 12.99
CA ILE D 414 -1.03 -30.73 14.15
C ILE D 414 -0.58 -31.74 15.23
N SER D 415 -0.25 -32.98 14.82
CA SER D 415 0.19 -34.05 15.73
C SER D 415 1.50 -33.72 16.46
N VAL D 416 2.46 -33.08 15.77
CA VAL D 416 3.72 -32.63 16.39
C VAL D 416 3.40 -31.58 17.49
N CYS D 417 2.46 -30.66 17.20
CA CYS D 417 2.02 -29.63 18.15
C CYS D 417 1.32 -30.22 19.40
N MET D 418 0.55 -31.31 19.23
CA MET D 418 -0.13 -32.01 20.32
C MET D 418 0.90 -32.57 21.34
N ALA D 419 2.10 -32.97 20.87
CA ALA D 419 3.17 -33.49 21.71
C ALA D 419 4.03 -32.41 22.35
N THR D 420 4.32 -31.31 21.61
CA THR D 420 5.28 -30.30 22.05
C THR D 420 4.73 -28.95 22.52
N GLY D 421 3.59 -28.53 22.00
CA GLY D 421 3.02 -27.22 22.32
C GLY D 421 3.81 -26.07 21.71
N ASN D 422 4.66 -26.38 20.69
CA ASN D 422 5.48 -25.39 20.00
C ASN D 422 5.11 -25.37 18.50
N SER D 423 4.55 -24.24 18.04
CA SER D 423 4.10 -24.02 16.66
C SER D 423 5.20 -24.17 15.59
N ASN D 424 6.46 -23.77 15.90
CA ASN D 424 7.58 -23.93 14.96
C ASN D 424 8.01 -25.40 14.82
N ALA D 425 7.91 -26.19 15.89
CA ALA D 425 8.17 -27.63 15.84
C ALA D 425 7.12 -28.26 14.92
N GLY D 426 5.87 -27.81 15.05
CA GLY D 426 4.75 -28.26 14.23
C GLY D 426 4.94 -27.96 12.76
N VAL D 427 5.38 -26.72 12.42
CA VAL D 427 5.61 -26.34 11.03
C VAL D 427 6.81 -27.11 10.45
N ASN D 428 7.81 -27.43 11.29
CA ASN D 428 8.96 -28.22 10.86
C ASN D 428 8.49 -29.63 10.44
N GLY D 429 7.54 -30.20 11.20
CA GLY D 429 6.90 -31.49 10.92
C GLY D 429 6.14 -31.47 9.61
N TRP D 430 5.43 -30.35 9.32
CA TRP D 430 4.71 -30.13 8.05
C TRP D 430 5.71 -30.25 6.88
N TYR D 431 6.90 -29.62 6.97
CA TYR D 431 7.91 -29.64 5.92
C TYR D 431 8.51 -31.03 5.68
N LEU D 432 8.71 -31.83 6.75
CA LEU D 432 9.17 -33.22 6.60
C LEU D 432 8.11 -34.06 5.89
N SER D 433 6.83 -33.87 6.25
CA SER D 433 5.70 -34.58 5.62
C SER D 433 5.71 -34.36 4.10
N GLN D 434 5.96 -33.11 3.66
CA GLN D 434 5.98 -32.69 2.27
C GLN D 434 7.08 -33.40 1.44
N ILE D 435 8.33 -33.37 1.92
CA ILE D 435 9.44 -34.00 1.17
C ILE D 435 9.33 -35.54 1.18
N MET D 436 8.71 -36.12 2.23
CA MET D 436 8.50 -37.57 2.34
C MET D 436 7.41 -38.00 1.36
N HIS D 437 6.29 -37.25 1.29
CA HIS D 437 5.16 -37.47 0.38
C HIS D 437 5.69 -37.50 -1.07
N LYS D 438 6.56 -36.53 -1.43
CA LYS D 438 7.18 -36.42 -2.75
C LYS D 438 7.90 -37.74 -3.13
N GLU D 439 8.65 -38.33 -2.19
CA GLU D 439 9.35 -39.61 -2.46
C GLU D 439 8.43 -40.82 -2.43
N TYR D 440 7.29 -40.73 -1.71
CA TYR D 440 6.33 -41.85 -1.63
C TYR D 440 5.66 -42.08 -2.99
N HIS D 441 4.95 -41.07 -3.50
CA HIS D 441 4.19 -41.22 -4.75
C HIS D 441 4.89 -40.66 -6.00
N SER D 442 6.14 -40.14 -5.87
CA SER D 442 6.92 -39.54 -6.99
C SER D 442 6.17 -38.35 -7.64
N ARG D 443 5.48 -37.58 -6.80
CA ARG D 443 4.69 -36.38 -7.13
C ARG D 443 4.31 -35.69 -5.81
N LEU D 444 3.92 -34.41 -5.91
CA LEU D 444 3.48 -33.68 -4.74
C LEU D 444 2.23 -32.87 -5.14
N GLY D 445 2.38 -31.58 -5.41
CA GLY D 445 1.24 -30.74 -5.78
C GLY D 445 1.35 -30.19 -7.19
N PHE D 446 0.80 -28.98 -7.39
CA PHE D 446 0.86 -28.30 -8.69
C PHE D 446 2.31 -27.81 -8.96
N TYR D 447 2.58 -27.27 -10.17
CA TYR D 447 3.88 -26.77 -10.64
C TYR D 447 4.68 -26.01 -9.59
CA GL3 D 448 4.72 -24.23 -7.92
N GL3 D 448 4.03 -25.05 -8.91
C GL3 D 448 4.26 -24.42 -6.50
S GL3 D 448 4.74 -23.22 -5.43
N TYR D 449 3.79 -25.61 -6.16
CA TYR D 449 3.22 -25.88 -4.84
C TYR D 449 4.29 -25.84 -3.73
N ASP D 450 5.43 -26.50 -3.96
CA ASP D 450 6.44 -26.68 -2.93
C ASP D 450 7.58 -25.64 -2.88
N LEU D 451 7.33 -24.39 -3.31
CA LEU D 451 8.37 -23.34 -3.15
C LEU D 451 8.67 -23.19 -1.63
N GLN D 452 7.61 -22.96 -0.84
CA GLN D 452 7.76 -22.75 0.62
C GLN D 452 8.16 -24.02 1.36
N ASP D 453 7.83 -25.19 0.83
CA ASP D 453 8.14 -26.46 1.46
C ASP D 453 9.59 -26.87 1.26
N GLN D 454 10.20 -26.52 0.12
CA GLN D 454 11.63 -26.80 -0.11
C GLN D 454 12.48 -25.80 0.72
N CYS D 455 11.97 -24.53 0.87
CA CYS D 455 12.57 -23.47 1.70
C CYS D 455 12.31 -23.77 3.18
N GLY D 456 11.27 -24.58 3.41
CA GLY D 456 10.65 -24.86 4.69
C GLY D 456 11.49 -25.22 5.88
N ALA D 457 12.20 -26.37 5.79
CA ALA D 457 13.03 -26.87 6.89
C ALA D 457 14.04 -25.81 7.36
N SER D 458 14.77 -25.19 6.42
CA SER D 458 15.78 -24.16 6.74
C SER D 458 15.19 -22.89 7.40
N ASN D 459 14.00 -22.45 6.99
CA ASN D 459 13.42 -21.23 7.56
C ASN D 459 12.54 -21.47 8.79
N SER D 460 12.17 -22.75 9.08
CA SER D 460 11.28 -23.09 10.21
C SER D 460 11.84 -22.63 11.57
N LEU D 461 13.14 -22.89 11.82
CA LEU D 461 13.78 -22.51 13.09
C LEU D 461 14.80 -21.40 12.90
N SER D 462 14.82 -20.76 11.72
CA SER D 462 15.77 -19.67 11.45
C SER D 462 15.61 -18.49 12.42
N ILE D 463 16.71 -17.77 12.65
CA ILE D 463 16.78 -16.56 13.48
C ILE D 463 17.09 -15.33 12.60
N ARG D 464 17.16 -15.49 11.26
CA ARG D 464 17.49 -14.37 10.38
C ARG D 464 16.29 -13.44 10.17
N ASN D 465 16.55 -12.14 9.98
CA ASN D 465 15.52 -11.08 9.92
C ASN D 465 14.27 -11.39 9.07
N ASP D 466 14.38 -11.79 7.80
CA ASP D 466 13.14 -12.04 7.03
C ASP D 466 12.76 -13.53 6.92
N GLU D 467 13.43 -14.41 7.70
CA GLU D 467 13.15 -15.86 7.75
C GLU D 467 12.52 -16.23 9.11
N ALA D 468 12.95 -15.58 10.19
CA ALA D 468 12.47 -15.88 11.53
C ALA D 468 11.09 -15.37 11.82
N SER D 469 10.39 -16.07 12.73
CA SER D 469 9.09 -15.76 13.33
C SER D 469 8.42 -16.97 13.93
N PRO D 470 7.87 -16.85 15.17
CA PRO D 470 6.98 -17.90 15.67
C PRO D 470 5.83 -18.03 14.66
N LEU D 471 5.28 -19.25 14.44
CA LEU D 471 4.22 -19.42 13.44
C LEU D 471 3.03 -18.47 13.65
N GLU D 472 2.67 -18.17 14.92
CA GLU D 472 1.60 -17.23 15.31
C GLU D 472 1.76 -15.87 14.61
N LEU D 473 3.01 -15.37 14.54
CA LEU D 473 3.37 -14.06 13.98
C LEU D 473 3.62 -14.07 12.47
N ARG D 474 3.61 -15.27 11.85
CA ARG D 474 3.71 -15.42 10.40
C ARG D 474 2.30 -15.23 9.85
N GLY D 475 2.18 -15.09 8.54
CA GLY D 475 0.89 -14.93 7.89
C GLY D 475 1.04 -14.89 6.38
N PRO D 476 0.00 -14.42 5.65
CA PRO D 476 0.08 -14.37 4.18
C PRO D 476 1.11 -13.40 3.60
N ASN D 477 1.73 -12.52 4.43
CA ASN D 477 2.78 -11.62 3.95
C ASN D 477 4.19 -12.14 4.29
N TYR D 478 4.28 -13.28 5.02
CA TYR D 478 5.57 -13.92 5.31
C TYR D 478 6.13 -14.30 3.90
N PRO D 479 7.37 -13.86 3.54
CA PRO D 479 7.85 -14.00 2.14
C PRO D 479 7.61 -15.35 1.43
N ASN D 480 8.02 -16.49 2.01
CA ASN D 480 7.81 -17.82 1.39
C ASN D 480 6.33 -18.17 1.19
N TYR D 481 5.44 -17.60 2.01
CA TYR D 481 4.00 -17.94 2.03
C TYR D 481 3.12 -17.03 1.19
N ALA D 482 3.68 -15.96 0.61
CA ALA D 482 2.93 -14.92 -0.09
C ALA D 482 2.13 -15.34 -1.34
N MET D 483 2.43 -16.49 -1.96
CA MET D 483 1.80 -16.82 -3.24
C MET D 483 0.90 -18.04 -3.37
N ASN D 484 1.11 -19.11 -2.61
CA ASN D 484 0.47 -20.37 -2.98
C ASN D 484 -0.60 -21.00 -2.09
N VAL D 485 -1.55 -21.69 -2.76
CA VAL D 485 -2.67 -22.41 -2.12
C VAL D 485 -2.18 -23.62 -1.34
N GLY D 486 -3.09 -24.18 -0.54
CA GLY D 486 -2.87 -25.40 0.23
C GLY D 486 -1.82 -25.31 1.31
N HIS D 487 -1.68 -24.12 1.94
CA HIS D 487 -0.73 -23.93 3.04
C HIS D 487 -1.25 -23.08 4.20
N GLN D 488 -1.67 -21.81 3.90
CA GLN D 488 -2.04 -20.77 4.89
C GLN D 488 -3.10 -21.21 5.92
N GLY D 489 -4.20 -21.77 5.45
CA GLY D 489 -5.27 -22.26 6.33
C GLY D 489 -4.81 -23.40 7.23
N GLU D 490 -3.97 -24.27 6.69
CA GLU D 490 -3.40 -25.42 7.40
C GLU D 490 -2.41 -24.94 8.47
N TYR D 491 -1.60 -23.90 8.16
CA TYR D 491 -0.68 -23.28 9.11
C TYR D 491 -1.44 -22.71 10.31
N ALA D 492 -2.62 -22.08 10.06
CA ALA D 492 -3.47 -21.56 11.13
C ALA D 492 -3.93 -22.72 12.06
N GLY D 493 -4.28 -23.86 11.48
CA GLY D 493 -4.65 -25.05 12.24
C GLY D 493 -3.51 -25.60 13.08
N ILE D 494 -2.28 -25.57 12.52
CA ILE D 494 -1.06 -26.01 13.23
C ILE D 494 -0.83 -25.08 14.44
N THR D 495 -1.02 -23.75 14.24
CA THR D 495 -0.89 -22.74 15.29
C THR D 495 -1.91 -23.06 16.41
N GLN D 496 -3.19 -23.30 16.04
CA GLN D 496 -4.22 -23.64 17.03
C GLN D 496 -3.86 -24.89 17.84
N ALA D 497 -3.35 -25.95 17.17
CA ALA D 497 -2.98 -27.22 17.82
C ALA D 497 -1.99 -27.05 18.96
N ALA D 498 -1.02 -26.11 18.81
CA ALA D 498 -0.04 -25.81 19.86
C ALA D 498 -0.74 -25.28 21.13
N HIS D 499 -1.78 -24.44 20.95
CA HIS D 499 -2.51 -23.83 22.05
C HIS D 499 -3.60 -24.78 22.61
N SER D 500 -4.23 -25.59 21.75
CA SER D 500 -5.23 -26.60 22.15
C SER D 500 -4.58 -27.68 23.03
N ALA D 501 -3.32 -28.08 22.71
CA ALA D 501 -2.58 -29.08 23.49
C ALA D 501 -2.31 -28.57 24.92
N ARG D 502 -2.09 -27.25 25.05
CA ARG D 502 -1.81 -26.56 26.32
C ARG D 502 -3.08 -26.15 27.06
N LYS D 503 -4.25 -26.28 26.42
CA LYS D 503 -5.58 -25.88 26.92
C LYS D 503 -5.64 -24.34 27.09
N ASP D 504 -4.97 -23.60 26.18
CA ASP D 504 -4.97 -22.14 26.17
C ASP D 504 -6.33 -21.59 25.73
N ALA D 505 -6.75 -20.49 26.35
CA ALA D 505 -8.01 -19.81 26.00
C ALA D 505 -7.86 -19.01 24.68
N PHE D 506 -6.61 -18.64 24.32
CA PHE D 506 -6.28 -17.85 23.13
C PHE D 506 -4.87 -18.20 22.63
N ALA D 507 -4.55 -17.83 21.37
CA ALA D 507 -3.25 -18.11 20.75
C ALA D 507 -2.30 -16.91 20.67
N MET D 508 -2.85 -15.69 20.45
CA MET D 508 -2.02 -14.51 20.21
C MET D 508 -2.64 -13.19 20.67
N ASN D 509 -3.94 -13.00 20.52
CA ASN D 509 -4.55 -11.73 20.90
C ASN D 509 -5.85 -11.96 21.68
N PRO D 510 -5.82 -11.79 23.03
CA PRO D 510 -7.04 -12.03 23.83
C PRO D 510 -8.17 -11.04 23.53
N LEU D 511 -7.83 -9.82 23.03
CA LEU D 511 -8.84 -8.81 22.66
C LEU D 511 -9.68 -9.31 21.47
N ILE D 512 -9.01 -9.95 20.48
CA ILE D 512 -9.64 -10.53 19.29
C ILE D 512 -10.53 -11.71 19.72
N LYS D 513 -10.01 -12.57 20.61
CA LYS D 513 -10.75 -13.74 21.13
C LYS D 513 -12.07 -13.30 21.79
N ILE D 514 -12.02 -12.25 22.62
CA ILE D 514 -13.21 -11.70 23.29
C ILE D 514 -14.18 -11.06 22.27
N ALA D 515 -13.64 -10.23 21.35
CA ALA D 515 -14.44 -9.53 20.34
C ALA D 515 -15.27 -10.46 19.45
N PHE D 516 -14.71 -11.62 19.09
CA PHE D 516 -15.40 -12.55 18.19
C PHE D 516 -16.33 -13.55 18.95
N ALA D 517 -16.46 -13.40 20.30
CA ALA D 517 -17.40 -14.19 21.11
C ALA D 517 -18.78 -13.49 21.15
N ASP D 518 -18.87 -12.24 20.65
CA ASP D 518 -20.08 -11.41 20.64
C ASP D 518 -21.30 -12.10 20.00
N PRO D 519 -22.41 -12.30 20.77
CA PRO D 519 -23.60 -12.97 20.18
C PRO D 519 -24.31 -12.16 19.08
N SER D 520 -24.03 -10.85 18.97
CA SER D 520 -24.60 -9.96 17.96
C SER D 520 -23.99 -10.10 16.55
N LEU D 521 -22.91 -10.89 16.40
CA LEU D 521 -22.29 -11.15 15.10
C LEU D 521 -23.28 -11.92 14.20
N VAL D 522 -23.19 -11.73 12.88
CA VAL D 522 -24.12 -12.39 11.93
C VAL D 522 -23.69 -13.84 11.71
N PHE D 523 -22.39 -14.06 11.45
CA PHE D 523 -21.81 -15.39 11.26
C PHE D 523 -21.48 -16.03 12.63
N ASP D 524 -21.74 -17.35 12.78
CA ASP D 524 -21.42 -18.09 14.02
C ASP D 524 -19.98 -18.65 13.94
N PHE D 525 -19.03 -17.89 14.52
CA PHE D 525 -17.60 -18.23 14.54
C PHE D 525 -17.24 -19.47 15.39
N ALA D 526 -18.18 -19.98 16.20
CA ALA D 526 -17.97 -21.20 16.99
C ALA D 526 -18.27 -22.47 16.19
N ARG D 527 -19.11 -22.35 15.13
CA ARG D 527 -19.52 -23.50 14.29
C ARG D 527 -19.33 -23.17 12.78
N PRO D 528 -18.08 -22.91 12.29
CA PRO D 528 -17.92 -22.49 10.89
C PRO D 528 -18.29 -23.50 9.80
N ARG D 529 -18.01 -24.79 10.00
CA ARG D 529 -18.34 -25.80 8.99
C ARG D 529 -19.86 -25.91 8.82
N LYS D 530 -20.60 -25.85 9.94
CA LYS D 530 -22.07 -25.86 9.94
C LYS D 530 -22.64 -24.61 9.23
N GLU D 531 -22.07 -23.42 9.51
CA GLU D 531 -22.49 -22.17 8.87
C GLU D 531 -22.27 -22.21 7.36
N CYS D 532 -21.12 -22.77 6.92
CA CYS D 532 -20.80 -22.94 5.50
C CYS D 532 -21.87 -23.78 4.80
N ALA D 533 -22.31 -24.88 5.45
CA ALA D 533 -23.36 -25.77 4.92
C ALA D 533 -24.68 -24.99 4.75
N ARG D 534 -25.03 -24.15 5.73
CA ARG D 534 -26.23 -23.32 5.73
C ARG D 534 -26.25 -22.32 4.57
N GLY D 535 -25.08 -21.75 4.27
CA GLY D 535 -24.89 -20.84 3.14
C GLY D 535 -25.00 -21.58 1.82
N ALA D 536 -24.41 -22.79 1.76
CA ALA D 536 -24.47 -23.66 0.59
C ALA D 536 -25.91 -24.00 0.23
N LEU D 537 -26.76 -24.26 1.24
CA LEU D 537 -28.17 -24.60 1.07
C LEU D 537 -29.10 -23.39 0.96
N ARG D 538 -28.54 -22.16 0.93
CA ARG D 538 -29.27 -20.90 0.82
C ARG D 538 -30.25 -20.67 2.00
N GLU D 539 -29.80 -21.03 3.22
CA GLU D 539 -30.56 -20.90 4.47
C GLU D 539 -29.98 -19.78 5.36
N PHE D 540 -28.81 -19.25 4.99
CA PHE D 540 -28.09 -18.22 5.75
C PHE D 540 -28.58 -16.80 5.46
N GLU D 541 -29.01 -16.08 6.50
CA GLU D 541 -29.45 -14.69 6.36
C GLU D 541 -28.25 -13.74 6.51
N ALA D 542 -27.82 -13.15 5.39
CA ALA D 542 -26.68 -12.24 5.36
C ALA D 542 -27.11 -10.78 5.49
N ALA D 543 -26.15 -9.91 5.88
CA ALA D 543 -26.35 -8.47 5.98
C ALA D 543 -25.79 -7.85 4.69
N GLY D 544 -26.01 -6.54 4.49
CA GLY D 544 -25.45 -5.82 3.35
C GLY D 544 -26.32 -5.65 2.11
N GLU D 545 -27.50 -6.31 2.04
CA GLU D 545 -28.40 -6.16 0.88
C GLU D 545 -29.05 -4.76 0.85
N ARG D 546 -29.50 -4.32 -0.34
CA ARG D 546 -30.03 -2.97 -0.55
C ARG D 546 -31.49 -2.89 -1.00
N ASP D 547 -32.30 -3.91 -0.65
CA ASP D 547 -33.72 -4.02 -1.02
C ASP D 547 -34.52 -2.72 -0.88
N VAL D 548 -34.45 -2.08 0.31
CA VAL D 548 -35.21 -0.86 0.65
C VAL D 548 -34.91 0.33 -0.30
N ILE D 549 -33.70 0.41 -0.90
CA ILE D 549 -33.35 1.53 -1.79
C ILE D 549 -33.38 1.13 -3.29
N LEU D 550 -33.90 -0.05 -3.61
CA LEU D 550 -33.97 -0.51 -5.00
C LEU D 550 -35.42 -0.64 -5.48
N PRO D 551 -35.69 -0.64 -6.82
CA PRO D 551 -37.09 -0.84 -7.26
C PRO D 551 -37.64 -2.18 -6.77
N ALA D 552 -38.93 -2.22 -6.41
CA ALA D 552 -39.63 -3.43 -5.92
C ALA D 552 -39.43 -4.63 -6.87
N LYS D 553 -39.19 -5.82 -6.29
CA LYS D 553 -38.99 -7.08 -7.02
C LYS D 553 -39.68 -8.28 -6.34
N VAL E 2 42.33 -10.38 9.74
CA VAL E 2 41.54 -11.46 9.15
C VAL E 2 40.74 -12.24 10.21
N LYS E 3 39.40 -12.33 10.02
CA LYS E 3 38.51 -13.10 10.91
C LYS E 3 38.59 -14.61 10.58
N TYR E 4 39.00 -14.96 9.33
CA TYR E 4 39.05 -16.35 8.85
C TYR E 4 40.42 -16.67 8.25
N GLU E 5 40.81 -17.97 8.26
CA GLU E 5 42.09 -18.35 7.69
C GLU E 5 41.97 -18.88 6.26
N ASP E 6 40.73 -18.90 5.70
CA ASP E 6 40.48 -19.37 4.34
C ASP E 6 41.26 -18.62 3.28
N LYS E 7 41.79 -19.36 2.31
CA LYS E 7 42.55 -18.82 1.18
C LYS E 7 41.86 -19.24 -0.10
N ILE E 8 41.94 -18.38 -1.13
CA ILE E 8 41.35 -18.65 -2.45
C ILE E 8 42.34 -18.34 -3.56
N SER E 9 42.20 -19.05 -4.69
CA SER E 9 43.01 -18.79 -5.87
C SER E 9 42.14 -18.03 -6.84
N LEU E 10 42.62 -16.84 -7.26
CA LEU E 10 41.87 -15.99 -8.17
C LEU E 10 42.14 -16.36 -9.62
N TYR E 11 41.07 -16.67 -10.38
CA TYR E 11 41.11 -17.03 -11.80
C TYR E 11 40.23 -16.08 -12.61
N ASP E 12 40.70 -15.65 -13.81
CA ASP E 12 39.96 -14.74 -14.69
C ASP E 12 38.84 -15.45 -15.48
N ALA E 13 38.07 -14.68 -16.28
CA ALA E 13 36.95 -15.19 -17.09
C ALA E 13 37.35 -16.19 -18.19
N LYS E 14 38.65 -16.27 -18.52
CA LYS E 14 39.22 -17.17 -19.52
C LYS E 14 39.81 -18.45 -18.89
N GLY E 15 39.70 -18.57 -17.57
CA GLY E 15 40.22 -19.73 -16.84
C GLY E 15 41.70 -19.70 -16.56
N ASN E 16 42.33 -18.52 -16.63
CA ASN E 16 43.76 -18.35 -16.37
C ASN E 16 43.99 -17.93 -14.93
N LEU E 17 45.02 -18.51 -14.29
CA LEU E 17 45.40 -18.22 -12.91
C LEU E 17 45.97 -16.81 -12.77
N VAL E 18 45.43 -16.04 -11.80
CA VAL E 18 45.92 -14.69 -11.52
C VAL E 18 46.85 -14.78 -10.31
N GLU E 19 46.36 -15.35 -9.17
CA GLU E 19 47.15 -15.50 -7.95
C GLU E 19 46.59 -16.55 -6.99
N ASP E 20 47.48 -17.36 -6.39
CA ASP E 20 47.15 -18.37 -5.37
C ASP E 20 47.31 -17.74 -3.97
N GLY E 21 46.67 -18.35 -2.97
CA GLY E 21 46.76 -17.95 -1.56
C GLY E 21 46.27 -16.56 -1.17
N VAL E 22 45.22 -16.07 -1.85
CA VAL E 22 44.63 -14.76 -1.54
C VAL E 22 43.65 -14.93 -0.35
N PRO E 23 43.72 -14.09 0.71
CA PRO E 23 42.75 -14.23 1.82
C PRO E 23 41.32 -14.06 1.34
N LEU E 24 40.40 -14.90 1.84
CA LEU E 24 38.98 -14.87 1.48
C LEU E 24 38.35 -13.47 1.63
N GLU E 25 38.69 -12.76 2.72
CA GLU E 25 38.12 -11.44 3.02
C GLU E 25 38.54 -10.34 2.03
N ALA E 26 39.52 -10.61 1.12
CA ALA E 26 39.95 -9.66 0.09
C ALA E 26 38.84 -9.42 -0.97
N ILE E 27 37.86 -10.35 -1.08
CA ILE E 27 36.72 -10.20 -1.99
C ILE E 27 35.46 -9.73 -1.23
N SER E 28 35.58 -9.48 0.09
CA SER E 28 34.44 -9.03 0.90
C SER E 28 33.94 -7.64 0.51
N PRO E 29 32.60 -7.42 0.46
CA PRO E 29 32.08 -6.06 0.24
C PRO E 29 32.58 -5.06 1.29
N LEU E 30 32.97 -5.55 2.50
CA LEU E 30 33.46 -4.71 3.59
C LEU E 30 34.94 -4.30 3.43
N TYR E 31 35.69 -4.98 2.54
CA TYR E 31 37.12 -4.68 2.34
C TYR E 31 37.52 -4.32 0.90
N ASN E 32 36.91 -4.97 -0.10
CA ASN E 32 37.26 -4.79 -1.51
C ASN E 32 36.97 -3.35 -2.02
N PRO E 33 38.01 -2.63 -2.51
CA PRO E 33 37.79 -1.26 -3.00
C PRO E 33 36.93 -1.16 -4.24
N THR E 34 36.94 -2.19 -5.12
CA THR E 34 36.11 -2.23 -6.33
C THR E 34 34.62 -2.33 -5.95
N ILE E 35 34.29 -3.21 -4.97
CA ILE E 35 32.90 -3.35 -4.53
C ILE E 35 32.40 -2.03 -3.94
N LYS E 36 33.25 -1.35 -3.14
CA LYS E 36 32.92 -0.03 -2.57
C LYS E 36 32.60 0.98 -3.71
N ALA E 37 33.42 1.00 -4.78
CA ALA E 37 33.21 1.90 -5.93
C ALA E 37 31.95 1.55 -6.72
N MET E 38 31.62 0.25 -6.84
CA MET E 38 30.42 -0.23 -7.54
C MET E 38 29.15 0.28 -6.86
N VAL E 39 29.09 0.24 -5.51
CA VAL E 39 27.95 0.73 -4.71
C VAL E 39 27.84 2.25 -4.87
N LYS E 40 28.96 2.97 -4.70
CA LYS E 40 29.01 4.43 -4.85
C LYS E 40 28.47 4.86 -6.24
N ASN E 41 28.94 4.20 -7.30
CA ASN E 41 28.54 4.51 -8.68
C ASN E 41 27.10 4.09 -9.01
N ILE E 42 26.62 2.94 -8.48
CA ILE E 42 25.24 2.51 -8.75
C ILE E 42 24.24 3.49 -8.11
N LYS E 43 24.60 4.07 -6.96
CA LYS E 43 23.76 5.02 -6.23
C LYS E 43 23.67 6.40 -6.88
N ARG E 44 24.76 6.87 -7.54
CA ARG E 44 24.84 8.23 -8.10
C ARG E 44 24.66 8.36 -9.63
N THR E 45 24.63 7.24 -10.36
CA THR E 45 24.51 7.25 -11.83
C THR E 45 23.06 7.17 -12.28
N VAL E 46 22.67 8.09 -13.17
CA VAL E 46 21.34 8.21 -13.75
C VAL E 46 21.43 8.16 -15.29
N ALA E 47 20.50 7.43 -15.93
CA ALA E 47 20.36 7.32 -17.38
C ALA E 47 19.27 8.32 -17.80
N VAL E 48 19.62 9.26 -18.71
CA VAL E 48 18.68 10.29 -19.20
C VAL E 48 18.35 10.04 -20.67
N ASN E 49 17.05 9.95 -21.00
CA ASN E 49 16.64 9.77 -22.39
C ASN E 49 16.18 11.11 -22.99
N LEU E 50 17.12 11.88 -23.59
CA LEU E 50 16.83 13.18 -24.21
C LEU E 50 15.88 13.06 -25.40
N ALA E 51 16.03 11.99 -26.22
CA ALA E 51 15.16 11.71 -27.35
C ALA E 51 13.74 11.42 -26.86
N GLY E 52 13.63 10.70 -25.72
CA GLY E 52 12.38 10.38 -25.05
C GLY E 52 11.65 11.63 -24.58
N ILE E 53 12.37 12.55 -23.90
CA ILE E 53 11.83 13.84 -23.43
C ILE E 53 11.29 14.64 -24.62
N GLU E 54 12.08 14.72 -25.71
CA GLU E 54 11.70 15.44 -26.93
C GLU E 54 10.40 14.87 -27.53
N ASN E 55 10.31 13.52 -27.66
CA ASN E 55 9.12 12.84 -28.18
C ASN E 55 7.86 13.06 -27.30
N SER E 56 7.99 12.92 -25.97
CA SER E 56 6.91 13.13 -24.99
C SER E 56 6.35 14.54 -25.09
N LEU E 57 7.23 15.55 -25.15
CA LEU E 57 6.82 16.95 -25.27
C LEU E 57 6.09 17.25 -26.59
N LYS E 58 6.64 16.78 -27.71
CA LYS E 58 6.11 16.98 -29.07
C LYS E 58 4.70 16.38 -29.24
N THR E 59 4.48 15.17 -28.73
CA THR E 59 3.21 14.44 -28.87
C THR E 59 2.24 14.65 -27.72
N GLY E 60 2.73 15.16 -26.58
CA GLY E 60 1.93 15.33 -25.37
C GLY E 60 1.65 14.00 -24.69
N ALA E 61 2.48 12.97 -24.98
CA ALA E 61 2.36 11.62 -24.40
C ALA E 61 3.05 11.62 -23.03
N ILE E 62 2.37 12.23 -22.04
CA ILE E 62 2.84 12.41 -20.67
C ILE E 62 1.90 11.74 -19.65
N GLY E 63 2.48 11.17 -18.59
CA GLY E 63 1.71 10.56 -17.50
C GLY E 63 1.59 9.04 -17.46
N GLY E 64 2.20 8.35 -18.42
CA GLY E 64 2.18 6.89 -18.43
C GLY E 64 1.58 6.25 -19.66
N LYS E 65 1.52 4.89 -19.66
CA LYS E 65 1.02 4.09 -20.77
C LYS E 65 -0.39 4.48 -21.24
N GLY E 66 -0.48 4.80 -22.54
CA GLY E 66 -1.72 5.18 -23.20
C GLY E 66 -2.17 6.61 -22.99
N CYS E 67 -1.46 7.39 -22.14
CA CYS E 67 -1.83 8.77 -21.85
C CYS E 67 -1.36 9.74 -22.92
N LYS E 68 -2.21 10.73 -23.24
CA LYS E 68 -1.96 11.82 -24.17
C LYS E 68 -2.80 13.01 -23.71
N VAL E 69 -2.15 14.15 -23.46
CA VAL E 69 -2.85 15.36 -23.00
C VAL E 69 -2.92 16.40 -24.16
N PRO E 70 -4.07 16.53 -24.86
CA PRO E 70 -4.15 17.52 -25.95
C PRO E 70 -3.98 18.96 -25.47
N GLY E 71 -3.33 19.78 -26.31
CA GLY E 71 -3.08 21.18 -26.04
C GLY E 71 -1.94 21.49 -25.10
N ARG E 72 -1.20 20.47 -24.68
CA ARG E 72 -0.07 20.63 -23.77
C ARG E 72 1.22 20.10 -24.41
N THR E 73 1.39 20.36 -25.71
CA THR E 73 2.58 19.93 -26.45
C THR E 73 3.57 21.10 -26.55
N LEU E 74 4.86 20.76 -26.68
CA LEU E 74 5.95 21.73 -26.88
C LEU E 74 6.91 21.14 -27.92
N ASP E 75 7.28 21.94 -28.92
CA ASP E 75 8.20 21.49 -29.97
C ASP E 75 9.58 22.11 -29.70
N LEU E 76 10.44 21.39 -28.98
CA LEU E 76 11.78 21.88 -28.61
C LEU E 76 12.90 20.98 -29.15
N PRO E 77 13.92 21.56 -29.85
CA PRO E 77 15.02 20.73 -30.37
C PRO E 77 16.05 20.39 -29.28
N ILE E 78 15.63 19.54 -28.33
CA ILE E 78 16.43 19.13 -27.17
C ILE E 78 17.71 18.36 -27.58
N VAL E 79 17.58 17.32 -28.43
CA VAL E 79 18.70 16.47 -28.88
C VAL E 79 19.76 17.31 -29.64
N GLU E 80 19.30 18.22 -30.53
CA GLU E 80 20.17 19.12 -31.30
C GLU E 80 20.98 20.05 -30.36
N ASN E 81 20.41 20.39 -29.19
CA ASN E 81 21.04 21.25 -28.20
C ASN E 81 21.56 20.47 -26.99
N ALA E 82 21.90 19.16 -27.16
CA ALA E 82 22.35 18.29 -26.07
C ALA E 82 23.57 18.81 -25.31
N GLU E 83 24.56 19.37 -26.04
CA GLU E 83 25.79 19.91 -25.46
C GLU E 83 25.50 21.09 -24.51
N ALA E 84 24.65 22.05 -24.96
CA ALA E 84 24.26 23.21 -24.16
C ALA E 84 23.49 22.78 -22.90
N ILE E 85 22.57 21.79 -23.04
CA ILE E 85 21.79 21.25 -21.91
C ILE E 85 22.72 20.56 -20.90
N MET E 86 23.62 19.68 -21.40
CA MET E 86 24.60 18.94 -20.62
C MET E 86 25.47 19.88 -19.76
N ASP E 87 26.00 20.96 -20.37
CA ASP E 87 26.84 21.96 -19.69
C ASP E 87 26.09 22.72 -18.58
N GLU E 88 24.80 23.02 -18.78
CA GLU E 88 23.98 23.68 -17.75
C GLU E 88 23.68 22.71 -16.59
N VAL E 89 23.39 21.42 -16.89
CA VAL E 89 23.13 20.38 -15.88
C VAL E 89 24.39 20.20 -15.00
N GLU E 90 25.57 20.10 -15.64
CA GLU E 90 26.86 19.96 -14.95
C GLU E 90 27.11 21.14 -14.01
N LYS E 91 26.87 22.38 -14.47
CA LYS E 91 27.03 23.60 -13.67
C LYS E 91 26.16 23.58 -12.42
N ILE E 92 24.90 23.11 -12.56
CA ILE E 92 23.96 23.03 -11.44
C ILE E 92 24.38 21.96 -10.41
N LEU E 93 24.77 20.76 -10.87
CA LEU E 93 25.14 19.64 -10.00
C LEU E 93 26.51 19.75 -9.32
N ARG E 94 27.52 20.26 -10.04
CA ARG E 94 28.91 20.39 -9.55
C ARG E 94 29.01 21.24 -8.28
N ILE E 95 29.79 20.75 -7.29
CA ILE E 95 30.02 21.46 -6.02
C ILE E 95 31.39 22.17 -6.09
N THR E 96 32.48 21.41 -6.36
CA THR E 96 33.84 21.97 -6.49
C THR E 96 34.35 21.72 -7.93
N PRO E 97 35.22 22.61 -8.51
CA PRO E 97 35.64 22.43 -9.91
C PRO E 97 36.25 21.08 -10.30
N ASP E 98 36.87 20.36 -9.35
CA ASP E 98 37.50 19.08 -9.64
C ASP E 98 36.82 17.87 -8.98
N ASP E 99 35.55 18.01 -8.53
CA ASP E 99 34.84 16.88 -7.91
C ASP E 99 34.44 15.80 -8.95
N ASP E 100 33.85 14.68 -8.50
CA ASP E 100 33.52 13.57 -9.37
C ASP E 100 32.20 13.71 -10.17
N THR E 101 31.64 14.95 -10.29
CA THR E 101 30.47 15.20 -11.17
C THR E 101 30.94 14.84 -12.60
N GLN E 102 30.16 14.05 -13.34
CA GLN E 102 30.55 13.66 -14.69
C GLN E 102 29.35 13.45 -15.58
N LEU E 103 29.36 14.08 -16.75
CA LEU E 103 28.29 13.96 -17.73
C LEU E 103 28.85 13.55 -19.08
N ARG E 104 28.16 12.64 -19.74
CA ARG E 104 28.55 12.09 -21.02
C ARG E 104 27.36 11.94 -21.94
N ALA E 105 27.52 12.39 -23.20
CA ALA E 105 26.50 12.25 -24.22
C ALA E 105 26.84 10.98 -25.02
N ILE E 106 25.84 10.12 -25.25
CA ILE E 106 26.00 8.87 -26.01
C ILE E 106 24.95 8.83 -27.12
N ASN E 107 25.15 7.96 -28.14
CA ASN E 107 24.24 7.76 -29.28
C ASN E 107 23.84 9.11 -29.95
N ASP E 108 24.85 9.95 -30.25
CA ASP E 108 24.75 11.27 -30.89
C ASP E 108 23.81 12.25 -30.11
N GLY E 109 23.97 12.29 -28.79
CA GLY E 109 23.21 13.16 -27.91
C GLY E 109 21.78 12.74 -27.61
N LYS E 110 21.38 11.53 -28.04
CA LYS E 110 20.03 11.03 -27.79
C LYS E 110 19.85 10.62 -26.33
N GLN E 111 20.93 10.14 -25.69
CA GLN E 111 20.95 9.73 -24.29
C GLN E 111 22.11 10.36 -23.57
N LEU E 112 22.01 10.48 -22.23
CA LEU E 112 23.01 11.09 -21.36
C LEU E 112 23.32 10.20 -20.16
N VAL E 113 24.61 10.12 -19.81
CA VAL E 113 25.12 9.40 -18.63
C VAL E 113 25.37 10.52 -17.61
N VAL E 114 24.60 10.56 -16.52
CA VAL E 114 24.74 11.59 -15.50
C VAL E 114 25.26 10.96 -14.20
N GLN E 115 26.45 11.37 -13.77
CA GLN E 115 27.03 10.90 -12.52
C GLN E 115 27.07 12.08 -11.55
N VAL E 116 26.08 12.10 -10.65
CA VAL E 116 25.88 13.12 -9.62
C VAL E 116 27.10 13.08 -8.66
N PRO E 117 27.66 14.22 -8.18
CA PRO E 117 28.82 14.14 -7.27
C PRO E 117 28.50 13.30 -6.03
N SER E 118 29.41 12.39 -5.64
CA SER E 118 29.20 11.48 -4.51
C SER E 118 28.94 12.20 -3.17
N LYS E 119 29.39 13.48 -3.03
CA LYS E 119 29.13 14.29 -1.83
C LYS E 119 27.61 14.42 -1.54
N ARG E 120 26.79 14.56 -2.60
CA ARG E 120 25.33 14.67 -2.49
C ARG E 120 24.70 13.40 -1.90
N LEU E 121 25.34 12.22 -2.13
CA LEU E 121 24.85 10.94 -1.58
C LEU E 121 25.33 10.78 -0.15
N GLU E 122 26.50 11.37 0.17
CA GLU E 122 27.10 11.32 1.51
C GLU E 122 26.25 12.02 2.56
N VAL E 123 25.56 13.11 2.16
CA VAL E 123 24.71 13.87 3.08
C VAL E 123 23.21 13.54 2.85
N ALA E 124 22.93 12.40 2.22
CA ALA E 124 21.57 11.91 1.97
C ALA E 124 21.32 10.61 2.75
N ALA E 125 20.07 10.33 3.11
CA ALA E 125 19.72 9.10 3.81
C ALA E 125 19.76 7.89 2.88
N GLU E 126 19.29 8.06 1.62
CA GLU E 126 19.27 6.95 0.68
C GLU E 126 19.81 7.34 -0.72
N TYR E 127 19.24 6.80 -1.81
CA TYR E 127 19.77 6.97 -3.17
C TYR E 127 18.88 7.71 -4.17
N SER E 128 17.58 7.97 -3.83
CA SER E 128 16.65 8.67 -4.72
C SER E 128 17.11 10.08 -5.13
N VAL E 129 17.96 10.71 -4.28
CA VAL E 129 18.59 12.02 -4.50
C VAL E 129 19.19 12.15 -5.91
N SER E 130 19.85 11.10 -6.43
CA SER E 130 20.46 11.14 -7.76
CA SER E 130 20.47 11.15 -7.76
C SER E 130 19.42 11.41 -8.85
N MET E 131 18.30 10.68 -8.82
CA MET E 131 17.19 10.82 -9.77
C MET E 131 16.51 12.19 -9.60
N LEU E 132 16.22 12.58 -8.33
CA LEU E 132 15.54 13.85 -7.99
C LEU E 132 16.36 15.10 -8.35
N ASN E 133 17.67 15.08 -8.06
CA ASN E 133 18.57 16.19 -8.36
C ASN E 133 18.80 16.32 -9.88
N THR E 134 18.95 15.16 -10.58
CA THR E 134 19.13 15.15 -12.04
C THR E 134 17.88 15.72 -12.73
N ALA E 135 16.67 15.30 -12.28
CA ALA E 135 15.40 15.79 -12.83
C ALA E 135 15.30 17.31 -12.71
N MET E 136 15.64 17.86 -11.53
CA MET E 136 15.60 19.32 -11.29
C MET E 136 16.58 20.10 -12.15
N ALA E 137 17.84 19.60 -12.28
CA ALA E 137 18.86 20.22 -13.11
C ALA E 137 18.42 20.21 -14.59
N LEU E 138 17.81 19.11 -15.06
CA LEU E 138 17.31 19.00 -16.44
C LEU E 138 16.18 19.98 -16.71
N LYS E 139 15.19 20.09 -15.77
CA LYS E 139 14.05 21.00 -15.92
C LYS E 139 14.54 22.44 -16.10
N GLU E 140 15.45 22.88 -15.21
CA GLU E 140 16.02 24.23 -15.24
C GLU E 140 16.84 24.50 -16.49
N ALA E 141 17.67 23.51 -16.90
CA ALA E 141 18.51 23.61 -18.11
C ALA E 141 17.67 23.77 -19.38
N ILE E 142 16.58 22.98 -19.52
CA ILE E 142 15.70 23.05 -20.69
C ILE E 142 14.95 24.39 -20.72
N ILE E 143 14.36 24.81 -19.57
CA ILE E 143 13.61 26.06 -19.44
C ILE E 143 14.48 27.28 -19.81
N LYS E 144 15.74 27.31 -19.33
CA LYS E 144 16.68 28.39 -19.62
C LYS E 144 17.14 28.39 -21.10
N THR E 145 17.48 27.21 -21.66
CA THR E 145 17.96 27.07 -23.05
C THR E 145 16.94 27.58 -24.07
N PHE E 146 15.64 27.31 -23.86
CA PHE E 146 14.59 27.67 -24.81
C PHE E 146 13.66 28.81 -24.37
N ASP E 147 13.92 29.44 -23.19
CA ASP E 147 13.07 30.53 -22.63
C ASP E 147 11.59 30.08 -22.57
N VAL E 148 11.33 28.89 -21.99
CA VAL E 148 10.00 28.31 -21.87
C VAL E 148 9.10 29.20 -20.99
N ASP E 149 7.86 29.46 -21.44
CA ASP E 149 6.86 30.27 -20.72
C ASP E 149 6.54 29.64 -19.36
N LEU E 150 6.35 30.47 -18.31
CA LEU E 150 6.08 29.97 -16.94
C LEU E 150 4.83 29.08 -16.85
N PHE E 151 3.82 29.29 -17.72
CA PHE E 151 2.62 28.44 -17.72
C PHE E 151 2.88 27.04 -18.34
N ASP E 152 4.06 26.83 -18.98
CA ASP E 152 4.43 25.54 -19.59
C ASP E 152 5.47 24.71 -18.81
N GLY E 153 6.01 25.24 -17.69
CA GLY E 153 7.00 24.55 -16.86
C GLY E 153 6.56 23.18 -16.33
N SER E 154 5.30 23.04 -15.92
CA SER E 154 4.76 21.77 -15.40
C SER E 154 4.79 20.66 -16.47
N THR E 155 4.67 21.03 -17.75
CA THR E 155 4.73 20.11 -18.90
C THR E 155 6.14 19.49 -19.01
N ILE E 156 7.19 20.31 -18.80
CA ILE E 156 8.60 19.89 -18.82
C ILE E 156 8.82 18.85 -17.72
N HIS E 157 8.28 19.13 -16.50
CA HIS E 157 8.36 18.22 -15.36
C HIS E 157 7.76 16.86 -15.72
N ALA E 158 6.54 16.86 -16.32
CA ALA E 158 5.84 15.62 -16.65
C ALA E 158 6.58 14.77 -17.70
N ALA E 159 7.24 15.41 -18.67
CA ALA E 159 8.01 14.71 -19.71
C ALA E 159 9.28 14.06 -19.13
N ILE E 160 9.82 14.62 -18.03
CA ILE E 160 11.03 14.09 -17.40
C ILE E 160 10.73 13.02 -16.32
N VAL E 161 9.92 13.34 -15.29
CA VAL E 161 9.67 12.40 -14.18
C VAL E 161 8.39 11.57 -14.33
N GLY E 162 7.44 12.01 -15.16
CA GLY E 162 6.18 11.29 -15.33
C GLY E 162 5.09 11.78 -14.38
N ARG E 163 4.20 10.87 -13.97
CA ARG E 163 3.04 11.15 -13.10
C ARG E 163 3.40 11.23 -11.60
N TYR E 164 4.54 11.82 -11.27
CA TYR E 164 4.97 12.06 -9.90
C TYR E 164 4.52 13.49 -9.53
N PRO E 165 4.00 13.79 -8.33
CA PRO E 165 3.85 12.95 -7.12
C PRO E 165 2.54 12.16 -6.98
N GLN E 166 1.60 12.25 -7.95
CA GLN E 166 0.35 11.45 -7.86
C GLN E 166 0.66 9.95 -7.64
N VAL E 167 1.70 9.46 -8.34
CA VAL E 167 2.22 8.10 -8.22
C VAL E 167 3.58 8.27 -7.51
N MET E 168 3.89 7.45 -6.49
CA MET E 168 5.18 7.57 -5.80
C MET E 168 6.30 6.80 -6.54
N ASP E 169 6.41 7.07 -7.86
CA ASP E 169 7.37 6.43 -8.77
C ASP E 169 7.47 7.28 -10.05
N TYR E 170 8.49 7.01 -10.88
CA TYR E 170 8.73 7.75 -12.12
C TYR E 170 7.88 7.20 -13.29
N MET E 171 6.56 7.06 -13.09
CA MET E 171 5.60 6.50 -14.06
C MET E 171 5.48 7.32 -15.34
N GLY E 172 5.98 6.76 -16.44
CA GLY E 172 5.97 7.39 -17.76
C GLY E 172 7.06 8.44 -17.92
N GLY E 173 8.06 8.40 -17.04
CA GLY E 173 9.20 9.33 -17.08
C GLY E 173 10.24 8.97 -18.13
N ASN E 174 11.27 9.80 -18.26
CA ASN E 174 12.35 9.59 -19.24
C ASN E 174 13.74 9.56 -18.59
N ILE E 175 13.78 9.33 -17.28
CA ILE E 175 14.98 9.16 -16.47
C ILE E 175 14.92 7.75 -15.85
N ALA E 176 16.08 7.08 -15.72
CA ALA E 176 16.11 5.72 -15.20
C ALA E 176 17.37 5.41 -14.41
N SER E 177 17.25 4.48 -13.47
CA SER E 177 18.35 3.99 -12.62
C SER E 177 18.35 2.48 -12.68
N LEU E 178 19.49 1.83 -12.31
CA LEU E 178 19.54 0.38 -12.20
C LEU E 178 18.70 -0.04 -10.96
N LEU E 179 18.63 0.86 -9.95
CA LEU E 179 17.89 0.63 -8.72
C LEU E 179 16.44 1.08 -8.82
N GLY E 180 15.52 0.22 -8.38
CA GLY E 180 14.12 0.56 -8.32
C GLY E 180 13.86 1.56 -7.21
N ALA E 181 12.74 2.29 -7.27
CA ALA E 181 12.38 3.26 -6.24
C ALA E 181 12.17 2.54 -4.87
N PRO E 182 12.53 3.16 -3.72
CA PRO E 182 12.33 2.47 -2.42
C PRO E 182 10.89 2.06 -2.13
N SER E 183 9.91 2.72 -2.79
CA SER E 183 8.48 2.41 -2.68
C SER E 183 8.16 0.99 -3.19
N ASN E 184 9.06 0.41 -4.02
CA ASN E 184 8.91 -0.93 -4.60
C ASN E 184 9.67 -2.06 -3.87
N MET E 185 10.40 -1.75 -2.77
CA MET E 185 11.12 -2.77 -1.98
C MET E 185 10.13 -3.76 -1.35
N GLU E 186 10.43 -5.06 -1.45
CA GLU E 186 9.57 -6.10 -0.88
C GLU E 186 9.95 -6.47 0.57
N GLY E 187 11.08 -5.92 1.02
CA GLY E 187 11.59 -6.10 2.37
C GLY E 187 12.54 -4.99 2.76
N LEU E 188 12.85 -4.88 4.06
CA LEU E 188 13.80 -3.87 4.54
C LEU E 188 15.22 -4.27 4.11
N GLY E 189 16.01 -3.31 3.62
CA GLY E 189 17.38 -3.54 3.18
C GLY E 189 17.52 -4.24 1.84
N TYR E 190 16.45 -4.24 1.02
CA TYR E 190 16.38 -4.92 -0.29
C TYR E 190 16.74 -4.10 -1.54
N ALA E 191 17.08 -2.80 -1.42
CA ALA E 191 17.34 -1.93 -2.58
C ALA E 191 18.34 -2.46 -3.61
N LEU E 192 19.46 -3.05 -3.17
CA LEU E 192 20.47 -3.60 -4.09
C LEU E 192 20.01 -4.91 -4.76
N ARG E 193 18.88 -5.48 -4.31
CA ARG E 193 18.30 -6.70 -4.89
C ARG E 193 17.30 -6.33 -6.00
N ASN E 194 16.79 -5.08 -6.01
CA ASN E 194 15.81 -4.68 -7.00
C ASN E 194 16.48 -4.18 -8.29
N ILE E 195 17.13 -5.12 -8.97
CA ILE E 195 17.83 -4.94 -10.24
C ILE E 195 17.38 -6.09 -11.14
N MET E 196 16.77 -5.75 -12.28
CA MET E 196 16.27 -6.73 -13.25
C MET E 196 17.40 -7.58 -13.84
N VAL E 197 17.15 -8.89 -14.06
CA VAL E 197 18.12 -9.84 -14.64
C VAL E 197 18.61 -9.28 -15.98
N ASN E 198 17.67 -8.81 -16.82
CA ASN E 198 17.97 -8.22 -18.14
C ASN E 198 18.91 -7.01 -18.05
N HIS E 199 18.83 -6.22 -16.95
CA HIS E 199 19.72 -5.06 -16.74
C HIS E 199 21.16 -5.53 -16.55
N TYR E 200 21.40 -6.61 -15.75
CA TYR E 200 22.74 -7.20 -15.52
C TYR E 200 23.34 -7.69 -16.83
N VAL E 201 22.51 -8.39 -17.64
CA VAL E 201 22.88 -8.97 -18.93
C VAL E 201 23.25 -7.87 -19.94
N ALA E 202 22.39 -6.85 -20.11
CA ALA E 202 22.64 -5.73 -21.05
C ALA E 202 23.87 -4.89 -20.66
N THR E 203 24.06 -4.63 -19.33
CA THR E 203 25.21 -3.87 -18.81
C THR E 203 26.56 -4.57 -19.08
N THR E 204 26.59 -5.91 -19.03
CA THR E 204 27.82 -6.69 -19.26
C THR E 204 28.01 -7.12 -20.72
N LYS E 205 27.15 -6.61 -21.64
CA LYS E 205 27.17 -6.92 -23.08
C LYS E 205 27.00 -8.43 -23.34
N LYS E 206 26.18 -9.09 -22.50
CA LYS E 206 25.85 -10.52 -22.57
C LYS E 206 27.08 -11.46 -22.36
N ASN E 207 28.18 -10.98 -21.74
CA ASN E 207 29.33 -11.84 -21.43
C ASN E 207 28.94 -12.63 -20.17
N LEU E 208 28.80 -13.95 -20.34
CA LEU E 208 28.36 -14.91 -19.32
C LEU E 208 29.01 -14.76 -17.94
N MET E 209 30.34 -14.98 -17.82
CA MET E 209 31.05 -14.91 -16.54
C MET E 209 30.96 -13.55 -15.86
N ASN E 210 30.91 -12.45 -16.64
CA ASN E 210 30.79 -11.11 -16.10
C ASN E 210 29.39 -10.81 -15.61
N ALA E 211 28.36 -11.34 -16.29
CA ALA E 211 26.97 -11.17 -15.87
C ALA E 211 26.75 -11.92 -14.55
N VAL E 212 27.37 -13.12 -14.40
CA VAL E 212 27.32 -13.96 -13.19
C VAL E 212 27.99 -13.19 -12.04
N ALA E 213 29.20 -12.63 -12.29
CA ALA E 213 29.96 -11.85 -11.31
C ALA E 213 29.20 -10.61 -10.85
N PHE E 214 28.66 -9.80 -11.79
CA PHE E 214 27.90 -8.60 -11.45
C PHE E 214 26.72 -8.93 -10.52
N ALA E 215 25.92 -9.96 -10.88
CA ALA E 215 24.76 -10.39 -10.12
C ALA E 215 25.15 -10.93 -8.73
N SER E 216 26.22 -11.74 -8.64
CA SER E 216 26.67 -12.29 -7.36
C SER E 216 27.21 -11.18 -6.45
N ILE E 217 27.99 -10.23 -6.99
CA ILE E 217 28.50 -9.09 -6.22
C ILE E 217 27.34 -8.30 -5.58
N MET E 218 26.35 -7.89 -6.39
CA MET E 218 25.24 -7.07 -5.90
C MET E 218 24.33 -7.82 -4.92
N GLU E 219 24.04 -9.09 -5.21
CA GLU E 219 23.20 -9.94 -4.34
C GLU E 219 23.89 -10.18 -2.99
N GLN E 220 25.17 -10.59 -3.01
CA GLN E 220 25.90 -10.85 -1.77
C GLN E 220 26.16 -9.56 -0.96
N THR E 221 26.35 -8.40 -1.63
CA THR E 221 26.49 -7.09 -0.95
C THR E 221 25.13 -6.76 -0.27
N ALA E 222 24.01 -7.07 -0.95
CA ALA E 222 22.68 -6.86 -0.36
C ALA E 222 22.50 -7.71 0.90
N MET E 223 23.11 -8.94 0.95
CA MET E 223 23.02 -9.82 2.12
C MET E 223 23.64 -9.18 3.37
N PHE E 224 24.68 -8.34 3.19
CA PHE E 224 25.30 -7.59 4.29
C PHE E 224 24.33 -6.49 4.77
N GLU E 225 23.72 -5.77 3.81
CA GLU E 225 22.76 -4.68 4.09
C GLU E 225 21.53 -5.24 4.86
N MET E 226 21.05 -6.43 4.46
CA MET E 226 19.90 -7.10 5.07
C MET E 226 20.15 -7.68 6.45
N GLY E 227 21.41 -7.88 6.80
CA GLY E 227 21.78 -8.49 8.06
C GLY E 227 21.90 -10.00 7.97
N ASP E 228 21.82 -10.56 6.74
CA ASP E 228 21.96 -12.01 6.53
C ASP E 228 23.41 -12.47 6.60
N ALA E 229 24.36 -11.64 6.13
CA ALA E 229 25.80 -11.97 6.15
C ALA E 229 26.47 -11.38 7.40
N ILE E 230 25.91 -11.68 8.58
CA ILE E 230 26.36 -11.17 9.88
C ILE E 230 26.73 -12.33 10.81
N GLY E 231 27.77 -12.14 11.64
CA GLY E 231 28.21 -13.10 12.64
C GLY E 231 28.55 -14.47 12.08
N SER E 232 27.90 -15.52 12.61
CA SER E 232 28.11 -16.91 12.20
C SER E 232 27.71 -17.21 10.75
N PHE E 233 26.91 -16.33 10.11
CA PHE E 233 26.44 -16.51 8.72
C PHE E 233 27.35 -15.82 7.69
N GLU E 234 28.22 -14.90 8.13
CA GLU E 234 29.10 -14.14 7.23
C GLU E 234 29.95 -15.02 6.30
N ARG E 235 30.68 -16.02 6.85
CA ARG E 235 31.56 -16.91 6.07
C ARG E 235 30.81 -17.63 4.93
N MET E 236 29.57 -18.09 5.18
CA MET E 236 28.73 -18.72 4.15
C MET E 236 28.55 -17.79 2.93
N HIS E 237 28.24 -16.50 3.18
CA HIS E 237 28.02 -15.55 2.11
C HIS E 237 29.33 -15.16 1.40
N LEU E 238 30.44 -15.08 2.14
CA LEU E 238 31.75 -14.78 1.54
C LEU E 238 32.22 -15.91 0.61
N LEU E 239 32.07 -17.18 1.05
CA LEU E 239 32.45 -18.34 0.25
C LEU E 239 31.53 -18.47 -0.97
N GLY E 240 30.26 -18.09 -0.79
CA GLY E 240 29.27 -18.06 -1.86
C GLY E 240 29.69 -17.10 -2.96
N LEU E 241 30.06 -15.86 -2.57
CA LEU E 241 30.56 -14.85 -3.52
C LEU E 241 31.81 -15.36 -4.24
N ALA E 242 32.81 -15.80 -3.49
CA ALA E 242 34.08 -16.28 -4.03
C ALA E 242 33.95 -17.41 -5.06
N TYR E 243 33.23 -18.49 -4.71
CA TYR E 243 33.09 -19.69 -5.53
C TYR E 243 31.98 -19.63 -6.57
N GLN E 244 30.79 -19.13 -6.24
CA GLN E 244 29.73 -19.06 -7.24
C GLN E 244 29.90 -17.87 -8.18
N GLY E 245 30.23 -16.71 -7.63
CA GLY E 245 30.30 -15.48 -8.42
C GLY E 245 31.62 -15.05 -9.00
N LEU E 246 32.74 -15.45 -8.39
CA LEU E 246 34.04 -14.96 -8.84
C LEU E 246 35.01 -16.04 -9.33
N ASN E 247 34.47 -17.23 -9.71
CA ASN E 247 35.27 -18.35 -10.26
C ASN E 247 36.53 -18.72 -9.41
N SER E 248 36.43 -18.65 -8.07
CA SER E 248 37.57 -18.99 -7.21
C SER E 248 38.00 -20.44 -7.40
N ASP E 249 39.32 -20.68 -7.41
CA ASP E 249 39.96 -21.99 -7.63
C ASP E 249 39.59 -22.57 -9.02
N ASN E 250 39.04 -21.71 -9.93
CA ASN E 250 38.55 -22.06 -11.29
C ASN E 250 37.46 -23.14 -11.23
N LEU E 251 36.79 -23.28 -10.07
CA LEU E 251 35.77 -24.32 -9.85
C LEU E 251 34.65 -24.29 -10.88
N VAL E 252 34.05 -23.12 -11.15
CA VAL E 252 32.97 -23.00 -12.15
C VAL E 252 33.45 -23.48 -13.54
N ILE E 253 34.55 -22.89 -14.05
CA ILE E 253 35.09 -23.24 -15.39
C ILE E 253 35.52 -24.73 -15.47
N ASP E 254 36.19 -25.27 -14.42
CA ASP E 254 36.61 -26.68 -14.35
C ASP E 254 35.42 -27.64 -14.53
N LEU E 255 34.29 -27.36 -13.85
CA LEU E 255 33.10 -28.21 -13.93
C LEU E 255 32.44 -28.14 -15.31
N VAL E 256 32.46 -26.95 -15.96
CA VAL E 256 31.91 -26.74 -17.31
C VAL E 256 32.73 -27.54 -18.34
N LYS E 257 34.08 -27.39 -18.29
CA LYS E 257 35.03 -28.07 -19.19
C LYS E 257 34.87 -29.59 -19.19
N ALA E 258 34.71 -30.17 -17.99
CA ALA E 258 34.55 -31.62 -17.79
C ALA E 258 33.18 -32.14 -18.26
N ASN E 259 32.24 -31.22 -18.52
CA ASN E 259 30.87 -31.55 -18.94
C ASN E 259 30.42 -30.81 -20.20
N SER E 260 31.36 -30.52 -21.12
CA SER E 260 31.11 -29.82 -22.39
C SER E 260 30.04 -30.50 -23.26
N LYS E 261 29.95 -31.82 -23.19
CA LYS E 261 28.95 -32.64 -23.89
C LYS E 261 28.14 -33.46 -22.85
N GLY E 262 28.05 -32.92 -21.62
CA GLY E 262 27.38 -33.56 -20.50
C GLY E 262 25.95 -33.13 -20.25
N THR E 263 25.43 -33.58 -19.09
CA THR E 263 24.07 -33.33 -18.61
C THR E 263 24.12 -32.75 -17.19
N VAL E 264 22.95 -32.34 -16.64
CA VAL E 264 22.85 -31.84 -15.27
C VAL E 264 23.34 -32.93 -14.28
N GLY E 265 22.99 -34.18 -14.57
CA GLY E 265 23.41 -35.34 -13.78
C GLY E 265 24.91 -35.54 -13.74
N THR E 266 25.60 -35.42 -14.90
CA THR E 266 27.06 -35.58 -14.96
C THR E 266 27.76 -34.41 -14.24
N VAL E 267 27.13 -33.21 -14.24
CA VAL E 267 27.67 -32.04 -13.51
C VAL E 267 27.62 -32.37 -11.99
N VAL E 268 26.51 -32.95 -11.50
CA VAL E 268 26.33 -33.36 -10.09
C VAL E 268 27.47 -34.31 -9.70
N ALA E 269 27.72 -35.35 -10.53
CA ALA E 269 28.79 -36.32 -10.28
C ALA E 269 30.17 -35.65 -10.18
N SER E 270 30.46 -34.65 -11.06
CA SER E 270 31.72 -33.90 -11.05
C SER E 270 31.87 -33.06 -9.76
N VAL E 271 30.75 -32.47 -9.26
CA VAL E 271 30.71 -31.65 -8.03
C VAL E 271 31.09 -32.50 -6.82
N VAL E 272 30.43 -33.68 -6.66
CA VAL E 272 30.66 -34.61 -5.56
C VAL E 272 32.13 -35.08 -5.57
N GLU E 273 32.63 -35.46 -6.77
CA GLU E 273 34.01 -35.91 -6.98
C GLU E 273 35.02 -34.83 -6.52
N ARG E 274 34.79 -33.57 -6.93
CA ARG E 274 35.65 -32.43 -6.60
C ARG E 274 35.58 -32.06 -5.09
N ALA E 275 34.37 -32.12 -4.48
CA ALA E 275 34.21 -31.83 -3.05
C ALA E 275 34.97 -32.87 -2.19
N LEU E 276 34.94 -34.16 -2.62
CA LEU E 276 35.65 -35.25 -1.95
C LEU E 276 37.16 -35.05 -2.07
N GLU E 277 37.65 -34.66 -3.27
CA GLU E 277 39.06 -34.38 -3.58
C GLU E 277 39.58 -33.27 -2.68
N ASP E 278 38.79 -32.18 -2.55
CA ASP E 278 39.17 -31.01 -1.76
C ASP E 278 38.86 -31.14 -0.26
N LYS E 279 38.37 -32.32 0.18
CA LYS E 279 38.05 -32.68 1.57
C LYS E 279 36.97 -31.79 2.20
N VAL E 280 36.04 -31.33 1.37
CA VAL E 280 34.91 -30.46 1.77
C VAL E 280 33.77 -31.33 2.34
N ILE E 281 33.66 -32.57 1.84
CA ILE E 281 32.68 -33.57 2.28
C ILE E 281 33.41 -34.87 2.61
N VAL E 282 32.82 -35.71 3.48
CA VAL E 282 33.37 -37.01 3.88
C VAL E 282 32.27 -38.07 3.85
N GLU E 283 32.65 -39.35 3.69
CA GLU E 283 31.70 -40.46 3.72
C GLU E 283 31.20 -40.59 5.16
N ASP E 284 29.91 -40.90 5.33
CA ASP E 284 29.33 -41.09 6.65
C ASP E 284 29.16 -42.60 6.86
N LYS E 285 28.16 -43.21 6.20
CA LYS E 285 27.88 -44.62 6.35
C LYS E 285 27.12 -45.20 5.17
N SER E 286 27.32 -46.49 4.94
CA SER E 286 26.62 -47.19 3.89
C SER E 286 25.37 -47.85 4.49
N LEU E 287 24.25 -47.79 3.76
CA LEU E 287 22.99 -48.37 4.17
C LEU E 287 22.81 -49.78 3.57
N GLU E 288 21.66 -50.44 3.81
CA GLU E 288 21.36 -51.82 3.36
C GLU E 288 21.75 -52.12 1.89
N SER E 289 21.32 -51.29 0.92
CA SER E 289 21.59 -51.46 -0.51
C SER E 289 23.03 -51.21 -0.91
N GLY E 290 23.79 -50.56 -0.04
CA GLY E 290 25.16 -50.14 -0.32
C GLY E 290 25.26 -48.65 -0.52
N PHE E 291 24.11 -47.93 -0.62
CA PHE E 291 24.08 -46.46 -0.80
C PHE E 291 24.83 -45.81 0.37
N THR E 292 25.77 -44.92 0.05
CA THR E 292 26.60 -44.24 1.05
C THR E 292 26.17 -42.78 1.25
N MET E 293 25.79 -42.45 2.49
CA MET E 293 25.42 -41.09 2.85
C MET E 293 26.71 -40.32 3.09
N TYR E 294 26.72 -39.03 2.71
CA TYR E 294 27.86 -38.13 2.90
C TYR E 294 27.52 -37.04 3.87
N LYS E 295 28.54 -36.43 4.49
CA LYS E 295 28.38 -35.36 5.45
C LYS E 295 29.38 -34.24 5.14
N PRO E 296 29.04 -32.95 5.39
CA PRO E 296 30.04 -31.90 5.18
C PRO E 296 31.13 -31.97 6.24
N ALA E 297 32.38 -31.67 5.85
CA ALA E 297 33.51 -31.56 6.77
C ALA E 297 33.57 -30.07 7.14
N ASP E 298 32.94 -29.22 6.29
CA ASP E 298 32.84 -27.77 6.42
C ASP E 298 31.49 -27.40 5.80
N VAL E 299 30.51 -27.09 6.65
CA VAL E 299 29.11 -26.76 6.30
C VAL E 299 29.03 -25.62 5.25
N ALA E 300 29.66 -24.45 5.53
CA ALA E 300 29.62 -23.27 4.66
C ALA E 300 30.38 -23.49 3.36
N LYS E 301 31.51 -24.24 3.41
CA LYS E 301 32.29 -24.51 2.20
C LYS E 301 31.57 -25.49 1.28
N TRP E 302 30.88 -26.51 1.85
CA TRP E 302 30.09 -27.44 1.02
C TRP E 302 28.98 -26.66 0.29
N ASN E 303 28.33 -25.74 1.01
CA ASN E 303 27.29 -24.90 0.43
C ASN E 303 27.81 -24.11 -0.79
N ALA E 304 29.04 -23.53 -0.68
CA ALA E 304 29.67 -22.77 -1.76
C ALA E 304 30.01 -23.66 -2.98
N TYR E 305 30.48 -24.90 -2.75
CA TYR E 305 30.80 -25.88 -3.80
C TYR E 305 29.52 -26.29 -4.55
N ALA E 306 28.42 -26.52 -3.81
CA ALA E 306 27.12 -26.85 -4.40
C ALA E 306 26.63 -25.64 -5.25
N ALA E 307 26.86 -24.41 -4.76
CA ALA E 307 26.48 -23.16 -5.45
C ALA E 307 27.26 -22.97 -6.77
N ALA E 308 28.56 -23.31 -6.78
CA ALA E 308 29.38 -23.20 -7.99
C ALA E 308 28.94 -24.24 -9.04
N GLY E 309 28.62 -25.44 -8.57
CA GLY E 309 28.10 -26.53 -9.42
C GLY E 309 26.77 -26.18 -10.05
N LEU E 310 25.95 -25.40 -9.34
CA LEU E 310 24.65 -24.91 -9.81
C LEU E 310 24.83 -24.00 -11.04
N VAL E 311 25.80 -23.05 -10.98
CA VAL E 311 26.12 -22.16 -12.11
C VAL E 311 26.60 -23.01 -13.31
N ALA E 312 27.51 -23.98 -13.06
CA ALA E 312 28.03 -24.89 -14.08
C ALA E 312 26.90 -25.72 -14.74
N ALA E 313 25.90 -26.18 -13.94
CA ALA E 313 24.76 -26.96 -14.44
C ALA E 313 23.91 -26.13 -15.41
N VAL E 314 23.70 -24.84 -15.08
CA VAL E 314 22.93 -23.89 -15.90
C VAL E 314 23.66 -23.65 -17.23
N ILE E 315 25.00 -23.44 -17.19
CA ILE E 315 25.84 -23.22 -18.38
C ILE E 315 25.76 -24.44 -19.32
N VAL E 316 25.90 -25.65 -18.76
CA VAL E 316 25.86 -26.91 -19.52
C VAL E 316 24.46 -27.17 -20.15
N ASN E 317 23.38 -27.08 -19.35
CA ASN E 317 22.03 -27.37 -19.83
C ASN E 317 21.40 -26.26 -20.69
N CYS E 318 21.47 -24.98 -20.23
CA CYS E 318 20.94 -23.85 -21.02
C CYS E 318 21.81 -23.60 -22.25
N GLY E 319 23.10 -23.94 -22.18
CA GLY E 319 24.04 -23.81 -23.27
C GLY E 319 23.80 -24.84 -24.36
N ALA E 320 23.39 -26.07 -23.96
CA ALA E 320 23.07 -27.15 -24.90
C ALA E 320 21.79 -26.80 -25.67
N ALA E 321 20.82 -26.13 -25.02
CA ALA E 321 19.57 -25.72 -25.64
C ALA E 321 19.61 -24.33 -26.29
N ARG E 322 20.56 -23.46 -25.86
CA ARG E 322 20.70 -22.06 -26.27
C ARG E 322 19.35 -21.35 -26.03
N ALA E 323 18.68 -21.72 -24.92
CA ALA E 323 17.37 -21.23 -24.52
C ALA E 323 17.36 -21.02 -23.02
N ALA E 324 16.98 -19.81 -22.60
CA ALA E 324 16.93 -19.41 -21.20
C ALA E 324 15.80 -20.04 -20.38
N GLN E 325 14.64 -20.40 -21.00
CA GLN E 325 13.50 -20.98 -20.25
C GLN E 325 13.86 -22.21 -19.39
N ASN E 326 14.88 -23.00 -19.81
CA ASN E 326 15.39 -24.19 -19.13
C ASN E 326 15.98 -23.94 -17.75
N VAL E 327 16.37 -22.69 -17.45
CA VAL E 327 17.04 -22.33 -16.21
C VAL E 327 16.26 -22.73 -14.94
N ALA E 328 14.94 -22.46 -14.87
CA ALA E 328 14.16 -22.77 -13.68
C ALA E 328 14.18 -24.27 -13.36
N SER E 329 13.98 -25.10 -14.39
CA SER E 329 14.02 -26.56 -14.31
C SER E 329 15.43 -27.04 -13.93
N THR E 330 16.48 -26.42 -14.50
CA THR E 330 17.88 -26.77 -14.20
C THR E 330 18.21 -26.52 -12.72
N ILE E 331 17.86 -25.33 -12.17
CA ILE E 331 18.11 -24.99 -10.76
C ILE E 331 17.40 -25.98 -9.84
N LEU E 332 16.14 -26.31 -10.15
CA LEU E 332 15.35 -27.25 -9.36
C LEU E 332 16.01 -28.64 -9.32
N TYR E 333 16.20 -29.27 -10.50
CA TYR E 333 16.66 -30.66 -10.58
C TYR E 333 18.17 -30.84 -10.35
N TYR E 334 19.00 -29.80 -10.48
CA TYR E 334 20.42 -29.95 -10.11
C TYR E 334 20.47 -30.22 -8.61
N ASN E 335 19.71 -29.43 -7.81
CA ASN E 335 19.67 -29.53 -6.36
C ASN E 335 18.95 -30.79 -5.88
N ASP E 336 17.86 -31.17 -6.56
CA ASP E 336 17.09 -32.37 -6.25
C ASP E 336 17.94 -33.64 -6.47
N ILE E 337 18.64 -33.73 -7.63
CA ILE E 337 19.53 -34.86 -7.96
C ILE E 337 20.70 -34.91 -6.97
N LEU E 338 21.33 -33.75 -6.68
CA LEU E 338 22.46 -33.65 -5.76
C LEU E 338 22.13 -34.23 -4.37
N GLU E 339 20.97 -33.88 -3.82
CA GLU E 339 20.53 -34.37 -2.51
C GLU E 339 20.29 -35.87 -2.48
N TYR E 340 19.64 -36.44 -3.52
CA TYR E 340 19.35 -37.87 -3.51
C TYR E 340 20.51 -38.74 -4.03
N GLU E 341 21.58 -38.10 -4.51
CA GLU E 341 22.82 -38.77 -4.92
C GLU E 341 23.70 -38.97 -3.69
N THR E 342 23.54 -38.11 -2.65
CA THR E 342 24.47 -38.07 -1.50
C THR E 342 23.91 -38.04 -0.07
N GLY E 343 22.70 -37.53 0.10
CA GLY E 343 22.12 -37.33 1.43
C GLY E 343 22.61 -36.03 2.05
N LEU E 344 23.29 -35.19 1.24
CA LEU E 344 23.80 -33.88 1.64
C LEU E 344 22.72 -32.80 1.38
N PRO E 345 22.71 -31.66 2.13
CA PRO E 345 21.74 -30.60 1.82
C PRO E 345 22.18 -29.87 0.52
N GLY E 346 21.21 -29.47 -0.30
CA GLY E 346 21.47 -28.77 -1.55
C GLY E 346 21.86 -27.32 -1.35
N THR E 347 22.04 -26.57 -2.46
CA THR E 347 22.42 -25.15 -2.44
C THR E 347 21.48 -24.32 -1.57
N ASP E 348 22.06 -23.53 -0.61
CA ASP E 348 21.31 -22.66 0.29
C ASP E 348 20.27 -23.44 1.12
N PHE E 349 20.62 -24.68 1.49
CA PHE E 349 19.83 -25.59 2.33
C PHE E 349 18.37 -25.80 1.87
N GLY E 350 18.18 -25.92 0.55
CA GLY E 350 16.87 -26.13 -0.06
C GLY E 350 16.20 -24.87 -0.60
N ARG E 351 16.71 -23.68 -0.26
CA ARG E 351 16.11 -22.42 -0.70
C ARG E 351 16.33 -22.13 -2.19
N ALA E 352 17.40 -22.66 -2.80
CA ALA E 352 17.64 -22.47 -4.24
C ALA E 352 16.64 -23.35 -4.99
N GLU E 353 16.42 -24.60 -4.51
CA GLU E 353 15.47 -25.52 -5.09
C GLU E 353 14.04 -24.95 -4.96
N GLY E 354 13.70 -24.42 -3.78
CA GLY E 354 12.43 -23.78 -3.50
C GLY E 354 12.15 -22.60 -4.39
N THR E 355 13.14 -21.71 -4.56
CA THR E 355 13.04 -20.55 -5.46
C THR E 355 12.73 -21.04 -6.88
N ALA E 356 13.44 -22.09 -7.36
CA ALA E 356 13.27 -22.70 -8.67
C ALA E 356 11.86 -23.29 -8.89
N VAL E 357 11.21 -23.81 -7.82
CA VAL E 357 9.85 -24.38 -7.88
C VAL E 357 8.85 -23.26 -8.24
N GLY E 358 8.85 -22.18 -7.45
CA GLY E 358 7.99 -21.02 -7.66
C GLY E 358 8.31 -20.31 -8.97
N PHE E 359 9.61 -20.22 -9.29
CA PHE E 359 10.13 -19.64 -10.53
C PHE E 359 9.65 -20.44 -11.75
N SER E 360 9.69 -21.79 -11.70
CA SER E 360 9.20 -22.65 -12.79
C SER E 360 7.71 -22.36 -13.01
N PHE E 361 6.91 -22.42 -11.93
CA PHE E 361 5.47 -22.15 -11.93
C PHE E 361 5.14 -20.76 -12.49
N PHE E 362 5.80 -19.72 -11.96
CA PHE E 362 5.56 -18.33 -12.37
C PHE E 362 6.28 -17.97 -13.69
N SER E 363 6.84 -18.95 -14.41
CA SER E 363 7.42 -18.74 -15.74
C SER E 363 6.79 -19.76 -16.77
N HIS E 364 5.66 -20.41 -16.36
CA HIS E 364 4.91 -21.40 -17.18
C HIS E 364 3.39 -21.43 -16.81
N SER E 365 2.84 -20.42 -16.10
CA SER E 365 1.42 -20.42 -15.71
C SER E 365 0.68 -19.07 -15.96
N ILE E 366 -0.63 -19.02 -15.63
CA ILE E 366 -1.50 -17.85 -15.81
C ILE E 366 -1.43 -16.79 -14.68
N TYR E 367 -0.95 -17.17 -13.48
CA TYR E 367 -1.03 -16.42 -12.22
C TYR E 367 -0.11 -15.21 -12.04
N GLY E 368 1.05 -15.22 -12.68
CA GLY E 368 1.99 -14.10 -12.55
C GLY E 368 3.33 -14.38 -13.19
N GLY E 369 4.33 -13.61 -12.76
CA GLY E 369 5.71 -13.72 -13.23
C GLY E 369 5.88 -13.21 -14.65
N GLY E 370 6.57 -14.01 -15.46
CA GLY E 370 6.91 -13.73 -16.86
C GLY E 370 8.13 -14.54 -17.27
N GLY E 371 8.85 -14.08 -18.29
CA GLY E 371 10.08 -14.71 -18.77
C GLY E 371 11.24 -14.57 -17.80
N PRO E 372 12.34 -15.38 -17.89
CA PRO E 372 13.43 -15.29 -16.88
C PRO E 372 14.07 -13.92 -16.66
N GLY E 373 14.15 -13.12 -17.73
CA GLY E 373 14.79 -11.81 -17.71
C GLY E 373 14.12 -10.70 -16.92
N ILE E 374 12.86 -10.85 -16.56
CA ILE E 374 12.14 -9.79 -15.83
C ILE E 374 12.22 -9.96 -14.29
N PHE E 375 12.79 -11.08 -13.81
CA PHE E 375 12.89 -11.36 -12.38
C PHE E 375 14.04 -10.58 -11.74
N THR E 376 13.97 -10.40 -10.43
CA THR E 376 14.98 -9.67 -9.64
C THR E 376 15.11 -10.40 -8.30
N GLY E 377 16.13 -10.05 -7.54
CA GLY E 377 16.32 -10.58 -6.20
C GLY E 377 15.30 -10.04 -5.22
N ASN E 378 14.58 -8.94 -5.61
CA ASN E 378 13.54 -8.30 -4.80
C ASN E 378 12.13 -8.86 -5.08
N HIS E 379 11.94 -9.47 -6.25
CA HIS E 379 10.66 -10.05 -6.71
C HIS E 379 10.07 -11.05 -5.71
N VAL E 380 8.75 -11.00 -5.50
CA VAL E 380 7.99 -11.90 -4.61
C VAL E 380 8.30 -13.39 -4.90
N VAL E 381 8.52 -13.74 -6.17
CA VAL E 381 8.79 -15.12 -6.60
C VAL E 381 10.26 -15.57 -6.41
N THR E 382 11.24 -14.68 -6.63
CA THR E 382 12.65 -15.08 -6.63
C THR E 382 13.55 -14.46 -5.54
N ARG E 383 12.97 -13.98 -4.44
CA ARG E 383 13.72 -13.40 -3.32
C ARG E 383 14.24 -14.44 -2.29
N HIS E 384 13.64 -15.64 -2.28
CA HIS E 384 13.79 -16.68 -1.27
C HIS E 384 15.21 -17.21 -1.08
N SER E 385 15.97 -17.40 -2.17
CA SER E 385 17.37 -17.84 -2.03
C SER E 385 18.21 -16.59 -1.70
N LYS E 386 19.14 -16.72 -0.76
CA LYS E 386 19.90 -15.57 -0.29
C LYS E 386 21.17 -15.30 -1.11
N GLY E 387 20.95 -14.95 -2.37
CA GLY E 387 21.98 -14.59 -3.34
C GLY E 387 22.48 -15.69 -4.26
N PHE E 388 21.95 -16.92 -4.12
CA PHE E 388 22.42 -18.10 -4.87
C PHE E 388 21.60 -18.48 -6.13
N ALA E 389 20.44 -17.84 -6.36
CA ALA E 389 19.59 -18.16 -7.53
C ALA E 389 19.68 -17.17 -8.69
N ILE E 390 19.76 -15.85 -8.40
CA ILE E 390 19.82 -14.81 -9.44
C ILE E 390 21.10 -14.94 -10.33
N PRO E 391 22.36 -15.12 -9.80
CA PRO E 391 23.52 -15.26 -10.72
C PRO E 391 23.33 -16.37 -11.78
N PRO E 392 22.89 -17.64 -11.48
CA PRO E 392 22.62 -18.60 -12.56
C PRO E 392 21.61 -18.13 -13.62
N VAL E 393 20.57 -17.36 -13.25
CA VAL E 393 19.55 -16.85 -14.20
C VAL E 393 20.22 -15.91 -15.21
N CYS E 394 21.17 -15.07 -14.75
CA CYS E 394 21.94 -14.17 -15.61
C CYS E 394 22.75 -14.96 -16.65
N ALA E 395 23.35 -16.10 -16.24
CA ALA E 395 24.12 -16.99 -17.13
C ALA E 395 23.24 -17.56 -18.26
N ALA E 396 22.01 -17.98 -17.92
CA ALA E 396 21.04 -18.54 -18.86
C ALA E 396 20.65 -17.52 -19.94
N MET E 397 20.39 -16.25 -19.52
CA MET E 397 20.04 -15.16 -20.43
C MET E 397 21.17 -14.82 -21.41
N CYS E 398 22.44 -15.08 -21.03
CA CYS E 398 23.62 -14.87 -21.89
C CYS E 398 23.73 -15.99 -22.93
N ALA E 399 23.21 -17.19 -22.61
CA ALA E 399 23.25 -18.35 -23.51
C ALA E 399 22.07 -18.34 -24.50
N ASP E 400 20.99 -17.57 -24.21
CA ASP E 400 19.80 -17.48 -25.04
C ASP E 400 20.09 -16.86 -26.41
N ALA E 401 19.79 -17.61 -27.48
CA ALA E 401 20.05 -17.22 -28.88
C ALA E 401 18.94 -16.39 -29.55
N GLY E 402 17.87 -16.09 -28.81
CA GLY E 402 16.75 -15.28 -29.30
C GLY E 402 15.41 -16.00 -29.28
N THR E 403 15.08 -16.63 -28.13
CA THR E 403 13.82 -17.38 -27.98
C THR E 403 12.81 -16.62 -27.08
N GLN E 404 13.26 -15.50 -26.48
CA GLN E 404 12.46 -14.71 -25.52
C GLN E 404 11.84 -13.44 -26.10
N MET E 405 10.57 -13.17 -25.73
CA MET E 405 9.88 -11.94 -26.12
C MET E 405 10.42 -10.79 -25.25
N PHE E 406 10.37 -10.96 -23.91
CA PHE E 406 10.85 -9.97 -22.95
C PHE E 406 12.35 -10.16 -22.71
N SER E 407 13.11 -9.95 -23.79
CA SER E 407 14.57 -10.05 -23.87
C SER E 407 15.25 -8.75 -23.33
N PRO E 408 16.60 -8.71 -23.14
CA PRO E 408 17.22 -7.46 -22.65
C PRO E 408 17.17 -6.31 -23.68
N GLU E 409 16.99 -6.67 -24.98
CA GLU E 409 16.88 -5.69 -26.07
C GLU E 409 15.53 -4.96 -25.97
N LYS E 410 14.49 -5.65 -25.46
CA LYS E 410 13.15 -5.07 -25.27
C LYS E 410 13.01 -4.26 -23.96
N THR E 411 13.52 -4.80 -22.84
CA THR E 411 13.38 -4.20 -21.52
C THR E 411 14.49 -3.26 -21.05
N SER E 412 15.74 -3.47 -21.52
CA SER E 412 16.90 -2.75 -20.94
C SER E 412 17.85 -2.03 -21.92
N ALA E 413 17.32 -1.46 -23.03
CA ALA E 413 18.18 -0.77 -24.00
C ALA E 413 18.83 0.51 -23.43
N LEU E 414 18.04 1.33 -22.70
CA LEU E 414 18.50 2.59 -22.08
C LEU E 414 19.53 2.36 -20.97
N VAL E 415 19.18 1.60 -19.91
CA VAL E 415 20.10 1.32 -18.80
C VAL E 415 21.35 0.56 -19.26
N GLY E 416 21.18 -0.37 -20.20
CA GLY E 416 22.26 -1.17 -20.77
C GLY E 416 23.34 -0.31 -21.37
N ALA E 417 22.96 0.62 -22.29
CA ALA E 417 23.87 1.54 -22.99
C ALA E 417 24.62 2.49 -22.03
N VAL E 418 23.92 3.02 -21.02
CA VAL E 418 24.46 3.97 -20.05
C VAL E 418 25.45 3.31 -19.08
N TYR E 419 25.01 2.24 -18.38
CA TYR E 419 25.82 1.59 -17.36
C TYR E 419 27.00 0.78 -17.91
N SER E 420 26.96 0.36 -19.19
CA SER E 420 28.08 -0.37 -19.81
C SER E 420 29.31 0.53 -20.05
N ALA E 421 29.12 1.86 -19.96
CA ALA E 421 30.20 2.84 -20.11
C ALA E 421 31.12 2.88 -18.86
N ILE E 422 30.67 2.31 -17.72
CA ILE E 422 31.43 2.23 -16.48
C ILE E 422 32.12 0.86 -16.43
N ASP E 423 33.47 0.87 -16.42
CA ASP E 423 34.35 -0.30 -16.43
C ASP E 423 34.02 -1.40 -15.40
N GLU E 424 33.84 -1.03 -14.10
CA GLU E 424 33.52 -2.00 -13.05
C GLU E 424 32.15 -2.67 -13.23
N PHE E 425 31.24 -2.05 -14.00
CA PHE E 425 29.92 -2.61 -14.27
C PHE E 425 29.95 -3.54 -15.49
N ARG E 426 30.71 -3.16 -16.54
CA ARG E 426 30.85 -3.93 -17.77
C ARG E 426 31.70 -5.19 -17.57
N GLU E 427 32.86 -5.07 -16.87
CA GLU E 427 33.77 -6.21 -16.59
C GLU E 427 34.05 -6.35 -15.07
N PRO E 428 33.04 -6.69 -14.23
CA PRO E 428 33.28 -6.74 -12.77
C PRO E 428 34.33 -7.73 -12.28
N LEU E 429 34.42 -8.92 -12.90
CA LEU E 429 35.37 -9.96 -12.48
C LEU E 429 36.82 -9.46 -12.50
N LYS E 430 37.25 -8.86 -13.62
CA LYS E 430 38.60 -8.29 -13.78
C LYS E 430 38.92 -7.25 -12.68
N TYR E 431 38.01 -6.30 -12.45
CA TYR E 431 38.25 -5.21 -11.49
C TYR E 431 38.12 -5.64 -10.02
N VAL E 432 37.26 -6.62 -9.69
CA VAL E 432 37.17 -7.13 -8.30
C VAL E 432 38.49 -7.88 -7.96
N ILE E 433 39.05 -8.64 -8.93
CA ILE E 433 40.31 -9.36 -8.78
C ILE E 433 41.44 -8.33 -8.53
N GLU E 434 41.46 -7.22 -9.30
CA GLU E 434 42.43 -6.13 -9.13
C GLU E 434 42.32 -5.54 -7.73
N GLY E 435 41.08 -5.33 -7.26
CA GLY E 435 40.80 -4.80 -5.93
C GLY E 435 41.29 -5.72 -4.80
N ALA E 436 41.09 -7.05 -4.96
CA ALA E 436 41.52 -8.05 -3.97
C ALA E 436 43.05 -8.04 -3.83
N LEU E 437 43.78 -7.95 -4.96
CA LEU E 437 45.25 -7.92 -4.95
C LEU E 437 45.78 -6.63 -4.31
N GLU E 438 45.05 -5.52 -4.45
CA GLU E 438 45.36 -4.22 -3.86
C GLU E 438 45.26 -4.25 -2.32
N VAL E 439 44.20 -4.89 -1.76
CA VAL E 439 43.98 -4.90 -0.29
C VAL E 439 44.45 -6.17 0.45
N LYS E 440 44.87 -7.24 -0.27
CA LYS E 440 45.21 -8.54 0.32
C LYS E 440 46.14 -8.49 1.54
N ASP E 441 47.19 -7.66 1.53
CA ASP E 441 48.12 -7.59 2.66
C ASP E 441 47.78 -6.48 3.68
N LYS E 442 46.67 -5.75 3.48
CA LYS E 442 46.24 -4.67 4.38
C LYS E 442 45.24 -5.18 5.43
N ILE E 443 44.66 -6.36 5.20
CA ILE E 443 43.67 -6.98 6.07
C ILE E 443 44.30 -8.02 7.00
N ALA F 2 38.16 -42.25 -9.11
CA ALA F 2 37.02 -41.90 -9.94
C ALA F 2 35.71 -42.13 -9.17
N TYR F 3 34.85 -41.09 -9.10
CA TYR F 3 33.58 -41.16 -8.39
C TYR F 3 32.58 -42.06 -9.11
N LYS F 4 32.03 -43.03 -8.37
CA LYS F 4 31.04 -43.95 -8.93
C LYS F 4 29.65 -43.48 -8.47
N PRO F 5 28.82 -42.87 -9.37
CA PRO F 5 27.48 -42.42 -8.92
C PRO F 5 26.58 -43.55 -8.40
N GLN F 6 25.78 -43.26 -7.35
CA GLN F 6 24.87 -44.24 -6.74
C GLN F 6 23.40 -43.97 -7.08
N PHE F 7 23.12 -42.76 -7.61
CA PHE F 7 21.84 -42.29 -8.16
C PHE F 7 20.71 -42.06 -7.17
N TYR F 8 20.31 -43.08 -6.38
CA TYR F 8 19.15 -42.99 -5.51
C TYR F 8 19.18 -43.99 -4.33
N PRO F 9 18.73 -43.60 -3.11
CA PRO F 9 18.78 -44.55 -1.98
C PRO F 9 17.54 -45.44 -1.88
N GLY F 10 17.68 -46.54 -1.16
CA GLY F 10 16.56 -47.45 -0.93
C GLY F 10 16.93 -48.90 -1.11
N ALA F 11 16.32 -49.77 -0.30
CA ALA F 11 16.59 -51.21 -0.31
C ALA F 11 15.49 -52.08 -0.95
N THR F 12 14.40 -51.47 -1.46
CA THR F 12 13.31 -52.22 -2.09
C THR F 12 13.47 -52.24 -3.62
N LYS F 13 12.63 -53.02 -4.33
CA LYS F 13 12.67 -53.07 -5.79
C LYS F 13 12.24 -51.74 -6.43
N ILE F 14 11.39 -50.93 -5.73
CA ILE F 14 10.94 -49.62 -6.22
C ILE F 14 12.15 -48.68 -6.34
N ALA F 15 12.98 -48.66 -5.29
CA ALA F 15 14.20 -47.85 -5.26
C ALA F 15 15.20 -48.31 -6.34
N GLN F 16 15.26 -49.63 -6.64
CA GLN F 16 16.13 -50.16 -7.70
C GLN F 16 15.62 -49.72 -9.08
N ASN F 17 14.28 -49.76 -9.30
CA ASN F 17 13.66 -49.30 -10.54
C ASN F 17 13.94 -47.80 -10.76
N ARG F 18 13.97 -47.00 -9.66
CA ARG F 18 14.29 -45.56 -9.71
C ARG F 18 15.76 -45.36 -10.10
N ARG F 19 16.67 -46.19 -9.54
CA ARG F 19 18.10 -46.15 -9.84
C ARG F 19 18.36 -46.49 -11.32
N ASP F 20 17.69 -47.55 -11.83
CA ASP F 20 17.82 -47.99 -13.23
C ASP F 20 17.44 -46.86 -14.21
N HIS F 21 16.34 -46.14 -13.92
CA HIS F 21 15.88 -45.00 -14.74
C HIS F 21 16.92 -43.86 -14.78
N LEU F 22 17.55 -43.53 -13.64
CA LEU F 22 18.54 -42.46 -13.57
C LEU F 22 19.86 -42.83 -14.25
N ASN F 23 20.25 -44.11 -14.13
CA ASN F 23 21.51 -44.64 -14.66
C ASN F 23 21.59 -44.55 -16.21
N PRO F 24 22.48 -43.68 -16.76
CA PRO F 24 22.60 -43.58 -18.23
C PRO F 24 23.14 -44.85 -18.90
N ASP F 25 23.84 -45.70 -18.12
CA ASP F 25 24.41 -46.97 -18.59
C ASP F 25 23.40 -48.12 -18.58
N PHE F 26 22.24 -47.94 -17.89
CA PHE F 26 21.18 -48.97 -17.85
C PHE F 26 20.35 -48.85 -19.13
N GLU F 27 20.38 -49.91 -19.96
CA GLU F 27 19.63 -49.93 -21.21
C GLU F 27 18.16 -50.27 -20.91
N LEU F 28 17.25 -49.38 -21.30
CA LEU F 28 15.82 -49.61 -21.10
C LEU F 28 15.32 -50.60 -22.14
N GLU F 29 14.49 -51.56 -21.71
CA GLU F 29 13.94 -52.63 -22.56
C GLU F 29 13.02 -52.07 -23.63
N LYS F 30 13.31 -52.39 -24.90
CA LYS F 30 12.48 -51.99 -26.05
C LYS F 30 11.33 -52.98 -26.14
N LEU F 31 10.09 -52.45 -26.15
CA LEU F 31 8.88 -53.29 -26.18
C LEU F 31 8.06 -53.16 -27.45
N ARG F 32 8.17 -52.02 -28.15
CA ARG F 32 7.39 -51.73 -29.34
C ARG F 32 8.15 -50.87 -30.37
N GLU F 33 7.56 -50.73 -31.58
CA GLU F 33 8.12 -49.95 -32.68
C GLU F 33 7.03 -49.01 -33.21
N ILE F 34 7.03 -47.76 -32.71
CA ILE F 34 6.08 -46.75 -33.14
C ILE F 34 6.77 -45.89 -34.22
N PRO F 35 6.31 -45.96 -35.49
CA PRO F 35 6.96 -45.16 -36.56
C PRO F 35 6.95 -43.67 -36.29
N ASP F 36 8.04 -43.00 -36.70
CA ASP F 36 8.31 -41.56 -36.55
C ASP F 36 7.10 -40.71 -36.97
N GLU F 37 6.57 -40.98 -38.18
CA GLU F 37 5.44 -40.32 -38.84
C GLU F 37 4.16 -40.40 -38.01
N GLU F 38 3.92 -41.55 -37.36
CA GLU F 38 2.75 -41.79 -36.50
C GLU F 38 2.83 -40.94 -35.23
N LEU F 39 4.02 -40.92 -34.60
CA LEU F 39 4.28 -40.18 -33.37
C LEU F 39 4.17 -38.66 -33.56
N VAL F 40 4.71 -38.11 -34.67
CA VAL F 40 4.64 -36.69 -35.05
C VAL F 40 3.16 -36.25 -35.13
N LYS F 41 2.31 -37.11 -35.71
CA LYS F 41 0.87 -36.89 -35.84
C LYS F 41 0.15 -36.84 -34.47
N VAL F 42 0.50 -37.74 -33.52
CA VAL F 42 -0.09 -37.77 -32.16
C VAL F 42 0.35 -36.50 -31.36
N MET F 43 1.59 -36.03 -31.59
CA MET F 43 2.12 -34.82 -30.94
C MET F 43 1.35 -33.54 -31.35
N GLY F 44 0.85 -33.53 -32.59
CA GLY F 44 0.00 -32.50 -33.16
C GLY F 44 0.53 -31.08 -33.32
N HIS F 45 1.85 -30.91 -33.52
CA HIS F 45 2.46 -29.58 -33.70
C HIS F 45 2.66 -29.26 -35.17
N ARG F 46 2.91 -30.31 -35.98
CA ARG F 46 3.17 -30.25 -37.41
C ARG F 46 2.87 -31.61 -38.08
N GLN F 47 2.82 -31.62 -39.42
CA GLN F 47 2.62 -32.86 -40.18
C GLN F 47 4.01 -33.36 -40.62
N PRO F 48 4.29 -34.68 -40.66
CA PRO F 48 5.63 -35.14 -41.10
C PRO F 48 5.97 -34.72 -42.53
N GLY F 49 7.25 -34.42 -42.76
CA GLY F 49 7.76 -33.97 -44.04
C GLY F 49 7.80 -32.46 -44.21
N GLU F 50 7.04 -31.75 -43.35
CA GLU F 50 6.97 -30.29 -43.35
C GLU F 50 8.21 -29.72 -42.66
N ASP F 51 8.81 -28.68 -43.27
CA ASP F 51 10.01 -28.01 -42.76
C ASP F 51 9.78 -27.47 -41.35
N TYR F 52 10.77 -27.71 -40.44
CA TYR F 52 10.71 -27.27 -39.06
C TYR F 52 10.68 -25.73 -38.98
N LYS F 53 9.71 -25.18 -38.22
CA LYS F 53 9.55 -23.74 -38.01
C LYS F 53 10.64 -23.24 -37.07
N THR F 54 11.22 -22.07 -37.38
CA THR F 54 12.32 -21.50 -36.62
C THR F 54 11.87 -20.35 -35.68
N VAL F 55 12.51 -20.24 -34.50
CA VAL F 55 12.26 -19.20 -33.50
C VAL F 55 13.29 -18.07 -33.69
N HIS F 56 14.50 -18.44 -34.17
CA HIS F 56 15.61 -17.53 -34.46
C HIS F 56 16.49 -18.13 -35.58
N PRO F 57 17.29 -17.30 -36.30
CA PRO F 57 18.16 -17.86 -37.36
C PRO F 57 19.21 -18.85 -36.85
N PRO F 58 19.79 -19.74 -37.71
CA PRO F 58 20.84 -20.67 -37.22
C PRO F 58 22.03 -19.95 -36.58
N LEU F 59 22.67 -20.59 -35.59
CA LEU F 59 23.80 -20.03 -34.85
C LEU F 59 25.00 -19.65 -35.72
N GLU F 60 25.27 -20.41 -36.81
CA GLU F 60 26.37 -20.18 -37.74
C GLU F 60 26.25 -18.84 -38.49
N GLU F 61 25.01 -18.48 -38.89
CA GLU F 61 24.67 -17.24 -39.59
C GLU F 61 24.99 -16.04 -38.70
N MET F 62 24.44 -16.05 -37.47
CA MET F 62 24.59 -15.00 -36.44
C MET F 62 26.07 -14.75 -36.12
N ASP F 63 26.46 -13.48 -35.95
CA ASP F 63 27.83 -13.15 -35.57
C ASP F 63 27.86 -12.66 -34.12
N LEU F 64 28.01 -13.62 -33.19
CA LEU F 64 27.99 -13.36 -31.74
C LEU F 64 29.40 -13.03 -31.23
N PRO F 65 29.55 -12.10 -30.24
CA PRO F 65 30.89 -11.80 -29.71
C PRO F 65 31.55 -13.02 -29.06
N GLU F 66 32.88 -13.03 -29.00
CA GLU F 66 33.69 -14.10 -28.40
C GLU F 66 33.38 -14.24 -26.92
N ASP F 67 33.00 -15.46 -26.50
CA ASP F 67 32.69 -15.82 -25.12
C ASP F 67 33.18 -17.25 -24.90
N TYR F 68 34.40 -17.38 -24.33
CA TYR F 68 35.08 -18.65 -24.07
C TYR F 68 34.21 -19.70 -23.36
N VAL F 69 33.69 -19.36 -22.16
CA VAL F 69 32.87 -20.27 -21.33
C VAL F 69 31.58 -20.67 -22.04
N ARG F 70 30.85 -19.71 -22.64
CA ARG F 70 29.61 -19.98 -23.37
C ARG F 70 29.81 -20.99 -24.50
N ASP F 71 30.89 -20.84 -25.29
CA ASP F 71 31.17 -21.70 -26.43
C ASP F 71 31.90 -23.02 -26.06
N LEU F 72 32.15 -23.26 -24.76
CA LEU F 72 32.73 -24.54 -24.31
C LEU F 72 31.69 -25.66 -24.46
N VAL F 73 30.41 -25.31 -24.35
CA VAL F 73 29.27 -26.23 -24.43
C VAL F 73 28.75 -26.41 -25.86
N GLU F 74 28.67 -27.66 -26.30
CA GLU F 74 28.16 -28.03 -27.64
C GLU F 74 26.63 -27.90 -27.65
N PRO F 75 26.04 -27.10 -28.57
CA PRO F 75 24.57 -27.00 -28.61
C PRO F 75 23.96 -28.23 -29.28
N ILE F 76 22.70 -28.57 -28.94
CA ILE F 76 21.99 -29.70 -29.55
C ILE F 76 21.62 -29.30 -31.00
N SER F 77 21.50 -30.30 -31.91
CA SER F 77 21.21 -30.07 -33.34
C SER F 77 20.09 -29.05 -33.60
N GLY F 78 18.98 -29.13 -32.88
CA GLY F 78 17.86 -28.21 -33.02
C GLY F 78 18.15 -26.77 -32.61
N ALA F 79 19.09 -26.56 -31.65
CA ALA F 79 19.49 -25.22 -31.19
C ALA F 79 20.38 -24.57 -32.27
N LYS F 80 21.28 -25.38 -32.89
CA LYS F 80 22.18 -24.98 -33.99
C LYS F 80 21.34 -24.49 -35.19
N GLU F 81 20.21 -25.17 -35.49
CA GLU F 81 19.32 -24.85 -36.62
C GLU F 81 18.19 -23.86 -36.26
N GLY F 82 18.17 -23.40 -35.02
CA GLY F 82 17.21 -22.42 -34.52
C GLY F 82 15.74 -22.82 -34.45
N HIS F 83 15.46 -24.14 -34.44
CA HIS F 83 14.11 -24.71 -34.37
C HIS F 83 13.32 -24.24 -33.15
N ARG F 84 12.00 -24.07 -33.31
CA ARG F 84 11.11 -23.61 -32.23
C ARG F 84 11.04 -24.63 -31.06
N ILE F 85 10.55 -24.19 -29.88
CA ILE F 85 10.43 -25.06 -28.71
C ILE F 85 9.00 -25.57 -28.58
N ARG F 86 8.86 -26.89 -28.69
CA ARG F 86 7.58 -27.58 -28.55
C ARG F 86 7.59 -28.54 -27.35
N TYR F 87 6.45 -29.20 -27.04
CA TYR F 87 6.28 -30.04 -25.86
C TYR F 87 5.70 -31.43 -26.10
N ILE F 88 5.81 -32.28 -25.07
CA ILE F 88 5.19 -33.59 -24.95
C ILE F 88 4.81 -33.73 -23.47
N GLN F 89 3.54 -34.04 -23.20
CA GLN F 89 3.02 -34.13 -21.83
C GLN F 89 2.30 -35.45 -21.59
N PHE F 90 2.65 -36.11 -20.47
CA PHE F 90 2.06 -37.38 -20.06
C PHE F 90 1.42 -37.31 -18.68
N ALA F 91 0.31 -38.04 -18.51
CA ALA F 91 -0.35 -38.25 -17.24
C ALA F 91 -0.01 -39.72 -16.92
N ASP F 92 0.45 -40.00 -15.70
CA ASP F 92 0.88 -41.33 -15.27
C ASP F 92 -0.04 -41.88 -14.18
N SER F 93 -0.75 -42.99 -14.43
CA SER F 93 -1.65 -43.57 -13.44
C SER F 93 -0.93 -43.96 -12.16
N MET F 94 -1.52 -43.63 -10.99
CA MET F 94 -0.96 -44.02 -9.70
C MET F 94 -1.08 -45.53 -9.49
N TYR F 95 -1.85 -46.21 -10.38
CA TYR F 95 -2.00 -47.66 -10.32
C TYR F 95 -0.92 -48.36 -11.14
N PHE F 96 0.31 -48.34 -10.60
CA PHE F 96 1.51 -49.02 -11.08
C PHE F 96 2.02 -48.61 -12.49
N ALA F 97 1.84 -47.34 -12.92
CA ALA F 97 2.40 -46.93 -14.22
C ALA F 97 3.95 -47.06 -14.19
N PRO F 98 4.61 -47.51 -15.29
CA PRO F 98 6.08 -47.72 -15.25
C PRO F 98 6.95 -46.48 -15.17
N ALA F 99 6.35 -45.29 -15.22
CA ALA F 99 7.02 -43.99 -15.08
C ALA F 99 6.14 -43.09 -14.21
N GLN F 100 6.76 -42.21 -13.41
CA GLN F 100 6.04 -41.29 -12.51
C GLN F 100 6.65 -39.87 -12.61
N PRO F 101 5.93 -38.78 -12.19
CA PRO F 101 6.44 -37.41 -12.45
C PRO F 101 7.88 -37.07 -12.04
N TYR F 102 8.27 -37.09 -10.74
CA TYR F 102 9.65 -36.71 -10.37
C TYR F 102 10.68 -37.71 -10.86
N ASP F 103 10.28 -38.98 -11.00
CA ASP F 103 11.09 -40.07 -11.53
C ASP F 103 11.51 -39.67 -12.97
N ARG F 104 10.55 -39.25 -13.82
CA ARG F 104 10.78 -38.77 -15.19
C ARG F 104 11.76 -37.61 -15.22
N ALA F 105 11.47 -36.52 -14.49
CA ALA F 105 12.31 -35.32 -14.47
C ALA F 105 13.77 -35.59 -14.11
N ARG F 106 14.01 -36.41 -13.06
CA ARG F 106 15.37 -36.76 -12.63
C ARG F 106 16.07 -37.61 -13.70
N MET F 107 15.33 -38.55 -14.33
CA MET F 107 15.85 -39.40 -15.41
C MET F 107 16.24 -38.54 -16.62
N TYR F 108 15.37 -37.59 -17.03
CA TYR F 108 15.60 -36.68 -18.15
C TYR F 108 16.84 -35.83 -17.93
N MET F 109 17.02 -35.30 -16.70
CA MET F 109 18.16 -34.45 -16.33
C MET F 109 19.49 -35.22 -16.25
N TRP F 110 19.44 -36.54 -16.01
CA TRP F 110 20.63 -37.39 -15.95
C TRP F 110 21.00 -37.86 -17.38
N ARG F 111 20.00 -38.23 -18.20
CA ARG F 111 20.19 -38.82 -19.53
C ARG F 111 20.20 -37.86 -20.73
N PHE F 112 19.40 -36.77 -20.71
CA PHE F 112 19.27 -35.88 -21.86
C PHE F 112 19.91 -34.49 -21.73
N ARG F 113 20.22 -33.86 -22.90
CA ARG F 113 20.86 -32.54 -23.01
C ARG F 113 19.85 -31.46 -23.44
N GLY F 114 20.01 -30.26 -22.85
CA GLY F 114 19.17 -29.09 -23.11
C GLY F 114 17.69 -29.32 -22.85
N VAL F 115 17.36 -29.82 -21.64
CA VAL F 115 16.00 -30.16 -21.23
C VAL F 115 15.35 -29.12 -20.34
N ASP F 116 14.07 -28.80 -20.64
CA ASP F 116 13.20 -28.01 -19.77
C ASP F 116 12.12 -29.02 -19.37
N THR F 117 12.01 -29.36 -18.08
CA THR F 117 11.02 -30.34 -17.65
C THR F 117 10.23 -29.85 -16.43
N GLY F 118 8.94 -30.13 -16.43
CA GLY F 118 8.04 -29.74 -15.34
C GLY F 118 7.30 -30.92 -14.75
N SER F 119 7.34 -31.05 -13.41
CA SER F 119 6.66 -32.14 -12.71
C SER F 119 5.51 -31.61 -11.87
N LEU F 120 4.36 -32.25 -12.03
CA LEU F 120 3.11 -31.91 -11.34
C LEU F 120 2.44 -33.21 -10.98
N SER F 121 1.45 -33.20 -10.07
CA SER F 121 0.77 -34.43 -9.69
C SER F 121 0.04 -35.10 -10.87
N GLY F 122 -0.65 -34.30 -11.69
CA GLY F 122 -1.45 -34.80 -12.79
C GLY F 122 -0.86 -34.81 -14.18
N ARG F 123 0.36 -34.25 -14.35
CA ARG F 123 1.02 -34.16 -15.65
C ARG F 123 2.52 -34.01 -15.50
N GLN F 124 3.28 -34.49 -16.50
CA GLN F 124 4.73 -34.33 -16.56
C GLN F 124 5.07 -33.89 -17.97
N VAL F 125 5.64 -32.69 -18.08
CA VAL F 125 5.95 -32.04 -19.36
C VAL F 125 7.44 -31.92 -19.63
N ILE F 126 7.81 -32.01 -20.91
CA ILE F 126 9.18 -31.80 -21.36
C ILE F 126 9.13 -30.87 -22.59
N GLU F 127 9.70 -29.65 -22.45
CA GLU F 127 9.79 -28.62 -23.50
C GLU F 127 11.21 -28.65 -24.05
N MET F 128 11.34 -28.85 -25.37
CA MET F 128 12.63 -28.96 -26.04
C MET F 128 12.55 -28.48 -27.50
N ARG F 129 13.71 -28.23 -28.14
CA ARG F 129 13.84 -27.89 -29.57
C ARG F 129 13.07 -29.00 -30.31
N GLU F 130 12.03 -28.62 -31.07
CA GLU F 130 11.07 -29.49 -31.77
C GLU F 130 11.67 -30.75 -32.42
N SER F 131 12.78 -30.60 -33.16
CA SER F 131 13.42 -31.75 -33.84
C SER F 131 14.02 -32.76 -32.85
N ASN F 132 14.75 -32.28 -31.82
CA ASN F 132 15.36 -33.12 -30.79
C ASN F 132 14.33 -33.83 -29.92
N LEU F 133 13.20 -33.16 -29.66
CA LEU F 133 12.08 -33.66 -28.88
C LEU F 133 11.45 -34.90 -29.55
N GLU F 134 11.39 -34.91 -30.90
CA GLU F 134 10.83 -36.02 -31.70
C GLU F 134 11.65 -37.30 -31.64
N GLU F 135 13.00 -37.21 -31.75
CA GLU F 135 13.91 -38.36 -31.69
C GLU F 135 13.87 -39.01 -30.29
N ILE F 136 13.89 -38.19 -29.22
CA ILE F 136 13.87 -38.66 -27.82
C ILE F 136 12.54 -39.34 -27.50
N SER F 137 11.40 -38.67 -27.81
CA SER F 137 10.05 -39.18 -27.60
C SER F 137 9.85 -40.55 -28.24
N LYS F 138 10.45 -40.75 -29.44
CA LYS F 138 10.38 -42.01 -30.19
C LYS F 138 11.23 -43.13 -29.64
N ASN F 139 12.53 -42.89 -29.43
CA ASN F 139 13.46 -43.93 -28.99
C ASN F 139 13.51 -44.20 -27.48
N VAL F 140 13.09 -43.24 -26.64
CA VAL F 140 13.13 -43.41 -25.18
C VAL F 140 11.75 -43.39 -24.50
N LEU F 141 10.92 -42.37 -24.80
CA LEU F 141 9.63 -42.18 -24.12
C LEU F 141 8.49 -43.07 -24.59
N MET F 142 8.49 -43.53 -25.86
CA MET F 142 7.37 -44.33 -26.39
C MET F 142 7.68 -45.78 -26.73
N ASP F 143 8.89 -46.08 -27.25
CA ASP F 143 9.24 -47.46 -27.64
C ASP F 143 9.68 -48.38 -26.51
N THR F 144 10.13 -47.81 -25.38
CA THR F 144 10.66 -48.60 -24.24
C THR F 144 9.62 -48.90 -23.15
N SER F 145 10.06 -49.64 -22.10
CA SER F 145 9.29 -50.01 -20.92
C SER F 145 8.84 -48.80 -20.08
N LEU F 146 9.26 -47.57 -20.48
CA LEU F 146 8.88 -46.31 -19.84
C LEU F 146 7.47 -45.95 -20.20
N PHE F 147 6.91 -46.64 -21.20
CA PHE F 147 5.58 -46.38 -21.68
C PHE F 147 4.69 -47.62 -21.61
N ASP F 148 3.47 -47.41 -21.11
CA ASP F 148 2.42 -48.41 -21.06
C ASP F 148 1.18 -47.75 -21.68
N PRO F 149 0.70 -48.24 -22.85
CA PRO F 149 -0.44 -47.57 -23.53
C PRO F 149 -1.75 -47.46 -22.74
N ALA F 150 -1.97 -48.31 -21.73
CA ALA F 150 -3.19 -48.23 -20.93
C ALA F 150 -3.12 -47.31 -19.71
N ARG F 151 -1.95 -47.21 -19.07
CA ARG F 151 -1.79 -46.48 -17.81
C ARG F 151 -0.99 -45.17 -17.92
N ILE F 152 -0.51 -44.83 -19.12
CA ILE F 152 0.20 -43.57 -19.41
C ILE F 152 -0.47 -42.94 -20.63
N GLY F 153 -0.98 -41.72 -20.46
CA GLY F 153 -1.68 -41.01 -21.53
C GLY F 153 -1.03 -39.72 -21.95
N MET F 154 -0.91 -39.51 -23.28
CA MET F 154 -0.35 -38.28 -23.84
C MET F 154 -1.49 -37.25 -23.91
N ARG F 155 -1.31 -36.11 -23.21
CA ARG F 155 -2.32 -35.05 -23.09
C ARG F 155 -1.73 -33.66 -22.78
N GLY F 156 -2.07 -32.66 -23.60
CA GLY F 156 -1.61 -31.28 -23.43
C GLY F 156 -2.55 -30.37 -22.65
N ALA F 157 -3.84 -30.77 -22.54
CA ALA F 157 -4.90 -30.04 -21.82
C ALA F 157 -5.94 -31.03 -21.29
N THR F 158 -6.70 -30.67 -20.21
CA THR F 158 -7.73 -31.53 -19.59
C THR F 158 -7.03 -32.86 -19.20
N VAL F 159 -6.10 -32.76 -18.24
CA VAL F 159 -5.17 -33.82 -17.82
C VAL F 159 -5.72 -34.82 -16.79
N HIS F 160 -6.83 -34.49 -16.11
CA HIS F 160 -7.53 -35.29 -15.09
C HIS F 160 -7.49 -36.82 -15.39
N GLY F 161 -7.03 -37.61 -14.43
CA GLY F 161 -6.96 -39.06 -14.63
C GLY F 161 -5.95 -39.86 -13.82
N HIS F 162 -4.80 -39.25 -13.45
CA HIS F 162 -3.73 -39.95 -12.70
C HIS F 162 -4.20 -40.61 -11.39
N SER F 163 -5.13 -39.94 -10.68
CA SER F 163 -5.66 -40.34 -9.38
C SER F 163 -7.01 -41.05 -9.44
N LEU F 164 -7.53 -41.31 -10.66
CA LEU F 164 -8.83 -41.95 -10.84
C LEU F 164 -8.76 -43.45 -10.98
N ARG F 165 -9.89 -44.13 -10.67
CA ARG F 165 -10.05 -45.57 -10.83
C ARG F 165 -9.94 -45.90 -12.32
N LEU F 166 -9.46 -47.10 -12.65
CA LEU F 166 -9.30 -47.49 -14.05
C LEU F 166 -10.65 -47.96 -14.62
N ASP F 167 -10.79 -48.01 -15.96
CA ASP F 167 -12.03 -48.50 -16.59
C ASP F 167 -12.03 -50.04 -16.68
N GLU F 168 -13.13 -50.63 -17.22
CA GLU F 168 -13.32 -52.08 -17.38
C GLU F 168 -12.15 -52.81 -18.04
N ASN F 169 -11.48 -52.15 -19.03
CA ASN F 169 -10.36 -52.73 -19.79
C ASN F 169 -8.99 -52.37 -19.23
N GLY F 170 -8.98 -51.73 -18.06
CA GLY F 170 -7.76 -51.33 -17.37
C GLY F 170 -7.10 -50.09 -17.94
N LEU F 171 -7.87 -49.23 -18.61
CA LEU F 171 -7.38 -47.99 -19.21
C LEU F 171 -7.64 -46.81 -18.28
N MET F 172 -6.68 -45.87 -18.25
CA MET F 172 -6.81 -44.67 -17.44
C MET F 172 -7.86 -43.74 -18.07
N PHE F 173 -8.59 -42.99 -17.22
CA PHE F 173 -9.59 -42.00 -17.62
C PHE F 173 -8.97 -40.92 -18.50
N ASP F 174 -9.75 -40.46 -19.48
CA ASP F 174 -9.41 -39.34 -20.36
C ASP F 174 -10.73 -38.65 -20.71
N ALA F 175 -10.96 -37.43 -20.20
CA ALA F 175 -12.18 -36.66 -20.45
C ALA F 175 -12.40 -36.39 -21.95
N LEU F 176 -11.32 -36.37 -22.74
CA LEU F 176 -11.39 -36.13 -24.19
C LEU F 176 -11.31 -37.42 -25.00
N GLN F 177 -11.04 -38.57 -24.35
CA GLN F 177 -10.92 -39.90 -24.97
C GLN F 177 -10.00 -39.88 -26.20
N ARG F 178 -8.78 -39.37 -26.03
CA ARG F 178 -7.76 -39.28 -27.10
C ARG F 178 -7.31 -40.67 -27.57
N TYR F 179 -7.44 -41.68 -26.71
CA TYR F 179 -7.12 -43.08 -27.00
C TYR F 179 -8.31 -43.98 -26.63
N VAL F 180 -8.47 -45.12 -27.33
CA VAL F 180 -9.55 -46.10 -27.11
C VAL F 180 -9.01 -47.55 -27.11
N TYR F 181 -9.72 -48.46 -26.43
CA TYR F 181 -9.35 -49.88 -26.42
C TYR F 181 -10.02 -50.57 -27.62
N ASP F 182 -9.21 -51.22 -28.48
CA ASP F 182 -9.68 -51.96 -29.65
C ASP F 182 -9.86 -53.43 -29.25
N GLU F 183 -11.12 -53.83 -28.99
CA GLU F 183 -11.54 -55.17 -28.55
C GLU F 183 -11.02 -56.33 -29.43
N LYS F 184 -11.03 -56.17 -30.76
CA LYS F 184 -10.60 -57.17 -31.76
C LYS F 184 -9.12 -57.56 -31.61
N THR F 185 -8.23 -56.56 -31.55
CA THR F 185 -6.78 -56.76 -31.44
C THR F 185 -6.27 -56.84 -30.00
N GLY F 186 -6.98 -56.17 -29.09
CA GLY F 186 -6.59 -56.05 -27.69
C GLY F 186 -5.53 -54.98 -27.53
N HIS F 187 -5.46 -54.04 -28.51
CA HIS F 187 -4.50 -52.93 -28.59
C HIS F 187 -5.15 -51.58 -28.26
N VAL F 188 -4.32 -50.62 -27.79
CA VAL F 188 -4.73 -49.25 -27.48
C VAL F 188 -4.47 -48.43 -28.75
N VAL F 189 -5.46 -47.64 -29.18
CA VAL F 189 -5.36 -46.86 -30.40
C VAL F 189 -5.67 -45.38 -30.14
N TYR F 190 -4.80 -44.47 -30.59
CA TYR F 190 -5.00 -43.03 -30.48
C TYR F 190 -5.87 -42.58 -31.66
N VAL F 191 -7.04 -42.01 -31.34
CA VAL F 191 -8.00 -41.50 -32.33
C VAL F 191 -7.90 -39.97 -32.45
N LYS F 192 -7.17 -39.32 -31.51
CA LYS F 192 -6.98 -37.87 -31.46
C LYS F 192 -5.52 -37.53 -31.11
N ASP F 193 -5.11 -36.28 -31.35
CA ASP F 193 -3.77 -35.82 -30.97
C ASP F 193 -3.78 -35.46 -29.47
N GLN F 194 -2.61 -35.14 -28.89
CA GLN F 194 -2.50 -34.82 -27.45
C GLN F 194 -3.33 -33.59 -27.02
N VAL F 195 -3.73 -32.70 -27.96
CA VAL F 195 -4.54 -31.52 -27.61
C VAL F 195 -6.07 -31.77 -27.91
N GLY F 196 -6.38 -32.95 -28.45
CA GLY F 196 -7.76 -33.36 -28.71
C GLY F 196 -8.31 -33.22 -30.12
N ARG F 197 -7.46 -32.92 -31.12
CA ARG F 197 -7.89 -32.80 -32.52
C ARG F 197 -8.05 -34.20 -33.14
N PRO F 198 -9.16 -34.50 -33.84
CA PRO F 198 -9.31 -35.83 -34.46
C PRO F 198 -8.24 -36.15 -35.51
N LEU F 199 -7.70 -37.36 -35.46
CA LEU F 199 -6.68 -37.81 -36.41
C LEU F 199 -7.36 -38.36 -37.66
N ASP F 200 -6.75 -38.15 -38.84
CA ASP F 200 -7.27 -38.69 -40.11
C ASP F 200 -7.12 -40.22 -40.09
N GLU F 201 -5.96 -40.70 -39.60
CA GLU F 201 -5.59 -42.10 -39.46
C GLU F 201 -5.35 -42.41 -37.97
N PRO F 202 -6.06 -43.40 -37.40
CA PRO F 202 -5.80 -43.75 -35.99
C PRO F 202 -4.43 -44.42 -35.81
N VAL F 203 -3.75 -44.13 -34.68
CA VAL F 203 -2.40 -44.65 -34.41
C VAL F 203 -2.43 -45.75 -33.34
N ASP F 204 -1.99 -46.97 -33.71
CA ASP F 204 -1.91 -48.13 -32.83
C ASP F 204 -0.64 -48.00 -31.99
N VAL F 205 -0.78 -48.07 -30.66
CA VAL F 205 0.37 -47.96 -29.75
C VAL F 205 0.65 -49.29 -29.00
N GLY F 206 0.10 -50.39 -29.52
CA GLY F 206 0.29 -51.73 -28.99
C GLY F 206 -0.66 -52.17 -27.89
N GLU F 207 -0.37 -53.34 -27.30
CA GLU F 207 -1.18 -53.94 -26.25
C GLU F 207 -0.76 -53.47 -24.84
N PRO F 208 -1.70 -53.39 -23.86
CA PRO F 208 -1.31 -52.95 -22.52
C PRO F 208 -0.45 -54.00 -21.83
N LEU F 209 0.49 -53.56 -20.97
CA LEU F 209 1.36 -54.45 -20.22
C LEU F 209 0.56 -55.19 -19.14
N PRO F 210 0.85 -56.49 -18.86
CA PRO F 210 0.14 -57.19 -17.79
C PRO F 210 0.46 -56.64 -16.41
N GLU F 211 -0.49 -56.78 -15.46
CA GLU F 211 -0.37 -56.29 -14.08
C GLU F 211 0.88 -56.81 -13.36
N GLU F 212 1.25 -58.10 -13.59
CA GLU F 212 2.44 -58.72 -12.99
C GLU F 212 3.74 -58.04 -13.46
N LYS F 213 3.80 -57.61 -14.73
CA LYS F 213 4.96 -56.91 -15.26
C LYS F 213 5.04 -55.49 -14.66
N LEU F 214 3.87 -54.79 -14.62
CA LEU F 214 3.75 -53.43 -14.08
C LEU F 214 4.20 -53.34 -12.63
N ARG F 215 3.80 -54.32 -11.79
CA ARG F 215 4.17 -54.39 -10.37
C ARG F 215 5.68 -54.56 -10.17
N GLU F 216 6.33 -55.30 -11.07
CA GLU F 216 7.77 -55.56 -11.07
C GLU F 216 8.62 -54.31 -11.41
N ILE F 217 8.21 -53.52 -12.42
CA ILE F 217 9.00 -52.38 -12.94
C ILE F 217 8.54 -50.95 -12.52
N THR F 218 7.39 -50.81 -11.81
CA THR F 218 6.90 -49.49 -11.39
C THR F 218 7.85 -48.73 -10.46
N THR F 219 7.79 -47.40 -10.50
CA THR F 219 8.59 -46.50 -9.65
C THR F 219 7.74 -45.85 -8.55
N ILE F 220 6.49 -46.36 -8.34
CA ILE F 220 5.63 -45.82 -7.30
C ILE F 220 5.54 -46.77 -6.09
N TYR F 221 5.51 -46.20 -4.87
CA TYR F 221 5.28 -47.01 -3.66
C TYR F 221 3.77 -46.96 -3.44
N ARG F 222 3.19 -48.10 -3.06
CA ARG F 222 1.76 -48.25 -2.79
C ARG F 222 1.62 -49.32 -1.72
N LYS F 223 0.70 -49.14 -0.75
CA LYS F 223 0.44 -50.14 0.30
C LYS F 223 0.08 -51.53 -0.29
N ASP F 224 -0.67 -51.53 -1.42
CA ASP F 224 -1.13 -52.71 -2.16
C ASP F 224 -0.06 -53.25 -3.15
N GLY F 225 1.09 -52.59 -3.19
CA GLY F 225 2.27 -52.97 -3.96
C GLY F 225 3.41 -53.09 -2.98
N VAL F 226 4.39 -52.17 -3.07
CA VAL F 226 5.49 -52.10 -2.10
C VAL F 226 5.25 -50.84 -1.26
N PRO F 227 4.87 -50.97 0.03
CA PRO F 227 4.64 -49.76 0.85
C PRO F 227 5.96 -49.03 1.11
N MET F 228 5.92 -47.69 1.15
CA MET F 228 7.13 -46.88 1.46
C MET F 228 7.59 -47.17 2.89
N ARG F 229 6.64 -47.54 3.78
CA ARG F 229 6.87 -47.93 5.17
C ARG F 229 7.92 -49.06 5.23
N ASP F 230 7.95 -49.95 4.22
CA ASP F 230 8.89 -51.06 4.11
C ASP F 230 10.31 -50.64 3.67
N ASP F 231 10.48 -49.40 3.15
CA ASP F 231 11.80 -48.94 2.71
C ASP F 231 12.44 -48.03 3.77
N GLU F 232 12.93 -48.65 4.85
CA GLU F 232 13.58 -47.97 5.97
C GLU F 232 14.80 -47.17 5.53
N GLU F 233 15.58 -47.70 4.58
CA GLU F 233 16.77 -47.03 4.00
C GLU F 233 16.37 -45.70 3.36
N LEU F 234 15.33 -45.70 2.49
CA LEU F 234 14.87 -44.47 1.84
C LEU F 234 14.39 -43.45 2.89
N LEU F 235 13.61 -43.90 3.89
CA LEU F 235 13.13 -43.03 4.97
C LEU F 235 14.28 -42.39 5.76
N THR F 236 15.39 -43.15 5.97
CA THR F 236 16.58 -42.64 6.67
C THR F 236 17.19 -41.46 5.90
N VAL F 237 17.29 -41.57 4.56
CA VAL F 237 17.90 -40.51 3.74
C VAL F 237 16.97 -39.28 3.67
N VAL F 238 15.65 -39.47 3.54
CA VAL F 238 14.66 -38.35 3.52
C VAL F 238 14.80 -37.53 4.82
N LYS F 239 14.75 -38.21 6.00
CA LYS F 239 14.90 -37.60 7.32
C LYS F 239 16.25 -36.90 7.49
N ARG F 240 17.34 -37.50 6.94
CA ARG F 240 18.66 -36.90 6.99
C ARG F 240 18.69 -35.56 6.22
N ILE F 241 18.14 -35.52 4.98
CA ILE F 241 18.10 -34.31 4.16
C ILE F 241 17.32 -33.24 4.92
N HIS F 242 16.17 -33.64 5.52
CA HIS F 242 15.33 -32.72 6.32
C HIS F 242 16.10 -32.12 7.48
N ARG F 243 16.81 -32.95 8.26
CA ARG F 243 17.57 -32.46 9.41
C ARG F 243 18.72 -31.55 9.01
N ALA F 244 19.49 -31.93 7.98
CA ALA F 244 20.63 -31.15 7.45
C ALA F 244 20.15 -29.76 6.98
N ARG F 245 18.99 -29.70 6.29
CA ARG F 245 18.38 -28.45 5.84
C ARG F 245 17.99 -27.59 7.05
N THR F 246 17.34 -28.21 8.07
CA THR F 246 16.89 -27.53 9.31
C THR F 246 18.06 -26.90 10.06
N LEU F 247 19.14 -27.67 10.32
CA LEU F 247 20.31 -27.19 11.05
C LEU F 247 21.10 -26.12 10.32
N GLY F 248 21.24 -26.27 9.00
CA GLY F 248 21.93 -25.31 8.15
C GLY F 248 21.20 -23.97 8.13
N GLY F 249 19.87 -24.03 8.11
CA GLY F 249 19.02 -22.85 8.18
C GLY F 249 19.10 -22.16 9.53
N TYR F 250 19.24 -22.94 10.63
CA TYR F 250 19.37 -22.39 11.98
C TYR F 250 20.74 -21.72 12.18
N MET F 251 21.83 -22.49 11.97
CA MET F 251 23.22 -22.01 12.08
C MET F 251 24.14 -22.90 11.26
N PRO F 252 24.65 -22.41 10.10
CA PRO F 252 25.48 -23.26 9.24
C PRO F 252 26.92 -23.40 9.69
N VAL F 253 27.11 -23.96 10.90
CA VAL F 253 28.43 -24.16 11.52
C VAL F 253 28.64 -25.63 11.92
N ASN F 254 29.90 -26.11 11.82
CA ASN F 254 30.29 -27.49 12.13
C ASN F 254 29.84 -28.00 13.49
N GLU F 255 29.98 -27.18 14.54
CA GLU F 255 29.62 -27.51 15.93
C GLU F 255 28.14 -27.90 16.08
N VAL F 256 27.22 -27.19 15.38
CA VAL F 256 25.78 -27.45 15.38
C VAL F 256 25.49 -28.83 14.73
N PHE F 257 26.09 -29.09 13.56
CA PHE F 257 25.94 -30.37 12.84
C PHE F 257 26.56 -31.54 13.64
N ASP F 258 27.72 -31.32 14.29
CA ASP F 258 28.39 -32.33 15.11
C ASP F 258 27.54 -32.77 16.31
N LYS F 259 26.85 -31.83 16.94
CA LYS F 259 26.04 -32.07 18.11
C LYS F 259 24.62 -32.59 17.81
N LEU F 260 23.95 -32.08 16.74
CA LEU F 260 22.55 -32.40 16.50
C LEU F 260 22.20 -33.26 15.26
N LEU F 261 23.12 -33.44 14.30
CA LEU F 261 22.81 -34.25 13.11
C LEU F 261 22.71 -35.76 13.41
N TP7 G . -6.84 11.27 7.23
P TP7 G . -3.85 10.49 10.58
O1P TP7 G . -3.16 11.74 11.10
O2P TP7 G . -2.83 9.57 9.95
O3P TP7 G . -4.61 9.79 11.68
O4P TP7 G . -4.95 10.93 9.48
CB TP7 G . -4.56 11.40 8.21
C TP7 G . -5.42 9.27 7.24
O TP7 G . -6.29 8.66 7.93
OXT TP7 G . -4.52 8.67 6.62
CA TP7 G . -5.46 10.77 7.14
CG TP7 G . -4.54 12.94 8.23
O1 TP7 G . -6.66 12.86 5.65
C1 TP7 G . -7.34 12.19 6.41
C2 TP7 G . -8.85 12.37 6.50
C3 TP7 G . -9.44 12.85 5.19
C4 TP7 G . -10.97 12.83 5.14
C5 TP7 G . -11.68 13.62 6.24
C6 TP7 G . -11.46 15.14 6.22
C7 TP7 G . -12.10 15.80 5.00
S7 TP7 G . -11.88 17.59 5.17
NI F43 H . -5.63 -25.70 -11.94
NA F43 H . -6.63 -23.92 -12.35
CHA F43 H . -7.52 -23.82 -10.11
C1A F43 H . -7.45 -23.38 -11.56
C2A F43 H . -8.37 -22.35 -12.23
C3A F43 H . -8.04 -22.65 -13.71
C4A F43 H . -6.58 -23.13 -13.59
C5A F43 H . -8.00 -20.90 -11.85
C6A F43 H . -8.81 -19.82 -12.56
O7A F43 H . -9.94 -19.49 -12.19
N8A F43 H . -8.27 -19.26 -13.55
C9A F43 H . -9.82 -22.62 -11.77
CAA F43 H . -8.98 -23.63 -14.47
CBA F43 H . -10.31 -22.98 -14.89
CCA F43 H . -10.88 -23.50 -16.21
ODA F43 H . -10.86 -24.71 -16.49
OEA F43 H . -11.38 -22.64 -16.95
NB F43 H . -4.49 -25.44 -13.65
CHB F43 H . -6.01 -23.91 -14.78
C1B F43 H . -4.54 -24.26 -14.53
C2B F43 H . -3.75 -24.68 -15.80
C3B F43 H . -3.61 -26.20 -15.67
C4B F43 H . -3.85 -26.39 -14.19
N5B F43 H . -3.76 -23.14 -14.01
C6B F43 H . -2.62 -22.93 -14.66
O7B F43 H . -1.87 -21.98 -14.51
C8B F43 H . -2.37 -24.03 -15.66
C9B F43 H . -4.30 -24.18 -17.15
CAB F43 H . -4.66 -27.00 -16.48
CBB F43 H . -4.50 -28.53 -16.39
CCB F43 H . -5.39 -29.20 -17.39
ODB F43 H . -5.12 -29.04 -18.59
OEB F43 H . -6.36 -29.91 -16.99
NC F43 H . -4.83 -27.58 -11.61
CHC F43 H . -3.34 -27.57 -13.46
C1C F43 H . -3.89 -28.13 -12.38
C2C F43 H . -3.43 -29.48 -11.90
C3C F43 H . -4.53 -29.82 -10.91
C4C F43 H . -5.21 -28.47 -10.67
C5C F43 H . -2.06 -29.35 -11.21
C6C F43 H . -1.45 -30.70 -10.86
O7C F43 H . -1.34 -31.57 -11.74
O8C F43 H . -1.07 -30.87 -9.67
C8C F43 H . -5.50 -30.87 -11.46
C9C F43 H . -4.95 -32.30 -11.33
CAC F43 H . -5.90 -33.35 -11.87
OBC F43 H . -7.07 -33.05 -12.22
OCC F43 H . -5.46 -34.52 -11.94
ND F43 H . -6.94 -26.13 -10.43
CHD F43 H . -6.08 -28.25 -9.64
C5D F43 H . -7.99 -27.82 -7.45
C6D F43 H . -7.39 -29.22 -7.57
C7D F43 H . -6.17 -29.19 -8.47
O8D F43 H . -5.29 -30.00 -8.18
C9D F43 H . -10.16 -25.56 -8.77
CAD F43 H . -10.74 -25.61 -7.37
OBD F43 H . -11.97 -25.83 -7.25
OCD F43 H . -10.00 -25.47 -6.37
C1D F43 H . -6.98 -27.23 -9.68
C2D F43 H . -8.24 -27.22 -8.84
C3D F43 H . -8.64 -25.76 -8.84
C4D F43 H . -8.08 -25.25 -10.16
K K I . -15.23 -3.92 -1.18
C1 COM J . -2.40 -25.33 -10.79
C2 COM J . -1.66 -24.45 -11.77
S1 COM J . -3.95 -24.57 -10.37
S2 COM J . -0.25 -25.29 -12.47
O1S COM J . 0.62 -24.26 -13.17
O2S COM J . 0.52 -26.01 -11.45
O3S COM J . -0.63 -26.25 -13.57
C1 GOL K . 28.62 6.47 -1.61
O1 GOL K . 27.97 7.74 -1.70
C2 GOL K . 27.64 5.40 -1.21
O2 GOL K . 28.12 4.13 -1.62
C3 GOL K . 27.44 5.38 0.30
O3 GOL K . 26.58 4.31 0.68
C1 COM L . -15.76 20.56 9.41
C2 COM L . -14.82 20.22 10.56
S1 COM L . -16.78 19.19 8.86
S2 COM L . -14.18 21.64 11.44
O1S COM L . -12.97 21.19 12.23
O2S COM L . -13.90 22.77 10.52
O3S COM L . -15.06 22.15 12.54
NI F43 M . -18.92 19.31 10.06
NA F43 M . -18.99 17.25 10.39
CHA F43 M . -19.40 16.82 8.03
C1A F43 M . -19.34 16.41 9.49
C2A F43 M . -19.75 15.04 10.05
C3A F43 M . -19.82 15.40 11.55
C4A F43 M . -18.75 16.51 11.64
C5A F43 M . -18.66 13.95 9.78
C6A F43 M . -18.97 12.59 10.41
O7A F43 M . -19.73 11.79 9.88
N8A F43 M . -18.39 12.32 11.50
C9A F43 M . -21.06 14.61 9.39
CAA F43 M . -21.21 15.79 12.12
CBA F43 M . -22.10 14.57 12.41
CCA F43 M . -23.06 14.74 13.55
ODA F43 M . -23.69 15.81 13.74
OEA F43 M . -23.23 13.74 14.27
NB F43 M . -18.09 19.55 11.93
CHB F43 M . -18.80 17.42 12.88
C1B F43 M . -17.67 18.47 12.84
C2B F43 M . -17.38 19.16 14.20
C3B F43 M . -17.99 20.56 14.03
C4B F43 M . -18.07 20.66 12.53
N5B F43 M . -16.39 17.87 12.48
C6B F43 M . -15.40 18.21 13.29
O7B F43 M . -14.26 17.77 13.28
C8B F43 M . -15.85 19.26 14.27
C9B F43 M . -17.80 18.41 15.47
CAB F43 M . -19.40 20.72 14.64
CBB F43 M . -19.99 22.12 14.52
CCB F43 M . -21.22 22.27 15.38
ODB F43 M . -21.08 22.16 16.61
OEB F43 M . -22.31 22.50 14.81
NC F43 M . -19.09 21.34 9.79
CHC F43 M . -18.09 21.98 11.85
C1C F43 M . -18.65 22.24 10.67
C2C F43 M . -18.83 23.66 10.20
C3C F43 M . -19.80 23.48 9.05
C4C F43 M . -19.71 21.99 8.76
C5C F43 M . -17.48 24.22 9.72
C6C F43 M . -17.54 25.72 9.44
O7C F43 M . -17.99 26.49 10.31
O8C F43 M . -17.13 26.12 8.32
C8C F43 M . -21.23 23.91 9.41
C9C F43 M . -21.41 25.43 9.33
CAC F43 M . -22.80 25.89 9.68
OBC F43 M . -23.72 25.05 9.86
OCC F43 M . -23.00 27.12 9.77
ND F43 M . -20.06 19.09 8.37
CHD F43 M . -20.21 21.41 7.64
C5D F43 M . -21.34 20.21 5.19
C6D F43 M . -21.50 21.71 5.36
C7D F43 M . -20.56 22.23 6.42
O8D F43 M . -20.15 23.38 6.23
C9D F43 M . -22.32 17.13 6.26
CAD F43 M . -22.65 16.96 4.78
OBD F43 M . -23.79 16.56 4.46
OCD F43 M . -21.79 17.25 3.90
C1D F43 M . -20.51 20.08 7.57
C2D F43 M . -21.47 19.52 6.56
C3D F43 M . -21.10 18.03 6.54
C4D F43 M . -20.57 17.79 7.96
N TP7 N . 0.57 -12.96 -7.68
P TP7 N . 3.30 -10.70 -10.53
O1P TP7 N . 3.62 -9.43 -9.78
O2P TP7 N . 2.47 -10.41 -11.76
O3P TP7 N . 4.57 -11.42 -10.87
O4P TP7 N . 2.39 -11.67 -9.61
CB TP7 N . 2.75 -11.94 -8.26
C TP7 N . 0.82 -10.51 -7.54
O TP7 N . -0.12 -10.39 -8.37
OXT TP7 N . 1.21 -9.57 -6.82
CA TP7 N . 1.50 -11.87 -7.39
CG TP7 N . 3.51 -13.26 -8.21
O1 TP7 N . 1.24 -14.31 -6.00
C1 TP7 N . 0.44 -14.03 -6.89
C2 TP7 N . -0.76 -14.89 -7.21
C3 TP7 N . -1.23 -15.67 -5.97
C4 TP7 N . -2.57 -16.38 -6.16
C5 TP7 N . -2.65 -17.38 -7.32
C6 TP7 N . -1.73 -18.60 -7.21
C7 TP7 N . -2.14 -19.55 -6.08
S7 TP7 N . -1.06 -20.99 -6.13
C1 GOL O . -33.02 17.31 4.85
O1 GOL O . -32.62 17.73 3.56
C2 GOL O . -31.91 16.58 5.56
O2 GOL O . -32.44 15.48 6.31
C3 GOL O . -31.16 17.52 6.47
O3 GOL O . -31.42 17.26 7.84
MG MG P . 29.77 -45.94 -2.99
C1 GOL Q . -1.22 -25.00 -31.45
O1 GOL Q . -2.48 -25.43 -30.97
C2 GOL Q . -0.13 -25.95 -31.01
O2 GOL Q . 0.16 -25.75 -29.63
C3 GOL Q . 1.12 -25.71 -31.84
O3 GOL Q . 2.10 -26.69 -31.56
#